data_9L41
#
_entry.id   9L41
#
_cell.length_a   1.00
_cell.length_b   1.00
_cell.length_c   1.00
_cell.angle_alpha   90.00
_cell.angle_beta   90.00
_cell.angle_gamma   90.00
#
_symmetry.space_group_name_H-M   'P 1'
#
loop_
_entity.id
_entity.type
_entity.pdbx_description
1 polymer 'Structural polyprotein'
2 polymer 'Structural polyprotein'
3 polymer Protocadherin-10
#
loop_
_entity_poly.entity_id
_entity_poly.type
_entity_poly.pdbx_seq_one_letter_code
_entity_poly.pdbx_strand_id
1 'polypeptide(L)'
;FEHATTVPNVPGIPYKALVERAGYAPLNLEITVVSSELTPSTNKEYVTCKFHTVIPSPQVKCCGSLECKASSKADYTCRV
FGGVYPFMWGGAQCFCDSENTQLSEAYVEFAPDCTIDHAVALKVHTAALKVGLRIVYGNTTAHLDTFVNGVTPGSSRDLK
VIAGPISAAFSPFDHKVVIRKGLVYNYDFPEYGAMKPGAFGDIQASSLDATDIVARTDIRLLKPSVKNIHVPYTQAVSGY
EMWKNNSGRPLQETAPFGCKIEVEPLRASNCAYGHIPISIDIPDAAFVRSSESPTILEVSCTVADCIYSADFGGSLTLQY
KADREGHCPVHSHSTTAVLKEATTHVTAVGSITLHFSTSSPQANFIVSLCGKKSTCNAECKPPADHIIGEPHKVDQEFQA
AVSKTSWNWLLALFGGASSLIVVGLIVLVCSSMLINTRR
;
A,C,E
2 'polypeptide(L)'
;SITDDFTLTSPYLGFCPYCRHSTPCFSPIKIENVWDESDDGSIRIQVSAQFGYNQAGTADVTKFRYMSFDHDHDIKEDSM
EKIAISTSGPCRRLGHKGYFLLAQCPPGDSVTVSITSGASENSCTVEKKIRRKFVGREEYLFPPVHGKLVKCHVYDHLKE
TSAGYITMHRPGPHAYKSYLEEASGEVYIKPPSGKNVTYECKCGDYSTGIVSTRTKMNGCTKAKQCIAYKSDQTKWVFNS
PDLIRHTDHSVQGKLHIPFRLTPTVCPVPLAHTPTVTKWFKGITLHLTAMRPTLLTTRKLGLRADATAEWITGSTSRNFS
VGREGLEYVWGNHEPVRVWAQESAPGDPHGWPHEIIIHYYHRHPVYTVIVLCGVALAILVGTASSAACIAKARRDCLTPY
ALAPNATVPTALAVLCCI
;
B,D,F
3 'polypeptide(L)'
;QLHYTVQEEQEHGTFVGNIAEDLGLDITKLSARGFQTVPNSRTPYLDLNLETGVLYVNEKIDREQICKQSPSCVLHLEVF
LENPLELFQVEIEVLD
;
R,S,T
#
# COMPACT_ATOMS: atom_id res chain seq x y z
N PHE A 1 29.87 -12.78 -69.92
CA PHE A 1 29.20 -11.50 -70.08
C PHE A 1 28.83 -10.90 -68.73
N GLU A 2 29.39 -9.75 -68.42
CA GLU A 2 29.21 -9.17 -67.10
C GLU A 2 27.97 -8.31 -67.04
N HIS A 3 27.51 -8.06 -65.82
CA HIS A 3 26.42 -7.14 -65.56
C HIS A 3 26.45 -6.77 -64.09
N ALA A 4 26.29 -5.49 -63.80
CA ALA A 4 26.38 -4.98 -62.44
C ALA A 4 25.12 -4.22 -62.09
N THR A 5 24.62 -4.46 -60.88
CA THR A 5 23.41 -3.80 -60.40
C THR A 5 23.57 -3.47 -58.91
N THR A 6 22.63 -2.69 -58.40
CA THR A 6 22.52 -2.43 -56.97
C THR A 6 21.25 -3.10 -56.47
N VAL A 7 21.29 -3.63 -55.25
CA VAL A 7 20.14 -4.32 -54.68
C VAL A 7 19.86 -3.76 -53.29
N PRO A 8 18.62 -3.43 -52.97
CA PRO A 8 18.29 -3.02 -51.60
C PRO A 8 18.25 -4.19 -50.65
N ASN A 9 18.64 -3.93 -49.40
CA ASN A 9 18.84 -5.00 -48.41
C ASN A 9 17.56 -5.20 -47.59
N VAL A 10 16.57 -5.80 -48.24
CA VAL A 10 15.32 -6.12 -47.56
C VAL A 10 14.89 -7.53 -47.98
N PRO A 11 14.65 -8.43 -47.04
CA PRO A 11 14.34 -9.82 -47.42
C PRO A 11 12.93 -9.97 -47.98
N GLY A 12 12.78 -10.96 -48.86
CA GLY A 12 11.48 -11.28 -49.41
C GLY A 12 10.92 -10.27 -50.38
N ILE A 13 11.77 -9.52 -51.06
CA ILE A 13 11.31 -8.54 -52.04
C ILE A 13 12.13 -8.69 -53.31
N PRO A 14 11.59 -9.29 -54.36
CA PRO A 14 12.37 -9.45 -55.60
C PRO A 14 12.75 -8.10 -56.20
N TYR A 15 13.86 -8.12 -56.94
CA TYR A 15 14.33 -6.96 -57.69
C TYR A 15 14.60 -7.43 -59.12
N LYS A 16 13.95 -6.79 -60.09
CA LYS A 16 13.97 -7.25 -61.46
C LYS A 16 14.81 -6.33 -62.34
N ALA A 17 15.39 -6.91 -63.38
CA ALA A 17 16.20 -6.17 -64.34
C ALA A 17 16.32 -6.98 -65.62
N LEU A 18 16.77 -6.31 -66.68
CA LEU A 18 16.86 -6.92 -68.00
C LEU A 18 18.19 -6.55 -68.62
N VAL A 19 18.93 -7.56 -69.08
CA VAL A 19 20.26 -7.35 -69.65
C VAL A 19 20.13 -7.32 -71.16
N GLU A 20 20.65 -6.25 -71.77
CA GLU A 20 20.48 -6.00 -73.19
C GLU A 20 21.78 -6.34 -73.91
N ARG A 21 21.93 -7.60 -74.28
CA ARG A 21 23.07 -7.95 -75.11
C ARG A 21 22.83 -7.47 -76.53
N ALA A 22 23.86 -6.89 -77.13
CA ALA A 22 23.69 -6.26 -78.43
C ALA A 22 23.28 -7.26 -79.50
N GLY A 23 23.68 -8.51 -79.36
CA GLY A 23 23.52 -9.44 -80.44
C GLY A 23 22.34 -10.39 -80.34
N TYR A 24 21.74 -10.53 -79.15
CA TYR A 24 20.70 -11.53 -78.98
C TYR A 24 19.42 -10.93 -78.41
N ALA A 25 18.50 -11.80 -78.04
CA ALA A 25 17.25 -11.38 -77.41
C ALA A 25 17.48 -11.09 -75.93
N PRO A 26 16.79 -10.11 -75.37
CA PRO A 26 17.03 -9.73 -73.97
C PRO A 26 16.72 -10.86 -73.01
N LEU A 27 17.23 -10.72 -71.79
CA LEU A 27 17.16 -11.79 -70.79
C LEU A 27 16.73 -11.23 -69.45
N ASN A 28 15.76 -11.90 -68.83
CA ASN A 28 15.21 -11.47 -67.55
C ASN A 28 16.05 -11.99 -66.39
N LEU A 29 15.91 -11.33 -65.25
CA LEU A 29 16.78 -11.60 -64.12
C LEU A 29 16.07 -11.15 -62.85
N GLU A 30 16.15 -11.97 -61.81
CA GLU A 30 15.51 -11.63 -60.53
C GLU A 30 16.40 -12.09 -59.38
N ILE A 31 16.55 -11.21 -58.39
CA ILE A 31 17.50 -11.41 -57.29
C ILE A 31 16.75 -11.18 -55.98
N THR A 32 16.57 -12.23 -55.19
CA THR A 32 15.92 -12.11 -53.90
C THR A 32 16.87 -12.51 -52.78
N VAL A 33 16.74 -11.83 -51.65
CA VAL A 33 17.52 -12.12 -50.45
C VAL A 33 16.67 -12.95 -49.50
N VAL A 34 17.20 -14.09 -49.06
CA VAL A 34 16.44 -15.05 -48.28
C VAL A 34 16.80 -15.01 -46.80
N SER A 35 18.07 -14.75 -46.46
CA SER A 35 18.45 -14.69 -45.06
C SER A 35 19.81 -14.02 -44.93
N SER A 36 19.99 -13.27 -43.85
CA SER A 36 21.24 -12.60 -43.56
C SER A 36 21.65 -12.87 -42.12
N GLU A 37 22.95 -12.75 -41.86
CA GLU A 37 23.50 -12.97 -40.53
C GLU A 37 24.63 -11.99 -40.27
N LEU A 38 24.82 -11.65 -39.01
CA LEU A 38 25.87 -10.73 -38.58
C LEU A 38 26.53 -11.31 -37.35
N THR A 39 27.80 -11.66 -37.43
CA THR A 39 28.47 -12.41 -36.38
C THR A 39 29.78 -11.75 -36.01
N PRO A 40 29.95 -11.30 -34.76
CA PRO A 40 31.20 -10.64 -34.36
C PRO A 40 32.21 -11.59 -33.75
N SER A 41 33.37 -11.08 -33.36
CA SER A 41 34.41 -11.89 -32.73
C SER A 41 34.54 -11.54 -31.26
N THR A 42 34.68 -12.56 -30.42
CA THR A 42 34.48 -12.45 -28.99
C THR A 42 35.58 -13.18 -28.25
N ASN A 43 35.77 -12.82 -26.98
CA ASN A 43 36.57 -13.64 -26.08
C ASN A 43 36.13 -13.40 -24.65
N LYS A 44 36.36 -14.40 -23.80
CA LYS A 44 35.73 -14.52 -22.50
C LYS A 44 36.59 -13.93 -21.40
N GLU A 45 35.94 -13.25 -20.45
CA GLU A 45 36.64 -12.64 -19.32
C GLU A 45 36.50 -13.46 -18.05
N TYR A 46 35.28 -13.72 -17.59
CA TYR A 46 35.10 -14.52 -16.38
C TYR A 46 33.64 -14.95 -16.25
N VAL A 47 33.38 -15.76 -15.23
CA VAL A 47 32.04 -16.24 -14.91
C VAL A 47 31.70 -15.77 -13.50
N THR A 48 30.41 -15.61 -13.23
CA THR A 48 29.99 -15.04 -11.97
C THR A 48 28.67 -15.65 -11.54
N CYS A 49 28.51 -15.84 -10.24
CA CYS A 49 27.25 -16.30 -9.67
C CYS A 49 27.24 -15.92 -8.19
N LYS A 50 26.32 -16.50 -7.42
CA LYS A 50 26.21 -16.23 -6.01
C LYS A 50 27.24 -17.01 -5.20
N PHE A 51 27.65 -16.45 -4.07
CA PHE A 51 28.70 -17.07 -3.28
C PHE A 51 28.12 -17.81 -2.08
N HIS A 52 29.00 -18.59 -1.45
CA HIS A 52 28.63 -19.42 -0.30
C HIS A 52 29.71 -19.26 0.74
N THR A 53 29.35 -18.73 1.91
CA THR A 53 30.31 -18.46 2.97
C THR A 53 30.50 -19.71 3.82
N VAL A 54 31.73 -20.21 3.88
CA VAL A 54 32.06 -21.40 4.64
C VAL A 54 32.83 -20.99 5.88
N ILE A 55 32.36 -21.45 7.05
CA ILE A 55 32.96 -21.09 8.33
C ILE A 55 33.40 -22.36 9.03
N PRO A 56 34.69 -22.61 9.21
CA PRO A 56 35.13 -23.88 9.78
C PRO A 56 34.90 -23.97 11.28
N SER A 57 35.36 -25.03 11.89
CA SER A 57 35.26 -25.23 13.33
C SER A 57 36.43 -24.55 14.03
N PRO A 58 36.19 -23.70 15.01
CA PRO A 58 37.29 -22.95 15.62
C PRO A 58 38.18 -23.85 16.46
N GLN A 59 39.40 -23.39 16.67
CA GLN A 59 40.35 -24.11 17.51
C GLN A 59 40.72 -23.25 18.71
N VAL A 60 40.86 -23.91 19.86
CA VAL A 60 41.18 -23.22 21.11
C VAL A 60 42.39 -23.88 21.73
N LYS A 61 43.19 -23.07 22.43
CA LYS A 61 44.36 -23.53 23.15
C LYS A 61 44.17 -23.11 24.60
N CYS A 62 44.23 -24.06 25.52
CA CYS A 62 43.72 -23.83 26.87
C CYS A 62 44.42 -22.66 27.56
N CYS A 63 45.70 -22.81 27.89
CA CYS A 63 46.38 -21.67 28.48
C CYS A 63 47.76 -21.46 27.87
N GLY A 64 47.79 -21.41 26.53
CA GLY A 64 48.94 -20.95 25.78
C GLY A 64 48.59 -19.78 24.89
N SER A 65 49.06 -19.76 23.65
CA SER A 65 48.75 -18.66 22.74
C SER A 65 48.92 -19.10 21.29
N LEU A 66 48.23 -18.40 20.40
CA LEU A 66 48.17 -18.72 18.97
C LEU A 66 48.36 -17.44 18.15
N GLU A 67 48.77 -17.63 16.89
CA GLU A 67 48.83 -16.52 15.95
C GLU A 67 48.57 -17.05 14.55
N CYS A 68 48.29 -16.13 13.63
CA CYS A 68 47.68 -16.46 12.36
C CYS A 68 48.69 -16.61 11.24
N LYS A 69 48.44 -17.57 10.36
CA LYS A 69 49.18 -17.77 9.13
C LYS A 69 48.46 -17.07 7.98
N ALA A 70 48.89 -17.34 6.76
CA ALA A 70 48.24 -16.76 5.58
C ALA A 70 48.09 -17.84 4.51
N SER A 71 46.94 -17.83 3.84
CA SER A 71 46.62 -18.84 2.85
C SER A 71 46.13 -18.17 1.57
N SER A 72 45.75 -18.99 0.60
CA SER A 72 45.45 -18.54 -0.75
C SER A 72 43.96 -18.54 -1.08
N LYS A 73 43.10 -19.01 -0.19
CA LYS A 73 41.68 -19.11 -0.47
C LYS A 73 41.08 -17.73 -0.71
N ALA A 74 39.84 -17.72 -1.19
CA ALA A 74 39.20 -16.50 -1.65
C ALA A 74 38.72 -15.68 -0.46
N ASP A 75 39.25 -14.46 -0.33
CA ASP A 75 38.86 -13.52 0.72
C ASP A 75 39.04 -14.15 2.11
N TYR A 76 40.28 -14.47 2.44
CA TYR A 76 40.61 -15.08 3.71
C TYR A 76 40.63 -14.03 4.81
N THR A 77 40.14 -14.38 5.99
CA THR A 77 40.08 -13.46 7.11
C THR A 77 40.29 -14.24 8.41
N CYS A 78 41.03 -13.67 9.34
CA CYS A 78 41.42 -14.37 10.55
C CYS A 78 41.61 -13.39 11.71
N ARG A 79 41.28 -13.83 12.93
CA ARG A 79 41.44 -13.00 14.11
C ARG A 79 41.58 -13.87 15.36
N VAL A 80 42.20 -13.30 16.39
CA VAL A 80 42.48 -14.00 17.65
C VAL A 80 41.87 -13.20 18.79
N PHE A 81 41.40 -13.90 19.82
CA PHE A 81 40.70 -13.26 20.93
C PHE A 81 41.27 -13.71 22.27
N GLY A 82 40.99 -12.93 23.32
CA GLY A 82 41.62 -13.08 24.62
C GLY A 82 41.10 -14.19 25.49
N GLY A 83 40.94 -13.94 26.80
CA GLY A 83 40.51 -14.98 27.72
C GLY A 83 39.00 -15.17 27.68
N VAL A 84 38.56 -16.41 27.47
CA VAL A 84 37.16 -16.65 27.11
C VAL A 84 36.42 -17.64 28.00
N TYR A 85 36.98 -18.84 28.25
CA TYR A 85 36.32 -19.87 29.04
C TYR A 85 35.00 -20.37 28.42
N PRO A 86 35.06 -21.19 27.36
CA PRO A 86 33.83 -21.60 26.66
C PRO A 86 33.22 -22.90 27.17
N PHE A 87 31.95 -23.11 26.76
CA PHE A 87 31.08 -24.14 27.33
C PHE A 87 30.38 -24.96 26.24
N MET A 88 30.22 -26.27 26.50
CA MET A 88 29.41 -27.13 25.64
C MET A 88 28.46 -27.94 26.51
N TRP A 89 27.81 -28.96 25.95
CA TRP A 89 26.79 -29.70 26.70
C TRP A 89 27.37 -30.34 27.95
N GLY A 90 28.56 -30.91 27.86
CA GLY A 90 29.15 -31.56 29.02
C GLY A 90 29.69 -30.61 30.06
N GLY A 91 29.87 -29.34 29.73
CA GLY A 91 30.36 -28.37 30.69
C GLY A 91 31.51 -27.51 30.21
N ALA A 92 32.38 -27.10 31.12
CA ALA A 92 33.53 -26.27 30.80
C ALA A 92 34.60 -27.09 30.10
N GLN A 93 35.33 -26.46 29.19
CA GLN A 93 36.21 -27.18 28.28
C GLN A 93 37.70 -26.94 28.44
N CYS A 94 38.14 -26.04 29.31
CA CYS A 94 39.56 -25.88 29.61
C CYS A 94 39.78 -25.88 31.13
N PHE A 95 41.05 -25.72 31.53
CA PHE A 95 41.45 -25.87 32.92
C PHE A 95 42.20 -24.67 33.50
N CYS A 96 42.58 -23.71 32.67
CA CYS A 96 43.06 -22.41 33.13
C CYS A 96 41.93 -21.41 32.87
N ASP A 97 41.50 -20.66 33.88
CA ASP A 97 40.26 -19.92 33.75
C ASP A 97 40.42 -18.53 33.12
N SER A 98 41.63 -18.12 32.78
CA SER A 98 41.82 -17.03 31.81
C SER A 98 42.92 -17.44 30.84
N GLU A 99 43.38 -16.51 30.02
CA GLU A 99 44.40 -16.77 28.99
C GLU A 99 44.03 -18.00 28.15
N ASN A 100 42.96 -17.85 27.37
CA ASN A 100 42.33 -18.97 26.67
C ASN A 100 42.03 -18.63 25.21
N THR A 101 43.03 -18.20 24.45
CA THR A 101 42.83 -17.69 23.09
C THR A 101 41.99 -18.61 22.20
N GLN A 102 41.36 -18.02 21.18
CA GLN A 102 40.52 -18.71 20.22
C GLN A 102 40.68 -18.10 18.82
N LEU A 103 40.65 -18.94 17.79
CA LEU A 103 40.89 -18.54 16.41
C LEU A 103 39.64 -18.70 15.54
N SER A 104 39.50 -17.82 14.54
CA SER A 104 38.32 -17.78 13.69
C SER A 104 38.71 -17.56 12.23
N GLU A 105 38.01 -18.22 11.31
CA GLU A 105 38.33 -18.19 9.89
C GLU A 105 37.06 -18.00 9.07
N ALA A 106 37.23 -17.64 7.80
CA ALA A 106 36.11 -17.50 6.86
C ALA A 106 36.63 -17.35 5.44
N TYR A 107 35.87 -17.87 4.47
CA TYR A 107 36.13 -17.66 3.05
C TYR A 107 34.90 -18.06 2.24
N VAL A 108 34.97 -17.84 0.92
CA VAL A 108 33.81 -17.94 0.05
C VAL A 108 34.07 -18.97 -1.05
N GLU A 109 32.97 -19.49 -1.62
CA GLU A 109 33.00 -20.49 -2.67
C GLU A 109 31.87 -20.22 -3.66
N PHE A 110 31.65 -21.18 -4.55
CA PHE A 110 30.52 -21.19 -5.49
C PHE A 110 29.39 -22.04 -4.94
N ALA A 111 28.18 -21.52 -5.04
CA ALA A 111 27.01 -22.28 -4.62
C ALA A 111 26.87 -23.54 -5.47
N PRO A 112 26.23 -24.59 -4.95
CA PRO A 112 26.15 -25.84 -5.72
C PRO A 112 25.17 -25.81 -6.88
N ASP A 113 24.30 -24.80 -6.96
CA ASP A 113 23.32 -24.66 -8.02
C ASP A 113 23.77 -23.74 -9.14
N CYS A 114 25.02 -23.27 -9.10
CA CYS A 114 25.45 -22.30 -10.10
C CYS A 114 25.67 -22.93 -11.47
N THR A 115 25.65 -24.25 -11.59
CA THR A 115 25.81 -24.88 -12.89
C THR A 115 24.68 -24.55 -13.84
N ILE A 116 23.61 -23.92 -13.38
CA ILE A 116 22.52 -23.50 -14.25
C ILE A 116 22.28 -21.99 -14.19
N ASP A 117 22.67 -21.32 -13.13
CA ASP A 117 22.41 -19.88 -12.96
C ASP A 117 23.75 -19.14 -12.89
N HIS A 118 24.29 -18.77 -14.05
CA HIS A 118 25.54 -18.01 -14.07
C HIS A 118 25.52 -17.07 -15.26
N ALA A 119 26.55 -16.23 -15.34
CA ALA A 119 26.67 -15.24 -16.39
C ALA A 119 28.08 -15.28 -16.97
N VAL A 120 28.22 -14.76 -18.19
CA VAL A 120 29.50 -14.71 -18.88
C VAL A 120 29.73 -13.29 -19.35
N ALA A 121 30.98 -12.84 -19.29
CA ALA A 121 31.35 -11.48 -19.65
C ALA A 121 32.26 -11.49 -20.87
N LEU A 122 31.90 -10.72 -21.90
CA LEU A 122 32.53 -10.81 -23.20
C LEU A 122 32.90 -9.44 -23.73
N LYS A 123 33.91 -9.40 -24.59
CA LYS A 123 34.31 -8.23 -25.36
C LYS A 123 34.13 -8.53 -26.84
N VAL A 124 33.68 -7.53 -27.61
CA VAL A 124 33.33 -7.76 -29.00
C VAL A 124 34.10 -6.81 -29.90
N HIS A 125 34.08 -7.11 -31.19
CA HIS A 125 34.97 -6.51 -32.18
C HIS A 125 34.17 -6.26 -33.45
N THR A 126 34.88 -6.05 -34.55
CA THR A 126 34.26 -5.81 -35.84
C THR A 126 33.35 -6.95 -36.24
N ALA A 127 32.33 -6.63 -37.03
CA ALA A 127 31.32 -7.58 -37.46
C ALA A 127 31.46 -7.89 -38.94
N ALA A 128 30.89 -9.03 -39.33
CA ALA A 128 30.89 -9.48 -40.72
C ALA A 128 29.45 -9.74 -41.14
N LEU A 129 29.22 -9.82 -42.44
CA LEU A 129 27.89 -10.04 -42.96
C LEU A 129 27.92 -11.15 -44.01
N LYS A 130 26.88 -11.97 -44.02
CA LYS A 130 26.81 -13.14 -44.89
C LYS A 130 25.36 -13.36 -45.30
N VAL A 131 25.12 -13.59 -46.59
CA VAL A 131 23.77 -13.61 -47.12
C VAL A 131 23.53 -14.87 -47.95
N GLY A 132 22.26 -15.18 -48.14
CA GLY A 132 21.84 -16.27 -48.99
C GLY A 132 20.87 -15.82 -50.05
N LEU A 133 21.19 -16.05 -51.32
CA LEU A 133 20.46 -15.46 -52.44
C LEU A 133 19.74 -16.53 -53.25
N ARG A 134 18.69 -16.12 -53.94
CA ARG A 134 18.02 -16.94 -54.95
C ARG A 134 18.02 -16.18 -56.27
N ILE A 135 18.54 -16.80 -57.32
CA ILE A 135 18.78 -16.14 -58.59
C ILE A 135 18.13 -16.94 -59.70
N VAL A 136 17.27 -16.29 -60.47
CA VAL A 136 16.66 -16.91 -61.64
C VAL A 136 17.10 -16.14 -62.87
N TYR A 137 17.47 -16.89 -63.90
CA TYR A 137 17.90 -16.29 -65.15
C TYR A 137 17.42 -17.20 -66.27
N GLY A 138 16.62 -16.66 -67.18
CA GLY A 138 16.10 -17.50 -68.23
C GLY A 138 15.17 -18.56 -67.67
N ASN A 139 15.63 -19.80 -67.64
CA ASN A 139 14.78 -20.92 -67.26
C ASN A 139 15.45 -21.83 -66.24
N THR A 140 16.30 -21.27 -65.38
CA THR A 140 16.98 -22.06 -64.36
C THR A 140 17.05 -21.26 -63.06
N THR A 141 17.03 -21.98 -61.93
CA THR A 141 17.15 -21.37 -60.62
C THR A 141 18.41 -21.85 -59.93
N ALA A 142 18.88 -21.04 -58.98
CA ALA A 142 20.13 -21.32 -58.27
C ALA A 142 20.09 -20.69 -56.89
N HIS A 143 20.74 -21.37 -55.94
CA HIS A 143 20.89 -20.89 -54.57
C HIS A 143 22.38 -20.84 -54.22
N LEU A 144 22.74 -19.91 -53.33
CA LEU A 144 24.14 -19.78 -52.92
C LEU A 144 24.25 -18.84 -51.74
N ASP A 145 25.42 -18.89 -51.09
CA ASP A 145 25.76 -18.03 -49.95
C ASP A 145 27.13 -17.41 -50.17
N THR A 146 27.27 -16.13 -49.83
CA THR A 146 28.52 -15.42 -50.03
C THR A 146 28.84 -14.53 -48.85
N PHE A 147 30.09 -14.07 -48.80
CA PHE A 147 30.53 -13.07 -47.85
C PHE A 147 30.55 -11.72 -48.55
N VAL A 148 29.91 -10.72 -47.94
CA VAL A 148 29.87 -9.37 -48.52
C VAL A 148 31.06 -8.61 -47.96
N ASN A 149 32.20 -8.77 -48.61
CA ASN A 149 33.40 -8.03 -48.21
C ASN A 149 33.97 -7.19 -49.33
N GLY A 150 34.01 -7.71 -50.54
CA GLY A 150 34.45 -6.94 -51.68
C GLY A 150 35.27 -7.74 -52.67
N VAL A 151 35.82 -8.86 -52.22
CA VAL A 151 36.78 -9.61 -53.02
C VAL A 151 36.37 -11.06 -53.19
N THR A 152 36.07 -11.72 -52.08
CA THR A 152 35.88 -13.16 -52.05
C THR A 152 34.87 -13.63 -53.09
N PRO A 153 35.25 -14.54 -53.98
CA PRO A 153 34.29 -15.05 -54.96
C PRO A 153 33.22 -15.91 -54.32
N GLY A 154 32.21 -16.25 -55.09
CA GLY A 154 30.99 -16.80 -54.54
C GLY A 154 30.97 -18.30 -54.50
N SER A 155 30.10 -18.87 -55.32
CA SER A 155 29.67 -20.24 -55.13
C SER A 155 29.49 -21.00 -56.44
N SER A 156 28.66 -22.04 -56.39
CA SER A 156 28.85 -23.31 -57.08
C SER A 156 28.92 -23.17 -58.59
N ARG A 157 30.13 -23.28 -59.12
CA ARG A 157 30.49 -24.07 -60.29
C ARG A 157 29.72 -23.77 -61.57
N ASP A 158 28.81 -22.86 -61.52
CA ASP A 158 28.05 -22.57 -62.72
C ASP A 158 27.87 -21.09 -62.93
N LEU A 159 28.04 -20.30 -61.89
CA LEU A 159 27.69 -18.89 -61.90
C LEU A 159 28.66 -18.17 -60.98
N LYS A 160 29.50 -17.31 -61.55
CA LYS A 160 30.38 -16.51 -60.74
C LYS A 160 29.65 -15.27 -60.24
N VAL A 161 29.86 -14.95 -58.97
CA VAL A 161 29.21 -13.80 -58.36
C VAL A 161 30.10 -13.28 -57.25
N ILE A 162 30.23 -11.95 -57.17
CA ILE A 162 30.94 -11.30 -56.08
C ILE A 162 30.15 -10.09 -55.61
N ALA A 163 30.05 -9.93 -54.30
CA ALA A 163 29.26 -8.89 -53.68
C ALA A 163 30.17 -7.88 -52.97
N GLY A 164 29.56 -6.95 -52.26
CA GLY A 164 30.29 -6.03 -51.42
C GLY A 164 30.84 -4.84 -52.16
N PRO A 165 31.21 -3.78 -51.44
CA PRO A 165 31.02 -3.63 -49.99
C PRO A 165 29.70 -2.95 -49.61
N ILE A 166 29.41 -2.92 -48.32
CA ILE A 166 28.16 -2.34 -47.81
C ILE A 166 28.29 -0.82 -47.78
N SER A 167 27.15 -0.14 -47.91
CA SER A 167 27.12 1.31 -47.95
C SER A 167 26.83 1.93 -46.59
N ALA A 168 26.96 1.16 -45.51
CA ALA A 168 26.73 1.70 -44.18
C ALA A 168 27.22 0.68 -43.16
N ALA A 169 27.87 1.17 -42.12
CA ALA A 169 28.41 0.32 -41.07
C ALA A 169 27.51 0.42 -39.85
N PHE A 170 27.02 -0.71 -39.37
CA PHE A 170 26.08 -0.70 -38.26
C PHE A 170 26.20 -2.00 -37.50
N SER A 171 26.32 -1.91 -36.18
CA SER A 171 26.38 -3.06 -35.32
C SER A 171 25.54 -2.70 -34.10
N PRO A 172 24.63 -3.58 -33.68
CA PRO A 172 23.86 -3.30 -32.47
C PRO A 172 24.60 -3.58 -31.17
N PHE A 173 25.78 -4.18 -31.23
CA PHE A 173 26.51 -4.59 -30.05
C PHE A 173 27.47 -3.49 -29.59
N ASP A 174 27.49 -3.25 -28.29
CA ASP A 174 28.45 -2.31 -27.69
C ASP A 174 29.77 -3.01 -27.46
N HIS A 175 30.67 -2.43 -26.67
CA HIS A 175 31.97 -3.04 -26.46
C HIS A 175 31.99 -4.08 -25.34
N LYS A 176 30.94 -4.16 -24.52
CA LYS A 176 30.89 -5.11 -23.41
C LYS A 176 29.50 -5.71 -23.32
N VAL A 177 29.42 -7.04 -23.23
CA VAL A 177 28.16 -7.76 -23.32
C VAL A 177 28.11 -8.85 -22.26
N VAL A 178 26.92 -9.05 -21.68
CA VAL A 178 26.65 -10.08 -20.68
C VAL A 178 25.63 -11.05 -21.24
N ILE A 179 25.75 -12.33 -20.85
CA ILE A 179 24.85 -13.38 -21.33
C ILE A 179 24.37 -14.21 -20.14
N ARG A 180 23.06 -14.36 -20.00
CA ARG A 180 22.47 -15.13 -18.92
C ARG A 180 21.27 -15.90 -19.44
N LYS A 181 21.39 -17.23 -19.51
CA LYS A 181 20.29 -18.12 -19.89
C LYS A 181 19.62 -17.71 -21.19
N GLY A 182 20.38 -17.14 -22.12
CA GLY A 182 19.85 -16.84 -23.44
C GLY A 182 19.43 -15.42 -23.67
N LEU A 183 19.59 -14.52 -22.69
CA LEU A 183 19.28 -13.12 -22.85
C LEU A 183 20.58 -12.31 -22.90
N VAL A 184 20.59 -11.25 -23.71
CA VAL A 184 21.79 -10.49 -23.98
C VAL A 184 21.56 -9.04 -23.54
N TYR A 185 22.48 -8.52 -22.74
CA TYR A 185 22.39 -7.17 -22.19
C TYR A 185 23.62 -6.37 -22.56
N ASN A 186 23.49 -5.04 -22.49
CA ASN A 186 24.59 -4.11 -22.78
C ASN A 186 25.02 -3.46 -21.47
N TYR A 187 26.09 -3.98 -20.87
CA TYR A 187 26.54 -3.55 -19.56
C TYR A 187 28.00 -3.13 -19.63
N ASP A 188 28.48 -2.55 -18.53
CA ASP A 188 29.84 -2.02 -18.44
C ASP A 188 30.45 -2.57 -17.14
N PHE A 189 31.03 -3.74 -17.22
CA PHE A 189 31.42 -4.42 -15.98
C PHE A 189 32.83 -4.05 -15.56
N PRO A 190 33.17 -4.25 -14.29
CA PRO A 190 34.56 -4.07 -13.87
C PRO A 190 35.48 -5.09 -14.54
N GLU A 191 36.76 -4.79 -14.51
CA GLU A 191 37.76 -5.58 -15.22
C GLU A 191 38.03 -6.87 -14.46
N TYR A 192 39.06 -7.60 -14.87
CA TYR A 192 39.50 -8.81 -14.17
C TYR A 192 40.47 -8.39 -13.07
N GLY A 193 39.98 -8.35 -11.84
CA GLY A 193 40.79 -7.96 -10.71
C GLY A 193 40.32 -6.70 -10.00
N ALA A 194 39.43 -5.92 -10.59
CA ALA A 194 38.96 -4.69 -9.97
C ALA A 194 37.62 -4.91 -9.27
N MET A 195 37.62 -5.82 -8.31
CA MET A 195 36.41 -6.16 -7.59
C MET A 195 36.07 -5.07 -6.60
N LYS A 196 34.77 -4.82 -6.41
CA LYS A 196 34.36 -3.95 -5.32
C LYS A 196 33.05 -4.45 -4.73
N PRO A 197 32.93 -4.47 -3.42
CA PRO A 197 31.83 -5.19 -2.78
C PRO A 197 30.49 -4.51 -3.01
N GLY A 198 29.47 -5.32 -3.23
CA GLY A 198 28.12 -4.82 -3.37
C GLY A 198 27.66 -4.56 -4.79
N ALA A 199 28.44 -4.94 -5.79
CA ALA A 199 28.10 -4.68 -7.17
C ALA A 199 28.35 -5.92 -8.00
N PHE A 200 28.03 -5.84 -9.29
CA PHE A 200 28.24 -6.96 -10.19
C PHE A 200 29.73 -7.30 -10.24
N GLY A 201 30.04 -8.59 -10.20
CA GLY A 201 31.41 -9.01 -10.27
C GLY A 201 32.17 -8.83 -8.98
N ASP A 202 31.64 -9.35 -7.89
CA ASP A 202 32.38 -9.38 -6.65
C ASP A 202 33.12 -10.69 -6.44
N ILE A 203 32.73 -11.75 -7.13
CA ILE A 203 33.49 -12.99 -7.18
C ILE A 203 33.74 -13.33 -8.64
N GLN A 204 34.96 -13.74 -8.96
CA GLN A 204 35.35 -13.98 -10.34
C GLN A 204 36.19 -15.23 -10.45
N ALA A 205 36.09 -15.91 -11.59
CA ALA A 205 36.90 -17.07 -11.89
C ALA A 205 36.85 -17.32 -13.38
N SER A 206 37.83 -18.08 -13.87
CA SER A 206 37.93 -18.33 -15.31
C SER A 206 37.04 -19.46 -15.78
N SER A 207 36.65 -20.37 -14.89
CA SER A 207 35.75 -21.45 -15.23
C SER A 207 35.00 -21.87 -13.99
N LEU A 208 33.97 -22.70 -14.18
CA LEU A 208 33.14 -23.11 -13.05
C LEU A 208 33.80 -24.14 -12.16
N ASP A 209 34.82 -24.85 -12.65
CA ASP A 209 35.46 -25.89 -11.87
C ASP A 209 36.93 -25.58 -11.59
N ALA A 210 37.31 -24.32 -11.63
CA ALA A 210 38.71 -23.96 -11.48
C ALA A 210 39.11 -24.00 -10.00
N THR A 211 40.33 -23.59 -9.74
CA THR A 211 40.89 -23.64 -8.39
C THR A 211 41.40 -22.30 -7.90
N ASP A 212 41.41 -21.27 -8.73
CA ASP A 212 41.92 -19.97 -8.36
C ASP A 212 40.79 -18.96 -8.46
N ILE A 213 40.25 -18.56 -7.32
CA ILE A 213 39.11 -17.67 -7.27
C ILE A 213 39.48 -16.46 -6.43
N VAL A 214 39.13 -15.28 -6.91
CA VAL A 214 39.38 -14.04 -6.19
C VAL A 214 38.04 -13.39 -5.87
N ALA A 215 38.00 -12.61 -4.81
CA ALA A 215 36.75 -11.99 -4.36
C ALA A 215 37.05 -10.88 -3.37
N ARG A 216 36.03 -10.05 -3.14
CA ARG A 216 36.13 -8.97 -2.14
C ARG A 216 34.70 -8.69 -1.64
N THR A 217 34.38 -9.22 -0.47
CA THR A 217 33.00 -9.19 0.02
C THR A 217 32.84 -8.49 1.36
N ASP A 218 33.91 -7.87 1.88
CA ASP A 218 33.81 -6.99 3.05
C ASP A 218 33.27 -7.73 4.28
N ILE A 219 34.05 -8.70 4.74
CA ILE A 219 33.66 -9.55 5.85
C ILE A 219 34.50 -9.18 7.07
N ARG A 220 33.85 -9.00 8.21
CA ARG A 220 34.57 -8.68 9.44
C ARG A 220 34.01 -9.51 10.59
N LEU A 221 34.90 -9.84 11.52
CA LEU A 221 34.61 -10.79 12.58
C LEU A 221 34.50 -10.08 13.92
N LEU A 222 33.55 -10.50 14.74
CA LEU A 222 33.27 -9.88 16.02
C LEU A 222 33.61 -10.82 17.17
N LYS A 223 33.48 -10.32 18.39
CA LYS A 223 33.84 -10.97 19.63
C LYS A 223 32.62 -11.62 20.27
N PRO A 224 32.72 -12.84 20.78
CA PRO A 224 31.52 -13.53 21.29
C PRO A 224 30.99 -12.87 22.55
N SER A 225 29.66 -12.73 22.61
CA SER A 225 29.03 -12.18 23.81
C SER A 225 28.57 -13.28 24.75
N VAL A 226 27.70 -14.16 24.27
CA VAL A 226 27.22 -15.27 25.08
C VAL A 226 28.22 -16.42 24.99
N LYS A 227 28.44 -17.10 26.11
CA LYS A 227 29.57 -18.01 26.21
C LYS A 227 29.23 -19.47 25.92
N ASN A 228 28.56 -19.80 24.82
CA ASN A 228 28.46 -21.24 24.61
C ASN A 228 29.58 -21.71 23.70
N ILE A 229 29.43 -21.53 22.39
CA ILE A 229 30.54 -21.46 21.46
C ILE A 229 29.95 -21.12 20.10
N HIS A 230 30.56 -20.16 19.40
CA HIS A 230 30.18 -19.85 18.02
C HIS A 230 31.04 -18.70 17.50
N VAL A 231 30.88 -18.35 16.23
CA VAL A 231 31.62 -17.26 15.62
C VAL A 231 30.65 -16.33 14.90
N PRO A 232 30.54 -15.07 15.29
CA PRO A 232 29.66 -14.13 14.59
C PRO A 232 30.38 -13.30 13.53
N TYR A 233 29.62 -12.88 12.52
CA TYR A 233 30.18 -12.12 11.42
C TYR A 233 29.09 -11.27 10.78
N THR A 234 29.51 -10.30 9.98
CA THR A 234 28.60 -9.52 9.14
C THR A 234 29.20 -9.39 7.75
N GLN A 235 28.34 -9.15 6.77
CA GLN A 235 28.77 -9.20 5.38
C GLN A 235 27.85 -8.33 4.54
N ALA A 236 28.29 -8.02 3.33
CA ALA A 236 27.50 -7.25 2.40
C ALA A 236 26.63 -8.17 1.54
N VAL A 237 25.70 -7.58 0.81
CA VAL A 237 24.83 -8.35 -0.06
C VAL A 237 25.58 -8.71 -1.34
N SER A 238 25.09 -9.75 -2.02
CA SER A 238 25.75 -10.21 -3.23
C SER A 238 25.33 -9.34 -4.41
N GLY A 239 26.31 -8.88 -5.17
CA GLY A 239 26.01 -8.00 -6.28
C GLY A 239 25.23 -8.68 -7.39
N TYR A 240 25.38 -9.98 -7.52
CA TYR A 240 24.59 -10.73 -8.51
C TYR A 240 23.10 -10.53 -8.27
N GLU A 241 22.66 -10.72 -7.02
CA GLU A 241 21.24 -10.58 -6.72
C GLU A 241 20.77 -9.14 -6.92
N MET A 242 21.62 -8.16 -6.61
CA MET A 242 21.20 -6.78 -6.79
C MET A 242 21.08 -6.42 -8.26
N TRP A 243 21.91 -7.03 -9.11
CA TRP A 243 21.81 -6.76 -10.54
C TRP A 243 20.55 -7.37 -11.14
N LYS A 244 20.11 -8.52 -10.65
CA LYS A 244 18.91 -9.15 -11.16
C LYS A 244 17.66 -8.34 -10.87
N ASN A 245 17.71 -7.43 -9.91
CA ASN A 245 16.57 -6.59 -9.61
C ASN A 245 16.49 -5.34 -10.46
N ASN A 246 17.60 -4.91 -11.04
CA ASN A 246 17.62 -3.70 -11.86
C ASN A 246 18.23 -3.97 -13.21
N SER A 247 17.88 -5.09 -13.83
CA SER A 247 18.54 -5.47 -15.07
C SER A 247 18.09 -4.60 -16.23
N GLY A 248 16.78 -4.45 -16.41
CA GLY A 248 16.25 -3.74 -17.55
C GLY A 248 15.67 -4.69 -18.58
N ARG A 249 15.39 -4.15 -19.73
CA ARG A 249 14.89 -5.16 -20.65
C ARG A 249 16.00 -5.66 -21.56
N PRO A 250 15.92 -6.90 -22.02
CA PRO A 250 17.01 -7.47 -22.84
C PRO A 250 17.20 -6.78 -24.18
N LEU A 251 18.18 -7.24 -24.95
CA LEU A 251 18.44 -6.66 -26.26
C LEU A 251 17.49 -7.19 -27.33
N GLN A 252 16.82 -8.31 -27.08
CA GLN A 252 15.79 -8.78 -28.00
C GLN A 252 14.61 -7.84 -28.12
N GLU A 253 14.58 -6.73 -27.37
CA GLU A 253 13.45 -5.82 -27.44
C GLU A 253 13.89 -4.36 -27.55
N THR A 254 15.12 -4.10 -27.97
CA THR A 254 15.60 -2.75 -28.18
C THR A 254 16.39 -2.57 -29.46
N ALA A 255 16.72 -3.64 -30.17
CA ALA A 255 17.61 -3.53 -31.32
C ALA A 255 16.93 -2.78 -32.45
N PRO A 256 17.59 -1.79 -33.04
CA PRO A 256 17.00 -1.07 -34.17
C PRO A 256 17.01 -1.91 -35.44
N PHE A 257 16.38 -1.35 -36.47
CA PHE A 257 16.22 -1.97 -37.79
C PHE A 257 15.53 -3.33 -37.72
N GLY A 258 14.88 -3.64 -36.61
CA GLY A 258 14.10 -4.87 -36.49
C GLY A 258 14.87 -6.15 -36.67
N CYS A 259 15.77 -6.46 -35.73
CA CYS A 259 16.66 -7.60 -35.85
C CYS A 259 16.28 -8.68 -34.84
N LYS A 260 16.78 -9.88 -35.10
CA LYS A 260 16.59 -11.03 -34.21
C LYS A 260 17.93 -11.38 -33.57
N ILE A 261 17.94 -11.52 -32.25
CA ILE A 261 19.18 -11.72 -31.49
C ILE A 261 19.22 -13.15 -30.98
N GLU A 262 20.19 -13.93 -31.47
CA GLU A 262 20.28 -15.34 -31.13
C GLU A 262 21.68 -15.70 -30.67
N VAL A 263 21.77 -16.67 -29.76
CA VAL A 263 23.03 -17.02 -29.12
C VAL A 263 23.46 -18.41 -29.59
N GLU A 264 24.68 -18.77 -29.22
CA GLU A 264 25.30 -20.06 -29.52
C GLU A 264 25.51 -20.28 -31.01
N PRO A 265 26.41 -19.53 -31.68
CA PRO A 265 27.20 -18.38 -31.24
C PRO A 265 26.42 -17.08 -31.33
N LEU A 266 27.05 -15.98 -30.94
CA LEU A 266 26.35 -14.70 -30.93
C LEU A 266 26.14 -14.19 -32.34
N ARG A 267 24.92 -13.81 -32.67
CA ARG A 267 24.63 -13.32 -34.01
C ARG A 267 23.34 -12.53 -34.01
N ALA A 268 23.23 -11.62 -34.98
CA ALA A 268 22.00 -10.89 -35.27
C ALA A 268 21.52 -11.29 -36.64
N SER A 269 20.24 -11.64 -36.76
CA SER A 269 19.73 -12.30 -37.95
C SER A 269 18.59 -11.48 -38.55
N ASN A 270 18.62 -11.34 -39.88
CA ASN A 270 17.57 -10.68 -40.66
C ASN A 270 17.37 -9.21 -40.26
N CYS A 271 18.40 -8.41 -40.49
CA CYS A 271 18.29 -6.96 -40.40
C CYS A 271 18.07 -6.38 -41.79
N ALA A 272 17.72 -5.10 -41.86
CA ALA A 272 17.35 -4.46 -43.12
C ALA A 272 17.91 -3.05 -43.19
N TYR A 273 19.08 -2.89 -43.80
CA TYR A 273 19.69 -1.58 -43.92
C TYR A 273 20.61 -1.51 -45.13
N GLY A 274 20.61 -0.36 -45.80
CA GLY A 274 21.63 -0.05 -46.78
C GLY A 274 21.47 -0.79 -48.10
N HIS A 275 22.34 -0.43 -49.04
CA HIS A 275 22.32 -0.97 -50.40
C HIS A 275 23.56 -1.83 -50.64
N ILE A 276 23.41 -2.82 -51.53
CA ILE A 276 24.45 -3.80 -51.79
C ILE A 276 24.73 -3.84 -53.29
N PRO A 277 25.97 -3.62 -53.73
CA PRO A 277 26.30 -3.80 -55.15
C PRO A 277 26.70 -5.24 -55.47
N ILE A 278 26.40 -5.64 -56.70
CA ILE A 278 26.60 -7.02 -57.14
C ILE A 278 27.06 -7.02 -58.58
N SER A 279 28.14 -7.75 -58.85
CA SER A 279 28.56 -8.10 -60.20
C SER A 279 28.30 -9.58 -60.42
N ILE A 280 27.89 -9.93 -61.64
CA ILE A 280 27.53 -11.31 -61.93
C ILE A 280 27.95 -11.64 -63.36
N ASP A 281 28.36 -12.88 -63.57
CA ASP A 281 28.82 -13.35 -64.87
C ASP A 281 27.94 -14.52 -65.28
N ILE A 282 27.37 -14.43 -66.47
CA ILE A 282 26.35 -15.37 -66.90
C ILE A 282 26.92 -16.31 -67.94
N PRO A 283 26.67 -17.62 -67.86
CA PRO A 283 27.16 -18.54 -68.88
C PRO A 283 26.58 -18.21 -70.24
N ASP A 284 27.34 -18.57 -71.28
CA ASP A 284 27.00 -18.13 -72.63
C ASP A 284 25.88 -18.96 -73.26
N ALA A 285 25.64 -20.17 -72.79
CA ALA A 285 24.67 -21.03 -73.44
C ALA A 285 23.24 -20.55 -73.24
N ALA A 286 23.01 -19.71 -72.25
CA ALA A 286 21.65 -19.30 -71.90
C ALA A 286 21.12 -18.18 -72.78
N PHE A 287 21.95 -17.57 -73.60
CA PHE A 287 21.47 -16.57 -74.55
C PHE A 287 21.02 -17.25 -75.83
N VAL A 288 19.91 -16.77 -76.38
CA VAL A 288 19.36 -17.31 -77.62
C VAL A 288 19.35 -16.19 -78.64
N ARG A 289 20.01 -16.42 -79.77
CA ARG A 289 20.20 -15.34 -80.73
C ARG A 289 18.88 -14.91 -81.34
N SER A 290 18.91 -13.73 -81.96
CA SER A 290 17.69 -12.99 -82.24
C SER A 290 16.81 -13.64 -83.29
N SER A 291 17.37 -14.50 -84.15
CA SER A 291 16.59 -15.00 -85.26
C SER A 291 15.52 -16.00 -84.85
N GLU A 292 15.34 -16.28 -83.56
CA GLU A 292 14.35 -17.25 -83.12
C GLU A 292 13.20 -16.63 -82.35
N SER A 293 13.45 -15.57 -81.60
CA SER A 293 12.41 -14.92 -80.85
C SER A 293 11.32 -14.40 -81.79
N PRO A 294 10.12 -14.17 -81.26
CA PRO A 294 9.09 -13.49 -82.07
C PRO A 294 9.56 -12.14 -82.54
N THR A 295 8.81 -11.58 -83.49
CA THR A 295 8.93 -10.19 -83.86
C THR A 295 7.54 -9.58 -83.84
N ILE A 296 7.39 -8.48 -83.12
CA ILE A 296 6.12 -7.82 -82.99
C ILE A 296 6.04 -6.67 -83.98
N LEU A 297 4.85 -6.12 -84.17
CA LEU A 297 4.65 -5.11 -85.19
C LEU A 297 3.91 -3.86 -84.72
N GLU A 298 3.18 -3.91 -83.61
CA GLU A 298 2.58 -2.69 -83.08
C GLU A 298 2.20 -2.93 -81.63
N VAL A 299 2.10 -1.84 -80.88
CA VAL A 299 1.79 -1.92 -79.45
C VAL A 299 1.19 -0.60 -79.01
N SER A 300 0.28 -0.68 -78.05
CA SER A 300 -0.39 0.50 -77.51
C SER A 300 -0.77 0.22 -76.07
N CYS A 301 -0.52 1.19 -75.20
CA CYS A 301 -0.68 1.01 -73.77
C CYS A 301 -1.95 1.71 -73.30
N THR A 302 -2.95 0.92 -72.91
CA THR A 302 -4.15 1.45 -72.29
C THR A 302 -4.14 1.12 -70.81
N VAL A 303 -4.37 2.14 -69.98
CA VAL A 303 -4.28 2.00 -68.54
C VAL A 303 -5.67 2.15 -67.95
N ALA A 304 -6.03 1.23 -67.06
CA ALA A 304 -7.27 1.32 -66.31
C ALA A 304 -7.01 2.05 -64.99
N ASP A 305 -7.92 1.95 -64.04
CA ASP A 305 -7.77 2.71 -62.80
C ASP A 305 -6.53 2.27 -62.03
N CYS A 306 -6.13 3.12 -61.08
CA CYS A 306 -4.98 2.80 -60.26
C CYS A 306 -5.09 3.48 -58.90
N ILE A 307 -4.32 2.95 -57.97
CA ILE A 307 -4.10 3.51 -56.65
C ILE A 307 -2.61 3.44 -56.42
N TYR A 308 -2.06 4.38 -55.66
CA TYR A 308 -0.66 4.27 -55.27
C TYR A 308 -0.61 3.80 -53.82
N SER A 309 -0.34 2.51 -53.64
CA SER A 309 -0.35 1.87 -52.34
C SER A 309 0.88 1.00 -52.18
N ALA A 310 0.91 0.15 -51.15
CA ALA A 310 2.03 -0.74 -50.93
C ALA A 310 1.78 -2.13 -51.50
N ASP A 311 0.68 -2.34 -52.20
CA ASP A 311 0.43 -3.60 -52.88
C ASP A 311 0.00 -3.33 -54.32
N PHE A 312 -0.42 -4.36 -55.04
CA PHE A 312 -0.58 -4.24 -56.49
C PHE A 312 -1.92 -3.58 -56.79
N GLY A 313 -1.88 -2.27 -57.05
CA GLY A 313 -3.08 -1.47 -57.22
C GLY A 313 -3.26 -0.85 -58.57
N GLY A 314 -3.04 -1.61 -59.65
CA GLY A 314 -3.19 -1.06 -60.97
C GLY A 314 -3.50 -2.13 -61.99
N SER A 315 -3.49 -1.72 -63.26
CA SER A 315 -3.74 -2.62 -64.38
C SER A 315 -3.33 -1.93 -65.67
N LEU A 316 -3.17 -2.71 -66.73
CA LEU A 316 -3.05 -2.19 -68.08
C LEU A 316 -3.25 -3.32 -69.06
N THR A 317 -3.39 -2.97 -70.33
CA THR A 317 -3.60 -3.94 -71.40
C THR A 317 -2.93 -3.46 -72.67
N LEU A 318 -2.22 -4.36 -73.35
CA LEU A 318 -1.51 -4.03 -74.57
C LEU A 318 -2.23 -4.61 -75.78
N GLN A 319 -1.84 -4.13 -76.96
CA GLN A 319 -2.45 -4.57 -78.22
C GLN A 319 -1.33 -4.83 -79.22
N TYR A 320 -1.14 -6.08 -79.60
CA TYR A 320 -0.01 -6.47 -80.43
C TYR A 320 -0.49 -7.25 -81.66
N LYS A 321 0.31 -7.20 -82.72
CA LYS A 321 0.14 -8.05 -83.89
C LYS A 321 1.49 -8.69 -84.16
N ALA A 322 1.67 -9.91 -83.67
CA ALA A 322 2.98 -10.55 -83.75
C ALA A 322 3.16 -11.20 -85.11
N ASP A 323 4.19 -12.02 -85.24
CA ASP A 323 4.45 -12.75 -86.46
C ASP A 323 4.59 -14.26 -86.28
N ARG A 324 4.90 -14.73 -85.08
CA ARG A 324 5.07 -16.16 -84.82
C ARG A 324 4.57 -16.43 -83.41
N GLU A 325 4.97 -17.57 -82.85
CA GLU A 325 4.62 -17.93 -81.48
C GLU A 325 5.88 -17.95 -80.64
N GLY A 326 5.79 -17.45 -79.41
CA GLY A 326 6.97 -17.36 -78.58
C GLY A 326 6.63 -16.95 -77.16
N HIS A 327 7.68 -16.66 -76.40
CA HIS A 327 7.55 -16.39 -74.98
C HIS A 327 8.42 -15.21 -74.54
N CYS A 328 8.37 -14.12 -75.29
CA CYS A 328 9.25 -13.01 -74.97
C CYS A 328 8.80 -12.30 -73.69
N PRO A 329 9.71 -11.62 -73.01
CA PRO A 329 9.41 -11.06 -71.70
C PRO A 329 8.91 -9.62 -71.74
N VAL A 330 8.52 -9.13 -70.57
CA VAL A 330 8.09 -7.76 -70.37
C VAL A 330 8.91 -7.15 -69.22
N HIS A 331 8.86 -5.82 -69.12
CA HIS A 331 9.71 -5.13 -68.17
C HIS A 331 9.30 -3.66 -68.07
N SER A 332 9.35 -3.13 -66.85
CA SER A 332 9.19 -1.71 -66.60
C SER A 332 10.56 -1.02 -66.62
N HIS A 333 10.56 0.25 -66.99
CA HIS A 333 11.82 0.97 -67.12
C HIS A 333 12.00 2.08 -66.08
N SER A 334 10.96 2.40 -65.32
CA SER A 334 11.03 3.52 -64.38
C SER A 334 11.22 2.98 -62.97
N THR A 335 11.99 3.71 -62.17
CA THR A 335 12.32 3.29 -60.83
C THR A 335 11.27 3.69 -59.80
N THR A 336 10.04 3.96 -60.24
CA THR A 336 8.95 4.24 -59.33
C THR A 336 7.72 3.39 -59.65
N ALA A 337 7.88 2.34 -60.44
CA ALA A 337 6.75 1.51 -60.84
C ALA A 337 7.28 0.14 -61.19
N VAL A 338 6.77 -0.90 -60.52
CA VAL A 338 7.28 -2.25 -60.67
C VAL A 338 6.16 -3.14 -61.20
N LEU A 339 6.55 -4.13 -62.00
CA LEU A 339 5.62 -5.07 -62.60
C LEU A 339 5.54 -6.34 -61.77
N LYS A 340 4.71 -7.28 -62.20
CA LYS A 340 4.48 -8.52 -61.47
C LYS A 340 4.78 -9.77 -62.27
N GLU A 341 4.55 -9.77 -63.58
CA GLU A 341 4.86 -10.94 -64.39
C GLU A 341 6.30 -10.87 -64.90
N ALA A 342 6.71 -11.95 -65.55
CA ALA A 342 8.04 -12.02 -66.16
C ALA A 342 7.98 -12.28 -67.65
N THR A 343 7.18 -13.25 -68.09
CA THR A 343 7.08 -13.60 -69.49
C THR A 343 5.62 -13.84 -69.84
N THR A 344 5.33 -13.97 -71.14
CA THR A 344 3.98 -14.21 -71.61
C THR A 344 4.00 -15.22 -72.75
N HIS A 345 2.81 -15.64 -73.15
CA HIS A 345 2.62 -16.45 -74.36
C HIS A 345 1.96 -15.58 -75.41
N VAL A 346 2.43 -15.67 -76.65
CA VAL A 346 2.03 -14.72 -77.68
C VAL A 346 1.44 -15.45 -78.86
N THR A 347 0.62 -14.74 -79.64
CA THR A 347 0.01 -15.30 -80.84
C THR A 347 -0.14 -14.18 -81.87
N ALA A 348 -0.96 -14.44 -82.89
CA ALA A 348 -1.05 -13.54 -84.04
C ALA A 348 -1.60 -12.18 -83.63
N VAL A 349 -2.84 -12.14 -83.16
CA VAL A 349 -3.45 -10.90 -82.67
C VAL A 349 -4.10 -11.19 -81.33
N GLY A 350 -3.89 -10.29 -80.37
CA GLY A 350 -4.40 -10.53 -79.05
C GLY A 350 -4.03 -9.42 -78.10
N SER A 351 -4.31 -9.68 -76.82
CA SER A 351 -4.12 -8.71 -75.76
C SER A 351 -3.66 -9.45 -74.52
N ILE A 352 -3.29 -8.68 -73.50
CA ILE A 352 -2.80 -9.25 -72.26
C ILE A 352 -2.91 -8.21 -71.16
N THR A 353 -3.32 -8.63 -69.98
CA THR A 353 -3.44 -7.75 -68.83
C THR A 353 -2.32 -8.04 -67.84
N LEU A 354 -1.72 -6.98 -67.31
CA LEU A 354 -0.65 -7.10 -66.33
C LEU A 354 -0.98 -6.21 -65.15
N HIS A 355 -0.42 -6.54 -63.99
CA HIS A 355 -0.68 -5.82 -62.75
C HIS A 355 0.61 -5.15 -62.28
N PHE A 356 0.49 -3.97 -61.69
CA PHE A 356 1.67 -3.25 -61.21
C PHE A 356 1.36 -2.52 -59.91
N SER A 357 2.41 -1.97 -59.31
CA SER A 357 2.32 -1.15 -58.11
C SER A 357 3.15 0.11 -58.31
N THR A 358 2.76 1.19 -57.65
CA THR A 358 3.39 2.47 -57.89
C THR A 358 3.40 3.30 -56.61
N SER A 359 4.20 4.36 -56.63
CA SER A 359 4.26 5.29 -55.50
C SER A 359 4.28 6.74 -55.96
N SER A 360 3.71 7.01 -57.13
CA SER A 360 3.65 8.35 -57.68
C SER A 360 2.21 8.72 -58.00
N PRO A 361 1.84 9.98 -57.83
CA PRO A 361 0.44 10.37 -58.07
C PRO A 361 0.03 10.35 -59.52
N GLN A 362 0.90 9.93 -60.44
CA GLN A 362 0.49 9.72 -61.81
C GLN A 362 1.49 8.81 -62.50
N ALA A 363 0.98 7.95 -63.38
CA ALA A 363 1.81 6.95 -64.04
C ALA A 363 2.30 7.51 -65.36
N ASN A 364 3.61 7.55 -65.56
CA ASN A 364 4.19 8.08 -66.77
C ASN A 364 5.40 7.27 -67.22
N PHE A 365 5.31 5.94 -67.18
CA PHE A 365 6.48 5.12 -67.44
C PHE A 365 6.42 4.53 -68.84
N ILE A 366 7.47 3.78 -69.17
CA ILE A 366 7.61 3.11 -70.46
C ILE A 366 7.62 1.62 -70.22
N VAL A 367 7.04 0.87 -71.15
CA VAL A 367 6.95 -0.58 -71.04
C VAL A 367 7.52 -1.20 -72.30
N SER A 368 8.32 -2.25 -72.13
CA SER A 368 8.99 -2.91 -73.24
C SER A 368 8.53 -4.36 -73.33
N LEU A 369 8.12 -4.76 -74.52
CA LEU A 369 7.68 -6.12 -74.80
C LEU A 369 8.47 -6.61 -75.99
N CYS A 370 9.11 -7.78 -75.84
CA CYS A 370 9.88 -8.39 -76.91
C CYS A 370 11.02 -7.49 -77.35
N GLY A 371 11.18 -6.35 -76.70
CA GLY A 371 12.15 -5.34 -77.09
C GLY A 371 11.57 -4.04 -77.59
N LYS A 372 10.26 -3.93 -77.78
CA LYS A 372 9.64 -2.73 -78.33
C LYS A 372 9.03 -1.90 -77.21
N LYS A 373 9.06 -0.58 -77.39
CA LYS A 373 8.69 0.34 -76.33
C LYS A 373 7.34 1.01 -76.62
N SER A 374 6.73 1.50 -75.54
CA SER A 374 5.44 2.16 -75.59
C SER A 374 5.25 2.93 -74.29
N THR A 375 4.45 4.00 -74.36
CA THR A 375 4.30 4.92 -73.25
C THR A 375 2.89 4.88 -72.69
N CYS A 376 2.77 5.11 -71.39
CA CYS A 376 1.50 5.07 -70.68
C CYS A 376 1.36 6.30 -69.80
N ASN A 377 0.16 6.85 -69.72
CA ASN A 377 -0.07 8.02 -68.87
C ASN A 377 -1.52 8.12 -68.45
N ALA A 378 -1.74 8.37 -67.17
CA ALA A 378 -3.06 8.62 -66.58
C ALA A 378 -2.82 9.17 -65.19
N GLU A 379 -3.89 9.32 -64.42
CA GLU A 379 -3.82 9.91 -63.10
C GLU A 379 -4.24 8.90 -62.05
N CYS A 380 -3.66 9.02 -60.86
CA CYS A 380 -3.76 7.95 -59.88
C CYS A 380 -4.29 8.50 -58.57
N LYS A 381 -5.34 7.88 -58.03
CA LYS A 381 -6.03 8.36 -56.85
C LYS A 381 -5.33 7.92 -55.58
N PRO A 382 -5.50 8.66 -54.49
CA PRO A 382 -4.88 8.28 -53.22
C PRO A 382 -5.63 7.15 -52.56
N PRO A 383 -4.97 6.37 -51.69
CA PRO A 383 -5.55 5.12 -51.22
C PRO A 383 -6.64 5.36 -50.19
N ALA A 384 -7.36 4.28 -49.89
CA ALA A 384 -8.51 4.33 -49.00
C ALA A 384 -8.17 3.89 -47.58
N ASP A 385 -7.60 2.71 -47.42
CA ASP A 385 -7.28 2.20 -46.09
C ASP A 385 -6.13 2.97 -45.48
N HIS A 386 -5.94 2.78 -44.18
CA HIS A 386 -4.91 3.50 -43.43
C HIS A 386 -3.74 2.63 -43.03
N ILE A 387 -3.97 1.39 -42.60
CA ILE A 387 -2.92 0.49 -42.14
C ILE A 387 -3.06 -0.82 -42.88
N ILE A 388 -1.94 -1.39 -43.32
CA ILE A 388 -1.90 -2.72 -43.93
C ILE A 388 -0.72 -3.49 -43.36
N GLY A 389 -0.61 -4.75 -43.75
CA GLY A 389 0.38 -5.66 -43.21
C GLY A 389 1.42 -6.10 -44.21
N GLU A 390 1.94 -5.18 -45.00
CA GLU A 390 2.94 -5.48 -46.02
C GLU A 390 3.98 -4.36 -46.02
N PRO A 391 5.16 -4.62 -46.56
CA PRO A 391 6.14 -3.54 -46.76
C PRO A 391 6.06 -2.93 -48.14
N HIS A 392 6.39 -1.65 -48.21
CA HIS A 392 6.35 -0.94 -49.48
C HIS A 392 7.41 -1.49 -50.41
N LYS A 393 7.08 -1.52 -51.70
CA LYS A 393 7.97 -2.14 -52.67
C LYS A 393 8.93 -1.16 -53.34
N VAL A 394 8.55 0.11 -53.46
CA VAL A 394 9.39 1.10 -54.14
C VAL A 394 9.59 2.29 -53.22
N ASP A 395 10.70 2.99 -53.42
CA ASP A 395 11.03 4.17 -52.62
C ASP A 395 10.30 5.39 -53.15
N GLN A 396 10.69 6.57 -52.70
CA GLN A 396 9.94 7.80 -52.95
C GLN A 396 10.92 8.95 -53.12
N GLU A 397 11.03 9.51 -54.32
CA GLU A 397 11.93 10.63 -54.53
C GLU A 397 11.15 11.90 -54.79
N PHE A 398 11.86 13.02 -54.68
CA PHE A 398 11.21 14.33 -54.65
C PHE A 398 10.59 14.70 -55.99
N GLN A 399 11.17 14.26 -57.09
CA GLN A 399 10.72 14.69 -58.40
C GLN A 399 9.28 14.26 -58.67
N ALA A 400 9.03 12.96 -58.75
CA ALA A 400 7.68 12.49 -59.05
C ALA A 400 6.90 12.16 -57.79
N ALA A 401 6.89 13.09 -56.83
CA ALA A 401 5.99 13.01 -55.69
C ALA A 401 5.03 14.18 -55.69
N VAL A 402 4.96 14.93 -56.78
CA VAL A 402 4.07 16.06 -56.92
C VAL A 402 3.35 15.93 -58.26
N SER A 403 2.06 16.23 -58.26
CA SER A 403 1.24 15.99 -59.44
C SER A 403 1.68 16.87 -60.60
N LYS A 404 1.10 16.62 -61.77
CA LYS A 404 1.37 17.46 -62.92
C LYS A 404 0.52 18.73 -62.91
N THR A 405 -0.70 18.65 -62.39
CA THR A 405 -1.52 19.85 -62.24
C THR A 405 -0.81 20.85 -61.35
N SER A 406 -0.28 20.40 -60.22
CA SER A 406 0.43 21.31 -59.32
C SER A 406 1.62 21.95 -60.00
N TRP A 407 2.26 21.21 -60.92
CA TRP A 407 3.44 21.74 -61.59
C TRP A 407 3.08 22.83 -62.58
N ASN A 408 1.93 22.71 -63.24
CA ASN A 408 1.48 23.78 -64.12
C ASN A 408 1.28 25.08 -63.35
N TRP A 409 0.66 25.00 -62.17
CA TRP A 409 0.46 26.20 -61.36
C TRP A 409 1.79 26.81 -60.94
N LEU A 410 2.63 26.00 -60.28
CA LEU A 410 3.84 26.54 -59.66
C LEU A 410 4.76 27.14 -60.70
N LEU A 411 4.71 26.64 -61.93
CA LEU A 411 5.63 27.11 -62.94
C LEU A 411 5.20 28.48 -63.48
N ALA A 412 3.95 28.60 -63.90
CA ALA A 412 3.53 29.81 -64.60
C ALA A 412 3.53 31.01 -63.67
N LEU A 413 3.12 30.83 -62.41
CA LEU A 413 3.16 31.94 -61.48
C LEU A 413 4.58 32.36 -61.18
N PHE A 414 5.49 31.40 -61.04
CA PHE A 414 6.88 31.71 -60.73
C PHE A 414 7.56 32.40 -61.90
N GLY A 415 7.57 31.76 -63.07
CA GLY A 415 8.19 32.36 -64.23
C GLY A 415 7.44 33.56 -64.77
N GLY A 416 6.17 33.70 -64.42
CA GLY A 416 5.45 34.90 -64.82
C GLY A 416 6.05 36.15 -64.18
N ALA A 417 6.46 36.05 -62.92
CA ALA A 417 7.06 37.20 -62.27
C ALA A 417 8.44 37.52 -62.86
N SER A 418 9.23 36.49 -63.15
CA SER A 418 10.54 36.73 -63.75
C SER A 418 10.40 37.29 -65.15
N SER A 419 9.43 36.81 -65.91
CA SER A 419 9.21 37.35 -67.25
C SER A 419 8.75 38.79 -67.22
N LEU A 420 8.22 39.25 -66.10
CA LEU A 420 7.81 40.64 -66.01
C LEU A 420 8.99 41.58 -65.81
N ILE A 421 10.07 41.09 -65.21
CA ILE A 421 11.20 42.00 -64.97
C ILE A 421 12.06 42.13 -66.21
N VAL A 422 12.14 41.09 -67.04
CA VAL A 422 13.01 41.16 -68.21
C VAL A 422 12.44 42.15 -69.22
N VAL A 423 11.12 42.16 -69.40
CA VAL A 423 10.53 43.22 -70.21
C VAL A 423 10.65 44.55 -69.49
N GLY A 424 10.62 44.53 -68.16
CA GLY A 424 10.84 45.75 -67.41
C GLY A 424 12.25 46.28 -67.51
N LEU A 425 13.20 45.46 -67.93
CA LEU A 425 14.58 45.90 -68.05
C LEU A 425 14.95 46.27 -69.48
N ILE A 426 14.42 45.56 -70.47
CA ILE A 426 14.76 45.89 -71.85
C ILE A 426 14.16 47.24 -72.24
N VAL A 427 13.05 47.63 -71.60
CA VAL A 427 12.51 48.96 -71.88
C VAL A 427 13.49 50.03 -71.41
N LEU A 428 14.23 49.76 -70.33
CA LEU A 428 15.20 50.73 -69.83
C LEU A 428 16.31 50.97 -70.85
N VAL A 429 16.97 49.89 -71.28
CA VAL A 429 18.03 50.05 -72.27
C VAL A 429 17.46 50.64 -73.54
N CYS A 430 16.22 50.30 -73.87
CA CYS A 430 15.51 51.02 -74.91
C CYS A 430 15.38 52.49 -74.56
N SER A 431 14.83 52.78 -73.37
CA SER A 431 14.68 54.15 -72.91
C SER A 431 15.98 54.92 -73.05
N SER A 432 17.06 54.42 -72.43
CA SER A 432 18.36 55.05 -72.59
C SER A 432 18.70 55.23 -74.05
N MET A 433 18.53 54.17 -74.84
CA MET A 433 18.76 54.28 -76.28
C MET A 433 17.88 55.36 -76.88
N LEU A 434 16.62 55.44 -76.46
CA LEU A 434 15.78 56.57 -76.86
C LEU A 434 16.34 57.88 -76.33
N ILE A 435 16.82 57.87 -75.08
CA ILE A 435 17.53 59.04 -74.58
C ILE A 435 18.81 59.26 -75.36
N ASN A 436 19.53 58.17 -75.64
CA ASN A 436 20.63 58.27 -76.60
C ASN A 436 20.11 58.65 -77.98
N THR A 437 18.90 58.23 -78.32
CA THR A 437 18.27 58.74 -79.53
C THR A 437 17.86 60.20 -79.35
N ARG A 438 17.53 60.61 -78.12
CA ARG A 438 17.18 61.99 -77.84
C ARG A 438 18.38 62.93 -77.89
N ARG A 439 19.57 62.41 -78.13
CA ARG A 439 20.76 63.25 -78.25
C ARG A 439 21.50 62.97 -79.55
N SER B 1 37.75 -40.04 -2.46
CA SER B 1 36.65 -40.40 -3.34
C SER B 1 35.32 -40.07 -2.67
N ILE B 2 34.23 -40.25 -3.39
CA ILE B 2 32.90 -40.09 -2.82
C ILE B 2 32.37 -41.46 -2.41
N THR B 3 31.93 -41.59 -1.17
CA THR B 3 31.55 -42.86 -0.62
C THR B 3 30.07 -42.88 -0.25
N ASP B 4 29.58 -44.06 0.09
CA ASP B 4 28.20 -44.20 0.54
C ASP B 4 28.07 -45.14 1.73
N ASP B 5 29.17 -45.50 2.39
CA ASP B 5 29.12 -46.37 3.56
C ASP B 5 28.85 -45.51 4.78
N PHE B 6 27.60 -45.50 5.23
CA PHE B 6 27.25 -44.69 6.39
C PHE B 6 27.60 -45.36 7.71
N THR B 7 28.24 -46.51 7.69
CA THR B 7 28.73 -47.13 8.93
C THR B 7 30.00 -46.48 9.45
N LEU B 8 30.54 -45.47 8.76
CA LEU B 8 31.71 -44.76 9.21
C LEU B 8 31.41 -43.33 9.63
N THR B 9 30.14 -42.95 9.71
CA THR B 9 29.76 -41.58 10.09
C THR B 9 28.81 -41.61 11.28
N SER B 10 28.59 -40.44 11.87
CA SER B 10 27.79 -40.31 13.07
C SER B 10 27.11 -38.94 13.08
N PRO B 11 25.97 -38.82 13.75
CA PRO B 11 25.32 -37.52 13.89
C PRO B 11 25.81 -36.77 15.13
N TYR B 12 25.48 -35.48 15.18
CA TYR B 12 26.01 -34.59 16.20
C TYR B 12 24.86 -33.71 16.69
N LEU B 13 25.19 -32.69 17.50
CA LEU B 13 24.17 -31.79 18.02
C LEU B 13 24.75 -30.39 18.17
N GLY B 14 23.91 -29.38 17.94
CA GLY B 14 24.36 -28.03 17.75
C GLY B 14 23.68 -27.03 18.66
N PHE B 15 23.47 -25.83 18.13
CA PHE B 15 23.07 -24.66 18.92
C PHE B 15 22.06 -23.86 18.10
N CYS B 16 20.78 -23.99 18.42
CA CYS B 16 19.66 -23.41 17.71
C CYS B 16 19.24 -22.08 18.35
N PRO B 17 18.99 -21.05 17.55
CA PRO B 17 18.66 -19.75 18.14
C PRO B 17 17.30 -19.71 18.79
N TYR B 18 16.30 -20.37 18.22
CA TYR B 18 14.92 -20.31 18.67
C TYR B 18 14.45 -21.74 18.90
N CYS B 19 14.59 -22.22 20.12
CA CYS B 19 14.17 -23.56 20.51
C CYS B 19 12.67 -23.52 20.74
N ARG B 20 12.13 -24.52 21.45
CA ARG B 20 10.69 -24.60 21.61
C ARG B 20 10.11 -23.31 22.16
N HIS B 21 10.61 -22.85 23.31
CA HIS B 21 9.91 -21.76 23.97
C HIS B 21 10.26 -20.41 23.38
N SER B 22 11.43 -19.89 23.75
CA SER B 22 12.09 -18.88 22.94
C SER B 22 13.60 -19.06 23.07
N THR B 23 14.02 -19.68 24.16
CA THR B 23 15.41 -19.65 24.56
C THR B 23 16.29 -20.39 23.56
N PRO B 24 17.56 -20.04 23.47
CA PRO B 24 18.51 -20.88 22.75
C PRO B 24 18.84 -22.13 23.54
N CYS B 25 19.13 -23.21 22.82
CA CYS B 25 19.28 -24.52 23.43
C CYS B 25 20.36 -25.31 22.68
N PHE B 26 20.59 -26.53 23.13
CA PHE B 26 21.36 -27.52 22.38
C PHE B 26 20.37 -28.52 21.81
N SER B 27 20.42 -28.73 20.50
CA SER B 27 19.36 -29.48 19.85
C SER B 27 19.92 -30.57 18.95
N PRO B 28 19.17 -31.63 18.71
CA PRO B 28 19.61 -32.68 17.77
C PRO B 28 19.14 -32.47 16.33
N ILE B 29 18.43 -31.39 16.03
CA ILE B 29 17.88 -31.18 14.69
C ILE B 29 18.22 -29.80 14.15
N LYS B 30 19.40 -29.28 14.50
CA LYS B 30 19.80 -27.96 14.04
C LYS B 30 19.71 -27.84 12.52
N ILE B 31 19.34 -26.66 12.05
CA ILE B 31 19.16 -26.38 10.63
C ILE B 31 20.37 -25.59 10.15
N GLU B 32 21.05 -26.11 9.14
CA GLU B 32 22.28 -25.48 8.66
C GLU B 32 22.01 -24.55 7.48
N ASN B 33 21.43 -25.06 6.40
CA ASN B 33 21.19 -24.26 5.21
C ASN B 33 19.79 -24.49 4.68
N VAL B 34 19.34 -23.55 3.83
CA VAL B 34 18.13 -23.70 3.04
C VAL B 34 18.42 -23.18 1.63
N TRP B 35 17.77 -23.79 0.63
CA TRP B 35 17.98 -23.47 -0.78
C TRP B 35 16.65 -23.50 -1.51
N ASP B 36 16.33 -22.46 -2.29
CA ASP B 36 15.03 -22.42 -2.97
C ASP B 36 15.15 -21.91 -4.41
N GLU B 37 16.07 -22.50 -5.19
CA GLU B 37 16.30 -22.02 -6.54
C GLU B 37 15.41 -22.69 -7.58
N SER B 38 14.34 -23.36 -7.19
CA SER B 38 13.53 -24.09 -8.14
C SER B 38 12.44 -23.20 -8.72
N ASP B 39 11.63 -23.79 -9.60
CA ASP B 39 10.61 -23.06 -10.33
C ASP B 39 9.20 -23.57 -10.05
N ASP B 40 9.02 -24.37 -8.99
CA ASP B 40 7.68 -24.71 -8.54
C ASP B 40 7.57 -24.67 -7.02
N GLY B 41 8.50 -24.03 -6.34
CA GLY B 41 8.38 -23.75 -4.92
C GLY B 41 9.15 -24.68 -4.01
N SER B 42 9.72 -25.76 -4.51
CA SER B 42 10.38 -26.74 -3.67
C SER B 42 11.63 -26.16 -3.00
N ILE B 43 12.00 -26.72 -1.85
CA ILE B 43 13.17 -26.27 -1.11
C ILE B 43 13.94 -27.47 -0.57
N ARG B 44 15.24 -27.27 -0.34
CA ARG B 44 16.14 -28.29 0.18
C ARG B 44 16.67 -27.86 1.54
N ILE B 45 16.71 -28.81 2.47
CA ILE B 45 17.03 -28.52 3.87
C ILE B 45 18.14 -29.46 4.35
N GLN B 46 19.07 -28.91 5.12
CA GLN B 46 20.15 -29.69 5.73
C GLN B 46 20.04 -29.61 7.24
N VAL B 47 20.06 -30.76 7.91
CA VAL B 47 19.90 -30.83 9.35
C VAL B 47 21.05 -31.63 9.94
N SER B 48 20.98 -31.88 11.24
CA SER B 48 22.07 -32.50 11.99
C SER B 48 21.83 -33.96 12.32
N ALA B 49 20.80 -34.57 11.75
CA ALA B 49 20.50 -35.98 11.96
C ALA B 49 20.72 -36.75 10.65
N GLN B 50 20.46 -38.06 10.69
CA GLN B 50 20.64 -38.89 9.50
C GLN B 50 19.38 -39.71 9.27
N PHE B 51 18.68 -39.38 8.19
CA PHE B 51 17.39 -40.00 7.86
C PHE B 51 17.57 -41.16 6.92
N GLY B 52 16.80 -42.22 7.14
CA GLY B 52 16.77 -43.34 6.23
C GLY B 52 17.71 -44.48 6.54
N TYR B 53 18.32 -44.50 7.73
CA TYR B 53 19.25 -45.55 8.08
C TYR B 53 18.96 -45.99 9.51
N ASN B 54 19.36 -47.22 9.84
CA ASN B 54 19.00 -47.78 11.13
C ASN B 54 20.07 -47.46 12.18
N GLN B 55 19.98 -48.11 13.33
CA GLN B 55 20.78 -47.70 14.49
C GLN B 55 22.26 -47.98 14.27
N ALA B 56 22.60 -48.93 13.41
CA ALA B 56 23.99 -49.30 13.20
C ALA B 56 24.58 -48.76 11.91
N GLY B 57 23.76 -48.23 10.99
CA GLY B 57 24.24 -47.64 9.75
C GLY B 57 23.62 -48.23 8.50
N THR B 58 23.16 -49.48 8.58
CA THR B 58 22.51 -50.09 7.43
C THR B 58 21.24 -49.32 7.08
N ALA B 59 20.73 -49.56 5.88
CA ALA B 59 19.69 -48.71 5.31
C ALA B 59 18.32 -49.35 5.41
N ASP B 60 17.33 -48.57 5.84
CA ASP B 60 15.92 -48.89 5.58
C ASP B 60 15.12 -47.59 5.69
N VAL B 61 13.99 -47.56 4.98
CA VAL B 61 13.40 -46.29 4.58
C VAL B 61 12.35 -45.85 5.60
N THR B 62 12.35 -46.46 6.78
CA THR B 62 11.34 -46.15 7.77
C THR B 62 11.90 -45.60 9.08
N LYS B 63 13.21 -45.35 9.17
CA LYS B 63 13.84 -45.02 10.44
C LYS B 63 14.83 -43.87 10.29
N PHE B 64 15.27 -43.33 11.42
CA PHE B 64 16.32 -42.33 11.46
C PHE B 64 17.08 -42.43 12.77
N ARG B 65 18.29 -41.87 12.81
CA ARG B 65 19.13 -41.96 14.00
C ARG B 65 19.61 -40.59 14.45
N TYR B 66 19.76 -40.42 15.76
CA TYR B 66 19.99 -39.11 16.36
C TYR B 66 20.88 -39.26 17.61
N MET B 67 21.17 -38.13 18.24
CA MET B 67 22.00 -38.07 19.45
C MET B 67 21.16 -37.71 20.66
N SER B 68 21.65 -38.07 21.85
CA SER B 68 20.79 -38.28 23.01
C SER B 68 20.95 -37.22 24.10
N PHE B 69 19.83 -36.87 24.74
CA PHE B 69 19.73 -35.96 25.88
C PHE B 69 19.67 -36.74 27.18
N ASP B 70 20.78 -37.34 27.61
CA ASP B 70 20.66 -38.15 28.81
C ASP B 70 22.02 -38.39 29.43
N HIS B 71 22.10 -39.46 30.21
CA HIS B 71 23.39 -40.05 30.54
C HIS B 71 24.71 -40.40 29.85
N ASP B 72 24.67 -41.12 28.73
CA ASP B 72 25.79 -41.93 28.25
C ASP B 72 25.23 -41.55 26.88
N HIS B 73 26.12 -41.07 26.01
CA HIS B 73 25.87 -40.08 24.96
C HIS B 73 25.63 -40.76 23.63
N ASP B 74 25.07 -41.95 23.61
CA ASP B 74 25.15 -42.81 22.43
C ASP B 74 24.18 -42.36 21.34
N ILE B 75 24.01 -43.21 20.33
CA ILE B 75 23.12 -42.95 19.20
C ILE B 75 21.84 -43.74 19.40
N LYS B 76 20.71 -43.16 19.00
CA LYS B 76 19.41 -43.80 19.19
C LYS B 76 18.58 -43.60 17.93
N GLU B 77 17.43 -44.28 17.86
CA GLU B 77 16.68 -44.37 16.61
C GLU B 77 15.18 -44.35 16.86
N ASP B 78 14.44 -43.96 15.82
CA ASP B 78 12.99 -43.92 15.88
C ASP B 78 12.45 -43.82 14.46
N SER B 79 11.13 -43.88 14.32
CA SER B 79 10.49 -44.03 13.01
C SER B 79 10.16 -42.67 12.40
N MET B 80 10.05 -42.66 11.08
CA MET B 80 9.91 -41.43 10.32
C MET B 80 8.51 -40.83 10.38
N GLU B 81 7.55 -41.52 10.97
CA GLU B 81 6.21 -40.95 11.08
C GLU B 81 6.16 -39.72 11.96
N LYS B 82 7.24 -39.37 12.65
CA LYS B 82 7.24 -38.31 13.64
C LYS B 82 7.91 -37.03 13.16
N ILE B 83 8.19 -36.89 11.87
CA ILE B 83 8.88 -35.72 11.34
C ILE B 83 7.88 -34.82 10.62
N ALA B 84 7.94 -33.52 10.90
CA ALA B 84 7.02 -32.56 10.31
C ALA B 84 7.75 -31.27 9.97
N ILE B 85 7.23 -30.56 8.98
CA ILE B 85 7.82 -29.34 8.45
C ILE B 85 6.74 -28.29 8.29
N SER B 86 7.08 -27.02 8.52
CA SER B 86 6.08 -25.97 8.44
C SER B 86 6.75 -24.60 8.27
N THR B 87 6.07 -23.73 7.52
CA THR B 87 6.40 -22.31 7.47
C THR B 87 5.26 -21.44 8.00
N SER B 88 4.09 -21.52 7.39
CA SER B 88 2.86 -20.99 7.96
C SER B 88 1.84 -22.08 8.21
N GLY B 89 1.79 -23.10 7.37
CA GLY B 89 1.01 -24.28 7.60
C GLY B 89 1.84 -25.50 7.28
N PRO B 90 1.25 -26.68 7.37
CA PRO B 90 2.02 -27.90 7.11
C PRO B 90 2.42 -28.03 5.64
N CYS B 91 3.55 -28.68 5.43
CA CYS B 91 4.08 -28.91 4.09
C CYS B 91 4.08 -30.41 3.80
N ARG B 92 4.35 -30.75 2.54
CA ARG B 92 4.39 -32.14 2.11
C ARG B 92 5.83 -32.59 2.00
N ARG B 93 6.09 -33.82 2.43
CA ARG B 93 7.43 -34.39 2.39
C ARG B 93 7.60 -35.18 1.09
N LEU B 94 8.65 -34.85 0.35
CA LEU B 94 8.85 -35.41 -0.98
C LEU B 94 9.99 -36.41 -1.07
N GLY B 95 11.10 -36.20 -0.36
CA GLY B 95 12.18 -37.17 -0.34
C GLY B 95 13.06 -36.97 0.88
N HIS B 96 13.90 -37.96 1.15
CA HIS B 96 14.78 -37.87 2.30
C HIS B 96 15.97 -38.81 2.14
N LYS B 97 17.17 -38.31 2.46
CA LYS B 97 18.38 -39.14 2.49
C LYS B 97 19.52 -38.44 3.22
N GLY B 98 20.10 -39.09 4.21
CA GLY B 98 21.29 -38.55 4.84
C GLY B 98 20.98 -37.36 5.72
N TYR B 99 21.64 -36.24 5.46
CA TYR B 99 21.39 -35.00 6.18
C TYR B 99 20.36 -34.11 5.51
N PHE B 100 19.59 -34.62 4.55
CA PHE B 100 18.88 -33.76 3.61
C PHE B 100 17.41 -34.13 3.48
N LEU B 101 16.58 -33.11 3.23
CA LEU B 101 15.13 -33.25 3.08
C LEU B 101 14.64 -32.41 1.90
N LEU B 102 13.45 -32.73 1.41
CA LEU B 102 12.83 -31.98 0.31
C LEU B 102 11.35 -31.80 0.59
N ALA B 103 10.84 -30.58 0.43
CA ALA B 103 9.47 -30.29 0.81
C ALA B 103 8.88 -29.19 -0.07
N GLN B 104 7.59 -28.96 0.11
CA GLN B 104 6.83 -28.00 -0.71
C GLN B 104 5.93 -27.17 0.20
N CYS B 105 6.19 -25.87 0.28
CA CYS B 105 5.60 -25.10 1.35
C CYS B 105 4.88 -23.86 0.84
N PRO B 106 3.87 -23.39 1.58
CA PRO B 106 3.21 -22.13 1.24
C PRO B 106 4.04 -20.94 1.67
N PRO B 107 3.68 -19.73 1.22
CA PRO B 107 4.47 -18.55 1.59
C PRO B 107 4.54 -18.34 3.09
N GLY B 108 5.56 -17.58 3.50
CA GLY B 108 5.74 -17.29 4.91
C GLY B 108 7.07 -16.62 5.17
N ASP B 109 7.48 -16.63 6.45
CA ASP B 109 8.70 -15.96 6.86
C ASP B 109 9.63 -16.80 7.72
N SER B 110 9.33 -18.07 7.96
CA SER B 110 10.18 -18.89 8.80
C SER B 110 10.09 -20.34 8.34
N VAL B 111 11.03 -21.16 8.79
CA VAL B 111 11.05 -22.58 8.49
C VAL B 111 11.26 -23.36 9.78
N THR B 112 10.52 -24.45 9.95
CA THR B 112 10.49 -25.18 11.20
C THR B 112 10.61 -26.68 10.94
N VAL B 113 11.29 -27.38 11.85
CA VAL B 113 11.43 -28.82 11.81
C VAL B 113 11.26 -29.37 13.22
N SER B 114 10.36 -30.34 13.39
CA SER B 114 9.99 -30.78 14.73
C SER B 114 9.83 -32.29 14.78
N ILE B 115 10.18 -32.86 15.93
CA ILE B 115 9.89 -34.25 16.25
C ILE B 115 8.63 -34.28 17.10
N THR B 116 7.57 -34.89 16.58
CA THR B 116 6.27 -34.83 17.23
C THR B 116 6.30 -35.83 18.40
N SER B 117 5.14 -36.19 18.93
CA SER B 117 5.04 -36.86 20.22
C SER B 117 6.01 -38.02 20.35
N GLY B 118 6.38 -38.30 21.59
CA GLY B 118 7.38 -39.29 21.92
C GLY B 118 8.45 -38.70 22.81
N ALA B 119 9.32 -39.57 23.28
CA ALA B 119 10.49 -39.11 23.98
C ALA B 119 11.33 -38.23 23.05
N SER B 120 11.96 -37.20 23.62
CA SER B 120 12.78 -36.26 22.86
C SER B 120 11.97 -35.53 21.80
N GLU B 121 11.03 -34.71 22.26
CA GLU B 121 10.32 -33.79 21.39
C GLU B 121 11.06 -32.46 21.35
N ASN B 122 11.12 -31.84 20.16
CA ASN B 122 11.81 -30.56 20.02
C ASN B 122 11.39 -29.90 18.72
N SER B 123 11.95 -28.72 18.47
CA SER B 123 11.82 -28.02 17.20
C SER B 123 13.03 -27.11 17.01
N CYS B 124 13.04 -26.38 15.89
CA CYS B 124 14.03 -25.35 15.60
C CYS B 124 13.54 -24.49 14.45
N THR B 125 13.62 -23.17 14.59
CA THR B 125 13.10 -22.23 13.61
C THR B 125 14.22 -21.33 13.11
N VAL B 126 14.12 -20.93 11.85
CA VAL B 126 15.16 -20.12 11.20
C VAL B 126 14.48 -19.12 10.26
N GLU B 127 14.98 -17.88 10.26
CA GLU B 127 14.40 -16.81 9.45
C GLU B 127 14.73 -17.00 7.97
N LYS B 128 13.71 -16.87 7.11
CA LYS B 128 13.88 -17.07 5.68
C LYS B 128 12.64 -16.57 4.94
N LYS B 129 12.85 -15.92 3.80
CA LYS B 129 11.78 -15.34 3.02
C LYS B 129 11.36 -16.28 1.90
N ILE B 130 10.07 -16.60 1.83
CA ILE B 130 9.54 -17.55 0.88
C ILE B 130 8.28 -16.98 0.25
N ARG B 131 8.33 -16.72 -1.05
CA ARG B 131 7.18 -16.16 -1.75
C ARG B 131 6.78 -17.01 -2.95
N ARG B 132 5.87 -16.50 -3.77
CA ARG B 132 5.35 -17.23 -4.91
C ARG B 132 6.03 -16.78 -6.18
N LYS B 133 6.34 -17.73 -7.07
CA LYS B 133 7.02 -17.39 -8.32
C LYS B 133 6.35 -18.07 -9.50
N PHE B 134 6.45 -17.42 -10.66
CA PHE B 134 5.81 -17.86 -11.88
C PHE B 134 6.77 -17.72 -13.05
N VAL B 135 6.49 -18.43 -14.13
CA VAL B 135 7.33 -18.45 -15.32
C VAL B 135 6.56 -17.91 -16.50
N GLY B 136 7.12 -16.91 -17.17
CA GLY B 136 6.54 -16.36 -18.37
C GLY B 136 6.23 -14.89 -18.24
N ARG B 137 5.23 -14.44 -18.98
CA ARG B 137 4.82 -13.03 -19.00
C ARG B 137 3.38 -12.85 -18.52
N GLU B 138 2.85 -13.81 -17.78
CA GLU B 138 1.51 -13.70 -17.21
C GLU B 138 1.48 -14.37 -15.85
N GLU B 139 0.65 -13.84 -14.96
CA GLU B 139 0.55 -14.37 -13.60
C GLU B 139 -0.54 -15.42 -13.50
N TYR B 140 -0.36 -16.35 -12.58
CA TYR B 140 -1.35 -17.40 -12.36
C TYR B 140 -1.21 -17.94 -10.95
N LEU B 141 -2.31 -18.50 -10.44
CA LEU B 141 -2.30 -19.30 -9.23
C LEU B 141 -2.05 -20.77 -9.52
N PHE B 142 -2.77 -21.32 -10.48
CA PHE B 142 -2.53 -22.69 -10.86
C PHE B 142 -2.01 -22.73 -12.29
N PRO B 143 -1.25 -23.77 -12.64
CA PRO B 143 -0.99 -24.03 -14.05
C PRO B 143 -2.27 -24.44 -14.76
N PRO B 144 -2.70 -23.69 -15.76
CA PRO B 144 -3.98 -23.99 -16.40
C PRO B 144 -3.94 -25.21 -17.30
N VAL B 145 -5.05 -25.49 -17.97
CA VAL B 145 -5.17 -26.72 -18.75
C VAL B 145 -5.03 -26.48 -20.25
N HIS B 146 -5.29 -25.26 -20.73
CA HIS B 146 -5.08 -24.91 -22.12
C HIS B 146 -4.02 -23.83 -22.20
N GLY B 147 -2.91 -24.12 -22.89
CA GLY B 147 -1.87 -23.14 -23.04
C GLY B 147 -0.73 -23.52 -23.96
N LYS B 148 0.45 -22.99 -23.71
CA LYS B 148 1.65 -23.27 -24.48
C LYS B 148 2.60 -24.11 -23.64
N LEU B 149 3.77 -24.43 -24.19
CA LEU B 149 4.76 -25.24 -23.50
C LEU B 149 6.13 -24.60 -23.68
N VAL B 150 6.79 -24.28 -22.56
CA VAL B 150 8.08 -23.61 -22.54
C VAL B 150 9.04 -24.42 -21.68
N LYS B 151 10.24 -23.89 -21.47
CA LYS B 151 11.29 -24.58 -20.74
C LYS B 151 11.46 -24.04 -19.33
N CYS B 152 11.73 -24.94 -18.38
CA CYS B 152 11.82 -24.62 -16.96
C CYS B 152 12.85 -25.56 -16.32
N HIS B 153 13.25 -25.22 -15.09
CA HIS B 153 14.22 -25.99 -14.32
C HIS B 153 13.68 -26.28 -12.93
N VAL B 154 13.71 -27.54 -12.51
CA VAL B 154 13.10 -27.98 -11.24
C VAL B 154 14.04 -28.96 -10.54
N TYR B 155 13.65 -29.36 -9.32
CA TYR B 155 14.42 -30.29 -8.51
C TYR B 155 13.94 -31.72 -8.76
N ASP B 156 14.88 -32.63 -8.96
CA ASP B 156 14.53 -34.01 -9.25
C ASP B 156 14.05 -34.71 -7.98
N HIS B 157 13.08 -35.61 -8.12
CA HIS B 157 12.57 -36.32 -6.96
C HIS B 157 13.37 -37.56 -6.60
N LEU B 158 14.13 -38.11 -7.54
CA LEU B 158 14.94 -39.27 -7.20
C LEU B 158 16.05 -38.87 -6.23
N LYS B 159 16.67 -39.87 -5.62
CA LYS B 159 17.70 -39.61 -4.64
C LYS B 159 19.10 -39.99 -5.10
N GLU B 160 19.25 -40.68 -6.21
CA GLU B 160 20.57 -41.02 -6.72
C GLU B 160 21.18 -39.93 -7.58
N THR B 161 20.51 -38.80 -7.73
CA THR B 161 21.11 -37.69 -8.44
C THR B 161 22.07 -36.93 -7.54
N SER B 162 22.99 -36.19 -8.15
CA SER B 162 24.08 -35.55 -7.42
C SER B 162 24.21 -34.10 -7.86
N ALA B 163 24.69 -33.26 -6.95
CA ALA B 163 24.94 -31.86 -7.29
C ALA B 163 26.21 -31.32 -6.66
N GLY B 164 27.04 -32.14 -6.05
CA GLY B 164 28.21 -31.62 -5.35
C GLY B 164 28.64 -32.60 -4.27
N TYR B 165 29.35 -32.06 -3.28
CA TYR B 165 29.84 -32.91 -2.19
C TYR B 165 30.14 -32.07 -0.96
N ILE B 166 30.25 -32.76 0.19
CA ILE B 166 30.64 -32.14 1.44
C ILE B 166 31.72 -32.98 2.10
N THR B 167 32.48 -32.33 2.98
CA THR B 167 33.68 -32.90 3.57
C THR B 167 33.44 -33.39 4.99
N MET B 168 34.22 -34.39 5.42
CA MET B 168 34.09 -34.98 6.75
C MET B 168 35.45 -35.07 7.44
N HIS B 169 35.46 -34.87 8.75
CA HIS B 169 36.67 -34.80 9.56
C HIS B 169 36.55 -35.71 10.77
N ARG B 170 37.61 -35.75 11.59
CA ARG B 170 37.71 -36.55 12.80
C ARG B 170 37.19 -35.78 14.00
N PRO B 171 36.52 -36.43 14.96
CA PRO B 171 35.87 -35.68 16.04
C PRO B 171 36.85 -35.28 17.12
N GLY B 172 36.65 -34.07 17.64
CA GLY B 172 37.53 -33.52 18.65
C GLY B 172 37.21 -34.02 20.04
N PRO B 173 37.68 -33.30 21.05
CA PRO B 173 37.41 -33.69 22.43
C PRO B 173 36.08 -33.15 22.94
N HIS B 174 35.52 -33.87 23.91
CA HIS B 174 34.27 -33.46 24.54
C HIS B 174 34.36 -33.84 26.01
N ALA B 175 34.47 -32.86 26.89
CA ALA B 175 34.68 -33.11 28.31
C ALA B 175 33.35 -33.17 29.05
N TYR B 176 33.19 -34.18 29.89
CA TYR B 176 32.02 -34.34 30.74
C TYR B 176 32.39 -34.02 32.17
N LYS B 177 31.57 -33.23 32.84
CA LYS B 177 31.81 -32.89 34.24
C LYS B 177 31.54 -34.07 35.17
N SER B 178 30.75 -35.04 34.74
CA SER B 178 30.40 -36.14 35.61
C SER B 178 31.59 -37.02 35.95
N TYR B 179 32.61 -37.03 35.11
CA TYR B 179 33.74 -37.90 35.37
C TYR B 179 34.64 -37.38 36.49
N LEU B 180 34.35 -36.20 37.05
CA LEU B 180 35.15 -35.65 38.13
C LEU B 180 34.44 -35.82 39.47
N GLU B 181 35.23 -35.75 40.53
CA GLU B 181 34.75 -36.01 41.87
C GLU B 181 35.62 -35.22 42.84
N GLU B 182 35.18 -35.13 44.09
CA GLU B 182 35.90 -34.34 45.07
C GLU B 182 35.53 -34.82 46.47
N ALA B 183 36.52 -35.24 47.24
CA ALA B 183 36.26 -35.80 48.56
C ALA B 183 37.35 -35.30 49.52
N SER B 184 37.00 -34.33 50.36
CA SER B 184 37.84 -33.83 51.44
C SER B 184 39.22 -33.44 50.91
N GLY B 185 39.23 -32.40 50.08
CA GLY B 185 40.48 -31.86 49.61
C GLY B 185 41.26 -32.72 48.67
N GLU B 186 40.68 -33.82 48.19
CA GLU B 186 41.31 -34.65 47.18
C GLU B 186 40.40 -34.74 45.96
N VAL B 187 41.01 -34.84 44.79
CA VAL B 187 40.30 -34.89 43.53
C VAL B 187 40.46 -36.29 42.94
N TYR B 188 39.36 -36.83 42.42
CA TYR B 188 39.34 -38.18 41.86
C TYR B 188 38.76 -38.15 40.45
N ILE B 189 38.90 -39.28 39.76
CA ILE B 189 38.47 -39.42 38.38
C ILE B 189 37.66 -40.70 38.27
N LYS B 190 36.44 -40.60 37.77
CA LYS B 190 35.48 -41.69 37.82
C LYS B 190 35.04 -42.10 36.43
N PRO B 191 35.55 -43.19 35.87
CA PRO B 191 35.16 -43.57 34.53
C PRO B 191 33.83 -44.28 34.54
N PRO B 192 33.07 -44.22 33.44
CA PRO B 192 32.00 -45.20 33.26
C PRO B 192 32.61 -46.59 33.17
N SER B 193 31.79 -47.59 33.47
CA SER B 193 32.30 -48.93 33.68
C SER B 193 33.11 -49.43 32.50
N GLY B 194 34.38 -49.72 32.76
CA GLY B 194 35.18 -50.49 31.83
C GLY B 194 35.45 -49.85 30.48
N LYS B 195 35.69 -48.55 30.45
CA LYS B 195 36.12 -47.88 29.24
C LYS B 195 37.28 -46.95 29.57
N ASN B 196 38.07 -46.64 28.54
CA ASN B 196 39.27 -45.84 28.71
C ASN B 196 38.93 -44.36 28.61
N VAL B 197 39.37 -43.58 29.60
CA VAL B 197 39.13 -42.15 29.65
C VAL B 197 40.47 -41.45 29.81
N THR B 198 40.58 -40.27 29.23
CA THR B 198 41.83 -39.49 29.24
C THR B 198 41.67 -38.27 30.12
N TYR B 199 42.63 -38.05 31.01
CA TYR B 199 42.60 -36.88 31.89
C TYR B 199 43.73 -35.92 31.54
N GLU B 200 43.63 -34.73 32.10
CA GLU B 200 44.56 -33.66 31.80
C GLU B 200 44.42 -32.56 32.85
N CYS B 201 45.49 -32.22 33.56
CA CYS B 201 45.33 -31.36 34.73
C CYS B 201 46.56 -30.48 34.92
N LYS B 202 46.38 -29.38 35.65
CA LYS B 202 47.47 -28.44 35.93
C LYS B 202 47.26 -27.82 37.30
N CYS B 203 47.99 -28.33 38.29
CA CYS B 203 48.03 -27.76 39.63
C CYS B 203 49.48 -27.69 40.08
N GLY B 204 50.32 -27.07 39.27
CA GLY B 204 51.74 -27.27 39.32
C GLY B 204 52.26 -27.37 37.91
N ASP B 205 52.75 -28.53 37.53
CA ASP B 205 53.14 -28.77 36.17
C ASP B 205 52.01 -29.43 35.38
N TYR B 206 52.26 -29.72 34.11
CA TYR B 206 51.32 -30.38 33.23
C TYR B 206 51.27 -31.88 33.53
N SER B 207 50.17 -32.52 33.16
CA SER B 207 50.01 -33.94 33.43
C SER B 207 48.91 -34.52 32.55
N THR B 208 49.16 -35.71 32.01
CA THR B 208 48.12 -36.44 31.27
C THR B 208 48.06 -37.90 31.73
N GLY B 209 47.30 -38.71 31.03
CA GLY B 209 47.26 -40.13 31.31
C GLY B 209 45.92 -40.75 30.94
N ILE B 210 45.93 -42.05 30.73
CA ILE B 210 44.73 -42.83 30.47
C ILE B 210 44.53 -43.79 31.63
N VAL B 211 43.29 -43.90 32.11
CA VAL B 211 42.97 -44.70 33.28
C VAL B 211 41.81 -45.63 32.95
N SER B 212 41.52 -46.52 33.90
CA SER B 212 40.35 -47.37 33.80
C SER B 212 39.63 -47.60 35.13
N THR B 213 40.06 -46.96 36.22
CA THR B 213 39.42 -47.11 37.51
C THR B 213 39.70 -45.87 38.33
N ARG B 214 38.94 -45.70 39.42
CA ARG B 214 39.04 -44.52 40.26
C ARG B 214 40.49 -44.23 40.64
N THR B 215 40.93 -42.99 40.40
CA THR B 215 42.32 -42.62 40.52
C THR B 215 42.42 -41.24 41.17
N LYS B 216 43.50 -41.00 41.89
CA LYS B 216 43.68 -39.79 42.68
C LYS B 216 44.74 -38.91 42.04
N MET B 217 44.36 -37.69 41.69
CA MET B 217 45.30 -36.72 41.14
C MET B 217 45.95 -35.95 42.28
N ASN B 218 47.23 -36.17 42.48
CA ASN B 218 47.92 -35.67 43.66
C ASN B 218 48.52 -34.30 43.37
N GLY B 219 48.14 -33.32 44.18
CA GLY B 219 48.62 -31.95 44.05
C GLY B 219 47.51 -30.94 43.91
N CYS B 220 46.41 -31.32 43.27
CA CYS B 220 45.31 -30.41 43.03
C CYS B 220 44.31 -30.46 44.19
N THR B 221 43.58 -29.37 44.36
CA THR B 221 42.66 -29.25 45.48
C THR B 221 41.23 -28.89 45.08
N LYS B 222 41.02 -28.25 43.94
CA LYS B 222 39.69 -27.90 43.48
C LYS B 222 39.31 -28.75 42.28
N ALA B 223 38.04 -28.68 41.91
CA ALA B 223 37.56 -29.48 40.80
C ALA B 223 37.79 -28.81 39.45
N LYS B 224 37.92 -27.48 39.43
CA LYS B 224 38.04 -26.74 38.17
C LYS B 224 39.48 -26.65 37.71
N GLN B 225 40.30 -27.64 38.02
CA GLN B 225 41.69 -27.68 37.59
C GLN B 225 42.00 -28.81 36.62
N CYS B 226 41.11 -29.79 36.46
CA CYS B 226 41.30 -30.86 35.49
C CYS B 226 40.11 -30.92 34.53
N ILE B 227 40.26 -31.74 33.49
CA ILE B 227 39.16 -32.13 32.61
C ILE B 227 39.41 -33.58 32.18
N ALA B 228 38.37 -34.22 31.64
CA ALA B 228 38.51 -35.61 31.21
C ALA B 228 37.52 -35.96 30.12
N TYR B 229 37.95 -36.82 29.19
CA TYR B 229 37.14 -37.23 28.04
C TYR B 229 37.59 -38.61 27.57
N LYS B 230 36.73 -39.28 26.81
CA LYS B 230 36.98 -40.66 26.44
C LYS B 230 37.61 -40.76 25.06
N SER B 231 38.40 -41.83 24.85
CA SER B 231 39.47 -41.81 23.86
C SER B 231 39.37 -42.98 22.89
N ASP B 232 38.21 -43.18 22.28
CA ASP B 232 38.11 -43.99 21.08
C ASP B 232 36.93 -43.46 20.27
N GLN B 233 37.22 -42.62 19.29
CA GLN B 233 36.18 -41.86 18.61
C GLN B 233 36.40 -41.88 17.10
N THR B 234 36.54 -43.07 16.52
CA THR B 234 36.77 -43.19 15.09
C THR B 234 35.46 -43.14 14.30
N LYS B 235 34.81 -41.98 14.34
CA LYS B 235 33.62 -41.75 13.52
C LYS B 235 33.61 -40.32 13.03
N TRP B 236 33.31 -40.12 11.76
CA TRP B 236 33.50 -38.82 11.14
C TRP B 236 32.28 -37.93 11.33
N VAL B 237 32.52 -36.62 11.30
CA VAL B 237 31.48 -35.60 11.48
C VAL B 237 31.68 -34.52 10.44
N PHE B 238 30.72 -33.59 10.39
CA PHE B 238 30.73 -32.52 9.42
C PHE B 238 31.43 -31.29 9.98
N ASN B 239 31.95 -30.48 9.07
CA ASN B 239 32.72 -29.27 9.39
C ASN B 239 31.76 -28.19 9.90
N SER B 240 31.33 -28.34 11.13
CA SER B 240 30.28 -27.46 11.63
C SER B 240 30.86 -26.39 12.55
N PRO B 241 30.31 -25.17 12.53
CA PRO B 241 30.88 -24.10 13.35
C PRO B 241 30.56 -24.20 14.83
N ASP B 242 29.95 -25.31 15.26
CA ASP B 242 29.59 -25.49 16.66
C ASP B 242 30.36 -26.63 17.31
N LEU B 243 31.58 -26.88 16.86
CA LEU B 243 32.39 -27.95 17.42
C LEU B 243 33.83 -27.47 17.56
N ILE B 244 34.64 -28.23 18.27
CA ILE B 244 36.04 -27.94 18.47
C ILE B 244 36.87 -28.94 17.67
N ARG B 245 37.92 -28.46 17.02
CA ARG B 245 38.64 -29.28 16.06
C ARG B 245 39.77 -30.08 16.70
N HIS B 246 40.14 -31.16 16.01
CA HIS B 246 41.21 -32.05 16.42
C HIS B 246 42.56 -31.46 16.02
N THR B 247 43.63 -32.06 16.52
CA THR B 247 44.96 -31.58 16.12
C THR B 247 45.26 -31.92 14.66
N ASP B 248 44.51 -32.84 14.06
CA ASP B 248 44.67 -33.25 12.68
C ASP B 248 43.36 -32.97 11.95
N HIS B 249 43.21 -31.77 11.41
CA HIS B 249 41.98 -31.39 10.71
C HIS B 249 42.16 -31.53 9.19
N SER B 250 42.42 -32.74 8.73
CA SER B 250 42.54 -33.00 7.31
C SER B 250 41.34 -33.82 6.85
N VAL B 251 41.07 -33.77 5.56
CA VAL B 251 39.85 -34.36 5.02
C VAL B 251 40.02 -35.87 4.93
N GLN B 252 38.98 -36.59 5.32
CA GLN B 252 38.99 -38.05 5.32
C GLN B 252 37.95 -38.67 4.40
N GLY B 253 37.02 -37.92 3.85
CA GLY B 253 36.06 -38.47 2.91
C GLY B 253 35.13 -37.39 2.39
N LYS B 254 34.31 -37.77 1.40
CA LYS B 254 33.34 -36.88 0.78
C LYS B 254 32.01 -37.58 0.66
N LEU B 255 30.93 -36.80 0.65
CA LEU B 255 29.57 -37.32 0.59
C LEU B 255 28.72 -36.50 -0.37
N HIS B 256 27.72 -37.14 -0.95
CA HIS B 256 26.87 -36.58 -2.02
C HIS B 256 25.82 -35.61 -1.49
N ILE B 257 25.39 -34.72 -2.36
CA ILE B 257 24.23 -33.85 -2.16
C ILE B 257 23.16 -34.27 -3.16
N PRO B 258 22.08 -34.92 -2.74
CA PRO B 258 21.07 -35.41 -3.68
C PRO B 258 20.15 -34.28 -4.16
N PHE B 259 19.17 -34.66 -4.98
CA PHE B 259 18.14 -33.77 -5.51
C PHE B 259 18.72 -32.70 -6.44
N ARG B 260 19.20 -33.18 -7.59
CA ARG B 260 19.77 -32.36 -8.65
C ARG B 260 18.72 -31.40 -9.26
N LEU B 261 19.20 -30.48 -10.09
CA LEU B 261 18.38 -29.53 -10.83
C LEU B 261 18.44 -29.86 -12.31
N THR B 262 17.30 -30.18 -12.91
CA THR B 262 17.23 -30.63 -14.30
C THR B 262 16.27 -29.78 -15.10
N PRO B 263 16.34 -29.85 -16.43
CA PRO B 263 15.37 -29.14 -17.27
C PRO B 263 14.16 -29.99 -17.65
N THR B 264 13.02 -29.32 -17.79
CA THR B 264 11.77 -29.99 -18.13
C THR B 264 10.88 -29.01 -18.92
N VAL B 265 9.60 -29.31 -19.01
CA VAL B 265 8.63 -28.49 -19.73
C VAL B 265 7.49 -28.09 -18.79
N CYS B 266 6.90 -26.94 -19.06
CA CYS B 266 5.89 -26.32 -18.21
C CYS B 266 4.82 -25.67 -19.07
N PRO B 267 3.55 -25.74 -18.67
CA PRO B 267 2.48 -25.04 -19.40
C PRO B 267 2.13 -23.67 -18.83
N VAL B 268 1.75 -22.77 -19.74
CA VAL B 268 1.52 -21.36 -19.40
C VAL B 268 0.31 -20.85 -20.15
N PRO B 269 -0.34 -19.81 -19.63
CA PRO B 269 -1.61 -19.37 -20.19
C PRO B 269 -1.46 -18.43 -21.38
N LEU B 270 -2.57 -18.27 -22.10
CA LEU B 270 -2.64 -17.37 -23.25
C LEU B 270 -3.76 -16.36 -23.04
N ALA B 271 -3.48 -15.10 -23.35
CA ALA B 271 -4.38 -13.99 -23.04
C ALA B 271 -5.51 -13.88 -24.07
N HIS B 272 -6.23 -12.77 -24.03
CA HIS B 272 -7.40 -12.55 -24.86
C HIS B 272 -7.03 -11.60 -26.01
N THR B 273 -7.28 -12.04 -27.23
CA THR B 273 -6.84 -11.31 -28.42
C THR B 273 -7.47 -9.92 -28.46
N PRO B 274 -6.71 -8.86 -28.74
CA PRO B 274 -7.26 -7.51 -28.70
C PRO B 274 -7.87 -7.08 -30.03
N THR B 275 -8.61 -5.99 -29.98
CA THR B 275 -9.21 -5.38 -31.16
C THR B 275 -8.52 -4.07 -31.48
N VAL B 276 -8.39 -3.76 -32.77
CA VAL B 276 -7.61 -2.62 -33.22
C VAL B 276 -8.51 -1.64 -33.97
N THR B 277 -8.20 -0.36 -33.84
CA THR B 277 -8.87 0.70 -34.58
C THR B 277 -7.83 1.53 -35.32
N LYS B 278 -8.12 1.85 -36.57
CA LYS B 278 -7.14 2.48 -37.45
C LYS B 278 -7.53 3.91 -37.78
N TRP B 279 -6.56 4.82 -37.69
CA TRP B 279 -6.71 6.20 -38.12
C TRP B 279 -5.44 6.60 -38.86
N PHE B 280 -5.31 7.87 -39.22
CA PHE B 280 -4.20 8.34 -40.05
C PHE B 280 -2.91 8.33 -39.23
N LYS B 281 -2.04 7.36 -39.51
CA LYS B 281 -0.76 7.20 -38.82
C LYS B 281 -0.95 6.88 -37.33
N GLY B 282 -1.68 5.81 -37.05
CA GLY B 282 -1.81 5.36 -35.67
C GLY B 282 -2.72 4.18 -35.53
N ILE B 283 -2.75 3.62 -34.32
CA ILE B 283 -3.64 2.54 -33.94
C ILE B 283 -4.09 2.73 -32.50
N THR B 284 -5.14 2.01 -32.12
CA THR B 284 -5.67 2.00 -30.77
C THR B 284 -6.05 0.57 -30.41
N LEU B 285 -5.54 0.09 -29.27
CA LEU B 285 -5.75 -1.29 -28.83
C LEU B 285 -6.69 -1.32 -27.64
N HIS B 286 -7.75 -2.12 -27.74
CA HIS B 286 -8.72 -2.30 -26.65
C HIS B 286 -8.40 -3.64 -25.97
N LEU B 287 -7.95 -3.57 -24.72
CA LEU B 287 -7.34 -4.69 -24.04
C LEU B 287 -8.19 -5.20 -22.90
N THR B 288 -7.94 -6.45 -22.51
CA THR B 288 -8.65 -7.10 -21.41
C THR B 288 -7.67 -7.96 -20.65
N ALA B 289 -7.63 -7.81 -19.32
CA ALA B 289 -6.70 -8.60 -18.52
C ALA B 289 -7.19 -8.64 -17.09
N MET B 290 -7.40 -9.84 -16.55
CA MET B 290 -7.88 -9.98 -15.19
C MET B 290 -6.75 -10.23 -14.18
N ARG B 291 -5.53 -10.40 -14.65
CA ARG B 291 -4.32 -10.43 -13.84
C ARG B 291 -3.27 -9.59 -14.54
N PRO B 292 -2.15 -9.30 -13.89
CA PRO B 292 -1.10 -8.53 -14.55
C PRO B 292 -0.55 -9.23 -15.79
N THR B 293 -0.27 -8.43 -16.82
CA THR B 293 0.22 -8.94 -18.10
C THR B 293 1.17 -7.89 -18.69
N LEU B 294 1.91 -8.28 -19.72
CA LEU B 294 2.98 -7.44 -20.25
C LEU B 294 2.69 -6.99 -21.68
N LEU B 295 3.23 -5.82 -22.04
CA LEU B 295 3.09 -5.24 -23.37
C LEU B 295 4.38 -4.54 -23.76
N THR B 296 4.85 -4.79 -24.98
CA THR B 296 6.13 -4.27 -25.46
C THR B 296 5.99 -3.85 -26.91
N THR B 297 6.50 -2.67 -27.25
CA THR B 297 6.51 -2.23 -28.65
C THR B 297 7.86 -1.63 -29.00
N ARG B 298 8.19 -1.66 -30.29
CA ARG B 298 9.39 -1.02 -30.80
C ARG B 298 9.16 -0.64 -32.26
N LYS B 299 9.97 0.30 -32.74
CA LYS B 299 9.85 0.85 -34.08
C LYS B 299 10.95 0.30 -34.97
N LEU B 300 10.61 0.02 -36.23
CA LEU B 300 11.48 -0.72 -37.13
C LEU B 300 12.48 0.16 -37.88
N GLY B 301 12.77 1.36 -37.41
CA GLY B 301 13.67 2.23 -38.13
C GLY B 301 15.02 2.39 -37.48
N LEU B 302 15.66 3.53 -37.69
CA LEU B 302 16.96 3.74 -37.06
C LEU B 302 16.84 3.99 -35.56
N ARG B 303 15.72 4.52 -35.12
CA ARG B 303 15.48 4.72 -33.70
C ARG B 303 14.48 3.69 -33.21
N ALA B 304 14.64 3.28 -31.96
CA ALA B 304 13.86 2.17 -31.41
C ALA B 304 12.60 2.66 -30.70
N ASP B 305 12.74 3.54 -29.72
CA ASP B 305 11.63 4.05 -28.91
C ASP B 305 10.85 2.90 -28.26
N ALA B 306 11.52 2.21 -27.35
CA ALA B 306 10.92 1.07 -26.69
C ALA B 306 10.00 1.51 -25.56
N THR B 307 8.99 0.69 -25.29
CA THR B 307 8.09 0.87 -24.16
C THR B 307 7.96 -0.44 -23.39
N ALA B 308 7.33 -0.37 -22.23
CA ALA B 308 7.08 -1.56 -21.41
C ALA B 308 6.09 -1.21 -20.32
N GLU B 309 5.12 -2.08 -20.08
CA GLU B 309 4.11 -1.79 -19.07
C GLU B 309 3.39 -3.06 -18.64
N TRP B 310 3.13 -3.16 -17.34
CA TRP B 310 2.27 -4.19 -16.79
C TRP B 310 0.85 -3.63 -16.64
N ILE B 311 -0.14 -4.38 -17.09
CA ILE B 311 -1.49 -3.87 -17.30
C ILE B 311 -2.50 -4.71 -16.53
N THR B 312 -3.52 -4.04 -15.97
CA THR B 312 -4.58 -4.69 -15.21
C THR B 312 -5.91 -4.03 -15.53
N GLY B 313 -6.92 -4.82 -15.86
CA GLY B 313 -8.25 -4.31 -16.12
C GLY B 313 -8.65 -4.31 -17.58
N SER B 314 -9.52 -3.39 -17.99
CA SER B 314 -9.84 -3.17 -19.39
C SER B 314 -9.60 -1.70 -19.71
N THR B 315 -8.61 -1.42 -20.54
CA THR B 315 -8.18 -0.06 -20.84
C THR B 315 -7.98 0.06 -22.33
N SER B 316 -7.35 1.15 -22.76
CA SER B 316 -7.01 1.34 -24.16
C SER B 316 -5.78 2.22 -24.26
N ARG B 317 -4.91 1.94 -25.22
CA ARG B 317 -3.67 2.66 -25.39
C ARG B 317 -3.50 3.09 -26.84
N ASN B 318 -2.74 4.17 -27.04
CA ASN B 318 -2.58 4.82 -28.34
C ASN B 318 -1.12 4.81 -28.77
N PHE B 319 -0.87 4.42 -30.02
CA PHE B 319 0.47 4.38 -30.59
C PHE B 319 0.48 5.00 -31.98
N SER B 320 1.65 5.43 -32.42
CA SER B 320 1.81 6.07 -33.71
C SER B 320 2.77 5.27 -34.58
N VAL B 321 2.42 5.12 -35.87
CA VAL B 321 3.22 4.35 -36.79
C VAL B 321 3.69 5.26 -37.92
N GLY B 322 4.74 4.82 -38.59
CA GLY B 322 5.30 5.60 -39.68
C GLY B 322 5.44 4.80 -40.96
N ARG B 323 6.29 5.25 -41.86
CA ARG B 323 6.48 4.53 -43.11
C ARG B 323 7.40 3.33 -42.97
N GLU B 324 8.04 3.16 -41.82
CA GLU B 324 8.88 1.98 -41.60
C GLU B 324 8.15 0.89 -40.84
N GLY B 325 7.48 1.21 -39.74
CA GLY B 325 6.63 0.22 -39.10
C GLY B 325 6.72 0.10 -37.60
N LEU B 326 5.92 -0.80 -37.05
CA LEU B 326 5.83 -1.00 -35.60
C LEU B 326 5.61 -2.48 -35.32
N GLU B 327 6.05 -2.91 -34.14
CA GLU B 327 5.94 -4.30 -33.73
C GLU B 327 5.48 -4.35 -32.28
N TYR B 328 4.41 -5.11 -32.00
CA TYR B 328 3.85 -5.19 -30.67
C TYR B 328 3.67 -6.63 -30.23
N VAL B 329 3.96 -6.88 -28.95
CA VAL B 329 3.89 -8.21 -28.36
C VAL B 329 3.02 -8.14 -27.11
N TRP B 330 2.02 -9.01 -27.04
CA TRP B 330 1.03 -8.99 -25.96
C TRP B 330 0.99 -10.37 -25.33
N GLY B 331 1.50 -10.46 -24.10
CA GLY B 331 1.44 -11.74 -23.38
C GLY B 331 2.38 -12.76 -23.98
N ASN B 332 1.91 -14.01 -24.03
CA ASN B 332 2.69 -15.11 -24.58
C ASN B 332 2.38 -15.37 -26.04
N HIS B 333 1.97 -14.36 -26.79
CA HIS B 333 1.61 -14.54 -28.19
C HIS B 333 2.83 -14.29 -29.07
N GLU B 334 2.62 -14.20 -30.36
CA GLU B 334 3.68 -13.97 -31.34
C GLU B 334 3.69 -12.52 -31.77
N PRO B 335 4.80 -12.04 -32.33
CA PRO B 335 4.86 -10.63 -32.74
C PRO B 335 3.98 -10.36 -33.96
N VAL B 336 3.53 -9.11 -34.06
CA VAL B 336 2.69 -8.64 -35.16
C VAL B 336 3.23 -7.31 -35.66
N ARG B 337 3.20 -7.12 -36.98
CA ARG B 337 3.83 -5.98 -37.64
C ARG B 337 2.83 -5.23 -38.51
N VAL B 338 2.93 -3.90 -38.53
CA VAL B 338 2.02 -3.06 -39.31
C VAL B 338 2.80 -1.90 -39.95
N TRP B 339 2.31 -1.47 -41.11
CA TRP B 339 2.91 -0.39 -41.89
C TRP B 339 1.85 0.64 -42.25
N ALA B 340 2.30 1.85 -42.57
CA ALA B 340 1.40 2.98 -42.80
C ALA B 340 1.32 3.32 -44.29
N GLN B 341 0.25 4.04 -44.65
CA GLN B 341 0.00 4.40 -46.04
C GLN B 341 -0.19 5.90 -46.20
N GLU B 342 -0.65 6.33 -47.37
CA GLU B 342 -0.69 7.76 -47.69
C GLU B 342 -2.11 8.28 -47.85
N SER B 343 -3.01 7.91 -46.94
CA SER B 343 -4.41 8.29 -47.05
C SER B 343 -4.66 9.58 -46.28
N ALA B 344 -4.39 10.69 -46.92
CA ALA B 344 -4.66 11.98 -46.31
C ALA B 344 -5.76 12.70 -47.08
N PRO B 345 -6.55 13.54 -46.41
CA PRO B 345 -7.69 14.18 -47.09
C PRO B 345 -7.21 15.13 -48.18
N GLY B 346 -8.18 15.67 -48.91
CA GLY B 346 -7.90 16.59 -49.99
C GLY B 346 -7.99 15.92 -51.35
N ASP B 347 -7.29 16.50 -52.31
CA ASP B 347 -7.19 15.92 -53.63
C ASP B 347 -6.03 16.52 -54.42
N PRO B 348 -5.13 15.70 -54.93
CA PRO B 348 -4.01 16.24 -55.71
C PRO B 348 -4.35 16.51 -57.16
N HIS B 349 -5.62 16.58 -57.51
CA HIS B 349 -6.00 16.89 -58.88
C HIS B 349 -7.13 17.90 -59.01
N GLY B 350 -7.66 18.42 -57.91
CA GLY B 350 -8.80 19.32 -57.99
C GLY B 350 -8.42 20.78 -58.16
N TRP B 351 -8.91 21.62 -57.28
CA TRP B 351 -8.58 23.03 -57.28
C TRP B 351 -7.35 23.29 -56.44
N PRO B 352 -6.67 24.42 -56.66
CA PRO B 352 -5.60 24.80 -55.73
C PRO B 352 -6.09 24.92 -54.31
N HIS B 353 -7.37 25.15 -54.14
CA HIS B 353 -8.00 25.15 -52.82
C HIS B 353 -7.67 23.89 -52.05
N GLU B 354 -7.81 22.72 -52.68
CA GLU B 354 -7.64 21.47 -51.98
C GLU B 354 -6.31 20.77 -52.27
N ILE B 355 -5.46 21.35 -53.11
CA ILE B 355 -4.11 20.82 -53.22
C ILE B 355 -3.34 21.04 -51.94
N ILE B 356 -3.57 22.19 -51.29
CA ILE B 356 -2.73 22.57 -50.16
C ILE B 356 -3.05 21.73 -48.94
N ILE B 357 -4.32 21.43 -48.71
CA ILE B 357 -4.66 20.64 -47.53
C ILE B 357 -4.10 19.23 -47.64
N HIS B 358 -3.93 18.72 -48.85
CA HIS B 358 -3.34 17.40 -49.01
C HIS B 358 -1.88 17.39 -48.60
N TYR B 359 -1.05 18.16 -49.31
CA TYR B 359 0.38 18.10 -49.07
C TYR B 359 0.73 18.58 -47.67
N TYR B 360 -0.07 19.48 -47.10
CA TYR B 360 0.23 19.97 -45.77
C TYR B 360 0.14 18.86 -44.74
N HIS B 361 -0.92 18.06 -44.80
CA HIS B 361 -1.03 16.96 -43.85
C HIS B 361 0.10 15.96 -44.04
N ARG B 362 0.54 15.75 -45.27
CA ARG B 362 1.48 14.67 -45.53
C ARG B 362 2.87 15.00 -45.00
N HIS B 363 3.27 16.25 -45.07
CA HIS B 363 4.57 16.60 -44.51
C HIS B 363 4.41 17.56 -43.35
N PRO B 364 3.59 17.24 -42.33
CA PRO B 364 3.11 18.26 -41.39
C PRO B 364 4.23 19.01 -40.69
N VAL B 365 5.09 18.27 -39.98
CA VAL B 365 6.24 18.87 -39.32
C VAL B 365 7.29 19.33 -40.31
N TYR B 366 7.25 18.80 -41.54
CA TYR B 366 8.08 19.32 -42.61
C TYR B 366 7.42 20.49 -43.32
N THR B 367 6.09 20.54 -43.33
CA THR B 367 5.40 21.61 -44.02
C THR B 367 5.70 22.96 -43.40
N VAL B 368 5.99 22.98 -42.09
CA VAL B 368 6.51 24.20 -41.48
C VAL B 368 7.89 24.51 -42.03
N ILE B 369 8.46 23.64 -42.85
CA ILE B 369 9.61 23.98 -43.66
C ILE B 369 9.25 23.89 -45.14
N VAL B 370 8.50 22.85 -45.51
CA VAL B 370 8.45 22.43 -46.91
C VAL B 370 7.23 23.00 -47.64
N LEU B 371 6.05 22.98 -47.03
CA LEU B 371 4.92 23.61 -47.71
C LEU B 371 4.84 25.10 -47.43
N CYS B 372 5.06 25.50 -46.18
CA CYS B 372 5.17 26.93 -45.91
C CYS B 372 6.41 27.51 -46.57
N GLY B 373 7.43 26.68 -46.82
CA GLY B 373 8.58 27.18 -47.54
C GLY B 373 8.23 27.60 -48.95
N VAL B 374 7.58 26.71 -49.70
CA VAL B 374 7.37 26.97 -51.12
C VAL B 374 6.24 27.97 -51.34
N ALA B 375 5.19 27.90 -50.52
CA ALA B 375 4.12 28.90 -50.63
C ALA B 375 4.64 30.29 -50.30
N LEU B 376 5.68 30.39 -49.49
CA LEU B 376 6.27 31.68 -49.14
C LEU B 376 7.09 32.25 -50.29
N ALA B 377 8.00 31.45 -50.84
CA ALA B 377 8.83 31.93 -51.93
C ALA B 377 7.99 32.38 -53.11
N ILE B 378 6.81 31.79 -53.27
CA ILE B 378 5.84 32.28 -54.25
C ILE B 378 5.54 33.75 -54.00
N LEU B 379 5.24 34.09 -52.75
CA LEU B 379 4.83 35.46 -52.44
C LEU B 379 5.98 36.45 -52.62
N VAL B 380 7.18 36.08 -52.21
CA VAL B 380 8.30 37.02 -52.32
C VAL B 380 8.62 37.28 -53.78
N GLY B 381 8.48 36.28 -54.63
CA GLY B 381 8.71 36.49 -56.05
C GLY B 381 7.76 37.52 -56.64
N THR B 382 6.48 37.42 -56.31
CA THR B 382 5.53 38.38 -56.85
C THR B 382 5.61 39.74 -56.17
N ALA B 383 6.22 39.82 -55.00
CA ALA B 383 6.45 41.13 -54.38
C ALA B 383 7.68 41.80 -54.98
N SER B 384 8.77 41.05 -55.13
CA SER B 384 9.98 41.63 -55.69
C SER B 384 9.81 41.99 -57.15
N SER B 385 8.98 41.25 -57.88
CA SER B 385 8.80 41.52 -59.30
C SER B 385 8.01 42.80 -59.53
N ALA B 386 6.84 42.90 -58.91
CA ALA B 386 6.03 44.11 -59.06
C ALA B 386 6.74 45.34 -58.53
N ALA B 387 7.77 45.16 -57.71
CA ALA B 387 8.56 46.31 -57.28
C ALA B 387 9.48 46.79 -58.41
N CYS B 388 10.29 45.87 -58.96
CA CYS B 388 11.24 46.27 -59.98
C CYS B 388 10.59 46.61 -61.32
N ILE B 389 9.30 46.41 -61.48
CA ILE B 389 8.65 46.97 -62.66
C ILE B 389 8.36 48.45 -62.45
N ALA B 390 8.09 48.86 -61.21
CA ALA B 390 8.00 50.29 -60.92
C ALA B 390 9.33 50.98 -61.11
N LYS B 391 10.42 50.22 -60.99
CA LYS B 391 11.74 50.75 -61.34
C LYS B 391 11.73 51.36 -62.73
N ALA B 392 11.27 50.59 -63.71
CA ALA B 392 11.32 51.06 -65.09
C ALA B 392 10.49 52.32 -65.28
N ARG B 393 9.40 52.45 -64.52
CA ARG B 393 8.56 53.64 -64.66
C ARG B 393 9.27 54.89 -64.18
N ARG B 394 10.11 54.78 -63.14
CA ARG B 394 10.79 55.94 -62.63
C ARG B 394 11.76 56.50 -63.65
N ASP B 395 12.72 55.69 -64.06
CA ASP B 395 13.80 56.14 -64.93
C ASP B 395 13.38 56.31 -66.37
N CYS B 396 12.12 56.08 -66.70
CA CYS B 396 11.68 56.36 -68.05
C CYS B 396 10.66 57.47 -68.13
N LEU B 397 9.74 57.56 -67.16
CA LEU B 397 8.79 58.66 -67.17
C LEU B 397 9.48 59.99 -66.96
N THR B 398 10.32 60.09 -65.95
CA THR B 398 10.99 61.36 -65.66
C THR B 398 11.77 61.90 -66.85
N PRO B 399 12.58 61.11 -67.57
CA PRO B 399 13.31 61.68 -68.71
C PRO B 399 12.40 62.23 -69.80
N TYR B 400 11.19 61.70 -69.95
CA TYR B 400 10.29 62.24 -70.97
C TYR B 400 10.10 63.74 -70.81
N ALA B 401 9.55 64.16 -69.69
CA ALA B 401 9.21 65.56 -69.47
C ALA B 401 10.40 66.47 -69.33
N LEU B 402 11.62 66.00 -69.55
CA LEU B 402 12.77 66.89 -69.46
C LEU B 402 12.86 67.86 -70.60
N ALA B 403 11.82 67.96 -71.41
CA ALA B 403 11.70 69.07 -72.35
C ALA B 403 10.62 70.02 -71.82
N PRO B 404 10.99 71.03 -71.03
CA PRO B 404 10.00 72.01 -70.60
C PRO B 404 9.65 72.94 -71.74
N ASN B 405 8.36 73.24 -71.86
CA ASN B 405 7.80 74.02 -72.96
C ASN B 405 7.99 73.31 -74.30
N ALA B 406 7.48 72.08 -74.37
CA ALA B 406 7.57 71.27 -75.58
C ALA B 406 6.35 70.35 -75.66
N THR B 407 6.34 69.49 -76.69
CA THR B 407 5.24 68.57 -76.91
C THR B 407 5.79 67.21 -77.33
N VAL B 408 5.06 66.15 -76.98
CA VAL B 408 5.48 64.77 -77.25
C VAL B 408 4.30 63.99 -77.81
N PRO B 409 4.48 62.76 -78.27
CA PRO B 409 3.32 61.92 -78.58
C PRO B 409 2.40 61.79 -77.39
N THR B 410 1.09 61.83 -77.67
CA THR B 410 0.11 61.71 -76.59
C THR B 410 0.23 60.36 -75.89
N ALA B 411 0.51 59.30 -76.63
CA ALA B 411 0.61 57.97 -76.05
C ALA B 411 1.56 57.95 -74.87
N LEU B 412 2.57 58.82 -74.87
CA LEU B 412 3.43 59.01 -73.72
C LEU B 412 3.08 60.25 -72.92
N ALA B 413 2.42 61.23 -73.54
CA ALA B 413 1.96 62.41 -72.84
C ALA B 413 0.81 62.12 -71.88
N VAL B 414 0.32 60.88 -71.85
CA VAL B 414 -0.71 60.49 -70.90
C VAL B 414 -0.14 59.94 -69.60
N LEU B 415 1.11 59.49 -69.59
CA LEU B 415 1.70 58.94 -68.38
C LEU B 415 2.60 59.92 -67.65
N CYS B 416 2.96 61.04 -68.26
CA CYS B 416 3.83 62.01 -67.59
C CYS B 416 3.09 62.82 -66.54
N CYS B 417 1.77 62.97 -66.70
CA CYS B 417 1.00 63.75 -65.72
C CYS B 417 0.93 63.05 -64.38
N ILE B 418 0.86 61.72 -64.39
CA ILE B 418 0.79 60.94 -63.15
C ILE B 418 2.16 60.38 -62.81
N GLN C 1 24.13 -24.95 28.19
CA GLN C 1 24.54 -23.82 29.02
C GLN C 1 24.86 -24.32 30.42
N LEU C 2 23.90 -25.02 31.05
CA LEU C 2 24.14 -25.68 32.32
C LEU C 2 23.21 -26.87 32.42
N HIS C 3 23.61 -27.86 33.21
CA HIS C 3 22.89 -29.13 33.19
C HIS C 3 23.02 -29.83 34.54
N TYR C 4 21.90 -29.99 35.24
CA TYR C 4 21.82 -30.75 36.48
C TYR C 4 20.64 -31.70 36.42
N THR C 5 20.71 -32.77 37.19
CA THR C 5 19.72 -33.85 37.17
C THR C 5 19.19 -34.09 38.57
N VAL C 6 17.86 -34.19 38.70
CA VAL C 6 17.22 -34.38 39.99
C VAL C 6 16.54 -35.74 40.02
N GLN C 7 16.57 -36.38 41.18
CA GLN C 7 16.00 -37.70 41.33
C GLN C 7 14.52 -37.61 41.65
N GLU C 8 13.81 -38.72 41.43
CA GLU C 8 12.41 -38.78 41.75
C GLU C 8 12.20 -38.79 43.27
N GLU C 9 11.06 -38.26 43.71
CA GLU C 9 10.64 -38.31 45.11
C GLU C 9 11.61 -37.55 46.02
N GLN C 10 11.65 -36.25 45.83
CA GLN C 10 12.40 -35.38 46.72
C GLN C 10 11.50 -34.81 47.80
N GLU C 11 12.14 -34.28 48.86
CA GLU C 11 11.47 -34.00 50.12
C GLU C 11 11.71 -32.56 50.56
N HIS C 12 11.40 -31.61 49.69
CA HIS C 12 11.42 -30.19 50.05
C HIS C 12 12.82 -29.73 50.47
N GLY C 13 13.70 -29.68 49.48
CA GLY C 13 14.95 -28.98 49.67
C GLY C 13 16.15 -29.80 50.06
N THR C 14 16.49 -30.82 49.25
CA THR C 14 17.69 -31.59 49.52
C THR C 14 18.95 -30.90 48.98
N PHE C 15 19.11 -30.92 47.65
CA PHE C 15 20.23 -30.25 46.98
C PHE C 15 20.12 -30.45 45.48
N VAL C 16 20.59 -29.47 44.70
CA VAL C 16 20.63 -29.66 43.25
C VAL C 16 22.02 -29.35 42.72
N GLY C 17 22.51 -28.15 42.98
CA GLY C 17 23.81 -27.78 42.47
C GLY C 17 24.35 -26.56 43.17
N ASN C 18 25.32 -25.91 42.54
CA ASN C 18 25.91 -24.69 43.07
C ASN C 18 26.23 -23.77 41.90
N ILE C 19 25.31 -22.85 41.58
CA ILE C 19 25.43 -22.10 40.34
C ILE C 19 26.61 -21.15 40.39
N ALA C 20 26.66 -20.28 41.40
CA ALA C 20 27.72 -19.29 41.47
C ALA C 20 29.10 -19.93 41.53
N GLU C 21 29.19 -21.13 42.10
CA GLU C 21 30.49 -21.80 42.18
C GLU C 21 30.95 -22.31 40.83
N ASP C 22 30.02 -22.88 40.04
CA ASP C 22 30.41 -23.38 38.73
C ASP C 22 30.64 -22.26 37.74
N LEU C 23 29.94 -21.15 37.89
CA LEU C 23 30.10 -20.04 36.97
C LEU C 23 31.25 -19.10 37.37
N GLY C 24 31.88 -19.33 38.51
CA GLY C 24 33.08 -18.59 38.81
C GLY C 24 32.85 -17.24 39.42
N LEU C 25 31.72 -16.60 39.12
CA LEU C 25 31.36 -15.37 39.80
C LEU C 25 31.27 -15.63 41.31
N ASP C 26 31.97 -14.82 42.08
CA ASP C 26 32.31 -15.20 43.43
C ASP C 26 31.27 -14.75 44.45
N ILE C 27 31.31 -15.39 45.61
CA ILE C 27 30.42 -15.08 46.72
C ILE C 27 30.85 -13.75 47.33
N THR C 28 30.05 -13.21 48.24
CA THR C 28 30.35 -12.02 49.03
C THR C 28 30.31 -10.75 48.18
N LYS C 29 30.13 -10.90 46.89
CA LYS C 29 29.96 -9.75 46.03
C LYS C 29 28.63 -9.74 45.30
N LEU C 30 28.05 -10.91 45.04
CA LEU C 30 26.82 -10.96 44.28
C LEU C 30 25.63 -10.45 45.06
N SER C 31 25.75 -10.28 46.37
CA SER C 31 24.64 -9.73 47.14
C SER C 31 24.32 -8.30 46.75
N ALA C 32 25.26 -7.60 46.11
CA ALA C 32 25.04 -6.23 45.66
C ALA C 32 24.87 -6.09 44.16
N ARG C 33 25.33 -7.06 43.36
CA ARG C 33 25.18 -6.96 41.92
C ARG C 33 23.73 -7.04 41.48
N GLY C 34 22.84 -7.56 42.31
CA GLY C 34 21.43 -7.63 41.97
C GLY C 34 20.96 -9.01 41.56
N PHE C 35 21.37 -10.03 42.32
CA PHE C 35 21.11 -11.40 41.92
C PHE C 35 19.62 -11.70 42.01
N GLN C 36 19.05 -12.22 40.92
CA GLN C 36 17.60 -12.24 40.77
C GLN C 36 17.18 -13.40 39.89
N THR C 37 15.93 -13.81 40.04
CA THR C 37 15.29 -14.76 39.13
C THR C 37 14.46 -13.98 38.11
N VAL C 38 14.39 -14.50 36.89
CA VAL C 38 13.67 -13.81 35.83
C VAL C 38 12.18 -14.11 35.94
N PRO C 39 11.31 -13.11 35.81
CA PRO C 39 9.87 -13.38 35.87
C PRO C 39 9.35 -14.31 34.79
N ASN C 40 10.03 -14.45 33.66
CA ASN C 40 9.59 -15.39 32.62
C ASN C 40 10.23 -16.77 32.80
N SER C 41 10.09 -17.33 34.00
CA SER C 41 10.85 -18.51 34.37
C SER C 41 10.15 -19.16 35.57
N ARG C 42 10.93 -19.84 36.41
CA ARG C 42 10.54 -20.20 37.77
C ARG C 42 9.38 -21.19 37.83
N THR C 43 9.63 -22.40 37.36
CA THR C 43 8.78 -23.54 37.65
C THR C 43 8.43 -23.54 39.13
N PRO C 44 7.25 -24.02 39.51
CA PRO C 44 6.84 -23.94 40.92
C PRO C 44 7.66 -24.81 41.86
N TYR C 45 8.49 -25.71 41.34
CA TYR C 45 9.06 -26.77 42.17
C TYR C 45 10.39 -26.43 42.82
N LEU C 46 11.08 -25.39 42.37
CA LEU C 46 12.44 -25.11 42.83
C LEU C 46 12.53 -23.71 43.40
N ASP C 47 13.53 -23.49 44.24
CA ASP C 47 13.68 -22.19 44.87
C ASP C 47 15.15 -21.81 45.01
N LEU C 48 15.40 -20.51 44.96
CA LEU C 48 16.74 -19.96 45.00
C LEU C 48 17.07 -19.48 46.40
N ASN C 49 18.34 -19.18 46.60
CA ASN C 49 18.87 -18.77 47.90
C ASN C 49 19.91 -17.70 47.59
N LEU C 50 19.46 -16.44 47.56
CA LEU C 50 20.26 -15.36 46.99
C LEU C 50 21.59 -15.16 47.69
N GLU C 51 21.82 -15.80 48.82
CA GLU C 51 23.05 -15.54 49.57
C GLU C 51 24.18 -16.49 49.20
N THR C 52 23.92 -17.79 49.26
CA THR C 52 24.98 -18.77 49.03
C THR C 52 24.83 -19.52 47.71
N GLY C 53 23.96 -19.04 46.82
CA GLY C 53 23.85 -19.58 45.48
C GLY C 53 23.68 -21.08 45.37
N VAL C 54 22.68 -21.64 46.04
CA VAL C 54 22.39 -23.07 45.96
C VAL C 54 20.93 -23.23 45.56
N LEU C 55 20.60 -24.38 45.02
CA LEU C 55 19.26 -24.67 44.52
C LEU C 55 18.52 -25.61 45.46
N TYR C 56 17.33 -25.21 45.87
CA TYR C 56 16.47 -25.99 46.75
C TYR C 56 15.73 -27.08 45.97
N VAL C 57 14.73 -27.65 46.63
CA VAL C 57 13.58 -28.30 45.98
C VAL C 57 12.36 -27.87 46.79
N ASN C 58 11.37 -27.25 46.14
CA ASN C 58 10.28 -26.68 46.92
C ASN C 58 9.23 -27.70 47.32
N GLU C 59 8.51 -28.26 46.36
CA GLU C 59 7.49 -29.26 46.68
C GLU C 59 7.81 -30.56 45.99
N LYS C 60 7.27 -31.65 46.55
CA LYS C 60 7.64 -32.99 46.13
C LYS C 60 7.42 -33.17 44.63
N ILE C 61 8.37 -33.83 43.99
CA ILE C 61 8.36 -33.95 42.54
C ILE C 61 7.42 -35.08 42.14
N ASP C 62 6.66 -34.86 41.08
CA ASP C 62 5.66 -35.80 40.59
C ASP C 62 5.82 -35.96 39.09
N ARG C 63 6.39 -37.08 38.66
CA ARG C 63 6.68 -37.29 37.24
C ARG C 63 5.42 -37.24 36.40
N GLU C 64 4.30 -37.72 36.94
CA GLU C 64 3.07 -37.80 36.17
C GLU C 64 2.60 -36.42 35.74
N GLN C 65 2.58 -35.47 36.66
CA GLN C 65 2.12 -34.14 36.32
C GLN C 65 3.17 -33.33 35.58
N ILE C 66 4.46 -33.57 35.86
CA ILE C 66 5.48 -32.65 35.38
C ILE C 66 5.69 -32.81 33.88
N CYS C 67 5.73 -34.04 33.38
CA CYS C 67 5.93 -34.18 31.94
C CYS C 67 4.74 -34.91 31.33
N LYS C 68 3.56 -34.48 31.74
CA LYS C 68 2.35 -34.65 30.96
C LYS C 68 2.11 -33.50 30.00
N GLN C 69 2.89 -32.44 30.08
CA GLN C 69 2.77 -31.33 29.15
C GLN C 69 4.01 -31.11 28.28
N SER C 70 5.20 -31.53 28.72
CA SER C 70 6.40 -31.46 27.89
C SER C 70 7.02 -32.84 27.90
N PRO C 71 6.73 -33.67 26.90
CA PRO C 71 7.08 -35.09 26.98
C PRO C 71 8.53 -35.36 27.34
N SER C 72 9.48 -34.65 26.74
CA SER C 72 10.85 -34.72 27.23
C SER C 72 10.88 -34.07 28.59
N CYS C 73 11.00 -34.89 29.64
CA CYS C 73 10.81 -34.40 31.00
C CYS C 73 11.99 -33.51 31.39
N VAL C 74 11.81 -32.19 31.26
CA VAL C 74 12.86 -31.20 31.57
C VAL C 74 12.21 -30.00 32.25
N LEU C 75 13.06 -29.13 32.79
CA LEU C 75 12.62 -27.93 33.51
C LEU C 75 13.55 -26.77 33.22
N HIS C 76 13.00 -25.58 33.07
CA HIS C 76 13.74 -24.41 32.61
C HIS C 76 13.79 -23.34 33.68
N LEU C 77 14.84 -22.51 33.64
CA LEU C 77 15.10 -21.53 34.69
C LEU C 77 16.22 -20.60 34.25
N GLU C 78 16.11 -19.32 34.60
CA GLU C 78 17.11 -18.33 34.24
C GLU C 78 17.39 -17.39 35.41
N VAL C 79 18.59 -16.78 35.38
CA VAL C 79 19.00 -15.80 36.37
C VAL C 79 19.72 -14.66 35.65
N PHE C 80 19.75 -13.49 36.29
CA PHE C 80 20.43 -12.34 35.71
C PHE C 80 21.00 -11.45 36.80
N LEU C 81 22.01 -10.67 36.43
CA LEU C 81 22.71 -9.75 37.34
C LEU C 81 22.87 -8.41 36.66
N GLU C 82 23.28 -7.40 37.44
CA GLU C 82 23.45 -6.06 36.95
C GLU C 82 24.84 -5.55 37.27
N ASN C 83 25.21 -4.46 36.61
CA ASN C 83 26.50 -3.79 36.77
C ASN C 83 27.70 -4.69 36.50
N PRO C 84 27.93 -5.12 35.25
CA PRO C 84 27.12 -5.00 34.04
C PRO C 84 26.17 -6.18 33.86
N LEU C 85 25.31 -6.12 32.86
CA LEU C 85 24.18 -7.04 32.77
C LEU C 85 24.56 -8.37 32.15
N GLU C 86 24.01 -9.46 32.69
CA GLU C 86 24.27 -10.80 32.20
C GLU C 86 22.98 -11.60 32.14
N LEU C 87 23.05 -12.81 31.59
CA LEU C 87 21.86 -13.64 31.44
C LEU C 87 22.27 -15.10 31.23
N PHE C 88 21.92 -15.97 32.16
CA PHE C 88 22.37 -17.36 32.15
C PHE C 88 21.18 -18.31 32.11
N GLN C 89 21.44 -19.56 31.73
CA GLN C 89 20.40 -20.55 31.56
C GLN C 89 20.76 -21.85 32.26
N VAL C 90 19.76 -22.51 32.84
CA VAL C 90 19.92 -23.74 33.58
C VAL C 90 18.82 -24.72 33.18
N GLU C 91 19.15 -25.99 33.05
CA GLU C 91 18.15 -27.02 32.78
C GLU C 91 18.28 -28.18 33.76
N ILE C 92 17.13 -28.70 34.17
CA ILE C 92 17.02 -29.78 35.13
C ILE C 92 16.17 -30.88 34.53
N GLU C 93 16.52 -32.12 34.83
CA GLU C 93 15.85 -33.27 34.25
C GLU C 93 15.47 -34.23 35.36
N VAL C 94 14.30 -34.86 35.22
CA VAL C 94 13.77 -35.75 36.23
C VAL C 94 14.05 -37.19 35.80
N LEU C 95 14.74 -37.93 36.66
CA LEU C 95 15.15 -39.28 36.34
C LEU C 95 14.13 -40.29 36.85
N ASP C 96 14.50 -41.56 36.86
CA ASP C 96 13.62 -42.62 37.31
C ASP C 96 14.45 -43.82 37.77
N PHE D 1 49.75 36.43 46.30
CA PHE D 1 50.05 36.99 45.01
C PHE D 1 48.96 36.65 44.01
N GLU D 2 48.29 37.67 43.49
CA GLU D 2 47.13 37.45 42.64
C GLU D 2 47.54 37.30 41.18
N HIS D 3 46.64 36.72 40.40
CA HIS D 3 46.80 36.62 38.97
C HIS D 3 45.44 36.30 38.36
N ALA D 4 45.11 37.00 37.27
CA ALA D 4 43.81 36.87 36.64
C ALA D 4 43.97 36.52 35.18
N THR D 5 43.16 35.58 34.71
CA THR D 5 43.21 35.13 33.32
C THR D 5 41.79 34.88 32.83
N THR D 6 41.67 34.66 31.52
CA THR D 6 40.44 34.21 30.91
C THR D 6 40.64 32.79 30.41
N VAL D 7 39.61 31.96 30.51
CA VAL D 7 39.69 30.57 30.08
C VAL D 7 38.53 30.24 29.15
N PRO D 8 38.78 29.61 28.01
CA PRO D 8 37.67 29.17 27.16
C PRO D 8 36.99 27.94 27.73
N ASN D 9 35.67 27.86 27.50
CA ASN D 9 34.83 26.84 28.13
C ASN D 9 34.71 25.62 27.22
N VAL D 10 35.80 24.87 27.14
CA VAL D 10 35.81 23.62 26.37
C VAL D 10 36.54 22.56 27.17
N PRO D 11 35.93 21.41 27.41
CA PRO D 11 36.56 20.39 28.27
C PRO D 11 37.71 19.69 27.58
N GLY D 12 38.66 19.25 28.39
CA GLY D 12 39.78 18.46 27.89
C GLY D 12 40.78 19.23 27.05
N ILE D 13 40.91 20.53 27.26
CA ILE D 13 41.86 21.34 26.50
C ILE D 13 42.63 22.21 27.48
N PRO D 14 43.88 21.90 27.79
CA PRO D 14 44.62 22.74 28.73
C PRO D 14 44.83 24.14 28.20
N TYR D 15 44.99 25.08 29.13
CA TYR D 15 45.30 26.47 28.82
C TYR D 15 46.50 26.86 29.67
N LYS D 16 47.56 27.32 29.03
CA LYS D 16 48.83 27.54 29.73
C LYS D 16 49.12 29.03 29.86
N ALA D 17 49.84 29.38 30.91
CA ALA D 17 50.23 30.76 31.17
C ALA D 17 51.42 30.78 32.13
N LEU D 18 52.07 31.93 32.22
CA LEU D 18 53.26 32.08 33.05
C LEU D 18 53.17 33.37 33.83
N VAL D 19 53.36 33.28 35.14
CA VAL D 19 53.24 34.43 36.02
C VAL D 19 54.62 35.00 36.29
N GLU D 20 54.80 36.29 36.04
CA GLU D 20 56.10 36.93 36.09
C GLU D 20 56.19 37.75 37.38
N ARG D 21 56.60 37.10 38.46
CA ARG D 21 56.86 37.85 39.67
C ARG D 21 58.16 38.60 39.53
N ALA D 22 58.17 39.85 39.97
CA ALA D 22 59.31 40.72 39.72
C ALA D 22 60.56 40.21 40.42
N GLY D 23 60.39 39.49 41.53
CA GLY D 23 61.54 39.17 42.35
C GLY D 23 62.09 37.78 42.20
N TYR D 24 61.34 36.86 41.61
CA TYR D 24 61.77 35.47 41.58
C TYR D 24 61.77 34.90 40.16
N ALA D 25 61.96 33.60 40.05
CA ALA D 25 61.92 32.91 38.78
C ALA D 25 60.48 32.66 38.35
N PRO D 26 60.18 32.72 37.06
CA PRO D 26 58.80 32.58 36.61
C PRO D 26 58.21 31.21 36.95
N LEU D 27 56.89 31.12 36.90
CA LEU D 27 56.17 29.95 37.35
C LEU D 27 55.11 29.55 36.34
N ASN D 28 55.07 28.27 36.01
CA ASN D 28 54.15 27.74 35.03
C ASN D 28 52.81 27.40 35.66
N LEU D 29 51.78 27.34 34.82
CA LEU D 29 50.42 27.21 35.30
C LEU D 29 49.57 26.60 34.21
N GLU D 30 48.70 25.65 34.57
CA GLU D 30 47.83 25.01 33.60
C GLU D 30 46.46 24.77 34.22
N ILE D 31 45.41 25.08 33.45
CA ILE D 31 44.04 25.05 33.96
C ILE D 31 43.19 24.27 32.97
N THR D 32 42.69 23.11 33.39
CA THR D 32 41.83 22.30 32.55
C THR D 32 40.46 22.12 33.18
N VAL D 33 39.44 22.08 32.34
CA VAL D 33 38.06 21.87 32.77
C VAL D 33 37.71 20.40 32.55
N VAL D 34 37.21 19.74 33.60
CA VAL D 34 36.98 18.31 33.56
C VAL D 34 35.50 17.97 33.41
N SER D 35 34.60 18.75 33.99
CA SER D 35 33.18 18.48 33.85
C SER D 35 32.37 19.69 34.26
N SER D 36 31.25 19.91 33.58
CA SER D 36 30.35 21.00 33.87
C SER D 36 28.93 20.48 33.97
N GLU D 37 28.09 21.22 34.70
CA GLU D 37 26.68 20.87 34.88
C GLU D 37 25.83 22.13 34.88
N LEU D 38 24.58 21.98 34.45
CA LEU D 38 23.63 23.08 34.39
C LEU D 38 22.30 22.57 34.94
N THR D 39 21.85 23.12 36.05
CA THR D 39 20.70 22.56 36.77
C THR D 39 19.69 23.65 37.09
N PRO D 40 18.46 23.57 36.57
CA PRO D 40 17.47 24.62 36.83
C PRO D 40 16.58 24.30 38.03
N SER D 41 15.65 25.20 38.35
CA SER D 41 14.72 25.00 39.45
C SER D 41 13.32 24.74 38.92
N THR D 42 12.64 23.78 39.53
CA THR D 42 11.44 23.16 38.96
C THR D 42 10.37 23.00 40.03
N ASN D 43 9.13 22.87 39.58
CA ASN D 43 8.08 22.41 40.46
C ASN D 43 6.98 21.74 39.65
N LYS D 44 6.25 20.86 40.30
CA LYS D 44 5.40 19.88 39.63
C LYS D 44 3.96 20.36 39.52
N GLU D 45 3.34 20.08 38.38
CA GLU D 45 1.95 20.46 38.13
C GLU D 45 0.98 19.31 38.30
N TYR D 46 1.16 18.23 37.56
CA TYR D 46 0.27 17.08 37.68
C TYR D 46 0.87 15.87 36.99
N VAL D 47 0.18 14.74 37.13
CA VAL D 47 0.56 13.48 36.50
C VAL D 47 -0.59 13.05 35.59
N THR D 48 -0.26 12.29 34.54
CA THR D 48 -1.25 11.94 33.54
C THR D 48 -0.96 10.56 32.99
N CYS D 49 -2.01 9.82 32.69
CA CYS D 49 -1.90 8.52 32.03
C CYS D 49 -3.24 8.20 31.40
N LYS D 50 -3.42 6.94 31.00
CA LYS D 50 -4.67 6.51 30.38
C LYS D 50 -5.75 6.25 31.41
N PHE D 51 -7.01 6.44 31.02
CA PHE D 51 -8.11 6.31 31.94
C PHE D 51 -8.82 4.97 31.79
N HIS D 52 -9.69 4.69 32.76
CA HIS D 52 -10.43 3.44 32.82
C HIS D 52 -11.87 3.78 33.16
N THR D 53 -12.79 3.46 32.26
CA THR D 53 -14.20 3.81 32.45
C THR D 53 -14.89 2.71 33.23
N VAL D 54 -15.45 3.06 34.39
CA VAL D 54 -16.13 2.11 35.26
C VAL D 54 -17.62 2.37 35.17
N ILE D 55 -18.38 1.31 34.90
CA ILE D 55 -19.83 1.41 34.73
C ILE D 55 -20.49 0.49 35.74
N PRO D 56 -21.21 1.02 36.73
CA PRO D 56 -21.77 0.15 37.77
C PRO D 56 -22.99 -0.63 37.31
N SER D 57 -23.61 -1.35 38.21
CA SER D 57 -24.81 -2.12 37.93
C SER D 57 -26.03 -1.23 38.06
N PRO D 58 -26.89 -1.16 37.05
CA PRO D 58 -28.02 -0.22 37.11
C PRO D 58 -29.05 -0.66 38.12
N GLN D 59 -29.85 0.29 38.57
CA GLN D 59 -30.94 0.02 39.49
C GLN D 59 -32.27 0.36 38.83
N VAL D 60 -33.28 -0.46 39.11
CA VAL D 60 -34.60 -0.29 38.52
C VAL D 60 -35.62 -0.28 39.64
N LYS D 61 -36.68 0.48 39.43
CA LYS D 61 -37.81 0.56 40.35
C LYS D 61 -39.05 0.17 39.56
N CYS D 62 -39.78 -0.83 40.05
CA CYS D 62 -40.76 -1.50 39.21
C CYS D 62 -41.83 -0.54 38.70
N CYS D 63 -42.68 -0.02 39.57
CA CYS D 63 -43.65 0.95 39.07
C CYS D 63 -43.75 2.16 40.00
N GLY D 64 -42.60 2.74 40.31
CA GLY D 64 -42.50 4.04 40.94
C GLY D 64 -41.69 5.01 40.11
N SER D 65 -40.82 5.80 40.72
CA SER D 65 -40.00 6.74 39.97
C SER D 65 -38.76 7.11 40.75
N LEU D 66 -37.73 7.54 40.01
CA LEU D 66 -36.40 7.85 40.55
C LEU D 66 -35.91 9.18 40.00
N GLU D 67 -34.96 9.80 40.71
CA GLU D 67 -34.28 10.98 40.20
C GLU D 67 -32.87 11.01 40.75
N CYS D 68 -32.04 11.86 40.15
CA CYS D 68 -30.60 11.77 40.29
C CYS D 68 -30.05 12.71 41.35
N LYS D 69 -29.04 12.23 42.07
CA LYS D 69 -28.27 13.02 43.02
C LYS D 69 -27.01 13.52 42.33
N ALA D 70 -26.09 14.09 43.11
CA ALA D 70 -24.84 14.56 42.56
C ALA D 70 -23.69 14.16 43.48
N SER D 71 -22.58 13.74 42.88
CA SER D 71 -21.43 13.24 43.63
C SER D 71 -20.16 13.93 43.14
N SER D 72 -19.03 13.51 43.71
CA SER D 72 -17.77 14.19 43.52
C SER D 72 -16.80 13.44 42.62
N LYS D 73 -17.15 12.24 42.15
CA LYS D 73 -16.24 11.44 41.35
C LYS D 73 -15.91 12.15 40.03
N ALA D 74 -14.93 11.61 39.32
CA ALA D 74 -14.38 12.28 38.15
C ALA D 74 -15.30 12.10 36.96
N ASP D 75 -15.79 13.21 36.42
CA ASP D 75 -16.66 13.23 35.24
C ASP D 75 -17.89 12.33 35.45
N TYR D 76 -18.71 12.72 36.43
CA TYR D 76 -19.92 11.98 36.76
C TYR D 76 -21.02 12.30 35.76
N THR D 77 -21.79 11.29 35.39
CA THR D 77 -22.87 11.46 34.41
C THR D 77 -24.02 10.52 34.78
N CYS D 78 -25.26 10.99 34.64
CA CYS D 78 -26.42 10.24 35.10
C CYS D 78 -27.63 10.58 34.25
N ARG D 79 -28.51 9.60 34.03
CA ARG D 79 -29.73 9.82 33.26
C ARG D 79 -30.79 8.80 33.66
N VAL D 80 -32.05 9.15 33.41
CA VAL D 80 -33.20 8.33 33.78
C VAL D 80 -34.04 8.08 32.53
N PHE D 81 -34.65 6.89 32.44
CA PHE D 81 -35.39 6.49 31.26
C PHE D 81 -36.78 5.98 31.62
N GLY D 82 -37.66 5.94 30.62
CA GLY D 82 -39.08 5.71 30.81
C GLY D 82 -39.49 4.26 31.04
N GLY D 83 -40.60 3.83 30.43
CA GLY D 83 -41.09 2.47 30.64
C GLY D 83 -40.36 1.47 29.78
N VAL D 84 -39.83 0.41 30.41
CA VAL D 84 -38.85 -0.44 29.74
C VAL D 84 -39.18 -1.92 29.72
N TYR D 85 -39.52 -2.52 30.87
CA TYR D 85 -39.79 -3.96 30.96
C TYR D 85 -38.59 -4.84 30.58
N PRO D 86 -37.58 -4.97 31.45
CA PRO D 86 -36.36 -5.70 31.10
C PRO D 86 -36.38 -7.18 31.48
N PHE D 87 -35.42 -7.92 30.89
CA PHE D 87 -35.41 -9.38 30.89
C PHE D 87 -34.04 -9.93 31.28
N MET D 88 -34.03 -11.04 32.01
CA MET D 88 -32.81 -11.80 32.31
C MET D 88 -33.05 -13.27 32.01
N TRP D 89 -32.14 -14.14 32.44
CA TRP D 89 -32.26 -15.57 32.09
C TRP D 89 -33.56 -16.17 32.61
N GLY D 90 -33.94 -15.83 33.83
CA GLY D 90 -35.16 -16.40 34.39
C GLY D 90 -36.44 -15.82 33.82
N GLY D 91 -36.37 -14.69 33.13
CA GLY D 91 -37.56 -14.10 32.55
C GLY D 91 -37.75 -12.63 32.82
N ALA D 92 -39.00 -12.20 32.88
CA ALA D 92 -39.33 -10.80 33.15
C ALA D 92 -39.11 -10.47 34.62
N GLN D 93 -38.71 -9.22 34.88
CA GLN D 93 -38.21 -8.86 36.20
C GLN D 93 -39.07 -7.87 37.00
N CYS D 94 -40.14 -7.33 36.43
CA CYS D 94 -41.07 -6.49 37.19
C CYS D 94 -42.51 -6.96 36.97
N PHE D 95 -43.46 -6.26 37.60
CA PHE D 95 -44.85 -6.68 37.62
C PHE D 95 -45.84 -5.62 37.14
N CYS D 96 -45.40 -4.39 36.92
CA CYS D 96 -46.18 -3.37 36.21
C CYS D 96 -45.54 -3.23 34.83
N ASP D 97 -46.33 -3.37 33.76
CA ASP D 97 -45.74 -3.53 32.45
C ASP D 97 -45.42 -2.21 31.73
N SER D 98 -45.71 -1.07 32.34
CA SER D 98 -45.07 0.19 31.94
C SER D 98 -44.66 0.94 33.19
N GLU D 99 -44.26 2.19 33.06
CA GLU D 99 -43.77 3.02 34.18
C GLU D 99 -42.72 2.28 35.01
N ASN D 100 -41.56 2.05 34.38
CA ASN D 100 -40.53 1.16 34.91
C ASN D 100 -39.14 1.81 34.85
N THR D 101 -38.98 3.01 35.41
CA THR D 101 -37.74 3.78 35.25
C THR D 101 -36.47 2.99 35.56
N GLN D 102 -35.35 3.44 34.97
CA GLN D 102 -34.04 2.84 35.15
C GLN D 102 -32.95 3.92 35.17
N LEU D 103 -31.93 3.71 35.99
CA LEU D 103 -30.86 4.68 36.21
C LEU D 103 -29.51 4.18 35.71
N SER D 104 -28.66 5.11 35.25
CA SER D 104 -27.38 4.78 34.64
C SER D 104 -26.30 5.74 35.11
N GLU D 105 -25.09 5.22 35.33
CA GLU D 105 -23.98 6.00 35.88
C GLU D 105 -22.70 5.71 35.11
N ALA D 106 -21.69 6.57 35.29
CA ALA D 106 -20.38 6.37 34.67
C ALA D 106 -19.37 7.35 35.27
N TYR D 107 -18.11 6.91 35.36
CA TYR D 107 -17.00 7.77 35.75
C TYR D 107 -15.68 7.09 35.40
N VAL D 108 -14.58 7.81 35.62
CA VAL D 108 -13.26 7.40 35.15
C VAL D 108 -12.29 7.27 36.32
N GLU D 109 -11.24 6.48 36.08
CA GLU D 109 -10.20 6.22 37.07
C GLU D 109 -8.84 6.11 36.38
N PHE D 110 -7.84 5.67 37.13
CA PHE D 110 -6.51 5.37 36.62
C PHE D 110 -6.37 3.89 36.31
N ALA D 111 -5.79 3.56 35.17
CA ALA D 111 -5.55 2.18 34.81
C ALA D 111 -4.59 1.55 35.82
N PRO D 112 -4.63 0.23 36.01
CA PRO D 112 -3.78 -0.40 37.02
C PRO D 112 -2.30 -0.49 36.63
N ASP D 113 -1.96 -0.26 35.37
CA ASP D 113 -0.60 -0.33 34.89
C ASP D 113 0.08 1.03 34.81
N CYS D 114 -0.57 2.08 35.31
CA CYS D 114 0.00 3.41 35.17
C CYS D 114 1.18 3.66 36.09
N THR D 115 1.46 2.75 37.02
CA THR D 115 2.61 2.93 37.90
C THR D 115 3.93 2.86 37.15
N ILE D 116 3.93 2.48 35.88
CA ILE D 116 5.13 2.49 35.08
C ILE D 116 5.02 3.38 33.84
N ASP D 117 3.82 3.66 33.36
CA ASP D 117 3.62 4.46 32.15
C ASP D 117 2.87 5.73 32.50
N HIS D 118 3.61 6.77 32.89
CA HIS D 118 2.98 8.05 33.19
C HIS D 118 3.92 9.18 32.80
N ALA D 119 3.42 10.41 32.93
CA ALA D 119 4.19 11.59 32.59
C ALA D 119 4.07 12.63 33.69
N VAL D 120 5.01 13.55 33.72
CA VAL D 120 5.04 14.62 34.71
C VAL D 120 5.18 15.94 33.98
N ALA D 121 4.51 16.98 34.49
CA ALA D 121 4.50 18.30 33.87
C ALA D 121 5.17 19.30 34.80
N LEU D 122 6.15 20.02 34.26
CA LEU D 122 7.02 20.86 35.07
C LEU D 122 7.17 22.26 34.48
N LYS D 123 7.46 23.22 35.35
CA LYS D 123 7.83 24.58 34.98
C LYS D 123 9.25 24.85 35.44
N VAL D 124 10.01 25.60 34.64
CA VAL D 124 11.44 25.78 34.91
C VAL D 124 11.78 27.26 34.97
N HIS D 125 12.96 27.54 35.50
CA HIS D 125 13.35 28.88 35.92
C HIS D 125 14.81 29.09 35.52
N THR D 126 15.43 30.10 36.12
CA THR D 126 16.83 30.41 35.86
C THR D 126 17.73 29.22 36.15
N ALA D 127 18.85 29.16 35.45
CA ALA D 127 19.80 28.07 35.53
C ALA D 127 21.08 28.51 36.23
N ALA D 128 21.82 27.53 36.75
CA ALA D 128 23.10 27.77 37.40
C ALA D 128 24.15 26.90 36.73
N LEU D 129 25.41 27.22 36.96
CA LEU D 129 26.51 26.48 36.36
C LEU D 129 27.55 26.15 37.41
N LYS D 130 28.13 24.96 37.29
CA LYS D 130 29.07 24.44 38.28
C LYS D 130 30.11 23.58 37.58
N VAL D 131 31.38 23.80 37.90
CA VAL D 131 32.47 23.20 37.14
C VAL D 131 33.44 22.50 38.07
N GLY D 132 34.23 21.60 37.50
CA GLY D 132 35.30 20.92 38.21
C GLY D 132 36.63 21.09 37.50
N LEU D 133 37.63 21.63 38.19
CA LEU D 133 38.88 22.05 37.57
C LEU D 133 40.04 21.19 38.05
N ARG D 134 41.09 21.13 37.22
CA ARG D 134 42.38 20.56 37.60
C ARG D 134 43.45 21.62 37.40
N ILE D 135 44.22 21.90 38.45
CA ILE D 135 45.16 23.02 38.46
C ILE D 135 46.53 22.51 38.85
N VAL D 136 47.52 22.77 38.02
CA VAL D 136 48.90 22.43 38.33
C VAL D 136 49.70 23.71 38.40
N TYR D 137 50.53 23.82 39.42
CA TYR D 137 51.37 24.99 39.60
C TYR D 137 52.68 24.50 40.21
N GLY D 138 53.79 24.77 39.53
CA GLY D 138 55.05 24.28 40.02
C GLY D 138 55.11 22.78 40.00
N ASN D 139 55.01 22.16 41.18
CA ASN D 139 55.19 20.73 41.29
C ASN D 139 54.09 20.08 42.14
N THR D 140 52.88 20.63 42.09
CA THR D 140 51.76 20.08 42.84
C THR D 140 50.49 20.16 42.01
N THR D 141 49.59 19.20 42.22
CA THR D 141 48.31 19.18 41.55
C THR D 141 47.17 19.31 42.55
N ALA D 142 46.03 19.78 42.06
CA ALA D 142 44.87 20.04 42.91
C ALA D 142 43.59 19.92 42.11
N HIS D 143 42.53 19.45 42.77
CA HIS D 143 41.20 19.33 42.21
C HIS D 143 40.21 20.11 43.06
N LEU D 144 39.15 20.62 42.43
CA LEU D 144 38.15 21.37 43.18
C LEU D 144 36.94 21.65 42.29
N ASP D 145 35.83 22.04 42.94
CA ASP D 145 34.59 22.39 42.29
C ASP D 145 34.08 23.72 42.81
N THR D 146 33.57 24.57 41.92
CA THR D 146 33.10 25.89 42.31
C THR D 146 31.80 26.23 41.61
N PHE D 147 31.14 27.27 42.11
CA PHE D 147 29.98 27.87 41.46
C PHE D 147 30.43 29.11 40.69
N VAL D 148 30.07 29.18 39.42
CA VAL D 148 30.44 30.32 38.59
C VAL D 148 29.31 31.35 38.72
N ASN D 149 29.39 32.18 39.75
CA ASN D 149 28.42 33.24 39.92
C ASN D 149 29.04 34.61 39.99
N GLY D 150 30.15 34.75 40.70
CA GLY D 150 30.87 36.00 40.72
C GLY D 150 31.46 36.32 42.07
N VAL D 151 30.96 35.68 43.12
CA VAL D 151 31.32 36.05 44.48
C VAL D 151 31.82 34.85 45.27
N THR D 152 31.05 33.76 45.26
CA THR D 152 31.28 32.62 46.14
C THR D 152 32.71 32.11 46.05
N PRO D 153 33.42 32.04 47.17
CA PRO D 153 34.80 31.51 47.13
C PRO D 153 34.81 30.03 46.87
N GLY D 154 35.99 29.49 46.62
CA GLY D 154 36.12 28.18 46.05
C GLY D 154 36.27 27.08 47.08
N SER D 155 37.46 26.50 47.11
CA SER D 155 37.64 25.21 47.74
C SER D 155 38.97 25.08 48.47
N SER D 156 39.42 23.85 48.63
CA SER D 156 40.10 23.34 49.82
C SER D 156 41.40 24.08 50.15
N ARG D 157 41.31 24.93 51.17
CA ARG D 157 42.28 25.05 52.26
C ARG D 157 43.72 25.32 51.85
N ASP D 158 43.99 25.39 50.59
CA ASP D 158 45.36 25.61 50.18
C ASP D 158 45.46 26.64 49.07
N LEU D 159 44.37 26.88 48.37
CA LEU D 159 44.36 27.67 47.15
C LEU D 159 43.03 28.39 47.07
N LYS D 160 43.06 29.69 47.16
CA LYS D 160 41.84 30.47 46.98
C LYS D 160 41.59 30.71 45.51
N VAL D 161 40.34 30.55 45.11
CA VAL D 161 39.96 30.73 43.71
C VAL D 161 38.50 31.19 43.66
N ILE D 162 38.23 32.16 42.79
CA ILE D 162 36.86 32.62 42.54
C ILE D 162 36.66 32.80 41.05
N ALA D 163 35.53 32.34 40.54
CA ALA D 163 35.21 32.36 39.13
C ALA D 163 34.07 33.33 38.86
N GLY D 164 33.60 33.34 37.61
CA GLY D 164 32.42 34.08 37.25
C GLY D 164 32.69 35.53 36.96
N PRO D 165 31.76 36.20 36.28
CA PRO D 165 30.55 35.63 35.68
C PRO D 165 30.73 35.18 34.24
N ILE D 166 29.71 34.50 33.69
CA ILE D 166 29.76 33.99 32.33
C ILE D 166 29.50 35.11 31.35
N SER D 167 30.06 34.97 30.14
CA SER D 167 29.93 35.99 29.11
C SER D 167 28.78 35.71 28.14
N ALA D 168 27.87 34.82 28.49
CA ALA D 168 26.73 34.52 27.63
C ALA D 168 25.73 33.70 28.42
N ALA D 169 24.45 34.02 28.26
CA ALA D 169 23.39 33.31 28.96
C ALA D 169 22.71 32.38 27.98
N PHE D 170 22.64 31.10 28.32
CA PHE D 170 22.07 30.12 27.41
C PHE D 170 21.50 28.97 28.22
N SER D 171 20.27 28.59 27.90
CA SER D 171 19.62 27.48 28.54
C SER D 171 18.88 26.74 27.43
N PRO D 172 19.02 25.42 27.33
CA PRO D 172 18.27 24.67 26.31
C PRO D 172 16.82 24.41 26.68
N PHE D 173 16.41 24.71 27.91
CA PHE D 173 15.07 24.39 28.39
C PHE D 173 14.11 25.54 28.16
N ASP D 174 12.92 25.21 27.66
CA ASP D 174 11.86 26.19 27.50
C ASP D 174 11.13 26.39 28.82
N HIS D 175 9.96 27.02 28.81
CA HIS D 175 9.25 27.29 30.05
C HIS D 175 8.38 26.12 30.52
N LYS D 176 8.14 25.12 29.67
CA LYS D 176 7.29 23.99 30.02
C LYS D 176 7.91 22.70 29.49
N VAL D 177 8.02 21.69 30.35
CA VAL D 177 8.77 20.47 30.04
C VAL D 177 7.97 19.26 30.51
N VAL D 178 8.02 18.18 29.71
CA VAL D 178 7.38 16.90 30.01
C VAL D 178 8.46 15.83 30.16
N ILE D 179 8.21 14.86 31.03
CA ILE D 179 9.16 13.77 31.29
C ILE D 179 8.41 12.44 31.26
N ARG D 180 8.91 11.50 30.45
CA ARG D 180 8.30 10.18 30.33
C ARG D 180 9.40 9.12 30.20
N LYS D 181 9.56 8.31 31.24
CA LYS D 181 10.51 7.17 31.22
C LYS D 181 11.91 7.58 30.81
N GLY D 182 12.33 8.80 31.14
CA GLY D 182 13.69 9.23 30.91
C GLY D 182 13.92 10.06 29.68
N LEU D 183 12.88 10.41 28.93
CA LEU D 183 13.00 11.27 27.76
C LEU D 183 12.36 12.62 28.08
N VAL D 184 12.93 13.68 27.55
CA VAL D 184 12.54 15.05 27.87
C VAL D 184 12.09 15.75 26.60
N TYR D 185 10.90 16.35 26.64
CA TYR D 185 10.31 17.01 25.50
C TYR D 185 9.98 18.46 25.85
N ASN D 186 9.82 19.28 24.82
CA ASN D 186 9.47 20.70 24.96
C ASN D 186 8.04 20.89 24.47
N TYR D 187 7.09 20.93 25.40
CA TYR D 187 5.68 20.97 25.06
C TYR D 187 5.02 22.16 25.76
N ASP D 188 3.77 22.42 25.40
CA ASP D 188 3.01 23.56 25.92
C ASP D 188 1.65 23.02 26.39
N PHE D 189 1.59 22.56 27.61
CA PHE D 189 0.40 21.83 28.04
C PHE D 189 -0.66 22.76 28.61
N PRO D 190 -1.91 22.32 28.67
CA PRO D 190 -2.92 23.10 29.37
C PRO D 190 -2.63 23.20 30.86
N GLU D 191 -3.28 24.15 31.51
CA GLU D 191 -3.01 24.47 32.89
C GLU D 191 -3.65 23.41 33.80
N TYR D 192 -3.67 23.69 35.10
CA TYR D 192 -4.34 22.81 36.07
C TYR D 192 -5.81 23.24 36.15
N GLY D 193 -6.68 22.50 35.48
CA GLY D 193 -8.09 22.80 35.46
C GLY D 193 -8.65 23.13 34.10
N ALA D 194 -7.81 23.39 33.10
CA ALA D 194 -8.29 23.72 31.76
C ALA D 194 -8.28 22.49 30.86
N MET D 195 -9.02 21.47 31.27
CA MET D 195 -9.06 20.24 30.50
C MET D 195 -9.92 20.41 29.26
N LYS D 196 -9.53 19.75 28.18
CA LYS D 196 -10.41 19.68 27.02
C LYS D 196 -10.28 18.32 26.36
N PRO D 197 -11.38 17.71 25.96
CA PRO D 197 -11.36 16.30 25.57
C PRO D 197 -10.64 16.08 24.25
N GLY D 198 -9.88 14.99 24.19
CA GLY D 198 -9.20 14.60 22.98
C GLY D 198 -7.77 15.07 22.85
N ALA D 199 -7.19 15.66 23.89
CA ALA D 199 -5.84 16.19 23.82
C ALA D 199 -5.08 15.80 25.08
N PHE D 200 -3.81 16.18 25.11
CA PHE D 200 -2.98 15.88 26.28
C PHE D 200 -3.57 16.53 27.51
N GLY D 201 -3.60 15.79 28.60
CA GLY D 201 -4.10 16.34 29.85
C GLY D 201 -5.59 16.41 29.91
N ASP D 202 -6.26 15.29 29.64
CA ASP D 202 -7.71 15.21 29.84
C ASP D 202 -8.07 14.64 31.20
N ILE D 203 -7.15 13.96 31.86
CA ILE D 203 -7.32 13.55 33.25
C ILE D 203 -6.09 14.04 34.02
N GLN D 204 -6.31 14.59 35.20
CA GLN D 204 -5.25 15.21 35.97
C GLN D 204 -5.39 14.86 37.44
N ALA D 205 -4.25 14.79 38.13
CA ALA D 205 -4.22 14.57 39.57
C ALA D 205 -2.85 14.95 40.08
N SER D 206 -2.76 15.20 41.39
CA SER D 206 -1.52 15.65 41.99
C SER D 206 -0.56 14.51 42.31
N SER D 207 -1.07 13.29 42.47
CA SER D 207 -0.22 12.14 42.71
C SER D 207 -0.94 10.91 42.19
N LEU D 208 -0.21 9.79 42.13
CA LEU D 208 -0.78 8.57 41.59
C LEU D 208 -1.74 7.88 42.53
N ASP D 209 -1.69 8.17 43.83
CA ASP D 209 -2.55 7.51 44.80
C ASP D 209 -3.50 8.49 45.48
N ALA D 210 -3.77 9.63 44.87
CA ALA D 210 -4.59 10.64 45.51
C ALA D 210 -6.07 10.26 45.44
N THR D 211 -6.92 11.17 45.90
CA THR D 211 -8.34 10.92 45.97
C THR D 211 -9.17 11.97 45.25
N ASP D 212 -8.55 13.04 44.73
CA ASP D 212 -9.27 14.12 44.07
C ASP D 212 -8.79 14.19 42.63
N ILE D 213 -9.60 13.70 41.70
CA ILE D 213 -9.23 13.62 40.31
C ILE D 213 -10.28 14.35 39.49
N VAL D 214 -9.83 15.18 38.56
CA VAL D 214 -10.73 15.90 37.67
C VAL D 214 -10.47 15.44 36.24
N ALA D 215 -11.50 15.55 35.40
CA ALA D 215 -11.40 15.07 34.02
C ALA D 215 -12.54 15.63 33.19
N ARG D 216 -12.38 15.52 31.87
CA ARG D 216 -13.42 15.93 30.93
C ARG D 216 -13.26 15.10 29.66
N THR D 217 -14.08 14.05 29.52
CA THR D 217 -13.90 13.08 28.46
C THR D 217 -15.10 12.95 27.53
N ASP D 218 -16.11 13.80 27.67
CA ASP D 218 -17.20 13.90 26.71
C ASP D 218 -17.95 12.57 26.56
N ILE D 219 -18.60 12.17 27.65
CA ILE D 219 -19.31 10.90 27.71
C ILE D 219 -20.80 11.18 27.71
N ARG D 220 -21.55 10.47 26.86
CA ARG D 220 -22.99 10.63 26.80
C ARG D 220 -23.67 9.26 26.73
N LEU D 221 -24.85 9.18 27.33
CA LEU D 221 -25.54 7.92 27.53
C LEU D 221 -26.76 7.83 26.63
N LEU D 222 -27.00 6.65 26.09
CA LEU D 222 -28.08 6.40 25.14
C LEU D 222 -29.13 5.49 25.75
N LYS D 223 -30.21 5.29 25.01
CA LYS D 223 -31.40 4.55 25.39
C LYS D 223 -31.34 3.12 24.87
N PRO D 224 -31.69 2.12 25.67
CA PRO D 224 -31.52 0.73 25.23
C PRO D 224 -32.46 0.37 24.10
N SER D 225 -31.93 -0.34 23.10
CA SER D 225 -32.77 -0.80 21.99
C SER D 225 -33.26 -2.22 22.23
N VAL D 226 -32.34 -3.16 22.38
CA VAL D 226 -32.70 -4.55 22.64
C VAL D 226 -32.96 -4.72 24.13
N LYS D 227 -33.96 -5.51 24.48
CA LYS D 227 -34.46 -5.53 25.86
C LYS D 227 -33.87 -6.63 26.72
N ASN D 228 -32.55 -6.83 26.79
CA ASN D 228 -32.16 -7.81 27.78
C ASN D 228 -31.82 -7.12 29.08
N ILE D 229 -30.61 -6.56 29.18
CA ILE D 229 -30.29 -5.49 30.10
C ILE D 229 -28.86 -5.06 29.81
N HIS D 230 -28.62 -3.75 29.71
CA HIS D 230 -27.28 -3.21 29.59
C HIS D 230 -27.35 -1.68 29.49
N VAL D 231 -26.18 -1.03 29.46
CA VAL D 231 -26.11 0.42 29.33
C VAL D 231 -25.15 0.78 28.21
N PRO D 232 -25.59 1.43 27.15
CA PRO D 232 -24.68 1.86 26.08
C PRO D 232 -24.17 3.29 26.25
N TYR D 233 -22.99 3.53 25.69
CA TYR D 233 -22.34 4.84 25.80
C TYR D 233 -21.39 5.04 24.63
N THR D 234 -20.98 6.29 24.43
CA THR D 234 -19.93 6.63 23.50
C THR D 234 -18.99 7.64 24.14
N GLN D 235 -17.75 7.67 23.65
CA GLN D 235 -16.71 8.43 24.32
C GLN D 235 -15.65 8.83 23.30
N ALA D 236 -14.83 9.80 23.68
CA ALA D 236 -13.73 10.24 22.83
C ALA D 236 -12.47 9.43 23.12
N VAL D 237 -11.48 9.58 22.27
CA VAL D 237 -10.23 8.87 22.45
C VAL D 237 -9.39 9.56 23.52
N SER D 238 -8.45 8.82 24.09
CA SER D 238 -7.62 9.37 25.16
C SER D 238 -6.49 10.19 24.56
N GLY D 239 -6.31 11.40 25.08
CA GLY D 239 -5.29 12.28 24.54
C GLY D 239 -3.89 11.78 24.77
N TYR D 240 -3.68 11.00 25.81
CA TYR D 240 -2.37 10.41 26.06
C TYR D 240 -1.93 9.56 24.87
N GLU D 241 -2.81 8.68 24.39
CA GLU D 241 -2.45 7.82 23.27
C GLU D 241 -2.23 8.63 22.00
N MET D 242 -3.01 9.69 21.80
CA MET D 242 -2.82 10.49 20.60
C MET D 242 -1.50 11.25 20.64
N TRP D 243 -1.06 11.65 21.83
CA TRP D 243 0.22 12.35 21.93
C TRP D 243 1.39 11.42 21.66
N LYS D 244 1.29 10.15 22.06
CA LYS D 244 2.37 9.20 21.83
C LYS D 244 2.58 8.92 20.35
N ASN D 245 1.60 9.21 19.50
CA ASN D 245 1.75 9.00 18.08
C ASN D 245 2.40 10.17 17.36
N ASN D 246 2.35 11.36 17.94
CA ASN D 246 2.92 12.54 17.31
C ASN D 246 3.88 13.25 18.24
N SER D 247 4.71 12.51 18.95
CA SER D 247 5.55 13.12 19.97
C SER D 247 6.69 13.92 19.35
N GLY D 248 7.41 13.33 18.41
CA GLY D 248 8.59 13.96 17.84
C GLY D 248 9.87 13.36 18.37
N ARG D 249 10.95 14.02 18.10
CA ARG D 249 12.10 13.39 18.70
C ARG D 249 12.47 14.06 20.02
N PRO D 250 13.06 13.32 20.95
CA PRO D 250 13.34 13.89 22.28
C PRO D 250 14.37 15.02 22.26
N LEU D 251 14.66 15.58 23.43
CA LEU D 251 15.63 16.66 23.52
C LEU D 251 17.07 16.14 23.52
N GLN D 252 17.28 14.86 23.79
CA GLN D 252 18.62 14.29 23.68
C GLN D 252 19.14 14.29 22.25
N GLU D 253 18.37 14.77 21.28
CA GLU D 253 18.83 14.77 19.90
C GLU D 253 18.57 16.09 19.19
N THR D 254 18.35 17.17 19.94
CA THR D 254 18.15 18.48 19.35
C THR D 254 18.91 19.58 20.08
N ALA D 255 19.51 19.31 21.23
CA ALA D 255 20.11 20.36 22.03
C ALA D 255 21.33 20.95 21.32
N PRO D 256 21.43 22.26 21.22
CA PRO D 256 22.62 22.86 20.61
C PRO D 256 23.84 22.78 21.51
N PHE D 257 24.97 23.21 20.96
CA PHE D 257 26.28 23.21 21.62
C PHE D 257 26.68 21.82 22.10
N GLY D 258 26.03 20.76 21.61
CA GLY D 258 26.43 19.40 21.91
C GLY D 258 26.39 19.03 23.38
N CYS D 259 25.19 18.97 23.95
CA CYS D 259 25.02 18.74 25.37
C CYS D 259 24.42 17.36 25.64
N LYS D 260 24.57 16.91 26.88
CA LYS D 260 24.02 15.65 27.34
C LYS D 260 22.88 15.94 28.32
N ILE D 261 21.73 15.32 28.09
CA ILE D 261 20.51 15.62 28.87
C ILE D 261 20.21 14.43 29.78
N GLU D 262 20.29 14.65 31.08
CA GLU D 262 20.12 13.58 32.05
C GLU D 262 19.11 13.98 33.13
N VAL D 263 18.39 12.99 33.64
CA VAL D 263 17.29 13.22 34.57
C VAL D 263 17.67 12.70 35.94
N GLU D 264 16.83 13.01 36.92
CA GLU D 264 16.97 12.60 38.31
C GLU D 264 18.22 13.17 38.98
N PRO D 265 18.31 14.48 39.22
CA PRO D 265 17.43 15.59 38.84
C PRO D 265 17.71 16.07 37.42
N LEU D 266 16.95 17.06 36.97
CA LEU D 266 17.10 17.55 35.60
C LEU D 266 18.40 18.34 35.47
N ARG D 267 19.20 18.01 34.45
CA ARG D 267 20.45 18.72 34.26
C ARG D 267 20.95 18.51 32.83
N ALA D 268 21.75 19.45 32.37
CA ALA D 268 22.47 19.36 31.11
C ALA D 268 23.96 19.34 31.41
N SER D 269 24.67 18.39 30.84
CA SER D 269 26.04 18.09 31.24
C SER D 269 26.99 18.24 30.06
N ASN D 270 28.13 18.87 30.31
CA ASN D 270 29.22 19.03 29.34
C ASN D 270 28.79 19.77 28.09
N CYS D 271 28.42 21.04 28.26
CA CYS D 271 28.23 21.96 27.15
C CYS D 271 29.49 22.79 26.95
N ALA D 272 29.55 23.50 25.82
CA ALA D 272 30.77 24.23 25.45
C ALA D 272 30.42 25.59 24.85
N TYR D 273 30.39 26.63 25.67
CA TYR D 273 30.08 27.96 25.18
C TYR D 273 30.72 29.04 26.05
N GLY D 274 31.18 30.10 25.40
CA GLY D 274 31.55 31.32 26.12
C GLY D 274 32.86 31.22 26.87
N HIS D 275 33.27 32.36 27.43
CA HIS D 275 34.53 32.51 28.12
C HIS D 275 34.29 32.74 29.61
N ILE D 276 35.26 32.31 30.42
CA ILE D 276 35.14 32.34 31.88
C ILE D 276 36.34 33.06 32.47
N PRO D 277 36.14 34.13 33.24
CA PRO D 277 37.26 34.76 33.95
C PRO D 277 37.54 34.12 35.30
N ILE D 278 38.80 34.15 35.69
CA ILE D 278 39.26 33.47 36.89
C ILE D 278 40.33 34.31 37.58
N SER D 279 40.16 34.55 38.87
CA SER D 279 41.21 35.08 39.73
C SER D 279 41.70 33.98 40.65
N ILE D 280 42.99 33.97 40.93
CA ILE D 280 43.58 32.90 41.72
C ILE D 280 44.69 33.49 42.59
N ASP D 281 44.83 32.94 43.79
CA ASP D 281 45.82 33.40 44.75
C ASP D 281 46.72 32.23 45.09
N ILE D 282 48.02 32.42 44.95
CA ILE D 282 48.98 31.32 45.03
C ILE D 282 49.75 31.41 46.33
N PRO D 283 49.94 30.32 47.05
CA PRO D 283 50.73 30.37 48.28
C PRO D 283 52.16 30.80 48.01
N ASP D 284 52.77 31.41 49.02
CA ASP D 284 54.07 32.04 48.83
C ASP D 284 55.23 31.05 48.81
N ALA D 285 55.06 29.86 49.39
CA ALA D 285 56.19 28.95 49.51
C ALA D 285 56.59 28.36 48.17
N ALA D 286 55.72 28.42 47.17
CA ALA D 286 56.00 27.76 45.91
C ALA D 286 56.87 28.58 44.98
N PHE D 287 57.16 29.84 45.30
CA PHE D 287 58.09 30.63 44.52
C PHE D 287 59.50 30.39 45.01
N VAL D 288 60.44 30.29 44.07
CA VAL D 288 61.84 30.08 44.40
C VAL D 288 62.62 31.27 43.86
N ARG D 289 63.35 31.95 44.74
CA ARG D 289 63.98 33.18 44.36
C ARG D 289 65.07 32.96 43.33
N SER D 290 65.47 34.04 42.66
CA SER D 290 66.18 33.95 41.40
C SER D 290 67.59 33.39 41.54
N SER D 291 68.19 33.46 42.72
CA SER D 291 69.59 33.08 42.83
C SER D 291 69.82 31.59 42.73
N GLU D 292 68.79 30.78 42.47
CA GLU D 292 68.98 29.34 42.38
C GLU D 292 68.74 28.78 40.99
N SER D 293 67.85 29.38 40.23
CA SER D 293 67.57 28.92 38.88
C SER D 293 68.83 29.01 38.02
N PRO D 294 68.89 28.25 36.93
CA PRO D 294 69.99 28.44 35.97
C PRO D 294 70.04 29.86 35.45
N THR D 295 71.14 30.18 34.81
CA THR D 295 71.25 31.38 33.99
C THR D 295 71.80 30.97 32.63
N ILE D 296 71.10 31.38 31.58
CA ILE D 296 71.49 31.03 30.24
C ILE D 296 72.26 32.19 29.63
N LEU D 297 72.91 31.94 28.50
CA LEU D 297 73.78 32.94 27.90
C LEU D 297 73.55 33.19 26.42
N GLU D 298 72.91 32.28 25.69
CA GLU D 298 72.57 32.58 24.30
C GLU D 298 71.48 31.62 23.86
N VAL D 299 70.73 32.02 22.82
CA VAL D 299 69.62 31.21 22.34
C VAL D 299 69.35 31.61 20.89
N SER D 300 68.93 30.64 20.09
CA SER D 300 68.62 30.86 18.69
C SER D 300 67.55 29.86 18.27
N CYS D 301 66.56 30.35 17.54
CA CYS D 301 65.38 29.56 17.21
C CYS D 301 65.46 29.12 15.75
N THR D 302 65.66 27.82 15.54
CA THR D 302 65.60 27.23 14.22
C THR D 302 64.32 26.42 14.09
N VAL D 303 63.57 26.66 13.02
CA VAL D 303 62.27 26.05 12.81
C VAL D 303 62.36 25.10 11.63
N ALA D 304 61.86 23.89 11.81
CA ALA D 304 61.75 22.91 10.74
C ALA D 304 60.37 23.07 10.08
N ASP D 305 59.95 22.08 9.30
CA ASP D 305 58.70 22.20 8.56
C ASP D 305 57.51 22.33 9.49
N CYS D 306 56.39 22.78 8.94
CA CYS D 306 55.17 22.91 9.72
C CYS D 306 53.95 22.79 8.83
N ILE D 307 52.84 22.51 9.49
CA ILE D 307 51.51 22.51 8.91
C ILE D 307 50.63 23.26 9.90
N TYR D 308 49.61 23.93 9.41
CA TYR D 308 48.64 24.52 10.33
C TYR D 308 47.39 23.66 10.33
N SER D 309 47.26 22.84 11.37
CA SER D 309 46.19 21.86 11.49
C SER D 309 45.59 21.92 12.88
N ALA D 310 44.78 20.93 13.23
CA ALA D 310 44.18 20.88 14.56
C ALA D 310 44.95 19.98 15.52
N ASP D 311 46.09 19.47 15.10
CA ASP D 311 46.96 18.70 15.98
C ASP D 311 48.39 19.21 15.87
N PHE D 312 49.34 18.53 16.49
CA PHE D 312 50.68 19.09 16.66
C PHE D 312 51.47 18.88 15.38
N GLY D 313 51.54 19.92 14.55
CA GLY D 313 52.13 19.83 13.24
C GLY D 313 53.35 20.70 13.02
N GLY D 314 54.28 20.73 13.95
CA GLY D 314 55.46 21.55 13.79
C GLY D 314 56.62 21.02 14.61
N SER D 315 57.69 21.82 14.64
CA SER D 315 58.90 21.48 15.38
C SER D 315 59.77 22.72 15.48
N LEU D 316 60.73 22.67 16.41
CA LEU D 316 61.80 23.66 16.46
C LEU D 316 62.89 23.13 17.36
N THR D 317 64.04 23.80 17.34
CA THR D 317 65.18 23.41 18.16
C THR D 317 65.95 24.65 18.57
N LEU D 318 66.34 24.71 19.85
CA LEU D 318 67.06 25.85 20.39
C LEU D 318 68.52 25.49 20.62
N GLN D 319 69.33 26.52 20.84
CA GLN D 319 70.76 26.36 21.05
C GLN D 319 71.17 27.24 22.23
N TYR D 320 71.58 26.62 23.33
CA TYR D 320 71.85 27.35 24.57
C TYR D 320 73.23 27.00 25.09
N LYS D 321 73.80 27.93 25.85
CA LYS D 321 75.02 27.70 26.63
C LYS D 321 74.72 28.15 28.05
N ALA D 322 74.35 27.21 28.91
CA ALA D 322 73.89 27.55 30.25
C ALA D 322 75.09 27.76 31.17
N ASP D 323 74.83 27.83 32.47
CA ASP D 323 75.89 27.97 33.46
C ASP D 323 75.83 26.92 34.56
N ARG D 324 74.70 26.28 34.80
CA ARG D 324 74.55 25.29 35.85
C ARG D 324 73.56 24.23 35.36
N GLU D 325 73.03 23.44 36.29
CA GLU D 325 72.02 22.46 35.97
C GLU D 325 70.70 22.86 36.61
N GLY D 326 69.60 22.66 35.88
CA GLY D 326 68.31 23.10 36.41
C GLY D 326 67.17 22.62 35.55
N HIS D 327 65.99 23.15 35.84
CA HIS D 327 64.75 22.68 35.22
C HIS D 327 63.85 23.86 34.86
N CYS D 328 64.40 24.90 34.25
CA CYS D 328 63.59 26.06 33.98
C CYS D 328 62.58 25.78 32.86
N PRO D 329 61.49 26.54 32.82
CA PRO D 329 60.39 26.23 31.90
C PRO D 329 60.49 26.96 30.57
N VAL D 330 59.57 26.61 29.67
CA VAL D 330 59.43 27.25 28.37
C VAL D 330 57.98 27.70 28.21
N HIS D 331 57.75 28.57 27.22
CA HIS D 331 56.44 29.18 27.05
C HIS D 331 56.37 29.91 25.73
N SER D 332 55.21 29.84 25.09
CA SER D 332 54.90 30.65 23.91
C SER D 332 54.22 31.94 24.35
N HIS D 333 54.39 32.99 23.56
CA HIS D 333 53.84 34.29 23.91
C HIS D 333 52.72 34.76 23.00
N SER D 334 52.48 34.08 21.89
CA SER D 334 51.48 34.53 20.92
C SER D 334 50.21 33.70 21.06
N THR D 335 49.08 34.35 20.87
CA THR D 335 47.79 33.72 21.05
C THR D 335 47.31 32.98 19.81
N THR D 336 48.22 32.61 18.92
CA THR D 336 47.87 31.79 17.77
C THR D 336 48.81 30.60 17.62
N ALA D 337 49.56 30.26 18.66
CA ALA D 337 50.54 29.18 18.60
C ALA D 337 50.77 28.66 20.01
N VAL D 338 50.53 27.38 20.22
CA VAL D 338 50.58 26.79 21.55
C VAL D 338 51.66 25.72 21.57
N LEU D 339 52.31 25.55 22.71
CA LEU D 339 53.37 24.59 22.90
C LEU D 339 52.82 23.32 23.54
N LYS D 340 53.69 22.35 23.75
CA LYS D 340 53.30 21.05 24.28
C LYS D 340 54.01 20.66 25.56
N GLU D 341 55.27 21.04 25.74
CA GLU D 341 55.98 20.74 26.96
C GLU D 341 55.78 21.82 28.00
N ALA D 342 56.28 21.58 29.20
CA ALA D 342 56.23 22.54 30.28
C ALA D 342 57.61 22.92 30.80
N THR D 343 58.47 21.93 31.05
CA THR D 343 59.80 22.19 31.59
C THR D 343 60.80 21.30 30.87
N THR D 344 62.08 21.56 31.08
CA THR D 344 63.14 20.77 30.47
C THR D 344 64.26 20.53 31.47
N HIS D 345 65.21 19.68 31.08
CA HIS D 345 66.45 19.48 31.82
C HIS D 345 67.57 20.11 31.02
N VAL D 346 68.47 20.82 31.72
CA VAL D 346 69.44 21.67 31.04
C VAL D 346 70.85 21.27 31.45
N THR D 347 71.82 21.60 30.61
CA THR D 347 73.23 21.33 30.89
C THR D 347 74.08 22.42 30.25
N ALA D 348 75.38 22.16 30.15
CA ALA D 348 76.33 23.19 29.74
C ALA D 348 76.06 23.67 28.32
N VAL D 349 76.19 22.78 27.35
CA VAL D 349 75.91 23.08 25.95
C VAL D 349 75.04 21.97 25.37
N GLY D 350 74.00 22.34 24.65
CA GLY D 350 73.08 21.35 24.15
C GLY D 350 71.94 21.96 23.38
N SER D 351 70.98 21.11 23.05
CA SER D 351 69.84 21.48 22.24
C SER D 351 68.62 20.75 22.75
N ILE D 352 67.45 21.10 22.21
CA ILE D 352 66.20 20.50 22.63
C ILE D 352 65.17 20.74 21.55
N THR D 353 64.36 19.73 21.28
CA THR D 353 63.29 19.82 20.30
C THR D 353 61.94 19.89 21.00
N LEU D 354 61.08 20.78 20.52
CA LEU D 354 59.74 20.93 21.07
C LEU D 354 58.75 20.90 19.93
N HIS D 355 57.51 20.53 20.25
CA HIS D 355 56.44 20.40 19.27
C HIS D 355 55.36 21.44 19.54
N PHE D 356 54.75 21.97 18.48
CA PHE D 356 53.71 22.98 18.65
C PHE D 356 52.62 22.79 17.59
N SER D 357 51.56 23.56 17.76
CA SER D 357 50.44 23.61 16.82
C SER D 357 50.09 25.06 16.55
N THR D 358 49.56 25.33 15.36
CA THR D 358 49.34 26.70 14.94
C THR D 358 48.10 26.78 14.05
N SER D 359 47.63 28.01 13.85
CA SER D 359 46.51 28.25 12.96
C SER D 359 46.74 29.45 12.06
N SER D 360 47.99 29.77 11.78
CA SER D 360 48.34 30.90 10.94
C SER D 360 49.23 30.43 9.80
N PRO D 361 49.11 31.03 8.62
CA PRO D 361 49.91 30.57 7.48
C PRO D 361 51.38 30.90 7.58
N GLN D 362 51.84 31.47 8.69
CA GLN D 362 53.27 31.63 8.90
C GLN D 362 53.53 31.86 10.37
N ALA D 363 54.63 31.31 10.86
CA ALA D 363 54.96 31.35 12.28
C ALA D 363 55.85 32.56 12.54
N ASN D 364 55.41 33.42 13.44
CA ASN D 364 56.16 34.63 13.75
C ASN D 364 56.11 34.96 15.23
N PHE D 365 56.26 33.96 16.09
CA PHE D 365 56.07 34.17 17.52
C PHE D 365 57.39 34.27 18.25
N ILE D 366 57.30 34.49 19.55
CA ILE D 366 58.46 34.63 20.44
C ILE D 366 58.41 33.49 21.43
N VAL D 367 59.59 33.00 21.81
CA VAL D 367 59.69 31.88 22.74
C VAL D 367 60.63 32.28 23.87
N SER D 368 60.24 31.94 25.10
CA SER D 368 60.99 32.32 26.29
C SER D 368 61.44 31.07 27.02
N LEU D 369 62.73 31.02 27.31
CA LEU D 369 63.33 29.91 28.04
C LEU D 369 64.09 30.50 29.22
N CYS D 370 63.80 30.00 30.42
CA CYS D 370 64.48 30.45 31.64
C CYS D 370 64.23 31.93 31.88
N GLY D 371 63.46 32.57 31.01
CA GLY D 371 63.25 34.00 31.06
C GLY D 371 63.80 34.77 29.88
N LYS D 372 64.55 34.15 28.97
CA LYS D 372 65.17 34.85 27.86
C LYS D 372 64.37 34.63 26.59
N LYS D 373 64.36 35.64 25.73
CA LYS D 373 63.48 35.66 24.56
C LYS D 373 64.26 35.43 23.28
N SER D 374 63.53 34.99 22.25
CA SER D 374 64.08 34.71 20.94
C SER D 374 62.94 34.62 19.94
N THR D 375 63.23 34.93 18.68
CA THR D 375 62.21 35.04 17.65
C THR D 375 62.36 33.95 16.60
N CYS D 376 61.23 33.54 16.04
CA CYS D 376 61.19 32.47 15.04
C CYS D 376 60.32 32.91 13.87
N ASN D 377 60.75 32.55 12.65
CA ASN D 377 59.96 32.91 11.48
C ASN D 377 60.23 31.94 10.33
N ALA D 378 59.16 31.49 9.70
CA ALA D 378 59.21 30.65 8.50
C ALA D 378 57.81 30.62 7.91
N GLU D 379 57.61 29.79 6.89
CA GLU D 379 56.33 29.73 6.21
C GLU D 379 55.71 28.35 6.37
N CYS D 380 54.39 28.30 6.38
CA CYS D 380 53.69 27.11 6.82
C CYS D 380 52.70 26.66 5.76
N LYS D 381 52.78 25.39 5.36
CA LYS D 381 52.00 24.85 4.27
C LYS D 381 50.59 24.45 4.73
N PRO D 382 49.63 24.43 3.82
CA PRO D 382 48.27 24.03 4.18
C PRO D 382 48.15 22.53 4.32
N PRO D 383 47.19 22.04 5.08
CA PRO D 383 47.17 20.63 5.46
C PRO D 383 46.74 19.74 4.31
N ALA D 384 46.93 18.44 4.51
CA ALA D 384 46.66 17.45 3.49
C ALA D 384 45.30 16.77 3.67
N ASP D 385 45.03 16.22 4.84
CA ASP D 385 43.78 15.52 5.08
C ASP D 385 42.62 16.51 5.15
N HIS D 386 41.41 15.96 5.09
CA HIS D 386 40.20 16.78 5.08
C HIS D 386 39.41 16.71 6.38
N ILE D 387 39.29 15.53 6.98
CA ILE D 387 38.51 15.33 8.20
C ILE D 387 39.38 14.62 9.22
N ILE D 388 39.32 15.06 10.48
CA ILE D 388 39.99 14.39 11.58
C ILE D 388 39.05 14.32 12.77
N GLY D 389 39.50 13.65 13.83
CA GLY D 389 38.67 13.40 14.99
C GLY D 389 39.14 14.09 16.25
N GLU D 390 39.51 15.36 16.15
CA GLU D 390 39.98 16.15 17.27
C GLU D 390 39.38 17.54 17.18
N PRO D 391 39.34 18.28 18.29
CA PRO D 391 38.94 19.69 18.23
C PRO D 391 40.14 20.61 18.09
N HIS D 392 39.89 21.74 17.42
CA HIS D 392 40.96 22.72 17.22
C HIS D 392 41.38 23.34 18.55
N LYS D 393 42.66 23.63 18.67
CA LYS D 393 43.18 24.11 19.94
C LYS D 393 43.23 25.62 20.05
N VAL D 394 43.36 26.34 18.94
CA VAL D 394 43.47 27.79 18.98
C VAL D 394 42.42 28.39 18.04
N ASP D 395 42.00 29.61 18.34
CA ASP D 395 41.02 30.32 17.53
C ASP D 395 41.68 30.96 16.32
N GLN D 396 40.96 31.84 15.64
CA GLN D 396 41.38 32.36 14.34
C GLN D 396 40.94 33.81 14.22
N GLU D 397 41.89 34.74 14.22
CA GLU D 397 41.54 36.14 14.08
C GLU D 397 41.97 36.69 12.72
N PHE D 398 41.43 37.85 12.38
CA PHE D 398 41.54 38.37 11.02
C PHE D 398 42.96 38.79 10.68
N GLN D 399 43.72 39.26 11.66
CA GLN D 399 45.04 39.81 11.38
C GLN D 399 45.97 38.76 10.78
N ALA D 400 46.32 37.74 11.55
CA ALA D 400 47.25 36.73 11.06
C ALA D 400 46.52 35.54 10.46
N ALA D 401 45.58 35.81 9.57
CA ALA D 401 44.98 34.77 8.73
C ALA D 401 45.28 35.01 7.26
N VAL D 402 46.17 35.94 6.96
CA VAL D 402 46.58 36.26 5.62
C VAL D 402 48.10 36.27 5.56
N SER D 403 48.66 35.73 4.49
CA SER D 403 50.09 35.53 4.41
C SER D 403 50.82 36.88 4.37
N LYS D 404 52.14 36.80 4.44
CA LYS D 404 52.94 38.02 4.32
C LYS D 404 53.17 38.41 2.87
N THR D 405 53.27 37.42 1.97
CA THR D 405 53.36 37.71 0.55
C THR D 405 52.14 38.49 0.09
N SER D 406 50.96 38.04 0.48
CA SER D 406 49.74 38.74 0.09
C SER D 406 49.73 40.17 0.62
N TRP D 407 50.34 40.39 1.78
CA TRP D 407 50.32 41.72 2.37
C TRP D 407 51.23 42.67 1.60
N ASN D 408 52.35 42.17 1.09
CA ASN D 408 53.21 43.00 0.25
C ASN D 408 52.47 43.49 -0.99
N TRP D 409 51.71 42.60 -1.63
CA TRP D 409 50.95 43.00 -2.81
C TRP D 409 49.90 44.05 -2.45
N LEU D 410 49.03 43.72 -1.50
CA LEU D 410 47.88 44.56 -1.22
C LEU D 410 48.31 45.95 -0.76
N LEU D 411 49.47 46.05 -0.14
CA LEU D 411 49.90 47.33 0.39
C LEU D 411 50.40 48.24 -0.72
N ALA D 412 51.34 47.76 -1.54
CA ALA D 412 52.00 48.63 -2.50
C ALA D 412 51.03 49.12 -3.56
N LEU D 413 50.13 48.25 -4.02
CA LEU D 413 49.16 48.68 -5.02
C LEU D 413 48.20 49.70 -4.43
N PHE D 414 47.79 49.51 -3.18
CA PHE D 414 46.84 50.42 -2.55
C PHE D 414 47.49 51.77 -2.30
N GLY D 415 48.59 51.79 -1.56
CA GLY D 415 49.27 53.04 -1.27
C GLY D 415 49.94 53.65 -2.47
N GLY D 416 50.19 52.86 -3.51
CA GLY D 416 50.72 53.43 -4.74
C GLY D 416 49.76 54.41 -5.37
N ALA D 417 48.47 54.08 -5.34
CA ALA D 417 47.47 54.99 -5.90
C ALA D 417 47.34 56.25 -5.07
N SER D 418 47.35 56.12 -3.74
CA SER D 418 47.26 57.30 -2.90
C SER D 418 48.50 58.17 -3.02
N SER D 419 49.67 57.56 -3.15
CA SER D 419 50.89 58.33 -3.33
C SER D 419 50.90 59.07 -4.67
N LEU D 420 50.09 58.64 -5.62
CA LEU D 420 50.03 59.33 -6.90
C LEU D 420 49.22 60.60 -6.81
N ILE D 421 48.25 60.67 -5.91
CA ILE D 421 47.43 61.87 -5.85
C ILE D 421 48.12 62.97 -5.06
N VAL D 422 48.93 62.62 -4.06
CA VAL D 422 49.57 63.64 -3.25
C VAL D 422 50.60 64.41 -4.06
N VAL D 423 51.36 63.71 -4.91
CA VAL D 423 52.22 64.41 -5.85
C VAL D 423 51.37 65.14 -6.88
N GLY D 424 50.21 64.58 -7.22
CA GLY D 424 49.31 65.26 -8.12
C GLY D 424 48.70 66.51 -7.53
N LEU D 425 48.73 66.66 -6.20
CA LEU D 425 48.17 67.84 -5.56
C LEU D 425 49.20 68.88 -5.23
N ILE D 426 50.41 68.47 -4.83
CA ILE D 426 51.44 69.44 -4.50
C ILE D 426 51.89 70.18 -5.74
N VAL D 427 51.79 69.56 -6.91
CA VAL D 427 52.11 70.28 -8.14
C VAL D 427 51.14 71.42 -8.36
N LEU D 428 49.88 71.25 -7.94
CA LEU D 428 48.89 72.31 -8.11
C LEU D 428 49.26 73.53 -7.28
N VAL D 429 49.46 73.34 -5.97
CA VAL D 429 49.83 74.46 -5.13
C VAL D 429 51.15 75.05 -5.61
N CYS D 430 52.04 74.20 -6.11
CA CYS D 430 53.21 74.71 -6.83
C CYS D 430 52.77 75.52 -8.05
N SER D 431 51.95 74.92 -8.90
CA SER D 431 51.44 75.61 -10.09
C SER D 431 50.88 76.98 -9.73
N SER D 432 49.92 77.02 -8.81
CA SER D 432 49.39 78.30 -8.34
C SER D 432 50.50 79.21 -7.88
N MET D 433 51.41 78.67 -7.05
CA MET D 433 52.55 79.46 -6.62
C MET D 433 53.36 79.93 -7.82
N LEU D 434 53.56 79.07 -8.81
CA LEU D 434 54.15 79.53 -10.06
C LEU D 434 53.27 80.56 -10.74
N ILE D 435 51.96 80.36 -10.72
CA ILE D 435 51.06 81.40 -11.21
C ILE D 435 51.13 82.61 -10.31
N ASN D 436 51.19 82.40 -8.99
CA ASN D 436 51.53 83.49 -8.09
C ASN D 436 52.93 84.00 -8.37
N THR D 437 53.84 83.12 -8.80
CA THR D 437 55.13 83.59 -9.27
C THR D 437 54.99 84.30 -10.61
N ARG D 438 53.99 83.90 -11.41
CA ARG D 438 53.75 84.55 -12.69
C ARG D 438 53.14 85.94 -12.55
N ARG D 439 52.88 86.38 -11.32
CA ARG D 439 52.35 87.72 -11.09
C ARG D 439 53.20 88.47 -10.07
N SER E 1 -10.24 -4.79 53.92
CA SER E 1 -8.93 -5.34 53.66
C SER E 1 -8.95 -6.16 52.37
N ILE E 2 -7.80 -6.66 51.95
CA ILE E 2 -7.72 -7.55 50.81
C ILE E 2 -7.69 -8.98 51.32
N THR E 3 -8.57 -9.83 50.80
CA THR E 3 -8.73 -11.17 51.31
C THR E 3 -8.39 -12.20 50.23
N ASP E 4 -8.32 -13.46 50.65
CA ASP E 4 -8.08 -14.56 49.73
C ASP E 4 -8.96 -15.75 50.00
N ASP E 5 -10.00 -15.62 50.83
CA ASP E 5 -10.91 -16.73 51.11
C ASP E 5 -11.97 -16.76 50.01
N PHE E 6 -11.82 -17.68 49.07
CA PHE E 6 -12.77 -17.77 47.97
C PHE E 6 -14.02 -18.56 48.35
N THR E 7 -14.16 -18.98 49.59
CA THR E 7 -15.39 -19.62 50.03
C THR E 7 -16.50 -18.62 50.30
N LEU E 8 -16.25 -17.33 50.14
CA LEU E 8 -17.28 -16.30 50.30
C LEU E 8 -17.67 -15.64 48.99
N THR E 9 -17.22 -16.16 47.85
CA THR E 9 -17.54 -15.58 46.56
C THR E 9 -18.15 -16.63 45.64
N SER E 10 -18.71 -16.17 44.52
CA SER E 10 -19.42 -17.03 43.59
C SER E 10 -19.29 -16.48 42.19
N PRO E 11 -19.37 -17.33 41.16
CA PRO E 11 -19.37 -16.85 39.78
C PRO E 11 -20.77 -16.53 39.28
N TYR E 12 -20.80 -15.83 38.15
CA TYR E 12 -22.05 -15.31 37.61
C TYR E 12 -22.08 -15.56 36.11
N LEU E 13 -23.05 -14.97 35.41
CA LEU E 13 -23.16 -15.14 33.97
C LEU E 13 -23.71 -13.88 33.34
N GLY E 14 -23.25 -13.57 32.13
CA GLY E 14 -23.44 -12.28 31.53
C GLY E 14 -24.06 -12.36 30.13
N PHE E 15 -23.63 -11.42 29.29
CA PHE E 15 -24.29 -11.14 28.00
C PHE E 15 -23.20 -10.86 26.97
N CYS E 16 -22.90 -11.84 26.13
CA CYS E 16 -21.82 -11.81 25.15
C CYS E 16 -22.34 -11.38 23.79
N PRO E 17 -21.65 -10.48 23.08
CA PRO E 17 -22.18 -10.00 21.80
C PRO E 17 -22.14 -11.04 20.70
N TYR E 18 -21.09 -11.86 20.66
CA TYR E 18 -20.89 -12.82 19.58
C TYR E 18 -20.71 -14.18 20.21
N CYS E 19 -21.79 -14.93 20.34
CA CYS E 19 -21.79 -16.26 20.91
C CYS E 19 -21.33 -17.22 19.82
N ARG E 20 -21.57 -18.53 19.99
CA ARG E 20 -21.06 -19.50 19.04
C ARG E 20 -21.45 -19.16 17.60
N HIS E 21 -22.73 -18.99 17.32
CA HIS E 21 -23.13 -18.90 15.92
C HIS E 21 -22.93 -17.51 15.37
N SER E 22 -23.83 -16.60 15.68
CA SER E 22 -23.55 -15.18 15.63
C SER E 22 -24.33 -14.46 16.72
N THR E 23 -25.40 -15.08 17.17
CA THR E 23 -26.38 -14.40 17.97
C THR E 23 -25.80 -14.01 19.33
N PRO E 24 -26.36 -12.96 19.95
CA PRO E 24 -26.05 -12.70 21.36
C PRO E 24 -26.76 -13.70 22.26
N CYS E 25 -26.12 -14.01 23.39
CA CYS E 25 -26.57 -15.08 24.26
C CYS E 25 -26.30 -14.70 25.71
N PHE E 26 -26.67 -15.59 26.62
CA PHE E 26 -26.24 -15.54 28.01
C PHE E 26 -25.16 -16.61 28.19
N SER E 27 -24.00 -16.20 28.69
CA SER E 27 -22.86 -17.09 28.68
C SER E 27 -22.19 -17.17 30.05
N PRO E 28 -21.53 -18.28 30.36
CA PRO E 28 -20.76 -18.37 31.60
C PRO E 28 -19.31 -17.93 31.51
N ILE E 29 -18.84 -17.48 30.35
CA ILE E 29 -17.44 -17.13 30.18
C ILE E 29 -17.28 -15.74 29.57
N LYS E 30 -18.17 -14.82 29.89
CA LYS E 30 -18.11 -13.47 29.35
C LYS E 30 -16.74 -12.84 29.58
N ILE E 31 -16.29 -12.03 28.63
CA ILE E 31 -14.99 -11.38 28.67
C ILE E 31 -15.20 -9.93 29.03
N GLU E 32 -14.57 -9.49 30.11
CA GLU E 32 -14.76 -8.12 30.61
C GLU E 32 -13.72 -7.16 30.07
N ASN E 33 -12.43 -7.44 30.30
CA ASN E 33 -11.37 -6.55 29.88
C ASN E 33 -10.24 -7.33 29.24
N VAL E 34 -9.40 -6.60 28.50
CA VAL E 34 -8.13 -7.10 27.98
C VAL E 34 -7.08 -6.01 28.17
N TRP E 35 -5.83 -6.43 28.41
CA TRP E 35 -4.71 -5.52 28.67
C TRP E 35 -3.46 -6.04 27.98
N ASP E 36 -2.75 -5.19 27.23
CA ASP E 36 -1.56 -5.64 26.51
C ASP E 36 -0.40 -4.66 26.61
N GLU E 37 -0.06 -4.22 27.81
CA GLU E 37 0.97 -3.21 27.97
C GLU E 37 2.38 -3.79 28.12
N SER E 38 2.58 -5.05 27.77
CA SER E 38 3.88 -5.67 27.98
C SER E 38 4.78 -5.46 26.77
N ASP E 39 6.00 -6.00 26.86
CA ASP E 39 7.03 -5.81 25.85
C ASP E 39 7.47 -7.11 25.20
N ASP E 40 6.71 -8.20 25.38
CA ASP E 40 6.95 -9.40 24.61
C ASP E 40 5.66 -10.05 24.12
N GLY E 41 4.56 -9.32 24.13
CA GLY E 41 3.33 -9.76 23.50
C GLY E 41 2.28 -10.31 24.43
N SER E 42 2.59 -10.53 25.70
CA SER E 42 1.66 -11.17 26.62
C SER E 42 0.45 -10.29 26.88
N ILE E 43 -0.68 -10.92 27.23
CA ILE E 43 -1.92 -10.20 27.52
C ILE E 43 -2.59 -10.80 28.74
N ARG E 44 -3.41 -9.98 29.40
CA ARG E 44 -4.15 -10.36 30.59
C ARG E 44 -5.65 -10.29 30.31
N ILE E 45 -6.39 -11.30 30.77
CA ILE E 45 -7.80 -11.47 30.43
C ILE E 45 -8.62 -11.66 31.70
N GLN E 46 -9.79 -11.03 31.76
CA GLN E 46 -10.72 -11.18 32.87
C GLN E 46 -12.01 -11.78 32.37
N VAL E 47 -12.48 -12.85 33.02
CA VAL E 47 -13.67 -13.56 32.60
C VAL E 47 -14.62 -13.69 33.79
N SER E 48 -15.72 -14.41 33.58
CA SER E 48 -16.79 -14.50 34.56
C SER E 48 -16.80 -15.80 35.35
N ALA E 49 -15.76 -16.61 35.23
CA ALA E 49 -15.65 -17.86 35.97
C ALA E 49 -14.50 -17.75 36.98
N GLN E 50 -14.26 -18.83 37.73
CA GLN E 50 -13.20 -18.85 38.72
C GLN E 50 -12.32 -20.06 38.51
N PHE E 51 -11.08 -19.83 38.09
CA PHE E 51 -10.15 -20.90 37.75
C PHE E 51 -9.26 -21.24 38.92
N GLY E 52 -8.98 -22.51 39.09
CA GLY E 52 -8.03 -22.96 40.08
C GLY E 52 -8.61 -23.33 41.42
N TYR E 53 -9.92 -23.45 41.56
CA TYR E 53 -10.53 -23.78 42.83
C TYR E 53 -11.61 -24.83 42.59
N ASN E 54 -11.95 -25.59 43.63
CA ASN E 54 -12.85 -26.71 43.47
C ASN E 54 -14.30 -26.27 43.70
N GLN E 55 -15.21 -27.23 43.80
CA GLN E 55 -16.64 -26.92 43.76
C GLN E 55 -17.09 -26.16 45.00
N ALA E 56 -16.37 -26.28 46.11
CA ALA E 56 -16.77 -25.64 47.34
C ALA E 56 -15.96 -24.40 47.67
N GLY E 57 -14.84 -24.15 47.00
CA GLY E 57 -14.03 -22.97 47.21
C GLY E 57 -12.57 -23.26 47.52
N THR E 58 -12.28 -24.43 48.07
CA THR E 58 -10.90 -24.78 48.35
C THR E 58 -10.11 -24.85 47.05
N ALA E 59 -8.79 -24.85 47.17
CA ALA E 59 -7.92 -24.64 46.02
C ALA E 59 -7.30 -25.94 45.53
N ASP E 60 -7.33 -26.16 44.22
CA ASP E 60 -6.43 -27.10 43.57
C ASP E 60 -6.31 -26.72 42.10
N VAL E 61 -5.17 -27.07 41.50
CA VAL E 61 -4.70 -26.37 40.32
C VAL E 61 -5.18 -27.09 39.06
N THR E 62 -6.15 -27.99 39.19
CA THR E 62 -6.61 -28.76 38.04
C THR E 62 -8.08 -28.56 37.71
N LYS E 63 -8.78 -27.65 38.38
CA LYS E 63 -10.23 -27.54 38.25
C LYS E 63 -10.67 -26.08 38.15
N PHE E 64 -11.95 -25.90 37.78
CA PHE E 64 -12.57 -24.59 37.77
C PHE E 64 -14.06 -24.74 38.02
N ARG E 65 -14.70 -23.65 38.43
CA ARG E 65 -16.13 -23.68 38.75
C ARG E 65 -16.90 -22.61 37.99
N TYR E 66 -18.15 -22.92 37.65
CA TYR E 66 -18.94 -22.10 36.74
C TYR E 66 -20.42 -22.17 37.12
N MET E 67 -21.26 -21.46 36.37
CA MET E 67 -22.70 -21.40 36.58
C MET E 67 -23.44 -22.14 35.46
N SER E 68 -24.66 -22.57 35.74
CA SER E 68 -25.28 -23.68 35.03
C SER E 68 -26.43 -23.28 34.11
N PHE E 69 -26.53 -23.95 32.96
CA PHE E 69 -27.61 -23.81 31.98
C PHE E 69 -28.64 -24.91 32.17
N ASP E 70 -29.44 -24.85 33.21
CA ASP E 70 -30.36 -25.96 33.41
C ASP E 70 -31.49 -25.58 34.32
N HIS E 71 -32.10 -26.58 34.94
CA HIS E 71 -32.89 -26.37 36.13
C HIS E 71 -32.85 -25.57 37.43
N ASP E 72 -31.75 -25.64 38.19
CA ASP E 72 -31.74 -25.36 39.62
C ASP E 72 -30.32 -24.88 39.33
N HIS E 73 -30.01 -23.69 39.80
CA HIS E 73 -29.10 -22.72 39.20
C HIS E 73 -27.73 -22.80 39.85
N ASP E 74 -27.31 -23.97 40.32
CA ASP E 74 -26.21 -24.05 41.26
C ASP E 74 -24.86 -23.89 40.57
N ILE E 75 -23.78 -24.17 41.29
CA ILE E 75 -22.42 -24.07 40.81
C ILE E 75 -21.92 -25.47 40.46
N LYS E 76 -21.12 -25.57 39.41
CA LYS E 76 -20.63 -26.86 38.94
C LYS E 76 -19.16 -26.71 38.56
N GLU E 77 -18.50 -27.84 38.29
CA GLU E 77 -17.05 -27.84 38.17
C GLU E 77 -16.59 -28.82 37.09
N ASP E 78 -15.38 -28.58 36.57
CA ASP E 78 -14.78 -29.43 35.56
C ASP E 78 -13.28 -29.11 35.48
N SER E 79 -12.56 -29.89 34.69
CA SER E 79 -11.11 -29.85 34.69
C SER E 79 -10.57 -28.85 33.66
N MET E 80 -9.35 -28.38 33.91
CA MET E 80 -8.76 -27.30 33.14
C MET E 80 -8.25 -27.72 31.78
N GLU E 81 -8.25 -29.01 31.46
CA GLU E 81 -7.81 -29.45 30.15
C GLU E 81 -8.71 -28.98 29.03
N LYS E 82 -9.85 -28.36 29.34
CA LYS E 82 -10.86 -28.00 28.35
C LYS E 82 -10.88 -26.52 28.02
N ILE E 83 -9.89 -25.75 28.42
CA ILE E 83 -9.86 -24.30 28.20
C ILE E 83 -8.88 -23.98 27.07
N ALA E 84 -9.30 -23.14 26.14
CA ALA E 84 -8.48 -22.78 24.99
C ALA E 84 -8.67 -21.31 24.66
N ILE E 85 -7.63 -20.71 24.06
CA ILE E 85 -7.58 -19.30 23.73
C ILE E 85 -7.06 -19.15 22.31
N SER E 86 -7.57 -18.15 21.58
CA SER E 86 -7.18 -17.96 20.20
C SER E 86 -7.49 -16.55 19.72
N THR E 87 -6.62 -16.04 18.84
CA THR E 87 -6.89 -14.82 18.09
C THR E 87 -6.95 -15.09 16.59
N SER E 88 -5.86 -15.60 16.01
CA SER E 88 -5.88 -16.19 14.68
C SER E 88 -5.50 -17.66 14.70
N GLY E 89 -4.62 -18.06 15.59
CA GLY E 89 -4.33 -19.44 15.85
C GLY E 89 -4.29 -19.68 17.33
N PRO E 90 -3.95 -20.90 17.75
CA PRO E 90 -3.93 -21.20 19.18
C PRO E 90 -2.80 -20.46 19.89
N CYS E 91 -3.04 -20.17 21.17
CA CYS E 91 -2.08 -19.49 22.02
C CYS E 91 -1.65 -20.43 23.14
N ARG E 92 -0.61 -20.01 23.87
CA ARG E 92 -0.09 -20.78 24.99
C ARG E 92 -0.59 -20.21 26.30
N ARG E 93 -0.94 -21.09 27.21
CA ARG E 93 -1.45 -20.69 28.52
C ARG E 93 -0.30 -20.62 29.51
N LEU E 94 -0.15 -19.48 30.16
CA LEU E 94 1.00 -19.22 31.02
C LEU E 94 0.67 -19.21 32.50
N GLY E 95 -0.48 -18.69 32.91
CA GLY E 95 -0.87 -18.75 34.31
C GLY E 95 -2.36 -18.57 34.45
N HIS E 96 -2.87 -18.87 35.66
CA HIS E 96 -4.30 -18.73 35.90
C HIS E 96 -4.58 -18.63 37.38
N LYS E 97 -5.47 -17.70 37.75
CA LYS E 97 -5.95 -17.58 39.13
C LYS E 97 -7.19 -16.70 39.23
N GLY E 98 -8.25 -17.21 39.82
CA GLY E 98 -9.41 -16.37 40.08
C GLY E 98 -10.19 -16.07 38.81
N TYR E 99 -10.39 -14.79 38.53
CA TYR E 99 -11.06 -14.36 37.32
C TYR E 99 -10.10 -14.08 36.17
N PHE E 100 -8.84 -14.51 36.26
CA PHE E 100 -7.79 -13.96 35.42
C PHE E 100 -6.97 -15.03 34.72
N LEU E 101 -6.49 -14.71 33.52
CA LEU E 101 -5.68 -15.59 32.69
C LEU E 101 -4.52 -14.83 32.07
N LEU E 102 -3.50 -15.56 31.61
CA LEU E 102 -2.35 -14.97 30.95
C LEU E 102 -1.94 -15.83 29.76
N ALA E 103 -1.71 -15.21 28.61
CA ALA E 103 -1.45 -15.97 27.40
C ALA E 103 -0.55 -15.20 26.45
N GLN E 104 -0.14 -15.87 25.38
CA GLN E 104 0.81 -15.32 24.40
C GLN E 104 0.32 -15.63 23.00
N CYS E 105 -0.03 -14.60 22.23
CA CYS E 105 -0.80 -14.82 21.03
C CYS E 105 -0.17 -14.19 19.81
N PRO E 106 -0.42 -14.74 18.63
CA PRO E 106 0.04 -14.12 17.38
C PRO E 106 -0.85 -12.95 17.01
N PRO E 107 -0.45 -12.14 16.02
CA PRO E 107 -1.26 -10.99 15.62
C PRO E 107 -2.64 -11.39 15.15
N GLY E 108 -3.56 -10.42 15.19
CA GLY E 108 -4.92 -10.68 14.76
C GLY E 108 -5.83 -9.52 15.11
N ASP E 109 -7.13 -9.78 15.07
CA ASP E 109 -8.14 -8.76 15.31
C ASP E 109 -9.22 -9.14 16.31
N SER E 110 -9.15 -10.31 16.93
CA SER E 110 -10.17 -10.71 17.88
C SER E 110 -9.56 -11.60 18.95
N VAL E 111 -10.29 -11.80 20.03
CA VAL E 111 -9.86 -12.67 21.12
C VAL E 111 -11.02 -13.60 21.49
N THR E 112 -10.70 -14.87 21.71
CA THR E 112 -11.70 -15.90 21.90
C THR E 112 -11.36 -16.77 23.10
N VAL E 113 -12.39 -17.23 23.81
CA VAL E 113 -12.24 -18.14 24.94
C VAL E 113 -13.35 -19.18 24.85
N SER E 114 -12.98 -20.46 24.89
CA SER E 114 -13.94 -21.52 24.63
C SER E 114 -13.73 -22.70 25.56
N ILE E 115 -14.84 -23.35 25.90
CA ILE E 115 -14.84 -24.62 26.61
C ILE E 115 -15.00 -25.73 25.58
N THR E 116 -14.00 -26.57 25.43
CA THR E 116 -14.00 -27.56 24.37
C THR E 116 -14.92 -28.69 24.78
N SER E 117 -14.82 -29.86 24.14
CA SER E 117 -15.84 -30.90 24.22
C SER E 117 -16.26 -31.18 25.66
N GLY E 118 -17.48 -31.66 25.78
CA GLY E 118 -18.11 -31.89 27.07
C GLY E 118 -19.45 -31.20 27.14
N ALA E 119 -20.16 -31.48 28.23
CA ALA E 119 -21.38 -30.74 28.50
C ALA E 119 -21.03 -29.26 28.68
N SER E 120 -21.93 -28.40 28.23
CA SER E 120 -21.76 -26.94 28.30
C SER E 120 -20.53 -26.48 27.50
N GLU E 121 -20.61 -26.65 26.19
CA GLU E 121 -19.63 -26.08 25.29
C GLU E 121 -20.08 -24.69 24.87
N ASN E 122 -19.13 -23.75 24.76
CA ASN E 122 -19.46 -22.39 24.37
C ASN E 122 -18.21 -21.65 23.94
N SER E 123 -18.38 -20.40 23.55
CA SER E 123 -17.28 -19.48 23.29
C SER E 123 -17.76 -18.05 23.49
N CYS E 124 -16.87 -17.09 23.27
CA CYS E 124 -17.18 -15.66 23.29
C CYS E 124 -16.03 -14.89 22.65
N THR E 125 -16.36 -13.98 21.73
CA THR E 125 -15.36 -13.24 20.97
C THR E 125 -15.53 -11.74 21.21
N VAL E 126 -14.42 -11.02 21.17
CA VAL E 126 -14.40 -9.58 21.45
C VAL E 126 -13.39 -8.91 20.53
N GLU E 127 -13.76 -7.74 20.00
CA GLU E 127 -12.91 -7.02 19.07
C GLU E 127 -11.73 -6.37 19.78
N LYS E 128 -10.53 -6.53 19.22
CA LYS E 128 -9.31 -6.01 19.84
C LYS E 128 -8.16 -6.10 18.85
N LYS E 129 -7.33 -5.06 18.81
CA LYS E 129 -6.20 -4.99 17.88
C LYS E 129 -4.92 -5.45 18.55
N ILE E 130 -4.24 -6.40 17.93
CA ILE E 130 -3.04 -7.01 18.49
C ILE E 130 -1.98 -7.10 17.39
N ARG E 131 -0.88 -6.38 17.57
CA ARG E 131 0.18 -6.39 16.58
C ARG E 131 1.52 -6.75 17.21
N ARG E 132 2.60 -6.60 16.45
CA ARG E 132 3.93 -6.97 16.91
C ARG E 132 4.69 -5.74 17.37
N LYS E 133 5.45 -5.87 18.44
CA LYS E 133 6.20 -4.75 18.97
C LYS E 133 7.64 -5.15 19.29
N PHE E 134 8.54 -4.17 19.20
CA PHE E 134 9.96 -4.38 19.38
C PHE E 134 10.54 -3.25 20.22
N VAL E 135 11.71 -3.48 20.79
CA VAL E 135 12.36 -2.53 21.68
C VAL E 135 13.71 -2.14 21.07
N GLY E 136 13.92 -0.84 20.91
CA GLY E 136 15.19 -0.32 20.44
C GLY E 136 15.04 0.49 19.16
N ARG E 137 16.10 0.50 18.36
CA ARG E 137 16.13 1.25 17.11
C ARG E 137 16.34 0.34 15.90
N GLU E 138 16.04 -0.95 16.02
CA GLU E 138 16.14 -1.90 14.92
C GLU E 138 15.01 -2.91 15.03
N GLU E 139 14.54 -3.39 13.88
CA GLU E 139 13.46 -4.36 13.86
C GLU E 139 13.99 -5.78 13.84
N TYR E 140 13.19 -6.69 14.38
CA TYR E 140 13.57 -8.10 14.41
C TYR E 140 12.33 -8.96 14.53
N LEU E 141 12.45 -10.20 14.06
CA LEU E 141 11.45 -11.24 14.32
C LEU E 141 11.77 -12.00 15.60
N PHE E 142 13.00 -12.43 15.75
CA PHE E 142 13.40 -13.11 16.96
C PHE E 142 14.43 -12.26 17.69
N PRO E 143 14.53 -12.40 19.00
CA PRO E 143 15.67 -11.87 19.72
C PRO E 143 16.93 -12.64 19.34
N PRO E 144 17.93 -11.97 18.77
CA PRO E 144 19.10 -12.69 18.28
C PRO E 144 20.03 -13.16 19.39
N VAL E 145 21.15 -13.75 19.02
CA VAL E 145 22.05 -14.37 19.99
C VAL E 145 23.27 -13.52 20.29
N HIS E 146 23.67 -12.63 19.39
CA HIS E 146 24.77 -11.72 19.61
C HIS E 146 24.23 -10.29 19.59
N GLY E 147 24.37 -9.57 20.70
CA GLY E 147 23.91 -8.20 20.75
C GLY E 147 24.26 -7.45 22.01
N LYS E 148 23.44 -6.46 22.35
CA LYS E 148 23.61 -5.65 23.54
C LYS E 148 22.53 -6.02 24.56
N LEU E 149 22.53 -5.32 25.69
CA LEU E 149 21.57 -5.57 26.76
C LEU E 149 21.02 -4.25 27.27
N VAL E 150 19.71 -4.07 27.20
CA VAL E 150 19.02 -2.85 27.58
C VAL E 150 17.91 -3.19 28.58
N LYS E 151 17.13 -2.19 28.95
CA LYS E 151 16.09 -2.35 29.97
C LYS E 151 14.69 -2.42 29.35
N CYS E 152 13.85 -3.28 29.92
CA CYS E 152 12.51 -3.56 29.41
C CYS E 152 11.59 -3.86 30.58
N HIS E 153 10.29 -3.88 30.31
CA HIS E 153 9.25 -4.14 31.32
C HIS E 153 8.30 -5.21 30.81
N VAL E 154 8.06 -6.26 31.61
CA VAL E 154 7.27 -7.42 31.20
C VAL E 154 6.34 -7.84 32.33
N TYR E 155 5.49 -8.83 32.05
CA TYR E 155 4.53 -9.35 33.02
C TYR E 155 5.13 -10.53 33.76
N ASP E 156 4.99 -10.54 35.08
CA ASP E 156 5.56 -11.61 35.90
C ASP E 156 4.74 -12.88 35.75
N HIS E 157 5.41 -14.03 35.76
CA HIS E 157 4.71 -15.29 35.63
C HIS E 157 4.17 -15.83 36.94
N LEU E 158 4.71 -15.39 38.08
CA LEU E 158 4.18 -15.86 39.35
C LEU E 158 2.77 -15.32 39.56
N LYS E 159 2.08 -15.89 40.52
CA LYS E 159 0.71 -15.48 40.79
C LYS E 159 0.53 -14.74 42.10
N GLU E 160 1.53 -14.71 42.97
CA GLU E 160 1.42 -13.96 44.22
C GLU E 160 1.78 -12.49 44.07
N THR E 161 2.08 -12.02 42.87
CA THR E 161 2.31 -10.61 42.66
C THR E 161 0.98 -9.87 42.54
N SER E 162 1.02 -8.57 42.78
CA SER E 162 -0.19 -7.76 42.88
C SER E 162 -0.03 -6.49 42.06
N ALA E 163 -1.16 -5.98 41.57
CA ALA E 163 -1.13 -4.72 40.84
C ALA E 163 -2.33 -3.82 41.14
N GLY E 164 -3.15 -4.15 42.12
CA GLY E 164 -4.35 -3.38 42.37
C GLY E 164 -5.40 -4.24 43.06
N TYR E 165 -6.65 -3.83 42.92
CA TYR E 165 -7.73 -4.57 43.57
C TYR E 165 -9.05 -4.30 42.87
N ILE E 166 -10.03 -5.16 43.15
CA ILE E 166 -11.39 -5.00 42.64
C ILE E 166 -12.37 -5.20 43.80
N THR E 167 -13.57 -4.65 43.64
CA THR E 167 -14.57 -4.58 44.69
C THR E 167 -15.66 -5.64 44.51
N MET E 168 -16.27 -6.04 45.62
CA MET E 168 -17.31 -7.06 45.63
C MET E 168 -18.53 -6.59 46.42
N HIS E 169 -19.72 -6.96 45.97
CA HIS E 169 -20.99 -6.51 46.52
C HIS E 169 -21.91 -7.70 46.78
N ARG E 170 -23.10 -7.43 47.30
CA ARG E 170 -24.13 -8.41 47.64
C ARG E 170 -25.04 -8.65 46.45
N PRO E 171 -25.50 -9.88 46.23
CA PRO E 171 -26.25 -10.17 45.00
C PRO E 171 -27.70 -9.74 45.10
N GLY E 172 -28.22 -9.22 43.98
CA GLY E 172 -29.56 -8.71 43.94
C GLY E 172 -30.58 -9.80 43.72
N PRO E 173 -31.78 -9.43 43.29
CA PRO E 173 -32.83 -10.41 43.03
C PRO E 173 -32.74 -11.00 41.64
N HIS E 174 -33.27 -12.23 41.53
CA HIS E 174 -33.31 -12.93 40.25
C HIS E 174 -34.60 -13.74 40.22
N ALA E 175 -35.54 -13.32 39.38
CA ALA E 175 -36.86 -13.93 39.34
C ALA E 175 -36.91 -15.05 38.31
N TYR E 176 -37.45 -16.19 38.71
CA TYR E 176 -37.65 -17.34 37.82
C TYR E 176 -39.13 -17.46 37.49
N LYS E 177 -39.44 -17.66 36.21
CA LYS E 177 -40.82 -17.83 35.80
C LYS E 177 -41.39 -19.18 36.21
N SER E 178 -40.54 -20.16 36.48
CA SER E 178 -41.02 -21.49 36.80
C SER E 178 -41.75 -21.55 38.13
N TYR E 179 -41.47 -20.61 39.02
CA TYR E 179 -42.11 -20.65 40.32
C TYR E 179 -43.57 -20.20 40.28
N LEU E 180 -44.06 -19.77 39.13
CA LEU E 180 -45.45 -19.33 39.00
C LEU E 180 -46.28 -20.40 38.31
N GLU E 181 -47.59 -20.32 38.53
CA GLU E 181 -48.54 -21.30 38.05
C GLU E 181 -49.88 -20.63 37.84
N GLU E 182 -50.79 -21.31 37.16
CA GLU E 182 -52.08 -20.72 36.85
C GLU E 182 -53.09 -21.83 36.59
N ALA E 183 -54.18 -21.85 37.35
CA ALA E 183 -55.17 -22.91 37.24
C ALA E 183 -56.55 -22.30 37.38
N SER E 184 -57.24 -22.16 36.25
CA SER E 184 -58.64 -21.74 36.20
C SER E 184 -58.85 -20.44 36.98
N GLY E 185 -58.24 -19.38 36.45
CA GLY E 185 -58.46 -18.07 37.02
C GLY E 185 -57.88 -17.84 38.39
N GLU E 186 -57.07 -18.76 38.89
CA GLU E 186 -56.36 -18.57 40.15
C GLU E 186 -54.86 -18.69 39.91
N VAL E 187 -54.09 -17.93 40.68
CA VAL E 187 -52.63 -17.89 40.56
C VAL E 187 -52.03 -18.55 41.79
N TYR E 188 -51.01 -19.37 41.57
CA TYR E 188 -50.35 -20.11 42.64
C TYR E 188 -48.85 -19.87 42.58
N ILE E 189 -48.17 -20.31 43.63
CA ILE E 189 -46.74 -20.11 43.80
C ILE E 189 -46.12 -21.44 44.18
N LYS E 190 -45.13 -21.89 43.42
CA LYS E 190 -44.62 -23.25 43.54
C LYS E 190 -43.15 -23.24 43.88
N PRO E 191 -42.76 -23.49 45.12
CA PRO E 191 -41.35 -23.46 45.46
C PRO E 191 -40.67 -24.75 45.07
N PRO E 192 -39.36 -24.72 44.79
CA PRO E 192 -38.60 -25.97 44.82
C PRO E 192 -38.63 -26.55 46.22
N SER E 193 -38.42 -27.85 46.29
CA SER E 193 -38.68 -28.59 47.53
C SER E 193 -37.95 -27.98 48.71
N GLY E 194 -38.72 -27.53 49.70
CA GLY E 194 -38.16 -27.24 51.01
C GLY E 194 -37.16 -26.10 51.08
N LYS E 195 -37.40 -25.04 50.33
CA LYS E 195 -36.61 -23.82 50.44
C LYS E 195 -37.53 -22.61 50.49
N ASN E 196 -37.02 -21.52 51.05
CA ASN E 196 -37.80 -20.32 51.25
C ASN E 196 -37.73 -19.44 50.00
N VAL E 197 -38.89 -19.02 49.51
CA VAL E 197 -39.01 -18.19 48.32
C VAL E 197 -39.83 -16.96 48.69
N THR E 198 -39.51 -15.83 48.07
CA THR E 198 -40.17 -14.56 48.36
C THR E 198 -41.02 -14.13 47.18
N TYR E 199 -42.27 -13.77 47.44
CA TYR E 199 -43.16 -13.31 46.39
C TYR E 199 -43.48 -11.83 46.55
N GLU E 200 -44.07 -11.27 45.50
CA GLU E 200 -44.35 -9.86 45.44
C GLU E 200 -45.34 -9.59 44.32
N CYS E 201 -46.50 -9.00 44.62
CA CYS E 201 -47.57 -8.95 43.62
C CYS E 201 -48.39 -7.68 43.77
N LYS E 202 -49.08 -7.31 42.70
CA LYS E 202 -49.93 -6.11 42.70
C LYS E 202 -51.12 -6.34 41.78
N CYS E 203 -52.27 -6.66 42.37
CA CYS E 203 -53.54 -6.77 41.66
C CYS E 203 -54.60 -6.04 42.47
N GLY E 204 -54.34 -4.78 42.80
CA GLY E 204 -55.00 -4.11 43.87
C GLY E 204 -53.98 -3.31 44.65
N ASP E 205 -53.73 -3.69 45.89
CA ASP E 205 -52.67 -3.09 46.67
C ASP E 205 -51.38 -3.91 46.55
N TYR E 206 -50.35 -3.45 47.23
CA TYR E 206 -49.06 -4.13 47.30
C TYR E 206 -49.14 -5.32 48.24
N SER E 207 -48.23 -6.28 48.05
CA SER E 207 -48.23 -7.48 48.87
C SER E 207 -46.90 -8.19 48.76
N THR E 208 -46.38 -8.66 49.89
CA THR E 208 -45.18 -9.50 49.91
C THR E 208 -45.38 -10.74 50.77
N GLY E 209 -44.32 -11.48 51.01
CA GLY E 209 -44.38 -12.61 51.92
C GLY E 209 -43.39 -13.69 51.54
N ILE E 210 -43.05 -14.53 52.52
CA ILE E 210 -42.19 -15.67 52.33
C ILE E 210 -43.00 -16.93 52.58
N VAL E 211 -42.86 -17.93 51.71
CA VAL E 211 -43.65 -19.13 51.78
C VAL E 211 -42.73 -20.35 51.74
N SER E 212 -43.33 -21.52 51.93
CA SER E 212 -42.62 -22.77 51.77
C SER E 212 -43.43 -23.88 51.12
N THR E 213 -44.66 -23.61 50.69
CA THR E 213 -45.50 -24.61 50.04
C THR E 213 -46.49 -23.89 49.15
N ARG E 214 -47.13 -24.65 48.26
CA ARG E 214 -48.07 -24.10 47.29
C ARG E 214 -49.08 -23.19 47.97
N THR E 215 -49.22 -21.97 47.44
CA THR E 215 -50.01 -20.93 48.07
C THR E 215 -50.78 -20.17 47.02
N LYS E 216 -51.93 -19.63 47.40
CA LYS E 216 -52.85 -19.00 46.46
C LYS E 216 -52.88 -17.49 46.71
N MET E 217 -52.52 -16.73 45.68
CA MET E 217 -52.58 -15.27 45.75
C MET E 217 -53.98 -14.80 45.37
N ASN E 218 -54.71 -14.28 46.34
CA ASN E 218 -56.12 -13.98 46.15
C ASN E 218 -56.30 -12.55 45.66
N GLY E 219 -56.97 -12.41 44.51
CA GLY E 219 -57.23 -11.12 43.90
C GLY E 219 -56.71 -11.01 42.48
N CYS E 220 -55.60 -11.68 42.18
CA CYS E 220 -55.00 -11.59 40.86
C CYS E 220 -55.57 -12.67 39.95
N THR E 221 -55.51 -12.41 38.65
CA THR E 221 -56.10 -13.31 37.67
C THR E 221 -55.14 -13.75 36.57
N LYS E 222 -54.12 -12.96 36.26
CA LYS E 222 -53.14 -13.33 35.25
C LYS E 222 -51.81 -13.67 35.89
N ALA E 223 -50.92 -14.22 35.09
CA ALA E 223 -49.62 -14.63 35.60
C ALA E 223 -48.62 -13.49 35.62
N LYS E 224 -48.80 -12.48 34.79
CA LYS E 224 -47.85 -11.38 34.66
C LYS E 224 -48.10 -10.28 35.67
N GLN E 225 -48.63 -10.63 36.83
CA GLN E 225 -48.87 -9.66 37.89
C GLN E 225 -48.02 -9.88 39.13
N CYS E 226 -47.36 -11.03 39.27
CA CYS E 226 -46.46 -11.28 40.38
C CYS E 226 -45.08 -11.66 39.88
N ILE E 227 -44.12 -11.73 40.82
CA ILE E 227 -42.80 -12.30 40.58
C ILE E 227 -42.36 -13.00 41.87
N ALA E 228 -41.33 -13.85 41.76
CA ALA E 228 -40.86 -14.57 42.94
C ALA E 228 -39.40 -14.98 42.79
N TYR E 229 -38.67 -14.95 43.91
CA TYR E 229 -37.25 -15.26 43.94
C TYR E 229 -36.88 -15.79 45.33
N LYS E 230 -35.74 -16.46 45.42
CA LYS E 230 -35.36 -17.14 46.65
C LYS E 230 -34.41 -16.28 47.48
N SER E 231 -34.47 -16.48 48.80
CA SER E 231 -34.08 -15.45 49.76
C SER E 231 -33.04 -15.94 50.76
N ASP E 232 -31.96 -16.52 50.26
CA ASP E 232 -30.74 -16.68 51.08
C ASP E 232 -29.56 -16.70 50.12
N GLN E 233 -28.92 -15.54 49.96
CA GLN E 233 -27.94 -15.34 48.91
C GLN E 233 -26.71 -14.64 49.44
N THR E 234 -26.11 -15.16 50.52
CA THR E 234 -24.94 -14.53 51.11
C THR E 234 -23.66 -14.97 50.39
N LYS E 235 -23.53 -14.55 49.14
CA LYS E 235 -22.30 -14.77 48.38
C LYS E 235 -22.03 -13.57 47.50
N TRP E 236 -20.79 -13.11 47.48
CA TRP E 236 -20.48 -11.84 46.83
C TRP E 236 -20.20 -12.01 45.35
N VAL E 237 -20.43 -10.93 44.59
CA VAL E 237 -20.24 -10.91 43.15
C VAL E 237 -19.54 -9.62 42.78
N PHE E 238 -19.18 -9.52 41.51
CA PHE E 238 -18.44 -8.38 40.98
C PHE E 238 -19.40 -7.31 40.46
N ASN E 239 -18.93 -6.07 40.46
CA ASN E 239 -19.70 -4.90 40.05
C ASN E 239 -19.84 -4.91 38.53
N SER E 240 -20.72 -5.76 38.04
CA SER E 240 -20.79 -5.95 36.59
C SER E 240 -21.99 -5.23 35.99
N PRO E 241 -21.87 -4.69 34.79
CA PRO E 241 -22.97 -3.93 34.20
C PRO E 241 -24.12 -4.78 33.69
N ASP E 242 -24.10 -6.08 33.95
CA ASP E 242 -25.15 -6.98 33.49
C ASP E 242 -25.95 -7.58 34.65
N LEU E 243 -26.07 -6.87 35.76
CA LEU E 243 -26.81 -7.35 36.91
C LEU E 243 -27.63 -6.22 37.48
N ILE E 244 -28.53 -6.55 38.39
CA ILE E 244 -29.38 -5.60 39.07
C ILE E 244 -28.93 -5.50 40.52
N ARG E 245 -28.89 -4.28 41.05
CA ARG E 245 -28.27 -4.05 42.34
C ARG E 245 -29.25 -4.20 43.50
N HIS E 246 -28.70 -4.46 44.67
CA HIS E 246 -29.44 -4.61 45.91
C HIS E 246 -29.75 -3.24 46.50
N THR E 247 -30.61 -3.23 47.51
CA THR E 247 -30.92 -1.96 48.16
C THR E 247 -29.73 -1.43 48.96
N ASP E 248 -28.76 -2.28 49.25
CA ASP E 248 -27.55 -1.92 49.99
C ASP E 248 -26.35 -2.22 49.11
N HIS E 249 -25.95 -1.25 48.30
CA HIS E 249 -24.81 -1.43 47.39
C HIS E 249 -23.54 -0.83 47.97
N SER E 250 -23.11 -1.34 49.11
CA SER E 250 -21.87 -0.89 49.74
C SER E 250 -20.83 -1.99 49.62
N VAL E 251 -19.58 -1.60 49.72
CA VAL E 251 -18.48 -2.52 49.47
C VAL E 251 -18.29 -3.45 50.66
N GLN E 252 -18.07 -4.73 50.38
CA GLN E 252 -17.92 -5.74 51.41
C GLN E 252 -16.56 -6.44 51.39
N GLY E 253 -15.74 -6.23 50.37
CA GLY E 253 -14.41 -6.81 50.35
C GLY E 253 -13.66 -6.40 49.10
N LYS E 254 -12.37 -6.77 49.08
CA LYS E 254 -11.49 -6.46 47.95
C LYS E 254 -10.68 -7.70 47.59
N LEU E 255 -10.29 -7.79 46.32
CA LEU E 255 -9.55 -8.93 45.79
C LEU E 255 -8.42 -8.47 44.90
N HIS E 256 -7.37 -9.28 44.81
CA HIS E 256 -6.11 -8.98 44.13
C HIS E 256 -6.22 -9.12 42.60
N ILE E 257 -5.35 -8.40 41.91
CA ILE E 257 -5.11 -8.56 40.48
C ILE E 257 -3.69 -9.10 40.30
N PRO E 258 -3.51 -10.35 39.94
CA PRO E 258 -2.15 -10.92 39.85
C PRO E 258 -1.45 -10.48 38.56
N PHE E 259 -0.23 -11.01 38.37
CA PHE E 259 0.60 -10.78 37.19
C PHE E 259 1.03 -9.31 37.06
N ARG E 260 1.88 -8.91 38.00
CA ARG E 260 2.48 -7.58 38.07
C ARG E 260 3.37 -7.30 36.86
N LEU E 261 3.78 -6.03 36.73
CA LEU E 261 4.70 -5.55 35.70
C LEU E 261 6.02 -5.16 36.34
N THR E 262 7.11 -5.82 35.95
CA THR E 262 8.41 -5.63 36.57
C THR E 262 9.46 -5.28 35.53
N PRO E 263 10.61 -4.77 35.96
CA PRO E 263 11.71 -4.51 35.02
C PRO E 263 12.70 -5.67 34.92
N THR E 264 13.25 -5.81 33.72
CA THR E 264 14.19 -6.89 33.42
C THR E 264 15.18 -6.41 32.35
N VAL E 265 15.88 -7.35 31.72
CA VAL E 265 16.85 -7.06 30.68
C VAL E 265 16.49 -7.83 29.41
N CYS E 266 16.88 -7.26 28.27
CA CYS E 266 16.50 -7.77 26.95
C CYS E 266 17.67 -7.59 25.99
N PRO E 267 17.90 -8.56 25.09
CA PRO E 267 18.95 -8.41 24.08
C PRO E 267 18.44 -7.87 22.74
N VAL E 268 19.32 -7.11 22.08
CA VAL E 268 18.96 -6.39 20.86
C VAL E 268 20.12 -6.45 19.87
N PRO E 269 19.82 -6.33 18.59
CA PRO E 269 20.84 -6.54 17.56
C PRO E 269 21.71 -5.31 17.30
N LEU E 270 22.83 -5.56 16.63
CA LEU E 270 23.78 -4.53 16.23
C LEU E 270 23.99 -4.57 14.73
N ALA E 271 23.99 -3.39 14.10
CA ALA E 271 23.97 -3.27 12.65
C ALA E 271 25.39 -3.45 12.08
N HIS E 272 25.55 -3.11 10.81
CA HIS E 272 26.80 -3.31 10.07
C HIS E 272 27.53 -1.98 9.95
N THR E 273 28.77 -1.95 10.40
CA THR E 273 29.54 -0.71 10.47
C THR E 273 29.70 -0.09 9.07
N PRO E 274 29.48 1.21 8.91
CA PRO E 274 29.53 1.82 7.59
C PRO E 274 30.93 2.29 7.22
N THR E 275 31.10 2.60 5.93
CA THR E 275 32.34 3.14 5.40
C THR E 275 32.16 4.60 5.02
N VAL E 276 33.20 5.40 5.21
CA VAL E 276 33.11 6.84 5.04
C VAL E 276 34.08 7.30 3.95
N THR E 277 33.67 8.32 3.22
CA THR E 277 34.50 8.96 2.21
C THR E 277 34.58 10.45 2.50
N LYS E 278 35.78 11.02 2.40
CA LYS E 278 36.05 12.38 2.83
C LYS E 278 36.34 13.28 1.65
N TRP E 279 35.71 14.46 1.63
CA TRP E 279 36.00 15.51 0.67
C TRP E 279 36.04 16.84 1.43
N PHE E 280 36.14 17.95 0.70
CA PHE E 280 36.32 19.25 1.32
C PHE E 280 35.01 19.69 1.98
N LYS E 281 34.98 19.64 3.31
CA LYS E 281 33.81 20.01 4.11
C LYS E 281 32.62 19.08 3.83
N GLY E 282 32.83 17.79 4.03
CA GLY E 282 31.71 16.86 3.91
C GLY E 282 32.15 15.42 4.11
N ILE E 283 31.15 14.54 4.18
CA ILE E 283 31.36 13.10 4.25
C ILE E 283 30.25 12.39 3.46
N THR E 284 30.48 11.12 3.17
CA THR E 284 29.52 10.26 2.49
C THR E 284 29.54 8.89 3.14
N LEU E 285 28.37 8.40 3.54
CA LEU E 285 28.24 7.13 4.25
C LEU E 285 27.62 6.08 3.35
N HIS E 286 28.28 4.93 3.22
CA HIS E 286 27.77 3.81 2.45
C HIS E 286 27.18 2.79 3.42
N LEU E 287 25.86 2.61 3.37
CA LEU E 287 25.12 1.90 4.40
C LEU E 287 24.56 0.59 3.89
N THR E 288 24.24 -0.29 4.84
CA THR E 288 23.67 -1.60 4.55
C THR E 288 22.65 -1.93 5.62
N ALA E 289 21.44 -2.32 5.22
CA ALA E 289 20.41 -2.65 6.19
C ALA E 289 19.37 -3.54 5.53
N MET E 290 19.13 -4.71 6.11
CA MET E 290 18.16 -5.63 5.55
C MET E 290 16.80 -5.54 6.22
N ARG E 291 16.67 -4.75 7.27
CA ARG E 291 15.41 -4.38 7.89
C ARG E 291 15.46 -2.89 8.18
N PRO E 292 14.33 -2.29 8.56
CA PRO E 292 14.35 -0.86 8.88
C PRO E 292 15.28 -0.53 10.05
N THR E 293 15.98 0.60 9.94
CA THR E 293 16.94 1.05 10.94
C THR E 293 16.90 2.57 10.98
N LEU E 294 17.53 3.15 12.01
CA LEU E 294 17.42 4.59 12.27
C LEU E 294 18.76 5.30 12.11
N LEU E 295 18.70 6.57 11.74
CA LEU E 295 19.87 7.42 11.56
C LEU E 295 19.54 8.84 12.03
N THR E 296 20.43 9.42 12.83
CA THR E 296 20.22 10.73 13.43
C THR E 296 21.52 11.52 13.41
N THR E 297 21.46 12.79 13.00
CA THR E 297 22.63 13.66 13.05
C THR E 297 22.26 15.02 13.62
N ARG E 298 23.25 15.70 14.17
CA ARG E 298 23.08 17.06 14.65
C ARG E 298 24.43 17.77 14.60
N LYS E 299 24.38 19.10 14.59
CA LYS E 299 25.56 19.94 14.46
C LYS E 299 25.91 20.57 15.80
N LEU E 300 27.21 20.67 16.09
CA LEU E 300 27.69 21.02 17.42
C LEU E 300 27.81 22.53 17.66
N GLY E 301 27.12 23.35 16.88
CA GLY E 301 27.24 24.78 17.05
C GLY E 301 26.03 25.42 17.68
N LEU E 302 25.80 26.70 17.36
CA LEU E 302 24.63 27.36 17.92
C LEU E 302 23.33 26.87 17.29
N ARG E 303 23.38 26.41 16.05
CA ARG E 303 22.22 25.84 15.40
C ARG E 303 22.36 24.33 15.34
N ALA E 304 21.22 23.64 15.42
CA ALA E 304 21.23 22.19 15.54
C ALA E 304 21.11 21.50 14.18
N ASP E 305 20.07 21.83 13.42
CA ASP E 305 19.80 21.20 12.12
C ASP E 305 19.72 19.67 12.25
N ALA E 306 18.69 19.23 12.95
CA ALA E 306 18.51 17.80 13.19
C ALA E 306 17.88 17.12 11.97
N THR E 307 18.20 15.84 11.81
CA THR E 307 17.58 14.99 10.80
C THR E 307 17.11 13.70 11.45
N ALA E 308 16.37 12.90 10.69
CA ALA E 308 15.89 11.60 11.16
C ALA E 308 15.34 10.83 9.97
N GLU E 309 15.66 9.54 9.89
CA GLU E 309 15.20 8.75 8.76
C GLU E 309 15.29 7.27 9.05
N TRP E 310 14.28 6.52 8.63
CA TRP E 310 14.30 5.05 8.64
C TRP E 310 14.74 4.56 7.27
N ILE E 311 15.69 3.63 7.25
CA ILE E 311 16.41 3.28 6.04
C ILE E 311 16.28 1.78 5.76
N THR E 312 16.18 1.43 4.48
CA THR E 312 16.06 0.05 4.04
C THR E 312 16.87 -0.15 2.76
N GLY E 313 17.71 -1.18 2.73
CA GLY E 313 18.49 -1.50 1.54
C GLY E 313 19.96 -1.15 1.64
N SER E 314 20.60 -0.86 0.51
CA SER E 314 21.97 -0.34 0.49
C SER E 314 21.96 0.95 -0.30
N THR E 315 22.22 2.07 0.38
CA THR E 315 22.14 3.39 -0.22
C THR E 315 23.36 4.19 0.20
N SER E 316 23.31 5.50 -0.03
CA SER E 316 24.38 6.38 0.40
C SER E 316 23.80 7.78 0.63
N ARG E 317 24.29 8.47 1.65
CA ARG E 317 23.78 9.78 2.01
C ARG E 317 24.94 10.75 2.19
N ASN E 318 24.65 12.04 1.98
CA ASN E 318 25.65 13.10 1.95
C ASN E 318 25.37 14.13 3.04
N PHE E 319 26.41 14.51 3.79
CA PHE E 319 26.31 15.48 4.85
C PHE E 319 27.46 16.47 4.78
N SER E 320 27.27 17.65 5.36
CA SER E 320 28.26 18.71 5.35
C SER E 320 28.69 19.06 6.76
N VAL E 321 30.00 19.26 6.95
CA VAL E 321 30.55 19.56 8.26
C VAL E 321 31.21 20.92 8.21
N GLY E 322 31.39 21.50 9.39
CA GLY E 322 32.00 22.81 9.49
C GLY E 322 33.16 22.84 10.45
N ARG E 323 33.53 24.02 10.94
CA ARG E 323 34.64 24.11 11.88
C ARG E 323 34.23 23.76 13.31
N GLU E 324 32.95 23.56 13.57
CA GLU E 324 32.51 23.15 14.89
C GLU E 324 32.29 21.64 14.99
N GLY E 325 31.58 21.04 14.04
CA GLY E 325 31.52 19.59 14.01
C GLY E 325 30.17 18.96 13.79
N LEU E 326 30.14 17.63 13.75
CA LEU E 326 28.94 16.88 13.46
C LEU E 326 28.96 15.60 14.29
N GLU E 327 27.77 15.08 14.58
CA GLU E 327 27.62 13.88 15.38
C GLU E 327 26.56 12.99 14.75
N TYR E 328 26.88 11.72 14.51
CA TYR E 328 25.96 10.81 13.85
C TYR E 328 25.83 9.52 14.64
N VAL E 329 24.60 9.00 14.69
CA VAL E 329 24.26 7.80 15.43
C VAL E 329 23.54 6.84 14.49
N TRP E 330 24.04 5.60 14.41
CA TRP E 330 23.53 4.60 13.48
C TRP E 330 23.14 3.36 14.25
N GLY E 331 21.84 3.10 14.36
CA GLY E 331 21.38 1.90 15.03
C GLY E 331 21.61 1.96 16.52
N ASN E 332 22.01 0.83 17.10
CA ASN E 332 22.27 0.74 18.53
C ASN E 332 23.73 0.95 18.87
N HIS E 333 24.47 1.72 18.08
CA HIS E 333 25.88 1.94 18.31
C HIS E 333 26.08 3.18 19.18
N GLU E 334 27.30 3.63 19.29
CA GLU E 334 27.66 4.80 20.07
C GLU E 334 27.86 6.01 19.17
N PRO E 335 27.80 7.21 19.71
CA PRO E 335 27.98 8.40 18.86
C PRO E 335 29.41 8.55 18.39
N VAL E 336 29.56 9.21 17.24
CA VAL E 336 30.86 9.48 16.62
C VAL E 336 30.91 10.93 16.17
N ARG E 337 32.06 11.57 16.34
CA ARG E 337 32.22 13.00 16.13
C ARG E 337 33.36 13.28 15.16
N VAL E 338 33.18 14.28 14.29
CA VAL E 338 34.18 14.65 13.29
C VAL E 338 34.26 16.17 13.16
N TRP E 339 35.46 16.65 12.81
CA TRP E 339 35.75 18.07 12.66
C TRP E 339 36.42 18.31 11.31
N ALA E 340 36.37 19.54 10.83
CA ALA E 340 36.85 19.90 9.51
C ALA E 340 38.15 20.68 9.58
N GLN E 341 38.87 20.70 8.46
CA GLN E 341 40.17 21.35 8.38
C GLN E 341 40.23 22.35 7.23
N GLU E 342 41.42 22.85 6.92
CA GLU E 342 41.55 23.96 5.97
C GLU E 342 42.27 23.54 4.70
N SER E 343 41.92 22.39 4.13
CA SER E 343 42.61 21.88 2.95
C SER E 343 41.88 22.33 1.70
N ALA E 344 42.21 23.51 1.25
CA ALA E 344 41.64 24.02 0.02
C ALA E 344 42.73 24.18 -1.04
N PRO E 345 42.40 24.03 -2.31
CA PRO E 345 43.43 24.09 -3.35
C PRO E 345 44.08 25.47 -3.44
N GLY E 346 45.10 25.57 -4.28
CA GLY E 346 45.82 26.80 -4.46
C GLY E 346 47.13 26.82 -3.72
N ASP E 347 47.59 28.03 -3.43
CA ASP E 347 48.80 28.20 -2.62
C ASP E 347 48.89 29.61 -2.08
N PRO E 348 49.03 29.77 -0.77
CA PRO E 348 49.15 31.12 -0.21
C PRO E 348 50.55 31.69 -0.25
N HIS E 349 51.42 31.12 -1.07
CA HIS E 349 52.78 31.66 -1.20
C HIS E 349 53.28 31.75 -2.63
N GLY E 350 52.49 31.37 -3.62
CA GLY E 350 52.97 31.36 -4.99
C GLY E 350 52.78 32.67 -5.72
N TRP E 351 52.13 32.62 -6.86
CA TRP E 351 51.82 33.81 -7.63
C TRP E 351 50.49 34.39 -7.20
N PRO E 352 50.24 35.68 -7.48
CA PRO E 352 48.89 36.21 -7.26
C PRO E 352 47.84 35.44 -8.03
N HIS E 353 48.24 34.77 -9.10
CA HIS E 353 47.37 33.88 -9.84
C HIS E 353 46.68 32.88 -8.93
N GLU E 354 47.43 32.24 -8.05
CA GLU E 354 46.88 31.17 -7.23
C GLU E 354 46.62 31.58 -5.78
N ILE E 355 46.91 32.82 -5.41
CA ILE E 355 46.47 33.30 -4.10
C ILE E 355 44.95 33.39 -4.08
N ILE E 356 44.35 33.81 -5.18
CA ILE E 356 42.93 34.13 -5.18
C ILE E 356 42.09 32.87 -5.10
N ILE E 357 42.50 31.81 -5.80
CA ILE E 357 41.70 30.59 -5.76
C ILE E 357 41.72 29.97 -4.38
N HIS E 358 42.76 30.20 -3.60
CA HIS E 358 42.79 29.68 -2.24
C HIS E 358 41.77 30.38 -1.36
N TYR E 359 41.92 31.69 -1.17
CA TYR E 359 41.07 32.40 -0.23
C TYR E 359 39.62 32.39 -0.68
N TYR E 360 39.38 32.32 -1.99
CA TYR E 360 38.00 32.31 -2.48
C TYR E 360 37.26 31.07 -2.01
N HIS E 361 37.88 29.91 -2.15
CA HIS E 361 37.24 28.69 -1.68
C HIS E 361 37.00 28.73 -0.17
N ARG E 362 37.92 29.34 0.57
CA ARG E 362 37.86 29.24 2.03
C ARG E 362 36.72 30.08 2.60
N HIS E 363 36.44 31.22 1.99
CA HIS E 363 35.31 32.01 2.48
C HIS E 363 34.25 32.14 1.40
N PRO E 364 33.76 31.02 0.83
CA PRO E 364 33.03 31.08 -0.45
C PRO E 364 31.82 31.99 -0.39
N VAL E 365 30.89 31.70 0.52
CA VAL E 365 29.71 32.54 0.69
C VAL E 365 30.06 33.88 1.33
N TYR E 366 31.23 33.96 1.98
CA TYR E 366 31.73 35.25 2.44
C TYR E 366 32.52 35.96 1.35
N THR E 367 33.13 35.21 0.43
CA THR E 367 33.93 35.84 -0.61
C THR E 367 33.08 36.71 -1.51
N VAL E 368 31.80 36.38 -1.67
CA VAL E 368 30.88 37.30 -2.32
C VAL E 368 30.69 38.55 -1.49
N ILE E 369 31.27 38.60 -0.29
CA ILE E 369 31.41 39.84 0.44
C ILE E 369 32.89 40.15 0.64
N VAL E 370 33.69 39.13 0.96
CA VAL E 370 35.00 39.35 1.56
C VAL E 370 36.13 39.32 0.54
N LEU E 371 36.13 38.37 -0.39
CA LEU E 371 37.17 38.40 -1.41
C LEU E 371 36.78 39.30 -2.59
N CYS E 372 35.53 39.22 -3.03
CA CYS E 372 35.09 40.18 -4.03
C CYS E 372 35.03 41.58 -3.45
N GLY E 373 34.89 41.70 -2.13
CA GLY E 373 34.95 43.01 -1.51
C GLY E 373 36.30 43.66 -1.70
N VAL E 374 37.37 42.95 -1.33
CA VAL E 374 38.69 43.57 -1.30
C VAL E 374 39.27 43.69 -2.70
N ALA E 375 39.03 42.70 -3.56
CA ALA E 375 39.49 42.81 -4.94
C ALA E 375 38.80 43.97 -5.64
N LEU E 376 37.60 44.33 -5.22
CA LEU E 376 36.88 45.44 -5.83
C LEU E 376 37.46 46.78 -5.40
N ALA E 377 37.62 46.98 -4.09
CA ALA E 377 38.15 48.25 -3.60
C ALA E 377 39.53 48.52 -4.18
N ILE E 378 40.27 47.47 -4.52
CA ILE E 378 41.51 47.64 -5.27
C ILE E 378 41.26 48.39 -6.56
N LEU E 379 40.25 47.97 -7.31
CA LEU E 379 40.00 48.56 -8.62
C LEU E 379 39.53 50.00 -8.51
N VAL E 380 38.66 50.30 -7.55
CA VAL E 380 38.15 51.66 -7.43
C VAL E 380 39.26 52.61 -7.03
N GLY E 381 40.19 52.15 -6.22
CA GLY E 381 41.32 53.00 -5.86
C GLY E 381 42.14 53.41 -7.06
N THR E 382 42.45 52.44 -7.93
CA THR E 382 43.25 52.77 -9.11
C THR E 382 42.45 53.50 -10.18
N ALA E 383 41.12 53.45 -10.12
CA ALA E 383 40.33 54.26 -11.04
C ALA E 383 40.21 55.69 -10.54
N SER E 384 39.94 55.88 -9.25
CA SER E 384 39.81 57.22 -8.71
C SER E 384 41.15 57.95 -8.72
N SER E 385 42.25 57.23 -8.57
CA SER E 385 43.55 57.88 -8.52
C SER E 385 43.96 58.40 -9.89
N ALA E 386 43.93 57.53 -10.90
CA ALA E 386 44.30 57.96 -12.24
C ALA E 386 43.36 59.03 -12.77
N ALA E 387 42.19 59.20 -12.16
CA ALA E 387 41.32 60.30 -12.54
C ALA E 387 41.85 61.62 -11.99
N CYS E 388 42.07 61.68 -10.68
CA CYS E 388 42.50 62.93 -10.05
C CYS E 388 43.93 63.31 -10.40
N ILE E 389 44.69 62.47 -11.09
CA ILE E 389 45.95 62.94 -11.62
C ILE E 389 45.73 63.73 -12.89
N ALA E 390 44.70 63.37 -13.67
CA ALA E 390 44.33 64.20 -14.82
C ALA E 390 43.81 65.55 -14.36
N LYS E 391 43.29 65.62 -13.13
CA LYS E 391 42.94 66.90 -12.53
C LYS E 391 44.11 67.88 -12.62
N ALA E 392 45.27 67.45 -12.15
CA ALA E 392 46.41 68.36 -12.10
C ALA E 392 46.82 68.82 -13.50
N ARG E 393 46.62 67.98 -14.50
CA ARG E 393 46.98 68.36 -15.85
C ARG E 393 46.09 69.48 -16.38
N ARG E 394 44.81 69.48 -16.00
CA ARG E 394 43.90 70.50 -16.49
C ARG E 394 44.31 71.87 -15.98
N ASP E 395 44.33 72.04 -14.68
CA ASP E 395 44.55 73.33 -14.05
C ASP E 395 46.00 73.77 -14.10
N CYS E 396 46.89 73.00 -14.69
CA CYS E 396 48.26 73.48 -14.84
C CYS E 396 48.65 73.67 -16.30
N LEU E 397 48.20 72.81 -17.20
CA LEU E 397 48.52 73.02 -18.61
C LEU E 397 47.86 74.28 -19.13
N THR E 398 46.56 74.45 -18.90
CA THR E 398 45.88 75.62 -19.42
C THR E 398 46.50 76.94 -18.97
N PRO E 399 46.85 77.15 -17.70
CA PRO E 399 47.48 78.43 -17.34
C PRO E 399 48.78 78.71 -18.05
N TYR E 400 49.52 77.68 -18.46
CA TYR E 400 50.78 77.93 -19.18
C TYR E 400 50.54 78.81 -20.40
N ALA E 401 49.75 78.34 -21.33
CA ALA E 401 49.55 79.01 -22.60
C ALA E 401 48.78 80.32 -22.48
N LEU E 402 48.48 80.80 -21.29
CA LEU E 402 47.77 82.07 -21.17
C LEU E 402 48.63 83.25 -21.50
N ALA E 403 49.80 83.03 -22.07
CA ALA E 403 50.55 84.10 -22.69
C ALA E 403 50.46 83.93 -24.21
N PRO E 404 49.48 84.54 -24.87
CA PRO E 404 49.42 84.48 -26.32
C PRO E 404 50.49 85.38 -26.93
N ASN E 405 51.14 84.87 -27.97
CA ASN E 405 52.28 85.53 -28.62
C ASN E 405 53.45 85.66 -27.65
N ALA E 406 53.90 84.52 -27.12
CA ALA E 406 55.02 84.49 -26.18
C ALA E 406 55.76 83.16 -26.33
N THR E 407 56.76 82.96 -25.48
CA THR E 407 57.57 81.74 -25.50
C THR E 407 57.85 81.28 -24.08
N VAL E 408 58.00 79.97 -23.90
CA VAL E 408 58.21 79.35 -22.59
C VAL E 408 59.32 78.32 -22.71
N PRO E 409 59.79 77.74 -21.59
CA PRO E 409 60.70 76.60 -21.70
C PRO E 409 60.07 75.49 -22.53
N THR E 410 60.90 74.85 -23.35
CA THR E 410 60.42 73.76 -24.19
C THR E 410 59.90 72.61 -23.35
N ALA E 411 60.56 72.32 -22.22
CA ALA E 411 60.14 71.22 -21.36
C ALA E 411 58.67 71.30 -21.01
N LEU E 412 58.12 72.51 -20.95
CA LEU E 412 56.69 72.69 -20.80
C LEU E 412 55.99 73.04 -22.10
N ALA E 413 56.72 73.59 -23.07
CA ALA E 413 56.18 73.86 -24.39
C ALA E 413 55.88 72.61 -25.18
N VAL E 414 56.22 71.43 -24.65
CA VAL E 414 55.90 70.17 -25.30
C VAL E 414 54.57 69.60 -24.85
N LEU E 415 54.03 70.02 -23.71
CA LEU E 415 52.76 69.50 -23.23
C LEU E 415 51.58 70.44 -23.50
N CYS E 416 51.84 71.68 -23.90
CA CYS E 416 50.74 72.61 -24.17
C CYS E 416 50.05 72.32 -25.49
N CYS E 417 50.76 71.71 -26.44
CA CYS E 417 50.17 71.42 -27.74
C CYS E 417 49.10 70.34 -27.64
N ILE E 418 49.28 69.38 -26.74
CA ILE E 418 48.31 68.30 -26.55
C ILE E 418 47.46 68.58 -25.33
N GLN F 1 -32.93 -14.39 26.60
CA GLN F 1 -33.98 -13.71 25.88
C GLN F 1 -35.31 -14.41 26.09
N LEU F 2 -35.34 -15.71 25.80
CA LEU F 2 -36.50 -16.54 26.10
C LEU F 2 -36.03 -17.97 26.28
N HIS F 3 -36.78 -18.74 27.05
CA HIS F 3 -36.30 -20.05 27.47
C HIS F 3 -37.46 -21.00 27.71
N TYR F 4 -37.56 -22.05 26.90
CA TYR F 4 -38.53 -23.12 27.07
C TYR F 4 -37.82 -24.46 26.97
N THR F 5 -38.42 -25.48 27.58
CA THR F 5 -37.83 -26.81 27.68
C THR F 5 -38.79 -27.85 27.15
N VAL F 6 -38.30 -28.76 26.30
CA VAL F 6 -39.13 -29.78 25.68
C VAL F 6 -38.68 -31.14 26.18
N GLN F 7 -39.64 -32.04 26.36
CA GLN F 7 -39.36 -33.36 26.88
C GLN F 7 -38.99 -34.31 25.74
N GLU F 8 -38.35 -35.41 26.10
CA GLU F 8 -37.98 -36.42 25.12
C GLU F 8 -39.23 -37.15 24.62
N GLU F 9 -39.16 -37.63 23.37
CA GLU F 9 -40.21 -38.47 22.78
C GLU F 9 -41.54 -37.72 22.67
N GLN F 10 -41.55 -36.71 21.82
CA GLN F 10 -42.76 -36.00 21.49
C GLN F 10 -43.38 -36.56 20.22
N GLU F 11 -44.66 -36.24 20.02
CA GLU F 11 -45.52 -36.93 19.06
C GLU F 11 -46.18 -35.96 18.10
N HIS F 12 -45.38 -35.12 17.44
CA HIS F 12 -45.87 -34.26 16.37
C HIS F 12 -46.93 -33.28 16.87
N GLY F 13 -46.47 -32.33 17.67
CA GLY F 13 -47.28 -31.16 17.97
C GLY F 13 -48.07 -31.19 19.26
N THR F 14 -47.39 -31.38 20.39
CA THR F 14 -48.09 -31.32 21.67
C THR F 14 -48.25 -29.89 22.16
N PHE F 15 -47.16 -29.27 22.60
CA PHE F 15 -47.14 -27.88 23.04
C PHE F 15 -45.75 -27.48 23.49
N VAL F 16 -45.38 -26.21 23.32
CA VAL F 16 -44.11 -25.75 23.83
C VAL F 16 -44.30 -24.49 24.67
N GLY F 17 -44.88 -23.46 24.09
CA GLY F 17 -45.07 -22.23 24.82
C GLY F 17 -46.07 -21.34 24.14
N ASN F 18 -46.03 -20.06 24.50
CA ASN F 18 -46.92 -19.05 23.90
C ASN F 18 -46.14 -17.76 23.77
N ILE F 19 -45.54 -17.53 22.59
CA ILE F 19 -44.59 -16.45 22.44
C ILE F 19 -45.27 -15.09 22.55
N ALA F 20 -46.30 -14.86 21.73
CA ALA F 20 -46.95 -13.56 21.72
C ALA F 20 -47.56 -13.23 23.07
N GLU F 21 -47.96 -14.24 23.84
CA GLU F 21 -48.54 -13.97 25.14
C GLU F 21 -47.49 -13.52 26.14
N ASP F 22 -46.32 -14.15 26.12
CA ASP F 22 -45.28 -13.76 27.06
C ASP F 22 -44.63 -12.45 26.68
N LEU F 23 -44.58 -12.14 25.39
CA LEU F 23 -43.98 -10.90 24.95
C LEU F 23 -44.94 -9.72 24.96
N GLY F 24 -46.21 -9.96 25.26
CA GLY F 24 -47.11 -8.85 25.46
C GLY F 24 -47.71 -8.28 24.20
N LEU F 25 -47.00 -8.38 23.08
CA LEU F 25 -47.58 -8.00 21.81
C LEU F 25 -48.84 -8.83 21.56
N ASP F 26 -49.94 -8.15 21.27
CA ASP F 26 -51.25 -8.75 21.42
C ASP F 26 -51.73 -9.46 20.15
N ILE F 27 -52.70 -10.34 20.34
CA ILE F 27 -53.31 -11.08 19.25
C ILE F 27 -54.21 -10.15 18.46
N THR F 28 -54.70 -10.60 17.32
CA THR F 28 -55.67 -9.89 16.49
C THR F 28 -55.06 -8.70 15.79
N LYS F 29 -53.82 -8.39 16.09
CA LYS F 29 -53.11 -7.34 15.37
C LYS F 29 -51.87 -7.84 14.66
N LEU F 30 -51.24 -8.90 15.17
CA LEU F 30 -50.00 -9.36 14.57
C LEU F 30 -50.21 -10.01 13.22
N SER F 31 -51.45 -10.35 12.85
CA SER F 31 -51.68 -10.93 11.54
C SER F 31 -51.36 -9.95 10.42
N ALA F 32 -51.30 -8.65 10.72
CA ALA F 32 -50.98 -7.64 9.72
C ALA F 32 -49.59 -7.05 9.88
N ARG F 33 -48.98 -7.14 11.06
CA ARG F 33 -47.64 -6.59 11.26
C ARG F 33 -46.59 -7.32 10.45
N GLY F 34 -46.86 -8.55 10.02
CA GLY F 34 -45.91 -9.29 9.22
C GLY F 34 -45.17 -10.38 9.97
N PHE F 35 -45.90 -11.14 10.77
CA PHE F 35 -45.28 -12.11 11.66
C PHE F 35 -44.64 -13.24 10.84
N GLN F 36 -43.37 -13.52 11.10
CA GLN F 36 -42.58 -14.32 10.19
C GLN F 36 -41.46 -15.03 10.95
N THR F 37 -40.98 -16.13 10.36
CA THR F 37 -39.79 -16.80 10.83
C THR F 37 -38.60 -16.35 9.99
N VAL F 38 -37.43 -16.28 10.60
CA VAL F 38 -36.24 -15.79 9.91
C VAL F 38 -35.64 -16.92 9.09
N PRO F 39 -35.24 -16.68 7.83
CA PRO F 39 -34.61 -17.75 7.06
C PRO F 39 -33.30 -18.30 7.63
N ASN F 40 -32.60 -17.54 8.47
CA ASN F 40 -31.38 -18.05 9.09
C ASN F 40 -31.66 -18.71 10.44
N SER F 41 -32.58 -19.65 10.44
CA SER F 41 -33.13 -20.18 11.69
C SER F 41 -33.80 -21.52 11.38
N ARG F 42 -34.81 -21.88 12.17
CA ARG F 42 -35.79 -22.90 11.83
C ARG F 42 -35.21 -24.30 11.73
N THR F 43 -34.75 -24.81 12.86
CA THR F 43 -34.50 -26.24 13.03
C THR F 43 -35.65 -27.03 12.43
N PRO F 44 -35.39 -28.21 11.87
CA PRO F 44 -36.47 -28.96 11.20
C PRO F 44 -37.56 -29.47 12.12
N TYR F 45 -37.38 -29.40 13.45
CA TYR F 45 -38.25 -30.13 14.35
C TYR F 45 -39.46 -29.35 14.84
N LEU F 46 -39.50 -28.04 14.68
CA LEU F 46 -40.55 -27.23 15.28
C LEU F 46 -41.26 -26.42 14.22
N ASP F 47 -42.48 -25.99 14.52
CA ASP F 47 -43.26 -25.24 13.55
C ASP F 47 -44.09 -24.17 14.22
N LEU F 48 -44.32 -23.09 13.49
CA LEU F 48 -45.02 -21.93 13.99
C LEU F 48 -46.46 -21.95 13.52
N ASN F 49 -47.25 -21.07 14.11
CA ASN F 49 -48.69 -20.98 13.85
C ASN F 49 -49.01 -19.49 13.87
N LEU F 50 -48.93 -18.86 12.70
CA LEU F 50 -48.91 -17.41 12.61
C LEU F 50 -50.15 -16.75 13.17
N GLU F 51 -51.18 -17.51 13.51
CA GLU F 51 -52.43 -16.90 13.95
C GLU F 51 -52.50 -16.76 15.46
N THR F 52 -52.30 -17.84 16.20
CA THR F 52 -52.45 -17.83 17.65
C THR F 52 -51.13 -17.91 18.39
N GLY F 53 -50.01 -17.73 17.71
CA GLY F 53 -48.71 -17.65 18.34
C GLY F 53 -48.36 -18.75 19.31
N VAL F 54 -48.43 -20.01 18.88
CA VAL F 54 -48.06 -21.15 19.70
C VAL F 54 -47.02 -21.96 18.93
N LEU F 55 -46.26 -22.76 19.66
CA LEU F 55 -45.18 -23.55 19.09
C LEU F 55 -45.57 -25.02 19.03
N TYR F 56 -45.44 -25.62 17.85
CA TYR F 56 -45.73 -27.02 17.61
C TYR F 56 -44.59 -27.91 18.07
N VAL F 57 -44.64 -29.17 17.64
CA VAL F 57 -43.48 -30.03 17.49
C VAL F 57 -43.69 -30.78 16.18
N ASN F 58 -42.74 -30.68 15.25
CA ASN F 58 -43.00 -31.22 13.92
C ASN F 58 -42.75 -32.73 13.84
N GLU F 59 -41.51 -33.16 13.99
CA GLU F 59 -41.22 -34.59 13.94
C GLU F 59 -40.60 -35.05 15.24
N LYS F 60 -40.73 -36.35 15.50
CA LYS F 60 -40.38 -36.91 16.79
C LYS F 60 -38.93 -36.57 17.14
N ILE F 61 -38.71 -36.22 18.40
CA ILE F 61 -37.41 -35.74 18.84
C ILE F 61 -36.49 -36.93 19.11
N ASP F 62 -35.24 -36.79 18.70
CA ASP F 62 -34.25 -37.86 18.83
C ASP F 62 -32.97 -37.28 19.42
N ARG F 63 -32.72 -37.56 20.69
CA ARG F 63 -31.58 -36.96 21.37
C ARG F 63 -30.26 -37.35 20.72
N GLU F 64 -30.19 -38.57 20.18
CA GLU F 64 -28.94 -39.04 19.60
C GLU F 64 -28.50 -38.18 18.43
N GLN F 65 -29.42 -37.89 17.52
CA GLN F 65 -29.05 -37.09 16.36
C GLN F 65 -28.98 -35.61 16.68
N ILE F 66 -29.78 -35.13 17.63
CA ILE F 66 -29.92 -33.69 17.79
C ILE F 66 -28.68 -33.08 18.42
N CYS F 67 -28.11 -33.71 19.42
CA CYS F 67 -26.91 -33.13 20.01
C CYS F 67 -25.75 -34.11 19.89
N LYS F 68 -25.62 -34.66 18.70
CA LYS F 68 -24.37 -35.20 18.20
C LYS F 68 -23.54 -34.15 17.48
N GLN F 69 -24.10 -32.97 17.23
CA GLN F 69 -23.35 -31.89 16.61
C GLN F 69 -23.17 -30.66 17.50
N SER F 70 -24.05 -30.43 18.46
CA SER F 70 -23.87 -29.34 19.43
C SER F 70 -24.00 -29.95 20.81
N PRO F 71 -22.88 -30.30 21.44
CA PRO F 71 -22.95 -31.13 22.67
C PRO F 71 -23.89 -30.60 23.73
N SER F 72 -23.87 -29.30 24.01
CA SER F 72 -24.91 -28.73 24.84
C SER F 72 -26.22 -28.80 24.07
N CYS F 73 -27.10 -29.71 24.46
CA CYS F 73 -28.27 -30.03 23.65
C CYS F 73 -29.25 -28.86 23.72
N VAL F 74 -29.22 -27.98 22.72
CA VAL F 74 -30.07 -26.80 22.64
C VAL F 74 -30.53 -26.60 21.20
N LEU F 75 -31.49 -25.70 21.02
CA LEU F 75 -32.06 -25.41 19.70
C LEU F 75 -32.37 -23.93 19.59
N HIS F 76 -32.12 -23.35 18.41
CA HIS F 76 -32.19 -21.92 18.21
C HIS F 76 -33.28 -21.56 17.21
N LEU F 77 -33.82 -20.35 17.34
CA LEU F 77 -34.97 -19.91 16.56
C LEU F 77 -35.21 -18.42 16.77
N GLU F 78 -35.61 -17.73 15.71
CA GLU F 78 -35.86 -16.29 15.77
C GLU F 78 -37.13 -15.93 15.00
N VAL F 79 -37.72 -14.80 15.38
CA VAL F 79 -38.90 -14.24 14.72
C VAL F 79 -38.72 -12.74 14.58
N PHE F 80 -39.45 -12.16 13.62
CA PHE F 80 -39.37 -10.71 13.41
C PHE F 80 -40.70 -10.18 12.88
N LEU F 81 -40.92 -8.89 13.10
CA LEU F 81 -42.14 -8.20 12.70
C LEU F 81 -41.78 -6.88 12.03
N GLU F 82 -42.77 -6.26 11.41
CA GLU F 82 -42.57 -5.01 10.70
C GLU F 82 -43.54 -3.96 11.19
N ASN F 83 -43.25 -2.70 10.84
CA ASN F 83 -44.06 -1.53 11.18
C ASN F 83 -44.26 -1.36 12.68
N PRO F 84 -43.22 -1.03 13.45
CA PRO F 84 -41.78 -0.94 13.14
C PRO F 84 -41.07 -2.26 13.38
N LEU F 85 -39.79 -2.33 13.01
CA LEU F 85 -39.10 -3.61 12.91
C LEU F 85 -38.57 -4.07 14.26
N GLU F 86 -38.66 -5.37 14.52
CA GLU F 86 -38.19 -5.97 15.77
C GLU F 86 -37.46 -7.28 15.47
N LEU F 87 -36.86 -7.86 16.51
CA LEU F 87 -36.09 -9.09 16.35
C LEU F 87 -35.92 -9.78 17.69
N PHE F 88 -36.49 -10.98 17.84
CA PHE F 88 -36.52 -11.69 19.11
C PHE F 88 -35.83 -13.04 19.00
N GLN F 89 -35.47 -13.60 20.15
CA GLN F 89 -34.73 -14.85 20.19
C GLN F 89 -35.36 -15.84 21.17
N VAL F 90 -35.34 -17.12 20.82
CA VAL F 90 -35.93 -18.18 21.60
C VAL F 90 -34.96 -19.36 21.66
N GLU F 91 -34.85 -20.00 22.81
CA GLU F 91 -34.04 -21.21 22.93
C GLU F 91 -34.81 -22.33 23.59
N ILE F 92 -34.59 -23.54 23.09
CA ILE F 92 -35.28 -24.75 23.53
C ILE F 92 -34.22 -25.79 23.89
N GLU F 93 -34.50 -26.57 24.91
CA GLU F 93 -33.56 -27.54 25.42
C GLU F 93 -34.25 -28.88 25.56
N VAL F 94 -33.52 -29.95 25.26
CA VAL F 94 -34.07 -31.30 25.28
C VAL F 94 -33.66 -31.97 26.58
N LEU F 95 -34.64 -32.42 27.35
CA LEU F 95 -34.38 -33.00 28.66
C LEU F 95 -34.25 -34.52 28.55
N ASP F 96 -34.27 -35.19 29.70
CA ASP F 96 -34.16 -36.64 29.74
C ASP F 96 -34.79 -37.17 31.02
N PHE G 1 -67.71 36.65 -3.94
CA PHE G 1 -66.76 37.74 -3.82
C PHE G 1 -65.35 37.26 -4.06
N GLU G 2 -64.70 37.77 -5.09
CA GLU G 2 -63.40 37.27 -5.49
C GLU G 2 -62.28 37.99 -4.76
N HIS G 3 -61.12 37.36 -4.75
CA HIS G 3 -59.91 37.95 -4.21
C HIS G 3 -58.72 37.16 -4.75
N ALA G 4 -57.70 37.89 -5.19
CA ALA G 4 -56.54 37.28 -5.81
C ALA G 4 -55.28 37.70 -5.09
N THR G 5 -54.38 36.75 -4.85
CA THR G 5 -53.12 37.02 -4.16
C THR G 5 -52.01 36.19 -4.81
N THR G 6 -50.78 36.48 -4.42
CA THR G 6 -49.62 35.68 -4.77
C THR G 6 -49.11 35.01 -3.51
N VAL G 7 -48.64 33.77 -3.64
CA VAL G 7 -48.14 33.01 -2.49
C VAL G 7 -46.75 32.47 -2.81
N PRO G 8 -45.78 32.62 -1.92
CA PRO G 8 -44.47 31.99 -2.14
C PRO G 8 -44.52 30.49 -1.87
N ASN G 9 -43.71 29.76 -2.63
CA ASN G 9 -43.77 28.30 -2.63
C ASN G 9 -42.77 27.73 -1.63
N VAL G 10 -43.10 27.88 -0.36
CA VAL G 10 -42.28 27.31 0.71
C VAL G 10 -43.19 26.67 1.75
N PRO G 11 -42.99 25.40 2.09
CA PRO G 11 -43.92 24.73 3.02
C PRO G 11 -43.74 25.20 4.45
N GLY G 12 -44.85 25.13 5.19
CA GLY G 12 -44.82 25.44 6.61
C GLY G 12 -44.61 26.90 6.95
N ILE G 13 -45.01 27.81 6.07
CA ILE G 13 -44.87 29.24 6.33
C ILE G 13 -46.18 29.92 5.98
N PRO G 14 -46.99 30.31 6.95
CA PRO G 14 -48.26 30.97 6.63
C PRO G 14 -48.05 32.29 5.91
N TYR G 15 -49.05 32.68 5.13
CA TYR G 15 -49.09 33.95 4.44
C TYR G 15 -50.42 34.60 4.75
N LYS G 16 -50.39 35.81 5.29
CA LYS G 16 -51.59 36.44 5.81
C LYS G 16 -52.02 37.60 4.92
N ALA G 17 -53.32 37.87 4.90
CA ALA G 17 -53.89 38.96 4.12
C ALA G 17 -55.27 39.29 4.67
N LEU G 18 -55.79 40.45 4.27
CA LEU G 18 -57.07 40.93 4.76
C LEU G 18 -57.87 41.48 3.58
N VAL G 19 -59.10 41.01 3.44
CA VAL G 19 -59.96 41.39 2.33
C VAL G 19 -60.89 42.50 2.80
N GLU G 20 -60.90 43.61 2.07
CA GLU G 20 -61.63 44.81 2.48
C GLU G 20 -62.89 44.92 1.65
N ARG G 21 -63.96 44.28 2.10
CA ARG G 21 -65.23 44.48 1.44
C ARG G 21 -65.79 45.84 1.83
N ALA G 22 -66.32 46.56 0.84
CA ALA G 22 -66.73 47.93 1.05
C ALA G 22 -67.85 48.03 2.08
N GLY G 23 -68.67 47.00 2.19
CA GLY G 23 -69.88 47.13 2.98
C GLY G 23 -69.84 46.53 4.36
N TYR G 24 -68.86 45.67 4.65
CA TYR G 24 -68.86 44.97 5.92
C TYR G 24 -67.55 45.13 6.67
N ALA G 25 -67.38 44.37 7.74
CA ALA G 25 -66.16 44.37 8.51
C ALA G 25 -65.10 43.51 7.84
N PRO G 26 -63.83 43.88 7.92
CA PRO G 26 -62.79 43.14 7.21
C PRO G 26 -62.67 41.70 7.69
N LEU G 27 -62.01 40.89 6.88
CA LEU G 27 -61.95 39.45 7.11
C LEU G 27 -60.52 38.94 6.94
N ASN G 28 -60.07 38.15 7.90
CA ASN G 28 -58.71 37.62 7.91
C ASN G 28 -58.63 36.34 7.09
N LEU G 29 -57.41 36.02 6.65
CA LEU G 29 -57.21 34.93 5.72
C LEU G 29 -55.78 34.44 5.85
N GLU G 30 -55.60 33.13 5.85
CA GLU G 30 -54.27 32.53 5.96
C GLU G 30 -54.17 31.31 5.07
N ILE G 31 -53.07 31.21 4.33
CA ILE G 31 -52.88 30.18 3.32
C ILE G 31 -51.53 29.52 3.55
N THR G 32 -51.54 28.25 3.92
CA THR G 32 -50.31 27.50 4.13
C THR G 32 -50.23 26.31 3.18
N VAL G 33 -49.02 26.00 2.74
CA VAL G 33 -48.74 24.88 1.86
C VAL G 33 -48.22 23.72 2.70
N VAL G 34 -48.85 22.56 2.58
CA VAL G 34 -48.55 21.42 3.45
C VAL G 34 -47.70 20.38 2.73
N SER G 35 -47.90 20.16 1.43
CA SER G 35 -47.10 19.18 0.71
C SER G 35 -47.24 19.40 -0.78
N SER G 36 -46.14 19.15 -1.50
CA SER G 36 -46.13 19.27 -2.94
C SER G 36 -45.52 18.01 -3.55
N GLU G 37 -45.85 17.76 -4.81
CA GLU G 37 -45.35 16.61 -5.54
C GLU G 37 -45.11 16.99 -7.01
N LEU G 38 -44.14 16.32 -7.62
CA LEU G 38 -43.79 16.54 -9.01
C LEU G 38 -43.60 15.19 -9.67
N THR G 39 -44.46 14.85 -10.64
CA THR G 39 -44.50 13.51 -11.19
C THR G 39 -44.45 13.55 -12.72
N PRO G 40 -43.44 12.97 -13.34
CA PRO G 40 -43.34 13.01 -14.81
C PRO G 40 -43.95 11.79 -15.48
N SER G 41 -43.92 11.74 -16.81
CA SER G 41 -44.45 10.62 -17.56
C SER G 41 -43.32 9.81 -18.19
N THR G 42 -43.43 8.49 -18.12
CA THR G 42 -42.32 7.58 -18.34
C THR G 42 -42.76 6.42 -19.20
N ASN G 43 -41.78 5.76 -19.83
CA ASN G 43 -42.03 4.46 -20.43
C ASN G 43 -40.73 3.67 -20.50
N LYS G 44 -40.88 2.35 -20.51
CA LYS G 44 -39.79 1.43 -20.23
C LYS G 44 -39.09 0.97 -21.50
N GLU G 45 -37.77 0.85 -21.43
CA GLU G 45 -36.96 0.41 -22.57
C GLU G 45 -36.55 -1.06 -22.44
N TYR G 46 -35.84 -1.41 -21.37
CA TYR G 46 -35.41 -2.80 -21.19
C TYR G 46 -34.93 -3.02 -19.77
N VAL G 47 -34.61 -4.27 -19.47
CA VAL G 47 -34.07 -4.68 -18.18
C VAL G 47 -32.70 -5.31 -18.42
N THR G 48 -31.84 -5.22 -17.40
CA THR G 48 -30.47 -5.67 -17.58
C THR G 48 -29.95 -6.24 -16.27
N CYS G 49 -29.12 -7.27 -16.38
CA CYS G 49 -28.44 -7.85 -15.23
C CYS G 49 -27.23 -8.62 -15.74
N LYS G 50 -26.65 -9.45 -14.88
CA LYS G 50 -25.48 -10.24 -15.24
C LYS G 50 -25.87 -11.48 -16.04
N PHE G 51 -24.98 -11.93 -16.91
CA PHE G 51 -25.29 -13.04 -17.79
C PHE G 51 -24.68 -14.34 -17.28
N HIS G 52 -25.10 -15.43 -17.90
CA HIS G 52 -24.67 -16.78 -17.54
C HIS G 52 -24.37 -17.52 -18.82
N THR G 53 -23.12 -17.94 -18.99
CA THR G 53 -22.68 -18.60 -20.22
C THR G 53 -22.94 -20.10 -20.11
N VAL G 54 -23.75 -20.64 -21.01
CA VAL G 54 -24.09 -22.05 -21.01
C VAL G 54 -23.37 -22.71 -22.17
N ILE G 55 -22.66 -23.80 -21.86
CA ILE G 55 -21.87 -24.52 -22.86
C ILE G 55 -22.35 -25.97 -22.91
N PRO G 56 -22.97 -26.41 -24.00
CA PRO G 56 -23.53 -27.76 -24.02
C PRO G 56 -22.47 -28.84 -24.16
N SER G 57 -22.91 -30.07 -24.30
CA SER G 57 -22.02 -31.21 -24.49
C SER G 57 -21.68 -31.36 -25.97
N PRO G 58 -20.42 -31.43 -26.33
CA PRO G 58 -20.06 -31.46 -27.75
C PRO G 58 -20.43 -32.79 -28.39
N GLN G 59 -20.59 -32.76 -29.71
CA GLN G 59 -20.88 -33.96 -30.47
C GLN G 59 -19.73 -34.25 -31.43
N VAL G 60 -19.42 -35.52 -31.60
CA VAL G 60 -18.34 -35.95 -32.45
C VAL G 60 -18.85 -37.00 -33.42
N LYS G 61 -18.27 -37.02 -34.61
CA LYS G 61 -18.59 -37.98 -35.65
C LYS G 61 -17.28 -38.68 -36.01
N CYS G 62 -17.27 -40.01 -35.92
CA CYS G 62 -16.00 -40.72 -35.89
C CYS G 62 -15.18 -40.48 -37.14
N CYS G 63 -15.62 -40.97 -38.30
CA CYS G 63 -14.86 -40.66 -39.50
C CYS G 63 -15.78 -40.24 -40.64
N GLY G 64 -16.63 -39.26 -40.36
CA GLY G 64 -17.40 -38.56 -41.37
C GLY G 64 -17.13 -37.06 -41.31
N SER G 65 -18.16 -36.23 -41.42
CA SER G 65 -17.98 -34.79 -41.36
C SER G 65 -19.29 -34.10 -40.97
N LEU G 66 -19.15 -32.90 -40.41
CA LEU G 66 -20.25 -32.11 -39.88
C LEU G 66 -20.14 -30.67 -40.35
N GLU G 67 -21.27 -29.97 -40.33
CA GLU G 67 -21.27 -28.53 -40.58
C GLU G 67 -22.40 -27.88 -39.79
N CYS G 68 -22.35 -26.56 -39.69
CA CYS G 68 -23.10 -25.82 -38.69
C CYS G 68 -24.40 -25.26 -39.25
N LYS G 69 -25.44 -25.28 -38.42
CA LYS G 69 -26.72 -24.65 -38.70
C LYS G 69 -26.75 -23.27 -38.05
N ALA G 70 -27.92 -22.65 -38.02
CA ALA G 70 -28.06 -21.35 -37.39
C ALA G 70 -29.34 -21.32 -36.56
N SER G 71 -29.27 -20.72 -35.38
CA SER G 71 -30.38 -20.69 -34.45
C SER G 71 -30.62 -19.27 -33.97
N SER G 72 -31.57 -19.11 -33.06
CA SER G 72 -32.07 -17.82 -32.63
C SER G 72 -31.61 -17.40 -31.24
N LYS G 73 -30.91 -18.26 -30.52
CA LYS G 73 -30.51 -17.97 -29.15
C LYS G 73 -29.58 -16.76 -29.11
N ALA G 74 -29.35 -16.28 -27.90
CA ALA G 74 -28.63 -15.03 -27.71
C ALA G 74 -27.13 -15.22 -27.89
N ASP G 75 -26.56 -14.52 -28.88
CA ASP G 75 -25.14 -14.57 -29.17
C ASP G 75 -24.67 -16.00 -29.42
N TYR G 76 -25.20 -16.59 -30.47
CA TYR G 76 -24.85 -17.96 -30.85
C TYR G 76 -23.51 -17.98 -31.55
N THR G 77 -22.71 -19.01 -31.27
CA THR G 77 -21.39 -19.15 -31.86
C THR G 77 -21.08 -20.63 -32.06
N CYS G 78 -20.45 -20.97 -33.19
CA CYS G 78 -20.24 -22.37 -33.54
C CYS G 78 -18.98 -22.51 -34.39
N ARG G 79 -18.27 -23.62 -34.23
CA ARG G 79 -17.07 -23.89 -35.00
C ARG G 79 -16.81 -25.40 -35.08
N VAL G 80 -16.07 -25.80 -36.11
CA VAL G 80 -15.77 -27.20 -36.39
C VAL G 80 -14.26 -27.37 -36.46
N PHE G 81 -13.77 -28.54 -36.02
CA PHE G 81 -12.34 -28.79 -35.93
C PHE G 81 -11.97 -30.12 -36.59
N GLY G 82 -10.68 -30.26 -36.91
CA GLY G 82 -10.19 -31.35 -37.74
C GLY G 82 -10.03 -32.69 -37.05
N GLY G 83 -8.94 -33.41 -37.34
CA GLY G 83 -8.75 -34.74 -36.76
C GLY G 83 -8.19 -34.67 -35.35
N VAL G 84 -8.87 -35.34 -34.42
CA VAL G 84 -8.61 -35.09 -33.00
C VAL G 84 -8.27 -36.33 -32.16
N TYR G 85 -9.07 -37.40 -32.26
CA TYR G 85 -8.85 -38.60 -31.45
C TYR G 85 -8.97 -38.36 -29.94
N PRO G 86 -10.18 -38.21 -29.39
CA PRO G 86 -10.34 -37.86 -27.99
C PRO G 86 -10.49 -39.06 -27.04
N PHE G 87 -10.32 -38.78 -25.74
CA PHE G 87 -10.15 -39.79 -24.71
C PHE G 87 -11.05 -39.53 -23.50
N MET G 88 -11.57 -40.60 -22.90
CA MET G 88 -12.29 -40.51 -21.63
C MET G 88 -11.76 -41.57 -20.68
N TRP G 89 -12.45 -41.82 -19.56
CA TRP G 89 -11.92 -42.74 -18.56
C TRP G 89 -11.72 -44.15 -19.13
N GLY G 90 -12.67 -44.63 -19.93
CA GLY G 90 -12.54 -45.96 -20.48
C GLY G 90 -11.53 -46.09 -21.59
N GLY G 91 -11.08 -44.99 -22.18
CA GLY G 91 -10.09 -45.04 -23.24
C GLY G 91 -10.42 -44.22 -24.47
N ALA G 92 -9.96 -44.69 -25.63
CA ALA G 92 -10.21 -44.00 -26.89
C ALA G 92 -11.64 -44.23 -27.34
N GLN G 93 -12.20 -43.22 -28.02
CA GLN G 93 -13.64 -43.20 -28.26
C GLN G 93 -14.06 -43.32 -29.72
N CYS G 94 -13.15 -43.34 -30.69
CA CYS G 94 -13.50 -43.62 -32.08
C CYS G 94 -12.60 -44.70 -32.66
N PHE G 95 -12.80 -45.02 -33.93
CA PHE G 95 -12.14 -46.14 -34.58
C PHE G 95 -11.39 -45.80 -35.86
N CYS G 96 -11.54 -44.59 -36.37
CA CYS G 96 -10.68 -44.05 -37.42
C CYS G 96 -9.76 -43.03 -36.77
N ASP G 97 -8.46 -43.18 -36.93
CA ASP G 97 -7.53 -42.41 -36.09
C ASP G 97 -7.21 -41.02 -36.63
N SER G 98 -7.74 -40.63 -37.78
CA SER G 98 -7.83 -39.21 -38.13
C SER G 98 -9.21 -38.95 -38.71
N GLU G 99 -9.42 -37.76 -39.28
CA GLU G 99 -10.71 -37.33 -39.82
C GLU G 99 -11.84 -37.57 -38.80
N ASN G 100 -11.79 -36.80 -37.71
CA ASN G 100 -12.63 -37.02 -36.53
C ASN G 100 -13.27 -35.71 -36.03
N THR G 101 -13.98 -35.00 -36.91
CA THR G 101 -14.48 -33.66 -36.60
C THR G 101 -15.24 -33.59 -35.27
N GLN G 102 -15.29 -32.37 -34.70
CA GLN G 102 -15.96 -32.08 -33.43
C GLN G 102 -16.60 -30.70 -33.47
N LEU G 103 -17.78 -30.56 -32.84
CA LEU G 103 -18.56 -29.34 -32.88
C LEU G 103 -18.67 -28.70 -31.50
N SER G 104 -18.76 -27.36 -31.47
CA SER G 104 -18.76 -26.59 -30.24
C SER G 104 -19.77 -25.46 -30.31
N GLU G 105 -20.46 -25.19 -29.19
CA GLU G 105 -21.53 -24.21 -29.13
C GLU G 105 -21.41 -23.36 -27.88
N ALA G 106 -22.13 -22.23 -27.85
CA ALA G 106 -22.15 -21.35 -26.69
C ALA G 106 -23.24 -20.29 -26.85
N TYR G 107 -23.85 -19.90 -25.74
CA TYR G 107 -24.80 -18.79 -25.70
C TYR G 107 -25.01 -18.34 -24.25
N VAL G 108 -25.78 -17.27 -24.08
CA VAL G 108 -25.91 -16.60 -22.79
C VAL G 108 -27.37 -16.57 -22.34
N GLU G 109 -27.55 -16.41 -21.02
CA GLU G 109 -28.87 -16.37 -20.39
C GLU G 109 -28.85 -15.37 -19.25
N PHE G 110 -29.91 -15.38 -18.45
CA PHE G 110 -30.03 -14.61 -17.22
C PHE G 110 -29.65 -15.45 -16.02
N ALA G 111 -28.86 -14.88 -15.12
CA ALA G 111 -28.50 -15.56 -13.89
C ALA G 111 -29.75 -15.83 -13.07
N PRO G 112 -29.74 -16.86 -12.21
CA PRO G 112 -30.96 -17.20 -11.45
C PRO G 112 -31.26 -16.24 -10.31
N ASP G 113 -30.33 -15.38 -9.93
CA ASP G 113 -30.51 -14.42 -8.85
C ASP G 113 -30.92 -13.04 -9.33
N CYS G 114 -31.18 -12.87 -10.63
CA CYS G 114 -31.47 -11.54 -11.15
C CYS G 114 -32.84 -11.04 -10.77
N THR G 115 -33.70 -11.89 -10.18
CA THR G 115 -35.01 -11.44 -9.75
C THR G 115 -34.95 -10.40 -8.64
N ILE G 116 -33.77 -10.16 -8.06
CA ILE G 116 -33.60 -9.13 -7.05
C ILE G 116 -32.57 -8.08 -7.45
N ASP G 117 -31.63 -8.39 -8.33
CA ASP G 117 -30.57 -7.48 -8.72
C ASP G 117 -30.68 -7.17 -10.20
N HIS G 118 -31.48 -6.16 -10.54
CA HIS G 118 -31.61 -5.75 -11.93
C HIS G 118 -31.83 -4.26 -12.00
N ALA G 119 -31.86 -3.74 -13.22
CA ALA G 119 -32.04 -2.31 -13.46
C ALA G 119 -33.08 -2.10 -14.55
N VAL G 120 -33.65 -0.89 -14.57
CA VAL G 120 -34.66 -0.53 -15.55
C VAL G 120 -34.23 0.78 -16.20
N ALA G 121 -34.50 0.91 -17.49
CA ALA G 121 -34.10 2.07 -18.28
C ALA G 121 -35.34 2.81 -18.76
N LEU G 122 -35.40 4.11 -18.50
CA LEU G 122 -36.61 4.90 -18.70
C LEU G 122 -36.32 6.19 -19.44
N LYS G 123 -37.32 6.69 -20.14
CA LYS G 123 -37.32 8.01 -20.76
C LYS G 123 -38.41 8.87 -20.11
N VAL G 124 -38.13 10.16 -19.92
CA VAL G 124 -39.03 11.02 -19.17
C VAL G 124 -39.42 12.24 -20.01
N HIS G 125 -40.45 12.92 -19.55
CA HIS G 125 -41.16 13.93 -20.32
C HIS G 125 -41.49 15.09 -19.40
N THR G 126 -42.42 15.93 -19.84
CA THR G 126 -42.86 17.09 -19.06
C THR G 126 -43.40 16.67 -17.70
N ALA G 127 -43.26 17.56 -16.74
CA ALA G 127 -43.65 17.32 -15.36
C ALA G 127 -44.89 18.13 -14.99
N ALA G 128 -45.57 17.66 -13.95
CA ALA G 128 -46.75 18.33 -13.42
C ALA G 128 -46.53 18.61 -11.94
N LEU G 129 -47.35 19.49 -11.39
CA LEU G 129 -47.23 19.86 -9.98
C LEU G 129 -48.59 19.82 -9.31
N LYS G 130 -48.62 19.37 -8.06
CA LYS G 130 -49.85 19.17 -7.32
C LYS G 130 -49.60 19.47 -5.85
N VAL G 131 -50.48 20.25 -5.23
CA VAL G 131 -50.24 20.77 -3.89
C VAL G 131 -51.42 20.49 -2.98
N GLY G 132 -51.16 20.55 -1.68
CA GLY G 132 -52.19 20.43 -0.67
C GLY G 132 -52.19 21.60 0.27
N LEU G 133 -53.32 22.30 0.40
CA LEU G 133 -53.39 23.58 1.09
C LEU G 133 -54.24 23.48 2.35
N ARG G 134 -53.97 24.39 3.30
CA ARG G 134 -54.83 24.60 4.46
C ARG G 134 -55.25 26.05 4.48
N ILE G 135 -56.56 26.29 4.53
CA ILE G 135 -57.12 27.63 4.37
C ILE G 135 -58.03 27.92 5.54
N VAL G 136 -57.78 29.03 6.24
CA VAL G 136 -58.64 29.48 7.31
C VAL G 136 -59.21 30.83 6.91
N TYR G 137 -60.51 30.99 7.15
CA TYR G 137 -61.18 32.24 6.85
C TYR G 137 -62.25 32.43 7.91
N GLY G 138 -62.18 33.54 8.62
CA GLY G 138 -63.14 33.76 9.68
C GLY G 138 -62.97 32.73 10.78
N ASN G 139 -63.89 31.78 10.87
CA ASN G 139 -63.92 30.84 11.96
C ASN G 139 -64.08 29.40 11.47
N THR G 140 -63.55 29.08 10.29
CA THR G 140 -63.65 27.74 9.75
C THR G 140 -62.35 27.37 9.05
N THR G 141 -62.01 26.09 9.07
CA THR G 141 -60.83 25.58 8.40
C THR G 141 -61.22 24.60 7.30
N ALA G 142 -60.32 24.44 6.32
CA ALA G 142 -60.58 23.60 5.16
C ALA G 142 -59.28 23.08 4.60
N HIS G 143 -59.33 21.86 4.05
CA HIS G 143 -58.21 21.21 3.38
C HIS G 143 -58.61 20.84 1.96
N LEU G 144 -57.64 20.81 1.06
CA LEU G 144 -57.93 20.45 -0.32
C LEU G 144 -56.64 20.29 -1.11
N ASP G 145 -56.75 19.65 -2.28
CA ASP G 145 -55.65 19.42 -3.20
C ASP G 145 -56.05 19.85 -4.59
N THR G 146 -55.12 20.48 -5.30
CA THR G 146 -55.41 20.98 -6.66
C THR G 146 -54.23 20.73 -7.58
N PHE G 147 -54.50 20.87 -8.87
CA PHE G 147 -53.47 20.87 -9.91
C PHE G 147 -53.14 22.30 -10.28
N VAL G 148 -51.86 22.64 -10.26
CA VAL G 148 -51.44 24.00 -10.61
C VAL G 148 -51.15 24.00 -12.12
N ASN G 149 -52.20 24.22 -12.89
CA ASN G 149 -52.03 24.31 -14.34
C ASN G 149 -52.54 25.63 -14.91
N GLY G 150 -53.68 26.10 -14.43
CA GLY G 150 -54.18 27.40 -14.84
C GLY G 150 -55.67 27.43 -15.00
N VAL G 151 -56.29 26.27 -15.15
CA VAL G 151 -57.71 26.20 -15.51
C VAL G 151 -58.49 25.34 -14.54
N THR G 152 -58.00 24.13 -14.28
CA THR G 152 -58.75 23.12 -13.54
C THR G 152 -59.26 23.64 -12.20
N PRO G 153 -60.56 23.57 -11.96
CA PRO G 153 -61.09 24.02 -10.67
C PRO G 153 -60.69 23.09 -9.55
N GLY G 154 -60.93 23.51 -8.32
CA GLY G 154 -60.34 22.90 -7.16
C GLY G 154 -61.20 21.80 -6.55
N SER G 155 -61.69 22.09 -5.36
CA SER G 155 -62.18 21.04 -4.49
C SER G 155 -63.41 21.45 -3.69
N SER G 156 -63.62 20.78 -2.57
CA SER G 156 -64.92 20.36 -2.06
C SER G 156 -65.88 21.52 -1.80
N ARG G 157 -66.84 21.66 -2.70
CA ARG G 157 -68.26 21.89 -2.41
C ARG G 157 -68.58 23.09 -1.54
N ASP G 158 -67.60 23.80 -1.09
CA ASP G 158 -67.89 24.93 -0.23
C ASP G 158 -67.07 26.14 -0.63
N LEU G 159 -65.98 25.94 -1.34
CA LEU G 159 -64.99 26.98 -1.59
C LEU G 159 -64.40 26.73 -2.96
N LYS G 160 -64.65 27.62 -3.89
CA LYS G 160 -64.04 27.52 -5.20
C LYS G 160 -62.64 28.12 -5.16
N VAL G 161 -61.69 27.43 -5.79
CA VAL G 161 -60.32 27.88 -5.83
C VAL G 161 -59.66 27.37 -7.10
N ILE G 162 -58.88 28.23 -7.76
CA ILE G 162 -58.10 27.83 -8.92
C ILE G 162 -56.71 28.44 -8.81
N ALA G 163 -55.70 27.65 -9.12
CA ALA G 163 -54.31 28.03 -8.99
C ALA G 163 -53.66 28.15 -10.37
N GLY G 164 -52.35 28.38 -10.37
CA GLY G 164 -51.58 28.33 -11.60
C GLY G 164 -51.63 29.63 -12.37
N PRO G 165 -50.67 29.82 -13.29
CA PRO G 165 -49.53 28.94 -13.54
C PRO G 165 -48.28 29.30 -12.75
N ILE G 166 -47.26 28.45 -12.81
CA ILE G 166 -46.03 28.65 -12.07
C ILE G 166 -45.16 29.67 -12.79
N SER G 167 -44.34 30.38 -12.03
CA SER G 167 -43.48 31.42 -12.57
C SER G 167 -42.08 30.94 -12.90
N ALA G 168 -41.87 29.62 -12.97
CA ALA G 168 -40.56 29.09 -13.30
C ALA G 168 -40.71 27.61 -13.60
N ALA G 169 -40.02 27.14 -14.63
CA ALA G 169 -40.07 25.74 -15.02
C ALA G 169 -38.79 25.06 -14.58
N PHE G 170 -38.92 23.99 -13.80
CA PHE G 170 -37.74 23.33 -13.26
C PHE G 170 -38.06 21.86 -13.03
N SER G 171 -37.17 20.99 -13.52
CA SER G 171 -37.32 19.57 -13.32
C SER G 171 -35.91 19.06 -13.03
N PRO G 172 -35.73 18.25 -11.98
CA PRO G 172 -34.40 17.69 -11.70
C PRO G 172 -34.04 16.50 -12.58
N PHE G 173 -34.98 15.98 -13.37
CA PHE G 173 -34.76 14.78 -14.15
C PHE G 173 -34.24 15.11 -15.54
N ASP G 174 -33.24 14.37 -15.98
CA ASP G 174 -32.73 14.49 -17.34
C ASP G 174 -33.58 13.68 -18.29
N HIS G 175 -33.13 13.43 -19.51
CA HIS G 175 -33.92 12.70 -20.48
C HIS G 175 -33.81 11.18 -20.35
N LYS G 176 -32.83 10.67 -19.61
CA LYS G 176 -32.63 9.24 -19.46
C LYS G 176 -32.29 8.91 -18.02
N VAL G 177 -32.99 7.93 -17.45
CA VAL G 177 -32.90 7.64 -16.02
C VAL G 177 -32.81 6.13 -15.80
N VAL G 178 -32.01 5.72 -14.82
CA VAL G 178 -31.83 4.32 -14.42
C VAL G 178 -32.32 4.16 -12.99
N ILE G 179 -32.86 2.97 -12.69
CA ILE G 179 -33.40 2.67 -11.36
C ILE G 179 -32.88 1.31 -10.91
N ARG G 180 -32.28 1.26 -9.72
CA ARG G 180 -31.75 0.03 -9.16
C ARG G 180 -32.00 0.00 -7.66
N LYS G 181 -32.90 -0.90 -7.23
CA LYS G 181 -33.17 -1.13 -5.81
C LYS G 181 -33.50 0.15 -5.06
N GLY G 182 -34.13 1.11 -5.72
CA GLY G 182 -34.59 2.31 -5.06
C GLY G 182 -33.70 3.53 -5.18
N LEU G 183 -32.60 3.45 -5.92
CA LEU G 183 -31.73 4.58 -6.16
C LEU G 183 -31.88 5.03 -7.62
N VAL G 184 -31.79 6.34 -7.85
CA VAL G 184 -32.07 6.93 -9.15
C VAL G 184 -30.81 7.65 -9.63
N TYR G 185 -30.39 7.36 -10.85
CA TYR G 185 -29.18 7.93 -11.43
C TYR G 185 -29.51 8.60 -12.75
N ASN G 186 -28.63 9.51 -13.17
CA ASN G 186 -28.76 10.23 -14.44
C ASN G 186 -27.71 9.72 -15.41
N TYR G 187 -28.10 8.82 -16.30
CA TYR G 187 -27.16 8.13 -17.19
C TYR G 187 -27.63 8.30 -18.63
N ASP G 188 -26.78 7.89 -19.56
CA ASP G 188 -27.02 8.03 -21.00
C ASP G 188 -26.76 6.67 -21.64
N PHE G 189 -27.75 5.83 -21.67
CA PHE G 189 -27.51 4.44 -22.04
C PHE G 189 -27.64 4.24 -23.55
N PRO G 190 -27.07 3.17 -24.08
CA PRO G 190 -27.32 2.83 -25.49
C PRO G 190 -28.78 2.49 -25.73
N GLU G 191 -29.17 2.52 -27.00
CA GLU G 191 -30.56 2.35 -27.38
C GLU G 191 -30.95 0.87 -27.30
N TYR G 192 -32.12 0.53 -27.82
CA TYR G 192 -32.56 -0.86 -27.90
C TYR G 192 -32.02 -1.46 -29.19
N GLY G 193 -30.95 -2.23 -29.09
CA GLY G 193 -30.33 -2.85 -30.24
C GLY G 193 -28.92 -2.41 -30.50
N ALA G 194 -28.45 -1.34 -29.88
CA ALA G 194 -27.08 -0.85 -30.09
C ALA G 194 -26.14 -1.34 -29.00
N MET G 195 -26.05 -2.67 -28.88
CA MET G 195 -25.22 -3.27 -27.85
C MET G 195 -23.75 -3.15 -28.24
N LYS G 196 -22.89 -2.95 -27.24
CA LYS G 196 -21.46 -3.07 -27.49
C LYS G 196 -20.77 -3.68 -26.28
N PRO G 197 -19.85 -4.60 -26.50
CA PRO G 197 -19.35 -5.42 -25.39
C PRO G 197 -18.49 -4.63 -24.43
N GLY G 198 -18.64 -4.92 -23.14
CA GLY G 198 -17.84 -4.31 -22.11
C GLY G 198 -18.43 -3.09 -21.46
N ALA G 199 -19.67 -2.74 -21.74
CA ALA G 199 -20.29 -1.54 -21.20
C ALA G 199 -21.69 -1.86 -20.73
N PHE G 200 -22.35 -0.86 -20.15
CA PHE G 200 -23.72 -1.05 -19.68
C PHE G 200 -24.62 -1.42 -20.84
N GLY G 201 -25.49 -2.39 -20.61
CA GLY G 201 -26.43 -2.79 -21.64
C GLY G 201 -25.80 -3.66 -22.70
N ASP G 202 -25.14 -4.73 -22.30
CA ASP G 202 -24.65 -5.72 -23.25
C ASP G 202 -25.63 -6.87 -23.43
N ILE G 203 -26.54 -7.07 -22.50
CA ILE G 203 -27.65 -8.00 -22.67
C ILE G 203 -28.93 -7.24 -22.39
N GLN G 204 -29.95 -7.46 -23.23
CA GLN G 204 -31.18 -6.69 -23.14
C GLN G 204 -32.38 -7.61 -23.36
N ALA G 205 -33.49 -7.26 -22.72
CA ALA G 205 -34.75 -7.96 -22.90
C ALA G 205 -35.87 -7.07 -22.38
N SER G 206 -37.09 -7.38 -22.82
CA SER G 206 -38.25 -6.56 -22.45
C SER G 206 -38.82 -6.92 -21.10
N SER G 207 -38.59 -8.13 -20.62
CA SER G 207 -39.06 -8.55 -19.31
C SER G 207 -38.13 -9.63 -18.79
N LEU G 208 -38.27 -9.96 -17.50
CA LEU G 208 -37.39 -10.94 -16.89
C LEU G 208 -37.72 -12.37 -17.28
N ASP G 209 -38.92 -12.64 -17.77
CA ASP G 209 -39.31 -14.00 -18.13
C ASP G 209 -39.60 -14.14 -19.61
N ALA G 210 -39.05 -13.27 -20.45
CA ALA G 210 -39.37 -13.29 -21.86
C ALA G 210 -38.60 -14.40 -22.56
N THR G 211 -38.73 -14.45 -23.88
CA THR G 211 -38.12 -15.50 -24.68
C THR G 211 -37.23 -14.97 -25.79
N ASP G 212 -37.17 -13.65 -26.00
CA ASP G 212 -36.38 -13.06 -27.07
C ASP G 212 -35.34 -12.15 -26.43
N ILE G 213 -34.10 -12.60 -26.41
CA ILE G 213 -33.03 -11.88 -25.76
C ILE G 213 -31.91 -11.67 -26.77
N VAL G 214 -31.38 -10.45 -26.81
CA VAL G 214 -30.28 -10.13 -27.70
C VAL G 214 -29.08 -9.73 -26.86
N ALA G 215 -27.88 -9.93 -27.40
CA ALA G 215 -26.66 -9.66 -26.65
C ALA G 215 -25.47 -9.61 -27.60
N ARG G 216 -24.37 -9.07 -27.09
CA ARG G 216 -23.10 -9.03 -27.84
C ARG G 216 -21.97 -9.02 -26.84
N THR G 217 -21.35 -10.18 -26.61
CA THR G 217 -20.38 -10.33 -25.53
C THR G 217 -18.99 -10.77 -26.01
N ASP G 218 -18.77 -10.83 -27.32
CA ASP G 218 -17.43 -11.01 -27.87
C ASP G 218 -16.80 -12.34 -27.42
N ILE G 219 -17.42 -13.43 -27.84
CA ILE G 219 -17.01 -14.77 -27.43
C ILE G 219 -16.36 -15.47 -28.62
N ARG G 220 -15.19 -16.07 -28.41
CA ARG G 220 -14.51 -16.78 -29.47
C ARG G 220 -13.98 -18.10 -28.93
N LEU G 221 -13.95 -19.10 -29.82
CA LEU G 221 -13.68 -20.48 -29.45
C LEU G 221 -12.32 -20.91 -29.98
N LEU G 222 -11.59 -21.67 -29.16
CA LEU G 222 -10.24 -22.09 -29.48
C LEU G 222 -10.19 -23.60 -29.69
N LYS G 223 -9.02 -24.09 -30.09
CA LYS G 223 -8.75 -25.47 -30.46
C LYS G 223 -8.15 -26.22 -29.28
N PRO G 224 -8.57 -27.46 -29.01
CA PRO G 224 -8.10 -28.15 -27.81
C PRO G 224 -6.63 -28.52 -27.90
N SER G 225 -5.90 -28.29 -26.81
CA SER G 225 -4.49 -28.68 -26.76
C SER G 225 -4.31 -30.06 -26.15
N VAL G 226 -4.74 -30.24 -24.91
CA VAL G 226 -4.65 -31.54 -24.25
C VAL G 226 -5.83 -32.39 -24.67
N LYS G 227 -5.60 -33.69 -24.86
CA LYS G 227 -6.59 -34.54 -25.53
C LYS G 227 -7.48 -35.30 -24.57
N ASN G 228 -8.11 -34.69 -23.58
CA ASN G 228 -9.06 -35.54 -22.87
C ASN G 228 -10.45 -35.36 -23.44
N ILE G 229 -11.14 -34.30 -23.06
CA ILE G 229 -12.23 -33.72 -23.83
C ILE G 229 -12.67 -32.45 -23.11
N HIS G 230 -12.85 -31.36 -23.85
CA HIS G 230 -13.41 -30.13 -23.30
C HIS G 230 -13.46 -29.07 -24.38
N VAL G 231 -14.03 -27.90 -24.06
CA VAL G 231 -14.13 -26.79 -25.00
C VAL G 231 -13.62 -25.52 -24.34
N PRO G 232 -12.56 -24.90 -24.83
CA PRO G 232 -12.08 -23.65 -24.25
C PRO G 232 -12.62 -22.41 -24.95
N TYR G 233 -12.70 -21.31 -24.20
CA TYR G 233 -13.24 -20.07 -24.72
C TYR G 233 -12.66 -18.90 -23.93
N THR G 234 -12.81 -17.70 -24.49
CA THR G 234 -12.50 -16.46 -23.80
C THR G 234 -13.62 -15.46 -24.03
N GLN G 235 -13.75 -14.50 -23.12
CA GLN G 235 -14.90 -13.62 -23.12
C GLN G 235 -14.52 -12.31 -22.44
N ALA G 236 -15.34 -11.29 -22.67
CA ALA G 236 -15.15 -10.00 -22.04
C ALA G 236 -15.89 -9.94 -20.70
N VAL G 237 -15.58 -8.90 -19.92
CA VAL G 237 -16.24 -8.74 -18.63
C VAL G 237 -17.64 -8.18 -18.83
N SER G 238 -18.49 -8.37 -17.83
CA SER G 238 -19.86 -7.92 -17.92
C SER G 238 -19.95 -6.43 -17.59
N GLY G 239 -20.63 -5.69 -18.46
CA GLY G 239 -20.72 -4.25 -18.27
C GLY G 239 -21.49 -3.86 -17.03
N TYR G 240 -22.42 -4.70 -16.61
CA TYR G 240 -23.17 -4.44 -15.38
C TYR G 240 -22.21 -4.30 -14.20
N GLU G 241 -21.29 -5.25 -14.04
CA GLU G 241 -20.36 -5.20 -12.92
C GLU G 241 -19.43 -4.00 -13.02
N MET G 242 -19.03 -3.63 -14.23
CA MET G 242 -18.15 -2.48 -14.38
C MET G 242 -18.86 -1.18 -14.05
N TRP G 243 -20.16 -1.11 -14.32
CA TRP G 243 -20.91 0.10 -13.99
C TRP G 243 -21.09 0.24 -12.48
N LYS G 244 -21.26 -0.86 -11.76
CA LYS G 244 -21.43 -0.80 -10.31
C LYS G 244 -20.18 -0.29 -9.61
N ASN G 245 -19.03 -0.33 -10.26
CA ASN G 245 -17.81 0.17 -9.65
C ASN G 245 -17.61 1.67 -9.86
N ASN G 246 -18.24 2.24 -10.87
CA ASN G 246 -18.07 3.67 -11.18
C ASN G 246 -19.42 4.37 -11.26
N SER G 247 -20.33 4.04 -10.36
CA SER G 247 -21.69 4.57 -10.48
C SER G 247 -21.74 6.05 -10.14
N GLY G 248 -21.19 6.43 -9.00
CA GLY G 248 -21.28 7.79 -8.53
C GLY G 248 -22.25 7.92 -7.37
N ARG G 249 -22.58 9.13 -7.06
CA ARG G 249 -23.57 9.14 -5.99
C ARG G 249 -24.97 9.29 -6.55
N PRO G 250 -25.98 8.75 -5.87
CA PRO G 250 -27.35 8.81 -6.41
C PRO G 250 -27.93 10.21 -6.51
N LEU G 251 -29.16 10.31 -7.00
CA LEU G 251 -29.80 11.61 -7.13
C LEU G 251 -30.40 12.11 -5.82
N GLN G 252 -30.59 11.22 -4.84
CA GLN G 252 -31.02 11.66 -3.52
C GLN G 252 -30.01 12.54 -2.82
N GLU G 253 -28.84 12.79 -3.43
CA GLU G 253 -27.83 13.61 -2.77
C GLU G 253 -27.24 14.66 -3.69
N THR G 254 -27.93 14.99 -4.79
CA THR G 254 -27.47 16.04 -5.70
C THR G 254 -28.59 16.97 -6.14
N ALA G 255 -29.85 16.68 -5.84
CA ALA G 255 -30.95 17.45 -6.39
C ALA G 255 -30.95 18.86 -5.80
N PRO G 256 -31.05 19.89 -6.63
CA PRO G 256 -31.12 21.25 -6.11
C PRO G 256 -32.47 21.56 -5.47
N PHE G 257 -32.54 22.75 -4.88
CA PHE G 257 -33.71 23.26 -4.16
C PHE G 257 -34.16 22.34 -3.03
N GLY G 258 -33.31 21.41 -2.61
CA GLY G 258 -33.60 20.57 -1.46
C GLY G 258 -34.82 19.69 -1.60
N CYS G 259 -34.79 18.72 -2.49
CA CYS G 259 -35.95 17.89 -2.80
C CYS G 259 -35.74 16.47 -2.29
N LYS G 260 -36.85 15.74 -2.19
CA LYS G 260 -36.86 14.34 -1.78
C LYS G 260 -37.24 13.50 -2.99
N ILE G 261 -36.46 12.47 -3.27
CA ILE G 261 -36.62 11.65 -4.48
C ILE G 261 -37.15 10.28 -4.07
N GLU G 262 -38.37 9.96 -4.49
CA GLU G 262 -39.02 8.73 -4.11
C GLU G 262 -39.56 7.98 -5.33
N VAL G 263 -39.57 6.66 -5.24
CA VAL G 263 -39.92 5.81 -6.36
C VAL G 263 -41.25 5.12 -6.08
N GLU G 264 -41.77 4.45 -7.11
CA GLU G 264 -43.01 3.70 -7.08
C GLU G 264 -44.24 4.56 -6.80
N PRO G 265 -44.64 5.45 -7.72
CA PRO G 265 -44.03 5.85 -8.99
C PRO G 265 -42.96 6.92 -8.80
N LEU G 266 -42.34 7.35 -9.89
CA LEU G 266 -41.26 8.32 -9.78
C LEU G 266 -41.81 9.70 -9.44
N ARG G 267 -41.25 10.33 -8.43
CA ARG G 267 -41.72 11.65 -8.03
C ARG G 267 -40.66 12.36 -7.20
N ALA G 268 -40.72 13.69 -7.23
CA ALA G 268 -39.92 14.54 -6.36
C ALA G 268 -40.87 15.30 -5.43
N SER G 269 -40.57 15.27 -4.14
CA SER G 269 -41.51 15.71 -3.12
C SER G 269 -40.92 16.85 -2.30
N ASN G 270 -41.73 17.87 -2.05
CA ASN G 270 -41.39 19.02 -1.19
C ASN G 270 -40.16 19.77 -1.69
N CYS G 271 -40.30 20.38 -2.86
CA CYS G 271 -39.34 21.35 -3.36
C CYS G 271 -39.83 22.76 -3.06
N ALA G 272 -38.95 23.74 -3.24
CA ALA G 272 -39.25 25.12 -2.85
C ALA G 272 -38.71 26.10 -3.88
N TYR G 273 -39.56 26.50 -4.83
CA TYR G 273 -39.14 27.44 -5.87
C TYR G 273 -40.32 28.22 -6.40
N GLY G 274 -40.09 29.50 -6.68
CA GLY G 274 -41.02 30.29 -7.46
C GLY G 274 -42.27 30.71 -6.70
N HIS G 275 -43.07 31.52 -7.38
CA HIS G 275 -44.29 32.10 -6.82
C HIS G 275 -45.52 31.53 -7.51
N ILE G 276 -46.64 31.48 -6.77
CA ILE G 276 -47.86 30.85 -7.22
C ILE G 276 -49.02 31.84 -7.08
N PRO G 277 -49.73 32.17 -8.15
CA PRO G 277 -50.94 32.99 -8.02
C PRO G 277 -52.17 32.16 -7.73
N ILE G 278 -53.10 32.78 -7.00
CA ILE G 278 -54.29 32.10 -6.52
C ILE G 278 -55.48 33.05 -6.56
N SER G 279 -56.58 32.61 -7.17
CA SER G 279 -57.87 33.26 -7.06
C SER G 279 -58.78 32.41 -6.18
N ILE G 280 -59.62 33.05 -5.38
CA ILE G 280 -60.45 32.34 -4.44
C ILE G 280 -61.79 33.07 -4.33
N ASP G 281 -62.86 32.29 -4.15
CA ASP G 281 -64.21 32.82 -4.04
C ASP G 281 -64.78 32.39 -2.70
N ILE G 282 -65.26 33.36 -1.94
CA ILE G 282 -65.63 33.11 -0.55
C ILE G 282 -67.15 33.12 -0.42
N PRO G 283 -67.74 32.18 0.29
CA PRO G 283 -69.19 32.19 0.48
C PRO G 283 -69.65 33.45 1.19
N ASP G 284 -70.89 33.84 0.93
CA ASP G 284 -71.38 35.12 1.39
C ASP G 284 -71.79 35.12 2.86
N ALA G 285 -72.08 33.97 3.44
CA ALA G 285 -72.59 33.95 4.80
C ALA G 285 -71.52 34.29 5.83
N ALA G 286 -70.25 34.23 5.45
CA ALA G 286 -69.17 34.43 6.40
C ALA G 286 -68.84 35.89 6.65
N PHE G 287 -69.41 36.80 5.87
CA PHE G 287 -69.23 38.22 6.13
C PHE G 287 -70.28 38.69 7.12
N VAL G 288 -69.86 39.55 8.05
CA VAL G 288 -70.76 40.11 9.06
C VAL G 288 -70.78 41.61 8.87
N ARG G 289 -71.96 42.17 8.67
CA ARG G 289 -72.06 43.58 8.31
C ARG G 289 -71.61 44.46 9.46
N SER G 290 -71.33 45.72 9.12
CA SER G 290 -70.53 46.58 9.98
C SER G 290 -71.23 46.97 11.27
N SER G 291 -72.55 46.90 11.33
CA SER G 291 -73.23 47.42 12.51
C SER G 291 -73.07 46.56 13.73
N GLU G 292 -72.30 45.47 13.68
CA GLU G 292 -72.12 44.61 14.84
C GLU G 292 -70.72 44.63 15.41
N SER G 293 -69.71 44.83 14.58
CA SER G 293 -68.34 44.88 15.06
C SER G 293 -68.17 46.02 16.05
N PRO G 294 -67.14 45.96 16.89
CA PRO G 294 -66.82 47.11 17.73
C PRO G 294 -66.54 48.34 16.89
N THR G 295 -66.51 49.48 17.57
CA THR G 295 -65.98 50.71 17.01
C THR G 295 -64.97 51.29 17.99
N ILE G 296 -63.78 51.57 17.51
CA ILE G 296 -62.72 52.09 18.34
C ILE G 296 -62.67 53.61 18.18
N LEU G 297 -61.94 54.26 19.07
CA LEU G 297 -61.92 55.71 19.11
C LEU G 297 -60.54 56.34 19.15
N GLU G 298 -59.49 55.62 19.54
CA GLU G 298 -58.14 56.17 19.45
C GLU G 298 -57.15 55.03 19.51
N VAL G 299 -55.95 55.29 18.99
CA VAL G 299 -54.92 54.25 18.94
C VAL G 299 -53.56 54.94 18.84
N SER G 300 -52.56 54.32 19.44
CA SER G 300 -51.21 54.85 19.43
C SER G 300 -50.23 53.69 19.51
N CYS G 301 -49.19 53.73 18.69
CA CYS G 301 -48.27 52.60 18.54
C CYS G 301 -46.97 52.92 19.27
N THR G 302 -46.72 52.21 20.37
CA THR G 302 -45.45 52.29 21.08
C THR G 302 -44.66 51.02 20.82
N VAL G 303 -43.41 51.17 20.41
CA VAL G 303 -42.57 50.05 20.03
C VAL G 303 -41.45 49.90 21.05
N ALA G 304 -41.25 48.68 21.52
CA ALA G 304 -40.13 48.36 22.39
C ALA G 304 -38.95 47.91 21.54
N ASP G 305 -37.94 47.28 22.14
CA ASP G 305 -36.74 46.92 21.40
C ASP G 305 -37.05 45.93 20.29
N CYS G 306 -36.10 45.81 19.37
CA CYS G 306 -36.25 44.87 18.28
C CYS G 306 -34.90 44.41 17.76
N ILE G 307 -34.94 43.30 17.06
CA ILE G 307 -33.83 42.74 16.31
C ILE G 307 -34.40 42.35 14.96
N TYR G 308 -33.57 42.41 13.92
CA TYR G 308 -34.02 41.90 12.63
C TYR G 308 -33.35 40.55 12.41
N SER G 309 -34.11 39.48 12.64
CA SER G 309 -33.62 38.12 12.58
C SER G 309 -34.59 37.25 11.80
N ALA G 310 -34.42 35.93 11.85
CA ALA G 310 -35.31 35.02 11.16
C ALA G 310 -36.41 34.47 12.07
N ASP G 311 -36.49 34.95 13.30
CA ASP G 311 -37.57 34.57 14.20
C ASP G 311 -38.18 35.82 14.82
N PHE G 312 -39.08 35.65 15.78
CA PHE G 312 -39.90 36.78 16.24
C PHE G 312 -39.11 37.60 17.23
N GLY G 313 -38.53 38.70 16.75
CA GLY G 313 -37.63 39.51 17.53
C GLY G 313 -38.08 40.93 17.79
N GLY G 314 -39.33 41.12 18.15
CA GLY G 314 -39.82 42.45 18.41
C GLY G 314 -41.00 42.46 19.36
N SER G 315 -41.61 43.64 19.50
CA SER G 315 -42.77 43.83 20.36
C SER G 315 -43.41 45.18 20.04
N LEU G 316 -44.66 45.34 20.47
CA LEU G 316 -45.30 46.65 20.49
C LEU G 316 -46.53 46.56 21.37
N THR G 317 -47.11 47.72 21.66
CA THR G 317 -48.29 47.81 22.50
C THR G 317 -49.17 48.96 22.03
N LEU G 318 -50.47 48.72 21.93
CA LEU G 318 -51.41 49.73 21.48
C LEU G 318 -52.23 50.25 22.64
N GLN G 319 -52.91 51.38 22.40
CA GLN G 319 -53.74 52.02 23.42
C GLN G 319 -55.07 52.42 22.79
N TYR G 320 -56.15 51.78 23.21
CA TYR G 320 -57.45 51.96 22.59
C TYR G 320 -58.50 52.33 23.62
N LYS G 321 -59.54 53.02 23.15
CA LYS G 321 -60.75 53.27 23.94
C LYS G 321 -61.93 52.84 23.07
N ALA G 322 -62.40 51.63 23.26
CA ALA G 322 -63.42 51.07 22.38
C ALA G 322 -64.80 51.56 22.82
N ASP G 323 -65.83 50.94 22.26
CA ASP G 323 -67.21 51.26 22.62
C ASP G 323 -68.03 50.06 23.06
N ARG G 324 -67.65 48.85 22.68
CA ARG G 324 -68.41 47.65 23.02
C ARG G 324 -67.40 46.52 23.22
N GLU G 325 -67.88 45.28 23.19
CA GLU G 325 -67.03 44.11 23.29
C GLU G 325 -67.04 43.36 21.97
N GLY G 326 -65.89 42.86 21.55
CA GLY G 326 -65.81 42.20 20.27
C GLY G 326 -64.48 41.53 20.05
N HIS G 327 -64.27 41.08 18.81
CA HIS G 327 -63.10 40.28 18.47
C HIS G 327 -62.52 40.70 17.13
N CYS G 328 -62.34 42.00 16.92
CA CYS G 328 -61.87 42.45 15.63
C CYS G 328 -60.40 42.10 15.43
N PRO G 329 -59.96 41.99 14.18
CA PRO G 329 -58.60 41.50 13.90
C PRO G 329 -57.55 42.60 13.78
N VAL G 330 -56.30 42.16 13.63
CA VAL G 330 -55.16 43.03 13.42
C VAL G 330 -54.43 42.57 12.18
N HIS G 331 -53.54 43.43 11.67
CA HIS G 331 -52.88 43.15 10.40
C HIS G 331 -51.75 44.15 10.16
N SER G 332 -50.65 43.67 9.60
CA SER G 332 -49.57 44.51 9.11
C SER G 332 -49.81 44.85 7.65
N HIS G 333 -49.30 46.00 7.23
CA HIS G 333 -49.53 46.44 5.86
C HIS G 333 -48.27 46.47 5.01
N SER G 334 -47.09 46.29 5.60
CA SER G 334 -45.84 46.40 4.86
C SER G 334 -45.29 45.01 4.57
N THR G 335 -44.68 44.87 3.39
CA THR G 335 -44.18 43.59 2.94
C THR G 335 -42.79 43.28 3.44
N THR G 336 -42.37 43.92 4.54
CA THR G 336 -41.09 43.59 5.16
C THR G 336 -41.25 43.38 6.66
N ALA G 337 -42.48 43.17 7.14
CA ALA G 337 -42.73 43.01 8.57
C ALA G 337 -44.02 42.22 8.73
N VAL G 338 -43.95 41.09 9.42
CA VAL G 338 -45.08 40.19 9.55
C VAL G 338 -45.46 40.06 11.01
N LEU G 339 -46.75 39.89 11.27
CA LEU G 339 -47.29 39.76 12.61
C LEU G 339 -47.45 38.29 12.99
N LYS G 340 -47.91 38.04 14.19
CA LYS G 340 -48.06 36.68 14.70
C LYS G 340 -49.46 36.32 15.13
N GLU G 341 -50.23 37.27 15.67
CA GLU G 341 -51.60 36.99 16.05
C GLU G 341 -52.56 37.22 14.88
N ALA G 342 -53.81 36.87 15.11
CA ALA G 342 -54.86 37.09 14.13
C ALA G 342 -55.98 37.97 14.65
N THR G 343 -56.48 37.69 15.85
CA THR G 343 -57.59 38.44 16.42
C THR G 343 -57.30 38.69 17.90
N THR G 344 -58.11 39.55 18.52
CA THR G 344 -57.95 39.86 19.93
C THR G 344 -59.31 39.95 20.60
N HIS G 345 -59.30 40.08 21.91
CA HIS G 345 -60.49 40.37 22.70
C HIS G 345 -60.37 41.81 23.20
N VAL G 346 -61.47 42.56 23.13
CA VAL G 346 -61.40 44.00 23.35
C VAL G 346 -62.37 44.38 24.47
N THR G 347 -62.09 45.52 25.10
CA THR G 347 -62.95 46.05 26.15
C THR G 347 -62.91 47.57 26.12
N ALA G 348 -63.38 48.20 27.19
CA ALA G 348 -63.56 49.65 27.20
C ALA G 348 -62.24 50.39 27.04
N VAL G 349 -61.33 50.23 27.99
CA VAL G 349 -60.01 50.83 27.94
C VAL G 349 -58.98 49.77 28.29
N GLY G 350 -57.90 49.70 27.50
CA GLY G 350 -56.93 48.65 27.73
C GLY G 350 -55.81 48.72 26.72
N SER G 351 -54.99 47.67 26.75
CA SER G 351 -53.79 47.59 25.94
C SER G 351 -53.60 46.14 25.52
N ILE G 352 -52.64 45.92 24.63
CA ILE G 352 -52.38 44.59 24.11
C ILE G 352 -50.98 44.57 23.52
N THR G 353 -50.26 43.48 23.76
CA THR G 353 -48.91 43.31 23.23
C THR G 353 -48.93 42.28 22.11
N LEU G 354 -48.23 42.58 21.02
CA LEU G 354 -48.12 41.69 19.88
C LEU G 354 -46.66 41.52 19.53
N HIS G 355 -46.34 40.40 18.88
CA HIS G 355 -44.97 40.07 18.51
C HIS G 355 -44.84 40.06 16.99
N PHE G 356 -43.70 40.49 16.47
CA PHE G 356 -43.49 40.51 15.03
C PHE G 356 -42.04 40.16 14.70
N SER G 357 -41.80 39.99 13.39
CA SER G 357 -40.47 39.74 12.85
C SER G 357 -40.24 40.66 11.67
N THR G 358 -38.97 41.00 11.43
CA THR G 358 -38.66 42.00 10.42
C THR G 358 -37.34 41.68 9.76
N SER G 359 -37.07 42.35 8.64
CA SER G 359 -35.81 42.20 7.94
C SER G 359 -35.27 43.53 7.46
N SER G 360 -35.62 44.62 8.14
CA SER G 360 -35.17 45.95 7.80
C SER G 360 -34.52 46.60 9.01
N PRO G 361 -33.48 47.41 8.80
CA PRO G 361 -32.77 48.01 9.93
C PRO G 361 -33.58 49.07 10.66
N GLN G 362 -34.83 49.32 10.30
CA GLN G 362 -35.68 50.19 11.09
C GLN G 362 -37.13 49.92 10.73
N ALA G 363 -37.99 49.99 11.73
CA ALA G 363 -39.40 49.65 11.57
C ALA G 363 -40.17 50.92 11.24
N ASN G 364 -40.87 50.92 10.11
CA ASN G 364 -41.63 52.09 9.69
C ASN G 364 -42.96 51.69 9.06
N PHE G 365 -43.67 50.74 9.66
CA PHE G 365 -44.86 50.20 9.02
C PHE G 365 -46.12 50.78 9.65
N ILE G 366 -47.26 50.37 9.10
CA ILE G 366 -48.58 50.78 9.56
C ILE G 366 -49.31 49.57 10.09
N VAL G 367 -50.12 49.77 11.12
CA VAL G 367 -50.85 48.68 11.75
C VAL G 367 -52.32 49.06 11.80
N SER G 368 -53.19 48.11 11.47
CA SER G 368 -54.63 48.35 11.43
C SER G 368 -55.34 47.46 12.42
N LEU G 369 -56.17 48.06 13.25
CA LEU G 369 -56.97 47.35 14.24
C LEU G 369 -58.41 47.75 14.04
N CYS G 370 -59.29 46.75 13.90
CA CYS G 370 -60.72 46.99 13.73
C CYS G 370 -60.99 47.78 12.47
N GLY G 371 -59.96 48.12 11.72
CA GLY G 371 -60.07 48.98 10.56
C GLY G 371 -59.36 50.31 10.67
N LYS G 372 -58.83 50.68 11.84
CA LYS G 372 -58.21 51.97 12.04
C LYS G 372 -56.69 51.85 11.97
N LYS G 373 -56.05 52.89 11.46
CA LYS G 373 -54.62 52.84 11.16
C LYS G 373 -53.81 53.65 12.16
N SER G 374 -52.53 53.33 12.24
CA SER G 374 -51.58 53.98 13.13
C SER G 374 -50.18 53.63 12.68
N THR G 375 -49.23 54.52 12.97
CA THR G 375 -47.87 54.41 12.46
C THR G 375 -46.89 54.15 13.59
N CYS G 376 -45.83 53.41 13.27
CA CYS G 376 -44.80 53.04 14.24
C CYS G 376 -43.43 53.29 13.66
N ASN G 377 -42.49 53.77 14.49
CA ASN G 377 -41.14 54.01 14.00
C ASN G 377 -40.15 53.96 15.15
N ALA G 378 -39.04 53.26 14.91
CA ALA G 378 -37.91 53.19 15.84
C ALA G 378 -36.75 52.56 15.07
N GLU G 379 -35.67 52.25 15.76
CA GLU G 379 -34.47 51.73 15.14
C GLU G 379 -34.17 50.33 15.65
N CYS G 380 -33.58 49.51 14.80
CA CYS G 380 -33.51 48.09 15.06
C CYS G 380 -32.07 47.61 14.98
N LYS G 381 -31.61 46.92 16.02
CA LYS G 381 -30.22 46.50 16.14
C LYS G 381 -29.95 45.22 15.38
N PRO G 382 -28.71 44.99 14.97
CA PRO G 382 -28.36 43.77 14.25
C PRO G 382 -28.25 42.58 15.21
N PRO G 383 -28.44 41.37 14.72
CA PRO G 383 -28.60 40.22 15.61
C PRO G 383 -27.28 39.79 16.22
N ALA G 384 -27.39 38.91 17.21
CA ALA G 384 -26.25 38.46 17.98
C ALA G 384 -25.71 37.11 17.51
N ASP G 385 -26.56 36.10 17.43
CA ASP G 385 -26.13 34.77 17.02
C ASP G 385 -25.77 34.75 15.54
N HIS G 386 -25.12 33.68 15.13
CA HIS G 386 -24.65 33.54 13.75
C HIS G 386 -25.43 32.51 12.95
N ILE G 387 -25.77 31.37 13.55
CA ILE G 387 -26.47 30.29 12.86
C ILE G 387 -27.68 29.89 13.69
N ILE G 388 -28.83 29.68 13.02
CA ILE G 388 -30.02 29.17 13.67
C ILE G 388 -30.63 28.09 12.80
N GLY G 389 -31.69 27.46 13.30
CA GLY G 389 -32.32 26.34 12.64
C GLY G 389 -33.73 26.61 12.15
N GLU G 390 -33.96 27.75 11.52
CA GLU G 390 -35.25 28.14 11.01
C GLU G 390 -35.06 28.80 9.65
N PRO G 391 -36.11 28.86 8.83
CA PRO G 391 -36.04 29.63 7.60
C PRO G 391 -36.57 31.05 7.78
N HIS G 392 -36.01 31.96 6.99
CA HIS G 392 -36.42 33.34 7.06
C HIS G 392 -37.85 33.51 6.57
N LYS G 393 -38.57 34.43 7.20
CA LYS G 393 -39.99 34.56 6.89
C LYS G 393 -40.29 35.61 5.83
N VAL G 394 -39.45 36.63 5.69
CA VAL G 394 -39.70 37.70 4.73
C VAL G 394 -38.47 37.87 3.85
N ASP G 395 -38.69 38.36 2.63
CA ASP G 395 -37.61 38.60 1.68
C ASP G 395 -36.90 39.91 1.98
N GLN G 396 -36.09 40.38 1.04
CA GLN G 396 -35.19 41.50 1.29
C GLN G 396 -35.06 42.32 0.01
N GLU G 397 -35.59 43.53 -0.01
CA GLU G 397 -35.48 44.37 -1.20
C GLU G 397 -34.53 45.53 -0.95
N PHE G 398 -34.12 46.16 -2.05
CA PHE G 398 -33.03 47.13 -2.00
C PHE G 398 -33.42 48.41 -1.26
N GLN G 399 -34.69 48.79 -1.34
CA GLN G 399 -35.10 50.07 -0.77
C GLN G 399 -34.87 50.13 0.73
N ALA G 400 -35.59 49.32 1.50
CA ALA G 400 -35.46 49.35 2.95
C ALA G 400 -34.46 48.32 3.45
N ALA G 401 -33.28 48.29 2.85
CA ALA G 401 -32.15 47.55 3.38
C ALA G 401 -31.01 48.48 3.77
N VAL G 402 -31.26 49.78 3.80
CA VAL G 402 -30.29 50.78 4.18
C VAL G 402 -30.94 51.70 5.21
N SER G 403 -30.17 52.08 6.22
CA SER G 403 -30.74 52.83 7.34
C SER G 403 -31.18 54.21 6.89
N LYS G 404 -31.84 54.92 7.80
CA LYS G 404 -32.23 56.29 7.51
C LYS G 404 -31.10 57.28 7.75
N THR G 405 -30.24 57.00 8.74
CA THR G 405 -29.06 57.82 8.94
C THR G 405 -28.19 57.83 7.71
N SER G 406 -27.95 56.66 7.12
CA SER G 406 -27.13 56.58 5.92
C SER G 406 -27.76 57.36 4.78
N TRP G 407 -29.08 57.42 4.74
CA TRP G 407 -29.75 58.12 3.65
C TRP G 407 -29.60 59.62 3.78
N ASN G 408 -29.59 60.14 5.01
CA ASN G 408 -29.34 61.56 5.21
C ASN G 408 -27.96 61.95 4.68
N TRP G 409 -26.95 61.15 4.96
CA TRP G 409 -25.61 61.43 4.46
C TRP G 409 -25.58 61.40 2.94
N LEU G 410 -25.99 60.29 2.35
CA LEU G 410 -25.81 60.09 0.92
C LEU G 410 -26.57 61.13 0.12
N LEU G 411 -27.66 61.64 0.66
CA LEU G 411 -28.48 62.59 -0.07
C LEU G 411 -27.82 63.96 -0.11
N ALA G 412 -27.47 64.50 1.06
CA ALA G 412 -27.03 65.89 1.12
C ALA G 412 -25.69 66.08 0.41
N LEU G 413 -24.78 65.12 0.54
CA LEU G 413 -23.51 65.24 -0.17
C LEU G 413 -23.72 65.16 -1.67
N PHE G 414 -24.61 64.28 -2.13
CA PHE G 414 -24.85 64.11 -3.55
C PHE G 414 -25.52 65.34 -4.14
N GLY G 415 -26.68 65.71 -3.60
CA GLY G 415 -27.39 66.88 -4.10
C GLY G 415 -26.70 68.18 -3.78
N GLY G 416 -25.80 68.19 -2.79
CA GLY G 416 -25.03 69.38 -2.54
C GLY G 416 -24.14 69.75 -3.71
N ALA G 417 -23.55 68.75 -4.35
CA ALA G 417 -22.70 69.02 -5.51
C ALA G 417 -23.53 69.50 -6.70
N SER G 418 -24.69 68.88 -6.93
CA SER G 418 -25.54 69.33 -8.03
C SER G 418 -26.09 70.72 -7.78
N SER G 419 -26.44 71.04 -6.54
CA SER G 419 -26.92 72.37 -6.23
C SER G 419 -25.83 73.42 -6.40
N LEU G 420 -24.56 73.01 -6.39
CA LEU G 420 -23.49 73.98 -6.60
C LEU G 420 -23.35 74.36 -8.06
N ILE G 421 -23.72 73.47 -8.99
CA ILE G 421 -23.54 73.80 -10.39
C ILE G 421 -24.69 74.67 -10.90
N VAL G 422 -25.88 74.51 -10.35
CA VAL G 422 -27.01 75.29 -10.86
C VAL G 422 -26.85 76.76 -10.50
N VAL G 423 -26.36 77.05 -9.29
CA VAL G 423 -26.01 78.42 -8.97
C VAL G 423 -24.79 78.84 -9.80
N GLY G 424 -23.91 77.90 -10.09
CA GLY G 424 -22.79 78.19 -10.96
C GLY G 424 -23.18 78.48 -12.39
N LEU G 425 -24.38 78.07 -12.79
CA LEU G 425 -24.83 78.31 -14.15
C LEU G 425 -25.71 79.53 -14.28
N ILE G 426 -26.56 79.80 -13.28
CA ILE G 426 -27.43 80.96 -13.37
C ILE G 426 -26.63 82.24 -13.28
N VAL G 427 -25.47 82.20 -12.62
CA VAL G 427 -24.62 83.38 -12.60
C VAL G 427 -24.13 83.69 -14.00
N LEU G 428 -23.90 82.67 -14.82
CA LEU G 428 -23.42 82.89 -16.18
C LEU G 428 -24.47 83.62 -17.01
N VAL G 429 -25.70 83.10 -17.06
CA VAL G 429 -26.74 83.79 -17.81
C VAL G 429 -26.98 85.16 -17.22
N CYS G 430 -26.84 85.30 -15.91
CA CYS G 430 -26.79 86.63 -15.31
C CYS G 430 -25.62 87.42 -15.87
N SER G 431 -24.42 86.84 -15.79
CA SER G 431 -23.22 87.50 -16.32
C SER G 431 -23.44 87.99 -17.74
N SER G 432 -23.82 87.09 -18.64
CA SER G 432 -24.14 87.47 -20.00
C SER G 432 -25.17 88.59 -20.00
N MET G 433 -26.26 88.42 -19.25
CA MET G 433 -27.24 89.49 -19.14
C MET G 433 -26.60 90.77 -18.64
N LEU G 434 -25.71 90.68 -17.65
CA LEU G 434 -24.93 91.84 -17.26
C LEU G 434 -24.05 92.32 -18.41
N ILE G 435 -23.44 91.39 -19.15
CA ILE G 435 -22.73 91.78 -20.35
C ILE G 435 -23.71 92.33 -21.38
N ASN G 436 -24.87 91.68 -21.52
CA ASN G 436 -25.95 92.29 -22.29
C ASN G 436 -26.41 93.60 -21.64
N THR G 437 -26.33 93.69 -20.31
CA THR G 437 -26.54 94.97 -19.66
C THR G 437 -25.38 95.91 -19.92
N ARG G 438 -24.17 95.36 -20.10
CA ARG G 438 -23.01 96.18 -20.41
C ARG G 438 -23.03 96.74 -21.82
N ARG G 439 -24.03 96.40 -22.61
CA ARG G 439 -24.16 96.94 -23.96
C ARG G 439 -25.53 97.56 -24.18
N SER H 1 -42.44 -30.80 -16.88
CA SER H 1 -42.74 -30.31 -15.55
C SER H 1 -41.50 -30.39 -14.68
N ILE H 2 -41.59 -29.89 -13.45
CA ILE H 2 -40.51 -30.02 -12.49
C ILE H 2 -40.81 -31.20 -11.58
N THR H 3 -39.85 -32.11 -11.45
CA THR H 3 -40.07 -33.35 -10.74
C THR H 3 -39.17 -33.44 -9.52
N ASP H 4 -39.41 -34.46 -8.70
CA ASP H 4 -38.57 -34.71 -7.54
C ASP H 4 -38.28 -36.19 -7.36
N ASP H 5 -38.55 -37.04 -8.34
CA ASP H 5 -38.26 -38.47 -8.25
C ASP H 5 -36.81 -38.68 -8.64
N PHE H 6 -35.94 -38.85 -7.67
CA PHE H 6 -34.53 -39.06 -7.97
C PHE H 6 -34.20 -40.50 -8.34
N THR H 7 -35.19 -41.37 -8.45
CA THR H 7 -34.94 -42.72 -8.93
C THR H 7 -34.79 -42.78 -10.44
N LEU H 8 -34.91 -41.66 -11.14
CA LEU H 8 -34.71 -41.61 -12.59
C LEU H 8 -33.45 -40.86 -12.99
N THR H 9 -32.59 -40.50 -12.04
CA THR H 9 -31.37 -39.77 -12.33
C THR H 9 -30.16 -40.51 -11.78
N SER H 10 -28.98 -40.08 -12.20
CA SER H 10 -27.73 -40.74 -11.84
C SER H 10 -26.61 -39.71 -11.78
N PRO H 11 -25.57 -39.96 -10.99
CA PRO H 11 -24.41 -39.06 -10.97
C PRO H 11 -23.36 -39.47 -12.01
N TYR H 12 -22.42 -38.55 -12.24
CA TYR H 12 -21.45 -38.71 -13.31
C TYR H 12 -20.08 -38.31 -12.77
N LEU H 13 -19.09 -38.20 -13.67
CA LEU H 13 -17.75 -37.80 -13.26
C LEU H 13 -17.08 -37.00 -14.36
N GLY H 14 -16.26 -36.03 -13.96
CA GLY H 14 -15.79 -35.00 -14.85
C GLY H 14 -14.28 -34.87 -14.86
N PHE H 15 -13.83 -33.62 -15.02
CA PHE H 15 -12.43 -33.30 -15.34
C PHE H 15 -12.05 -32.05 -14.55
N CYS H 16 -11.33 -32.23 -13.45
CA CYS H 16 -10.94 -31.18 -12.52
C CYS H 16 -9.56 -30.65 -12.82
N PRO H 17 -9.36 -29.33 -12.82
CA PRO H 17 -8.04 -28.80 -13.18
C PRO H 17 -6.97 -29.08 -12.16
N TYR H 18 -7.30 -29.01 -10.88
CA TYR H 18 -6.33 -29.13 -9.80
C TYR H 18 -6.82 -30.24 -8.87
N CYS H 19 -6.34 -31.45 -9.12
CA CYS H 19 -6.69 -32.61 -8.30
C CYS H 19 -5.83 -32.58 -7.06
N ARG H 20 -5.71 -33.70 -6.35
CA ARG H 20 -4.99 -33.70 -5.08
C ARG H 20 -3.59 -33.13 -5.22
N HIS H 21 -2.78 -33.67 -6.12
CA HIS H 21 -1.38 -33.29 -6.11
C HIS H 21 -1.14 -31.96 -6.81
N SER H 22 -1.12 -31.99 -8.14
CA SER H 22 -1.36 -30.79 -8.93
C SER H 22 -2.06 -31.18 -10.22
N THR H 23 -1.89 -32.44 -10.61
CA THR H 23 -2.24 -32.85 -11.95
C THR H 23 -3.74 -32.77 -12.18
N PRO H 24 -4.17 -32.61 -13.44
CA PRO H 24 -5.58 -32.81 -13.77
C PRO H 24 -5.94 -34.28 -13.75
N CYS H 25 -7.19 -34.57 -13.40
CA CYS H 25 -7.63 -35.94 -13.16
C CYS H 25 -9.08 -36.09 -13.61
N PHE H 26 -9.61 -37.29 -13.46
CA PHE H 26 -11.04 -37.55 -13.55
C PHE H 26 -11.56 -37.73 -12.13
N SER H 27 -12.58 -36.97 -11.77
CA SER H 27 -12.98 -36.91 -10.37
C SER H 27 -14.48 -37.10 -10.21
N PRO H 28 -14.93 -37.61 -9.07
CA PRO H 28 -16.37 -37.72 -8.81
C PRO H 28 -16.99 -36.51 -8.12
N ILE H 29 -16.23 -35.46 -7.85
CA ILE H 29 -16.76 -34.32 -7.11
C ILE H 29 -16.45 -33.01 -7.82
N LYS H 30 -16.45 -33.01 -9.16
CA LYS H 30 -16.15 -31.81 -9.92
C LYS H 30 -17.05 -30.65 -9.50
N ILE H 31 -16.50 -29.45 -9.54
CA ILE H 31 -17.20 -28.23 -9.14
C ILE H 31 -17.60 -27.49 -10.39
N GLU H 32 -18.90 -27.22 -10.54
CA GLU H 32 -19.40 -26.58 -11.75
C GLU H 32 -19.52 -25.07 -11.60
N ASN H 33 -20.27 -24.61 -10.60
CA ASN H 33 -20.48 -23.18 -10.42
C ASN H 33 -20.34 -22.80 -8.96
N VAL H 34 -20.15 -21.50 -8.72
CA VAL H 34 -20.20 -20.90 -7.39
C VAL H 34 -20.98 -19.58 -7.50
N TRP H 35 -21.70 -19.23 -6.44
CA TRP H 35 -22.55 -18.04 -6.40
C TRP H 35 -22.45 -17.39 -5.03
N ASP H 36 -22.21 -16.08 -4.97
CA ASP H 36 -22.05 -15.41 -3.67
C ASP H 36 -22.79 -14.06 -3.62
N GLU H 37 -24.05 -14.03 -4.00
CA GLU H 37 -24.77 -12.78 -4.06
C GLU H 37 -25.47 -12.40 -2.75
N SER H 38 -25.11 -13.04 -1.64
CA SER H 38 -25.81 -12.78 -0.39
C SER H 38 -25.18 -11.62 0.37
N ASP H 39 -25.74 -11.33 1.53
CA ASP H 39 -25.33 -10.18 2.33
C ASP H 39 -24.81 -10.58 3.70
N ASP H 40 -24.50 -11.85 3.91
CA ASP H 40 -23.79 -12.25 5.11
C ASP H 40 -22.71 -13.28 4.83
N GLY H 41 -22.29 -13.42 3.57
CA GLY H 41 -21.13 -14.20 3.23
C GLY H 41 -21.41 -15.59 2.69
N SER H 42 -22.66 -16.05 2.74
CA SER H 42 -22.97 -17.42 2.33
C SER H 42 -22.74 -17.62 0.83
N ILE H 43 -22.47 -18.87 0.44
CA ILE H 43 -22.25 -19.21 -0.96
C ILE H 43 -22.95 -20.52 -1.30
N ARG H 44 -23.26 -20.69 -2.59
CA ARG H 44 -23.94 -21.87 -3.11
C ARG H 44 -23.02 -22.60 -4.08
N ILE H 45 -22.97 -23.92 -3.98
CA ILE H 45 -22.01 -24.74 -4.72
C ILE H 45 -22.74 -25.86 -5.44
N GLN H 46 -22.33 -26.14 -6.68
CA GLN H 46 -22.88 -27.23 -7.47
C GLN H 46 -21.77 -28.22 -7.79
N VAL H 47 -22.01 -29.50 -7.51
CA VAL H 47 -21.02 -30.55 -7.70
C VAL H 47 -21.63 -31.66 -8.54
N SER H 48 -20.88 -32.74 -8.71
CA SER H 48 -21.23 -33.82 -9.61
C SER H 48 -21.77 -35.05 -8.90
N ALA H 49 -22.05 -34.98 -7.61
CA ALA H 49 -22.61 -36.07 -6.84
C ALA H 49 -24.02 -35.71 -6.40
N GLN H 50 -24.66 -36.62 -5.67
CA GLN H 50 -26.03 -36.41 -5.19
C GLN H 50 -26.10 -36.66 -3.70
N PHE H 51 -26.31 -35.59 -2.94
CA PHE H 51 -26.30 -35.65 -1.48
C PHE H 51 -27.72 -35.82 -0.95
N GLY H 52 -27.84 -36.62 0.10
CA GLY H 52 -29.08 -36.77 0.80
C GLY H 52 -29.97 -37.90 0.34
N TYR H 53 -29.47 -38.81 -0.48
CA TYR H 53 -30.29 -39.91 -0.97
C TYR H 53 -29.46 -41.18 -0.90
N ASN H 54 -30.14 -42.33 -0.85
CA ASN H 54 -29.46 -43.59 -0.63
C ASN H 54 -29.07 -44.23 -1.96
N GLN H 55 -28.64 -45.49 -1.91
CA GLN H 55 -27.98 -46.10 -3.07
C GLN H 55 -28.96 -46.32 -4.21
N ALA H 56 -30.25 -46.42 -3.93
CA ALA H 56 -31.24 -46.69 -4.95
C ALA H 56 -32.05 -45.47 -5.36
N GLY H 57 -31.98 -44.38 -4.62
CA GLY H 57 -32.67 -43.15 -4.97
C GLY H 57 -33.58 -42.60 -3.87
N THR H 58 -34.05 -43.48 -2.99
CA THR H 58 -34.89 -43.02 -1.89
C THR H 58 -34.08 -42.08 -0.98
N ALA H 59 -34.79 -41.35 -0.14
CA ALA H 59 -34.20 -40.23 0.58
C ALA H 59 -33.88 -40.59 2.02
N ASP H 60 -32.69 -40.23 2.48
CA ASP H 60 -32.41 -40.11 3.91
C ASP H 60 -31.21 -39.19 4.08
N VAL H 61 -31.16 -38.53 5.23
CA VAL H 61 -30.40 -37.29 5.36
C VAL H 61 -28.99 -37.57 5.87
N THR H 62 -28.57 -38.83 5.81
CA THR H 62 -27.25 -39.18 6.34
C THR H 62 -26.32 -39.79 5.29
N LYS H 63 -26.70 -39.83 4.01
CA LYS H 63 -25.95 -40.56 3.00
C LYS H 63 -25.82 -39.76 1.72
N PHE H 64 -24.95 -40.23 0.83
CA PHE H 64 -24.81 -39.68 -0.51
C PHE H 64 -24.33 -40.76 -1.46
N ARG H 65 -24.53 -40.55 -2.76
CA ARG H 65 -24.16 -41.54 -3.77
C ARG H 65 -23.27 -40.94 -4.84
N TYR H 66 -22.36 -41.76 -5.36
CA TYR H 66 -21.30 -41.30 -6.25
C TYR H 66 -20.95 -42.37 -7.27
N MET H 67 -19.98 -42.08 -8.15
CA MET H 67 -19.54 -42.97 -9.20
C MET H 67 -18.12 -43.47 -8.90
N SER H 68 -17.76 -44.61 -9.49
CA SER H 68 -16.73 -45.48 -8.93
C SER H 68 -15.45 -45.51 -9.77
N PHE H 69 -14.31 -45.59 -9.06
CA PHE H 69 -12.96 -45.74 -9.64
C PHE H 69 -12.53 -47.20 -9.59
N ASP H 70 -13.10 -48.04 -10.44
CA ASP H 70 -12.73 -49.44 -10.32
C ASP H 70 -13.07 -50.21 -11.57
N HIS H 71 -13.22 -51.52 -11.42
CA HIS H 71 -13.94 -52.31 -12.40
C HIS H 71 -15.20 -52.23 -13.25
N ASP H 72 -16.35 -51.94 -12.66
CA ASP H 72 -17.66 -52.31 -13.21
C ASP H 72 -18.09 -51.01 -12.53
N HIS H 73 -18.80 -50.17 -13.28
CA HIS H 73 -18.80 -48.72 -13.19
C HIS H 73 -19.98 -48.23 -12.39
N ASP H 74 -20.45 -48.98 -11.41
CA ASP H 74 -21.77 -48.76 -10.84
C ASP H 74 -21.79 -47.57 -9.89
N ILE H 75 -22.89 -47.43 -9.16
CA ILE H 75 -23.09 -46.36 -8.19
C ILE H 75 -22.84 -46.90 -6.80
N LYS H 76 -22.26 -46.08 -5.92
CA LYS H 76 -21.92 -46.51 -4.58
C LYS H 76 -22.26 -45.38 -3.61
N GLU H 77 -22.19 -45.68 -2.30
CA GLU H 77 -22.74 -44.78 -1.30
C GLU H 77 -21.88 -44.76 -0.04
N ASP H 78 -22.01 -43.67 0.71
CA ASP H 78 -21.28 -43.51 1.97
C ASP H 78 -21.93 -42.38 2.76
N SER H 79 -21.45 -42.17 3.98
CA SER H 79 -22.12 -41.28 4.93
C SER H 79 -21.57 -39.86 4.84
N MET H 80 -22.40 -38.91 5.27
CA MET H 80 -22.12 -37.49 5.09
C MET H 80 -21.10 -36.95 6.07
N GLU H 81 -20.66 -37.74 7.04
CA GLU H 81 -19.66 -37.26 7.98
C GLU H 81 -18.31 -37.02 7.32
N LYS H 82 -18.13 -37.38 6.05
CA LYS H 82 -16.86 -37.32 5.38
C LYS H 82 -16.72 -36.17 4.40
N ILE H 83 -17.62 -35.20 4.42
CA ILE H 83 -17.60 -34.09 3.47
C ILE H 83 -17.09 -32.84 4.18
N ALA H 84 -16.17 -32.12 3.55
CA ALA H 84 -15.57 -30.93 4.12
C ALA H 84 -15.37 -29.87 3.06
N ILE H 85 -15.37 -28.61 3.47
CA ILE H 85 -15.27 -27.45 2.60
C ILE H 85 -14.27 -26.47 3.19
N SER H 86 -13.51 -25.79 2.33
CA SER H 86 -12.49 -24.88 2.81
C SER H 86 -12.10 -23.87 1.73
N THR H 87 -11.77 -22.66 2.16
CA THR H 87 -11.12 -21.66 1.31
C THR H 87 -9.74 -21.29 1.84
N SER H 88 -9.65 -20.78 3.07
CA SER H 88 -8.41 -20.67 3.80
C SER H 88 -8.42 -21.49 5.07
N GLY H 89 -9.57 -21.60 5.73
CA GLY H 89 -9.76 -22.51 6.82
C GLY H 89 -11.06 -23.23 6.65
N PRO H 90 -11.44 -24.05 7.63
CA PRO H 90 -12.68 -24.82 7.49
C PRO H 90 -13.91 -23.93 7.56
N CYS H 91 -14.96 -24.36 6.87
CA CYS H 91 -16.23 -23.65 6.83
C CYS H 91 -17.31 -24.49 7.48
N ARG H 92 -18.47 -23.88 7.71
CA ARG H 92 -19.60 -24.56 8.32
C ARG H 92 -20.59 -24.97 7.25
N ARG H 93 -21.15 -26.17 7.41
CA ARG H 93 -22.12 -26.70 6.46
C ARG H 93 -23.52 -26.36 6.94
N LEU H 94 -24.30 -25.73 6.08
CA LEU H 94 -25.61 -25.21 6.45
C LEU H 94 -26.78 -25.98 5.86
N GLY H 95 -26.68 -26.47 4.61
CA GLY H 95 -27.73 -27.29 4.05
C GLY H 95 -27.20 -28.10 2.89
N HIS H 96 -27.99 -29.09 2.46
CA HIS H 96 -27.57 -29.93 1.36
C HIS H 96 -28.77 -30.62 0.73
N LYS H 97 -28.81 -30.63 -0.60
CA LYS H 97 -29.82 -31.38 -1.36
C LYS H 97 -29.45 -31.53 -2.82
N GLY H 98 -29.43 -32.76 -3.33
CA GLY H 98 -29.23 -32.96 -4.75
C GLY H 98 -27.79 -32.70 -5.15
N TYR H 99 -27.60 -31.82 -6.13
CA TYR H 99 -26.28 -31.43 -6.58
C TYR H 99 -25.73 -30.21 -5.85
N PHE H 100 -26.34 -29.80 -4.73
CA PHE H 100 -26.13 -28.45 -4.21
C PHE H 100 -25.76 -28.45 -2.72
N LEU H 101 -24.95 -27.46 -2.34
CA LEU H 101 -24.49 -27.27 -0.97
C LEU H 101 -24.55 -25.81 -0.58
N LEU H 102 -24.52 -25.54 0.72
CA LEU H 102 -24.52 -24.18 1.25
C LEU H 102 -23.57 -24.07 2.42
N ALA H 103 -22.73 -23.04 2.42
CA ALA H 103 -21.68 -22.94 3.43
C ALA H 103 -21.34 -21.49 3.73
N GLN H 104 -20.49 -21.30 4.74
CA GLN H 104 -20.13 -19.96 5.22
C GLN H 104 -18.63 -19.91 5.47
N CYS H 105 -17.92 -19.09 4.71
CA CYS H 105 -16.48 -19.23 4.64
C CYS H 105 -15.76 -17.92 4.93
N PRO H 106 -14.54 -18.00 5.44
CA PRO H 106 -13.72 -16.79 5.62
C PRO H 106 -13.11 -16.35 4.30
N PRO H 107 -12.53 -15.15 4.25
CA PRO H 107 -11.94 -14.66 3.00
C PRO H 107 -10.85 -15.57 2.47
N GLY H 108 -10.58 -15.46 1.16
CA GLY H 108 -9.55 -16.27 0.55
C GLY H 108 -9.59 -16.14 -0.97
N ASP H 109 -8.92 -17.08 -1.63
CA ASP H 109 -8.80 -17.05 -3.08
C ASP H 109 -9.16 -18.35 -3.78
N SER H 110 -9.60 -19.38 -3.08
CA SER H 110 -9.93 -20.64 -3.71
C SER H 110 -11.05 -21.32 -2.94
N VAL H 111 -11.66 -22.32 -3.56
CA VAL H 111 -12.72 -23.11 -2.94
C VAL H 111 -12.41 -24.59 -3.14
N THR H 112 -12.60 -25.39 -2.10
CA THR H 112 -12.18 -26.78 -2.09
C THR H 112 -13.30 -27.66 -1.54
N VAL H 113 -13.41 -28.87 -2.08
CA VAL H 113 -14.36 -29.88 -1.63
C VAL H 113 -13.66 -31.22 -1.61
N SER H 114 -13.71 -31.92 -0.48
CA SER H 114 -12.92 -33.13 -0.31
C SER H 114 -13.70 -34.21 0.42
N ILE H 115 -13.43 -35.45 0.06
CA ILE H 115 -13.92 -36.62 0.79
C ILE H 115 -12.79 -37.09 1.70
N THR H 116 -13.02 -37.03 3.00
CA THR H 116 -11.96 -37.30 3.96
C THR H 116 -11.78 -38.82 4.04
N SER H 117 -11.12 -39.31 5.08
CA SER H 117 -10.61 -40.67 5.11
C SER H 117 -11.65 -41.69 4.68
N GLY H 118 -11.16 -42.81 4.16
CA GLY H 118 -11.98 -43.84 3.59
C GLY H 118 -11.52 -44.18 2.19
N ALA H 119 -12.12 -45.24 1.65
CA ALA H 119 -11.90 -45.53 0.24
C ALA H 119 -12.39 -44.36 -0.60
N SER H 120 -11.68 -44.12 -1.70
CA SER H 120 -12.00 -43.02 -2.62
C SER H 120 -11.91 -41.66 -1.93
N GLU H 121 -10.69 -41.30 -1.53
CA GLU H 121 -10.40 -39.96 -1.06
C GLU H 121 -9.98 -39.08 -2.23
N ASN H 122 -10.43 -37.83 -2.23
CA ASN H 122 -10.09 -36.91 -3.32
C ASN H 122 -10.37 -35.48 -2.88
N SER H 123 -10.09 -34.54 -3.79
CA SER H 123 -10.47 -33.15 -3.64
C SER H 123 -10.60 -32.51 -5.02
N CYS H 124 -10.91 -31.22 -5.04
CA CYS H 124 -10.95 -30.40 -6.25
C CYS H 124 -11.00 -28.93 -5.86
N THR H 125 -10.15 -28.11 -6.49
CA THR H 125 -10.01 -26.71 -6.17
C THR H 125 -10.33 -25.85 -7.39
N VAL H 126 -10.89 -24.67 -7.14
CA VAL H 126 -11.31 -23.77 -8.22
C VAL H 126 -11.03 -22.33 -7.79
N GLU H 127 -10.52 -21.52 -8.71
CA GLU H 127 -10.16 -20.14 -8.43
C GLU H 127 -11.41 -19.26 -8.27
N LYS H 128 -11.45 -18.45 -7.22
CA LYS H 128 -12.60 -17.61 -6.92
C LYS H 128 -12.25 -16.59 -5.84
N LYS H 129 -12.71 -15.36 -6.01
CA LYS H 129 -12.40 -14.27 -5.09
C LYS H 129 -13.52 -14.10 -4.07
N ILE H 130 -13.16 -14.12 -2.80
CA ILE H 130 -14.13 -14.06 -1.70
C ILE H 130 -13.63 -13.08 -0.66
N ARG H 131 -14.37 -11.98 -0.48
CA ARG H 131 -13.98 -10.96 0.49
C ARG H 131 -15.11 -10.67 1.47
N ARG H 132 -14.94 -9.63 2.28
CA ARG H 132 -15.89 -9.29 3.31
C ARG H 132 -16.79 -8.15 2.85
N LYS H 133 -18.07 -8.22 3.16
CA LYS H 133 -19.02 -7.20 2.75
C LYS H 133 -19.89 -6.76 3.91
N PHE H 134 -20.34 -5.51 3.84
CA PHE H 134 -21.12 -4.87 4.89
C PHE H 134 -22.25 -4.06 4.27
N VAL H 135 -23.26 -3.77 5.08
CA VAL H 135 -24.45 -3.06 4.63
C VAL H 135 -24.57 -1.76 5.40
N GLY H 136 -24.68 -0.64 4.67
CA GLY H 136 -24.90 0.65 5.27
C GLY H 136 -23.79 1.64 4.92
N ARG H 137 -23.57 2.59 5.82
CA ARG H 137 -22.56 3.62 5.63
C ARG H 137 -21.48 3.60 6.70
N GLU H 138 -21.31 2.46 7.36
CA GLU H 138 -20.27 2.29 8.37
C GLU H 138 -19.74 0.87 8.32
N GLU H 139 -18.45 0.71 8.62
CA GLU H 139 -17.82 -0.60 8.58
C GLU H 139 -17.88 -1.28 9.94
N TYR H 140 -17.90 -2.61 9.91
CA TYR H 140 -17.92 -3.37 11.14
C TYR H 140 -17.36 -4.77 10.90
N LEU H 141 -16.85 -5.38 11.96
CA LEU H 141 -16.52 -6.80 11.96
C LEU H 141 -17.71 -7.65 12.40
N PHE H 142 -18.34 -7.29 13.49
CA PHE H 142 -19.51 -8.00 13.91
C PHE H 142 -20.73 -7.10 13.83
N PRO H 143 -21.91 -7.65 13.66
CA PRO H 143 -23.13 -6.88 13.88
C PRO H 143 -23.27 -6.53 15.35
N PRO H 144 -23.30 -5.25 15.68
CA PRO H 144 -23.32 -4.86 17.10
C PRO H 144 -24.66 -5.09 17.77
N VAL H 145 -24.77 -4.68 19.03
CA VAL H 145 -25.96 -4.98 19.82
C VAL H 145 -26.88 -3.77 19.96
N HIS H 146 -26.37 -2.56 19.83
CA HIS H 146 -27.17 -1.35 19.86
C HIS H 146 -27.08 -0.67 18.51
N GLY H 147 -28.20 -0.52 17.82
CA GLY H 147 -28.20 0.15 16.54
C GLY H 147 -29.56 0.40 15.93
N LYS H 148 -29.61 0.46 14.60
CA LYS H 148 -30.83 0.66 13.85
C LYS H 148 -31.20 -0.64 13.13
N LEU H 149 -32.28 -0.60 12.37
CA LEU H 149 -32.76 -1.77 11.63
C LEU H 149 -33.12 -1.36 10.21
N VAL H 150 -32.49 -2.00 9.23
CA VAL H 150 -32.65 -1.69 7.82
C VAL H 150 -32.99 -2.98 7.08
N LYS H 151 -33.08 -2.89 5.75
CA LYS H 151 -33.49 -4.02 4.92
C LYS H 151 -32.30 -4.65 4.20
N CYS H 152 -32.32 -5.98 4.09
CA CYS H 152 -31.24 -6.76 3.53
C CYS H 152 -31.82 -7.98 2.83
N HIS H 153 -30.98 -8.67 2.03
CA HIS H 153 -31.38 -9.86 1.28
C HIS H 153 -30.36 -10.97 1.53
N VAL H 154 -30.85 -12.16 1.90
CA VAL H 154 -29.99 -13.28 2.29
C VAL H 154 -30.52 -14.58 1.69
N TYR H 155 -29.77 -15.66 1.89
CA TYR H 155 -30.13 -16.98 1.37
C TYR H 155 -30.92 -17.75 2.42
N ASP H 156 -32.02 -18.36 2.00
CA ASP H 156 -32.87 -19.09 2.93
C ASP H 156 -32.23 -20.41 3.32
N HIS H 157 -32.41 -20.82 4.57
CA HIS H 157 -31.82 -22.08 5.02
C HIS H 157 -32.68 -23.30 4.71
N LEU H 158 -33.97 -23.12 4.48
CA LEU H 158 -34.81 -24.25 4.14
C LEU H 158 -34.42 -24.80 2.77
N LYS H 159 -34.89 -26.00 2.46
CA LYS H 159 -34.54 -26.63 1.20
C LYS H 159 -35.71 -26.73 0.23
N GLU H 160 -36.94 -26.45 0.65
CA GLU H 160 -38.08 -26.48 -0.25
C GLU H 160 -38.28 -25.19 -1.01
N THR H 161 -37.41 -24.21 -0.83
CA THR H 161 -37.50 -23.00 -1.62
C THR H 161 -36.88 -23.22 -3.00
N SER H 162 -37.27 -22.38 -3.95
CA SER H 162 -36.90 -22.57 -5.35
C SER H 162 -36.39 -21.26 -5.93
N ALA H 163 -35.50 -21.36 -6.92
CA ALA H 163 -35.02 -20.17 -7.61
C ALA H 163 -34.85 -20.38 -9.10
N GLY H 164 -35.31 -21.48 -9.67
CA GLY H 164 -35.07 -21.75 -11.08
C GLY H 164 -35.10 -23.24 -11.33
N TYR H 165 -34.46 -23.65 -12.43
CA TYR H 165 -34.46 -25.06 -12.78
C TYR H 165 -33.27 -25.37 -13.68
N ILE H 166 -32.98 -26.67 -13.80
CA ILE H 166 -31.94 -27.16 -14.70
C ILE H 166 -32.48 -28.34 -15.49
N THR H 167 -31.87 -28.60 -16.63
CA THR H 167 -32.36 -29.55 -17.62
C THR H 167 -31.58 -30.87 -17.55
N MET H 168 -32.24 -31.96 -17.97
CA MET H 168 -31.64 -33.29 -17.95
C MET H 168 -31.86 -34.00 -19.28
N HIS H 169 -30.87 -34.78 -19.70
CA HIS H 169 -30.84 -35.44 -21.00
C HIS H 169 -30.51 -36.92 -20.84
N ARG H 170 -30.47 -37.64 -21.96
CA ARG H 170 -30.18 -39.07 -22.03
C ARG H 170 -28.68 -39.31 -22.18
N PRO H 171 -28.14 -40.36 -21.58
CA PRO H 171 -26.68 -40.53 -21.55
C PRO H 171 -26.16 -41.11 -22.85
N GLY H 172 -25.01 -40.61 -23.28
CA GLY H 172 -24.42 -41.03 -24.52
C GLY H 172 -23.63 -42.31 -24.39
N PRO H 173 -22.74 -42.59 -25.34
CA PRO H 173 -21.93 -43.80 -25.29
C PRO H 173 -20.67 -43.62 -24.47
N HIS H 174 -20.18 -44.74 -23.93
CA HIS H 174 -18.96 -44.75 -23.14
C HIS H 174 -18.25 -46.06 -23.43
N ALA H 175 -17.14 -46.00 -24.14
CA ALA H 175 -16.44 -47.20 -24.59
C ALA H 175 -15.37 -47.60 -23.58
N TYR H 176 -15.35 -48.89 -23.23
CA TYR H 176 -14.33 -49.44 -22.34
C TYR H 176 -13.36 -50.29 -23.16
N LYS H 177 -12.06 -50.10 -22.91
CA LYS H 177 -11.05 -50.87 -23.61
C LYS H 177 -11.00 -52.32 -23.13
N SER H 178 -11.51 -52.61 -21.94
CA SER H 178 -11.42 -53.96 -21.40
C SER H 178 -12.26 -54.95 -22.20
N TYR H 179 -13.29 -54.49 -22.88
CA TYR H 179 -14.14 -55.41 -23.61
C TYR H 179 -13.48 -55.94 -24.88
N LEU H 180 -12.30 -55.47 -25.24
CA LEU H 180 -11.61 -55.94 -26.42
C LEU H 180 -10.49 -56.91 -26.07
N GLU H 181 -10.11 -57.71 -27.05
CA GLU H 181 -9.14 -58.77 -26.86
C GLU H 181 -8.43 -59.00 -28.19
N GLU H 182 -7.33 -59.75 -28.14
CA GLU H 182 -6.54 -59.98 -29.34
C GLU H 182 -5.72 -61.25 -29.18
N ALA H 183 -5.90 -62.21 -30.08
CA ALA H 183 -5.23 -63.50 -29.95
C ALA H 183 -4.80 -63.95 -31.34
N SER H 184 -3.50 -63.81 -31.63
CA SER H 184 -2.88 -64.32 -32.84
C SER H 184 -3.62 -63.84 -34.09
N GLY H 185 -3.56 -62.53 -34.30
CA GLY H 185 -4.12 -61.97 -35.50
C GLY H 185 -5.61 -62.00 -35.62
N GLU H 186 -6.32 -62.37 -34.55
CA GLU H 186 -7.77 -62.32 -34.52
C GLU H 186 -8.22 -61.41 -33.38
N VAL H 187 -9.34 -60.73 -33.59
CA VAL H 187 -9.89 -59.80 -32.62
C VAL H 187 -11.19 -60.38 -32.06
N TYR H 188 -11.35 -60.28 -30.75
CA TYR H 188 -12.51 -60.82 -30.06
C TYR H 188 -13.17 -59.75 -29.21
N ILE H 189 -14.37 -60.07 -28.71
CA ILE H 189 -15.18 -59.15 -27.93
C ILE H 189 -15.64 -59.87 -26.68
N LYS H 190 -15.36 -59.30 -25.53
CA LYS H 190 -15.54 -60.00 -24.25
C LYS H 190 -16.50 -59.24 -23.36
N PRO H 191 -17.74 -59.68 -23.24
CA PRO H 191 -18.70 -58.97 -22.40
C PRO H 191 -18.51 -59.32 -20.94
N PRO H 192 -18.85 -58.42 -20.03
CA PRO H 192 -19.07 -58.84 -18.65
C PRO H 192 -20.23 -59.82 -18.61
N SER H 193 -20.25 -60.64 -17.57
CA SER H 193 -21.13 -61.80 -17.54
C SER H 193 -22.58 -61.41 -17.77
N GLY H 194 -23.16 -61.94 -18.84
CA GLY H 194 -24.61 -61.93 -19.00
C GLY H 194 -25.24 -60.57 -19.16
N LYS H 195 -24.60 -59.67 -19.88
CA LYS H 195 -25.20 -58.40 -20.22
C LYS H 195 -24.97 -58.10 -21.70
N ASN H 196 -25.82 -57.26 -22.27
CA ASN H 196 -25.79 -56.94 -23.68
C ASN H 196 -24.81 -55.80 -23.94
N VAL H 197 -23.90 -56.00 -24.89
CA VAL H 197 -22.90 -55.01 -25.26
C VAL H 197 -22.99 -54.78 -26.76
N THR H 198 -22.73 -53.56 -27.19
CA THR H 198 -22.84 -53.16 -28.58
C THR H 198 -21.45 -52.91 -29.16
N TYR H 199 -21.16 -53.50 -30.32
CA TYR H 199 -19.87 -53.28 -30.97
C TYR H 199 -20.05 -52.50 -32.26
N GLU H 200 -18.92 -52.04 -32.78
CA GLU H 200 -18.91 -51.19 -33.95
C GLU H 200 -17.49 -51.14 -34.53
N CYS H 201 -17.30 -51.53 -35.79
CA CYS H 201 -15.94 -51.72 -36.28
C CYS H 201 -15.85 -51.39 -37.76
N LYS H 202 -14.63 -51.10 -38.22
CA LYS H 202 -14.40 -50.78 -39.63
C LYS H 202 -13.01 -51.28 -40.03
N CYS H 203 -12.98 -52.40 -40.72
CA CYS H 203 -11.77 -52.95 -41.32
C CYS H 203 -12.08 -53.40 -42.73
N GLY H 204 -12.64 -52.48 -43.51
CA GLY H 204 -13.37 -52.83 -44.71
C GLY H 204 -14.61 -51.97 -44.78
N ASP H 205 -15.77 -52.59 -44.65
CA ASP H 205 -17.00 -51.84 -44.56
C ASP H 205 -17.40 -51.62 -43.11
N TYR H 206 -18.52 -50.94 -42.90
CA TYR H 206 -19.09 -50.69 -41.59
C TYR H 206 -19.74 -51.94 -41.03
N SER H 207 -19.87 -52.01 -39.70
CA SER H 207 -20.47 -53.17 -39.07
C SER H 207 -20.89 -52.83 -37.65
N THR H 208 -22.07 -53.31 -37.25
CA THR H 208 -22.52 -53.19 -35.87
C THR H 208 -23.05 -54.53 -35.35
N GLY H 209 -23.66 -54.52 -34.17
CA GLY H 209 -24.30 -55.70 -33.65
C GLY H 209 -24.28 -55.72 -32.14
N ILE H 210 -25.21 -56.50 -31.57
CA ILE H 210 -25.30 -56.72 -30.13
C ILE H 210 -25.01 -58.18 -29.86
N VAL H 211 -24.18 -58.44 -28.86
CA VAL H 211 -23.74 -59.79 -28.54
C VAL H 211 -23.98 -60.08 -27.08
N SER H 212 -23.74 -61.34 -26.69
CA SER H 212 -23.77 -61.73 -25.30
C SER H 212 -22.71 -62.74 -24.91
N THR H 213 -21.80 -63.11 -25.81
CA THR H 213 -20.73 -64.05 -25.50
C THR H 213 -19.57 -63.78 -26.45
N ARG H 214 -18.41 -64.34 -26.12
CA ARG H 214 -17.20 -64.12 -26.89
C ARG H 214 -17.44 -64.34 -28.37
N THR H 215 -17.05 -63.36 -29.19
CA THR H 215 -17.38 -63.36 -30.61
C THR H 215 -16.18 -62.84 -31.39
N LYS H 216 -16.06 -63.31 -32.62
CA LYS H 216 -14.89 -63.04 -33.45
C LYS H 216 -15.26 -62.10 -34.59
N MET H 217 -14.61 -60.94 -34.64
CA MET H 217 -14.82 -59.99 -35.72
C MET H 217 -13.90 -60.33 -36.88
N ASN H 218 -14.48 -60.77 -37.98
CA ASN H 218 -13.72 -61.33 -39.09
C ASN H 218 -13.38 -60.23 -40.08
N GLY H 219 -12.07 -60.07 -40.34
CA GLY H 219 -11.57 -59.08 -41.28
C GLY H 219 -10.56 -58.13 -40.65
N CYS H 220 -10.72 -57.83 -39.38
CA CYS H 220 -9.84 -56.89 -38.69
C CYS H 220 -8.65 -57.62 -38.10
N THR H 221 -7.56 -56.90 -37.92
CA THR H 221 -6.32 -57.48 -37.42
C THR H 221 -5.73 -56.79 -36.21
N LYS H 222 -6.01 -55.51 -36.01
CA LYS H 222 -5.51 -54.79 -34.85
C LYS H 222 -6.64 -54.49 -33.88
N ALA H 223 -6.27 -54.03 -32.69
CA ALA H 223 -7.26 -53.76 -31.67
C ALA H 223 -7.87 -52.37 -31.80
N LYS H 224 -7.17 -51.44 -32.43
CA LYS H 224 -7.61 -50.05 -32.53
C LYS H 224 -8.52 -49.83 -33.73
N GLN H 225 -9.27 -50.84 -34.14
CA GLN H 225 -10.20 -50.73 -35.23
C GLN H 225 -11.67 -50.87 -34.81
N CYS H 226 -11.95 -51.34 -33.60
CA CYS H 226 -13.31 -51.44 -33.10
C CYS H 226 -13.45 -50.67 -31.79
N ILE H 227 -14.71 -50.53 -31.34
CA ILE H 227 -15.03 -50.06 -29.99
C ILE H 227 -16.28 -50.79 -29.53
N ALA H 228 -16.55 -50.75 -28.23
CA ALA H 228 -17.72 -51.44 -27.70
C ALA H 228 -18.20 -50.79 -26.40
N TYR H 229 -19.53 -50.79 -26.21
CA TYR H 229 -20.16 -50.19 -25.05
C TYR H 229 -21.50 -50.88 -24.78
N LYS H 230 -22.01 -50.72 -23.58
CA LYS H 230 -23.19 -51.46 -23.15
C LYS H 230 -24.46 -50.63 -23.32
N SER H 231 -25.58 -51.31 -23.54
CA SER H 231 -26.72 -50.74 -24.25
C SER H 231 -28.02 -50.86 -23.46
N ASP H 232 -28.01 -50.44 -22.21
CA ASP H 232 -29.25 -50.15 -21.49
C ASP H 232 -28.94 -49.08 -20.46
N GLN H 233 -29.22 -47.84 -20.81
CA GLN H 233 -28.77 -46.71 -20.02
C GLN H 233 -29.87 -45.69 -19.83
N THR H 234 -31.03 -46.13 -19.33
CA THR H 234 -32.16 -45.22 -19.14
C THR H 234 -32.05 -44.49 -17.81
N LYS H 235 -31.06 -43.62 -17.70
CA LYS H 235 -30.92 -42.76 -16.53
C LYS H 235 -30.40 -41.40 -16.98
N TRP H 236 -31.00 -40.33 -16.46
CA TRP H 236 -30.72 -39.01 -16.99
C TRP H 236 -29.51 -38.38 -16.32
N VAL H 237 -28.87 -37.45 -17.04
CA VAL H 237 -27.69 -36.76 -16.58
C VAL H 237 -27.82 -35.28 -16.92
N PHE H 238 -26.88 -34.49 -16.43
CA PHE H 238 -26.88 -33.05 -16.61
C PHE H 238 -26.10 -32.66 -17.87
N ASN H 239 -26.47 -31.51 -18.42
CA ASN H 239 -25.89 -30.98 -19.66
C ASN H 239 -24.47 -30.47 -19.37
N SER H 240 -23.54 -31.39 -19.23
CA SER H 240 -22.22 -30.99 -18.79
C SER H 240 -21.23 -30.96 -19.95
N PRO H 241 -20.28 -30.03 -19.94
CA PRO H 241 -19.35 -29.91 -21.08
C PRO H 241 -18.29 -30.99 -21.11
N ASP H 242 -18.37 -31.99 -20.24
CA ASP H 242 -17.38 -33.07 -20.20
C ASP H 242 -17.97 -34.42 -20.59
N LEU H 243 -18.98 -34.43 -21.45
CA LEU H 243 -19.61 -35.66 -21.89
C LEU H 243 -19.87 -35.58 -23.39
N ILE H 244 -20.23 -36.72 -23.98
CA ILE H 244 -20.56 -36.81 -25.39
C ILE H 244 -22.05 -37.05 -25.52
N ARG H 245 -22.68 -36.39 -26.47
CA ARG H 245 -24.14 -36.36 -26.54
C ARG H 245 -24.69 -37.51 -27.38
N HIS H 246 -25.96 -37.84 -27.11
CA HIS H 246 -26.70 -38.87 -27.81
C HIS H 246 -27.22 -38.32 -29.14
N THR H 247 -27.73 -39.22 -29.98
CA THR H 247 -28.32 -38.77 -31.23
C THR H 247 -29.61 -38.01 -31.00
N ASP H 248 -30.22 -38.15 -29.83
CA ASP H 248 -31.47 -37.48 -29.47
C ASP H 248 -31.19 -36.62 -28.23
N HIS H 249 -30.78 -35.38 -28.44
CA HIS H 249 -30.47 -34.47 -27.33
C HIS H 249 -31.63 -33.53 -27.05
N SER H 250 -32.77 -34.10 -26.69
CA SER H 250 -33.93 -33.29 -26.33
C SER H 250 -34.18 -33.40 -24.84
N VAL H 251 -34.88 -32.43 -24.30
CA VAL H 251 -35.04 -32.32 -22.86
C VAL H 251 -36.07 -33.33 -22.38
N GLN H 252 -35.77 -33.99 -21.27
CA GLN H 252 -36.63 -35.01 -20.71
C GLN H 252 -37.15 -34.69 -19.31
N GLY H 253 -36.65 -33.66 -18.65
CA GLY H 253 -37.17 -33.28 -17.34
C GLY H 253 -36.45 -32.05 -16.83
N LYS H 254 -36.97 -31.53 -15.71
CA LYS H 254 -36.41 -30.35 -15.05
C LYS H 254 -36.31 -30.59 -13.56
N LEU H 255 -35.35 -29.92 -12.92
CA LEU H 255 -35.09 -30.08 -11.49
C LEU H 255 -34.86 -28.73 -10.83
N HIS H 256 -35.17 -28.65 -9.54
CA HIS H 256 -35.16 -27.42 -8.76
C HIS H 256 -33.76 -26.98 -8.34
N ILE H 257 -33.63 -25.68 -8.10
CA ILE H 257 -32.45 -25.08 -7.47
C ILE H 257 -32.88 -24.55 -6.10
N PRO H 258 -32.50 -25.18 -5.01
CA PRO H 258 -32.95 -24.74 -3.68
C PRO H 258 -32.18 -23.51 -3.20
N PHE H 259 -32.51 -23.09 -1.98
CA PHE H 259 -31.87 -21.97 -1.28
C PHE H 259 -32.12 -20.62 -1.99
N ARG H 260 -33.38 -20.22 -1.94
CA ARG H 260 -33.87 -18.96 -2.49
C ARG H 260 -33.23 -17.74 -1.80
N LEU H 261 -33.46 -16.56 -2.38
CA LEU H 261 -33.02 -15.28 -1.85
C LEU H 261 -34.24 -14.48 -1.41
N THR H 262 -34.31 -14.14 -0.12
CA THR H 262 -35.46 -13.48 0.46
C THR H 262 -35.06 -12.21 1.17
N PRO H 263 -36.02 -11.32 1.47
CA PRO H 263 -35.71 -10.13 2.26
C PRO H 263 -35.94 -10.31 3.75
N THR H 264 -35.11 -9.62 4.53
CA THR H 264 -35.16 -9.70 5.99
C THR H 264 -34.70 -8.36 6.58
N VAL H 265 -34.37 -8.35 7.87
CA VAL H 265 -33.91 -7.15 8.56
C VAL H 265 -32.55 -7.41 9.17
N CYS H 266 -31.76 -6.32 9.32
CA CYS H 266 -30.38 -6.38 9.76
C CYS H 266 -30.08 -5.19 10.65
N PRO H 267 -29.28 -5.38 11.70
CA PRO H 267 -28.87 -4.25 12.55
C PRO H 267 -27.53 -3.64 12.17
N VAL H 268 -27.43 -2.32 12.38
CA VAL H 268 -26.27 -1.54 11.93
C VAL H 268 -25.91 -0.51 12.99
N PRO H 269 -24.65 -0.09 13.03
CA PRO H 269 -24.18 0.78 14.12
C PRO H 269 -24.50 2.25 13.90
N LEU H 270 -24.38 3.00 14.99
CA LEU H 270 -24.58 4.44 15.00
C LEU H 270 -23.34 5.15 15.54
N ALA H 271 -22.92 6.21 14.87
CA ALA H 271 -21.65 6.86 15.13
C ALA H 271 -21.76 7.80 16.35
N HIS H 272 -20.74 8.64 16.53
CA HIS H 272 -20.65 9.53 17.68
C HIS H 272 -21.02 10.95 17.26
N THR H 273 -21.98 11.53 17.96
CA THR H 273 -22.53 12.83 17.58
C THR H 273 -21.46 13.90 17.61
N PRO H 274 -21.36 14.74 16.58
CA PRO H 274 -20.29 15.73 16.52
C PRO H 274 -20.65 17.05 17.22
N THR H 275 -19.62 17.86 17.44
CA THR H 275 -19.78 19.18 18.02
C THR H 275 -19.53 20.25 16.96
N VAL H 276 -20.27 21.35 17.05
CA VAL H 276 -20.24 22.38 16.02
C VAL H 276 -19.77 23.70 16.62
N THR H 277 -19.05 24.47 15.80
CA THR H 277 -18.61 25.82 16.15
C THR H 277 -19.09 26.79 15.09
N LYS H 278 -19.61 27.94 15.52
CA LYS H 278 -20.26 28.88 14.63
C LYS H 278 -19.46 30.16 14.49
N TRP H 279 -19.30 30.62 13.25
CA TRP H 279 -18.71 31.91 12.94
C TRP H 279 -19.54 32.57 11.84
N PHE H 280 -19.08 33.69 11.32
CA PHE H 280 -19.87 34.47 10.37
C PHE H 280 -19.91 33.75 9.02
N LYS H 281 -21.06 33.16 8.70
CA LYS H 281 -21.27 32.41 7.46
C LYS H 281 -20.38 31.17 7.39
N GLY H 282 -20.50 30.29 8.39
CA GLY H 282 -19.79 29.03 8.33
C GLY H 282 -19.99 28.21 9.57
N ILE H 283 -19.50 26.97 9.52
CA ILE H 283 -19.47 26.05 10.64
C ILE H 283 -18.19 25.22 10.60
N THR H 284 -17.90 24.57 11.73
CA THR H 284 -16.76 23.68 11.86
C THR H 284 -17.19 22.46 12.66
N LEU H 285 -16.95 21.26 12.13
CA LEU H 285 -17.38 20.02 12.75
C LEU H 285 -16.17 19.27 13.31
N HIS H 286 -16.23 18.91 14.58
CA HIS H 286 -15.18 18.12 15.23
C HIS H 286 -15.66 16.67 15.31
N LEU H 287 -14.99 15.79 14.57
CA LEU H 287 -15.48 14.44 14.32
C LEU H 287 -14.62 13.38 14.99
N THR H 288 -15.22 12.21 15.17
CA THR H 288 -14.55 11.07 15.77
C THR H 288 -15.00 9.80 15.05
N ALA H 289 -14.05 8.98 14.64
CA ALA H 289 -14.40 7.76 13.92
C ALA H 289 -13.24 6.77 14.02
N MET H 290 -13.50 5.59 14.54
CA MET H 290 -12.46 4.58 14.69
C MET H 290 -12.45 3.58 13.53
N ARG H 291 -13.42 3.63 12.65
CA ARG H 291 -13.43 2.90 11.38
C ARG H 291 -13.88 3.86 10.30
N PRO H 292 -13.78 3.47 9.03
CA PRO H 292 -14.25 4.37 7.96
C PRO H 292 -15.73 4.67 8.05
N THR H 293 -16.08 5.93 7.75
CA THR H 293 -17.45 6.42 7.84
C THR H 293 -17.66 7.44 6.73
N LEU H 294 -18.91 7.82 6.49
CA LEU H 294 -19.26 8.65 5.34
C LEU H 294 -19.81 10.01 5.77
N LEU H 295 -19.60 11.01 4.93
CA LEU H 295 -20.08 12.37 5.15
C LEU H 295 -20.51 12.99 3.83
N THR H 296 -21.69 13.60 3.81
CA THR H 296 -22.27 14.16 2.60
C THR H 296 -22.93 15.49 2.91
N THR H 297 -22.69 16.51 2.08
CA THR H 297 -23.37 17.79 2.25
C THR H 297 -23.85 18.31 0.90
N ARG H 298 -24.89 19.15 0.95
CA ARG H 298 -25.40 19.82 -0.24
C ARG H 298 -26.04 21.13 0.17
N LYS H 299 -26.16 22.04 -0.80
CA LYS H 299 -26.68 23.38 -0.57
C LYS H 299 -28.10 23.50 -1.11
N LEU H 300 -28.95 24.22 -0.38
CA LEU H 300 -30.38 24.23 -0.64
C LEU H 300 -30.82 25.25 -1.67
N GLY H 301 -29.92 25.74 -2.53
CA GLY H 301 -30.30 26.75 -3.49
C GLY H 301 -30.38 26.24 -4.90
N LEU H 302 -30.13 27.11 -5.88
CA LEU H 302 -30.19 26.67 -7.27
C LEU H 302 -28.98 25.81 -7.63
N ARG H 303 -27.86 26.01 -6.96
CA ARG H 303 -26.69 25.17 -7.17
C ARG H 303 -26.52 24.21 -6.00
N ALA H 304 -26.00 23.02 -6.30
CA ALA H 304 -25.94 21.97 -5.31
C ALA H 304 -24.60 21.96 -4.56
N ASP H 305 -23.49 21.87 -5.28
CA ASP H 305 -22.15 21.78 -4.70
C ASP H 305 -22.05 20.61 -3.72
N ALA H 306 -22.15 19.41 -4.27
CA ALA H 306 -22.10 18.22 -3.45
C ALA H 306 -20.68 17.83 -3.09
N THR H 307 -20.52 17.19 -1.93
CA THR H 307 -19.24 16.63 -1.50
C THR H 307 -19.46 15.19 -1.06
N ALA H 308 -18.37 14.49 -0.81
CA ALA H 308 -18.41 13.11 -0.32
C ALA H 308 -17.02 12.71 0.14
N GLU H 309 -16.94 12.03 1.28
CA GLU H 309 -15.63 11.66 1.80
C GLU H 309 -15.76 10.55 2.84
N TRP H 310 -14.85 9.58 2.78
CA TRP H 310 -14.70 8.58 3.82
C TRP H 310 -13.63 9.03 4.81
N ILE H 311 -13.92 8.94 6.10
CA ILE H 311 -13.14 9.61 7.13
C ILE H 311 -12.67 8.60 8.17
N THR H 312 -11.44 8.78 8.67
CA THR H 312 -10.85 7.92 9.68
C THR H 312 -10.05 8.76 10.66
N GLY H 313 -10.29 8.55 11.96
CA GLY H 313 -9.55 9.26 12.99
C GLY H 313 -10.35 10.33 13.70
N SER H 314 -9.68 11.37 14.21
CA SER H 314 -10.34 12.55 14.76
C SER H 314 -9.79 13.78 14.05
N THR H 315 -10.64 14.43 13.26
CA THR H 315 -10.21 15.55 12.43
C THR H 315 -11.23 16.67 12.57
N SER H 316 -11.16 17.65 11.68
CA SER H 316 -12.13 18.73 11.66
C SER H 316 -12.23 19.28 10.25
N ARG H 317 -13.44 19.64 9.83
CA ARG H 317 -13.69 20.13 8.48
C ARG H 317 -14.48 21.43 8.53
N ASN H 318 -14.32 22.24 7.49
CA ASN H 318 -14.87 23.59 7.41
C ASN H 318 -15.82 23.72 6.23
N PHE H 319 -17.00 24.29 6.47
CA PHE H 319 -18.01 24.49 5.45
C PHE H 319 -18.57 25.91 5.54
N SER H 320 -19.15 26.38 4.44
CA SER H 320 -19.71 27.73 4.36
C SER H 320 -21.19 27.67 4.06
N VAL H 321 -21.97 28.49 4.74
CA VAL H 321 -23.42 28.51 4.57
C VAL H 321 -23.84 29.89 4.07
N GLY H 322 -25.02 29.94 3.48
CA GLY H 322 -25.54 31.18 2.95
C GLY H 322 -26.92 31.50 3.46
N ARG H 323 -27.66 32.35 2.76
CA ARG H 323 -29.00 32.69 3.20
C ARG H 323 -30.03 31.66 2.82
N GLU H 324 -29.67 30.64 2.04
CA GLU H 324 -30.58 29.58 1.71
C GLU H 324 -30.40 28.35 2.59
N GLY H 325 -29.17 27.88 2.78
CA GLY H 325 -28.95 26.84 3.76
C GLY H 325 -28.05 25.69 3.36
N LEU H 326 -27.85 24.76 4.29
CA LEU H 326 -26.96 23.62 4.09
C LEU H 326 -27.56 22.41 4.79
N GLU H 327 -27.22 21.23 4.29
CA GLU H 327 -27.72 19.98 4.84
C GLU H 327 -26.58 18.98 4.91
N TYR H 328 -26.36 18.38 6.08
CA TYR H 328 -25.25 17.45 6.27
C TYR H 328 -25.74 16.14 6.88
N VAL H 329 -25.17 15.04 6.42
CA VAL H 329 -25.53 13.70 6.86
C VAL H 329 -24.26 12.97 7.28
N TRP H 330 -24.26 12.44 8.50
CA TRP H 330 -23.10 11.80 9.11
C TRP H 330 -23.46 10.39 9.53
N GLY H 331 -22.94 9.40 8.81
CA GLY H 331 -23.18 8.02 9.18
C GLY H 331 -24.61 7.60 8.92
N ASN H 332 -25.17 6.82 9.83
CA ASN H 332 -26.54 6.34 9.72
C ASN H 332 -27.53 7.22 10.46
N HIS H 333 -27.25 8.50 10.61
CA HIS H 333 -28.13 9.40 11.34
C HIS H 333 -29.12 10.05 10.38
N GLU H 334 -29.83 11.05 10.85
CA GLU H 334 -30.82 11.78 10.08
C GLU H 334 -30.26 13.10 9.59
N PRO H 335 -30.84 13.69 8.56
CA PRO H 335 -30.32 14.97 8.06
C PRO H 335 -30.56 16.11 9.02
N VAL H 336 -29.69 17.12 8.95
CA VAL H 336 -29.78 18.31 9.79
C VAL H 336 -29.56 19.53 8.91
N ARG H 337 -30.32 20.61 9.18
CA ARG H 337 -30.36 21.80 8.34
C ARG H 337 -30.05 23.04 9.14
N VAL H 338 -29.32 23.98 8.54
CA VAL H 338 -28.93 25.23 9.19
C VAL H 338 -29.03 26.40 8.21
N TRP H 339 -29.32 27.58 8.75
CA TRP H 339 -29.48 28.80 7.99
C TRP H 339 -28.63 29.91 8.61
N ALA H 340 -28.33 30.93 7.82
CA ALA H 340 -27.41 32.00 8.23
C ALA H 340 -28.15 33.29 8.53
N GLN H 341 -27.49 34.17 9.27
CA GLN H 341 -28.09 35.42 9.70
C GLN H 341 -27.22 36.61 9.31
N GLU H 342 -27.53 37.80 9.84
CA GLU H 342 -26.89 39.02 9.39
C GLU H 342 -26.04 39.67 10.48
N SER H 343 -25.25 38.88 11.18
CA SER H 343 -24.46 39.39 12.30
C SER H 343 -23.07 39.78 11.82
N ALA H 344 -22.96 40.97 11.30
CA ALA H 344 -21.68 41.49 10.88
C ALA H 344 -21.25 42.66 11.75
N PRO H 345 -19.96 42.87 11.97
CA PRO H 345 -19.51 43.93 12.87
C PRO H 345 -19.90 45.30 12.35
N GLY H 346 -19.62 46.31 13.17
CA GLY H 346 -19.93 47.68 12.82
C GLY H 346 -21.19 48.18 13.51
N ASP H 347 -21.80 49.18 12.90
CA ASP H 347 -23.08 49.70 13.38
C ASP H 347 -23.77 50.53 12.31
N PRO H 348 -25.00 50.21 11.97
CA PRO H 348 -25.71 51.00 10.96
C PRO H 348 -26.37 52.25 11.51
N HIS H 349 -25.98 52.69 12.69
CA HIS H 349 -26.54 53.91 13.24
C HIS H 349 -25.51 54.85 13.87
N GLY H 350 -24.23 54.50 13.86
CA GLY H 350 -23.24 55.33 14.53
C GLY H 350 -22.66 56.42 13.66
N TRP H 351 -21.35 56.45 13.54
CA TRP H 351 -20.67 57.41 12.70
C TRP H 351 -20.51 56.86 11.29
N PRO H 352 -20.31 57.72 10.29
CA PRO H 352 -19.94 57.21 8.96
C PRO H 352 -18.71 56.36 8.99
N HIS H 353 -17.87 56.55 10.01
CA HIS H 353 -16.71 55.70 10.23
C HIS H 353 -17.09 54.23 10.25
N GLU H 354 -18.14 53.87 10.99
CA GLU H 354 -18.49 52.47 11.15
C GLU H 354 -19.69 52.04 10.33
N ILE H 355 -20.30 52.93 9.56
CA ILE H 355 -21.31 52.48 8.61
C ILE H 355 -20.66 51.64 7.53
N ILE H 356 -19.45 52.01 7.11
CA ILE H 356 -18.85 51.40 5.93
C ILE H 356 -18.39 49.99 6.24
N ILE H 357 -17.83 49.76 7.43
CA ILE H 357 -17.36 48.42 7.75
C ILE H 357 -18.52 47.44 7.85
N HIS H 358 -19.71 47.92 8.19
CA HIS H 358 -20.86 47.03 8.24
C HIS H 358 -21.26 46.57 6.84
N TYR H 359 -21.66 47.51 5.98
CA TYR H 359 -22.17 47.13 4.68
C TYR H 359 -21.12 46.43 3.83
N TYR H 360 -19.85 46.76 4.05
CA TYR H 360 -18.79 46.15 3.26
C TYR H 360 -18.72 44.65 3.51
N HIS H 361 -18.76 44.25 4.77
CA HIS H 361 -18.72 42.83 5.08
C HIS H 361 -19.96 42.12 4.53
N ARG H 362 -21.11 42.79 4.53
CA ARG H 362 -22.34 42.11 4.19
C ARG H 362 -22.42 41.81 2.71
N HIS H 363 -21.91 42.68 1.86
CA HIS H 363 -21.92 42.38 0.43
C HIS H 363 -20.50 42.26 -0.10
N PRO H 364 -19.65 41.42 0.51
CA PRO H 364 -18.20 41.53 0.29
C PRO H 364 -17.80 41.43 -1.16
N VAL H 365 -18.15 40.31 -1.81
CA VAL H 365 -17.87 40.13 -3.23
C VAL H 365 -18.74 41.04 -4.08
N TYR H 366 -19.85 41.53 -3.54
CA TYR H 366 -20.64 42.55 -4.22
C TYR H 366 -20.12 43.94 -3.92
N THR H 367 -19.49 44.14 -2.75
CA THR H 367 -19.00 45.46 -2.41
C THR H 367 -17.93 45.93 -3.36
N VAL H 368 -17.18 44.99 -3.94
CA VAL H 368 -16.29 45.37 -5.04
C VAL H 368 -17.09 45.80 -6.26
N ILE H 369 -18.42 45.69 -6.19
CA ILE H 369 -19.27 46.37 -7.16
C ILE H 369 -20.15 47.38 -6.43
N VAL H 370 -20.68 47.01 -5.27
CA VAL H 370 -21.82 47.71 -4.70
C VAL H 370 -21.43 48.76 -3.67
N LEU H 371 -20.49 48.46 -2.77
CA LEU H 371 -20.07 49.50 -1.85
C LEU H 371 -18.96 50.36 -2.43
N CYS H 372 -17.99 49.75 -3.11
CA CYS H 372 -17.02 50.55 -3.83
C CYS H 372 -17.67 51.27 -5.00
N GLY H 373 -18.79 50.74 -5.51
CA GLY H 373 -19.51 51.46 -6.54
C GLY H 373 -20.03 52.80 -6.04
N VAL H 374 -20.76 52.78 -4.93
CA VAL H 374 -21.46 53.98 -4.51
C VAL H 374 -20.51 54.96 -3.84
N ALA H 375 -19.52 54.46 -3.08
CA ALA H 375 -18.52 55.37 -2.52
C ALA H 375 -17.71 56.05 -3.61
N LEU H 376 -17.59 55.42 -4.77
CA LEU H 376 -16.86 56.02 -5.88
C LEU H 376 -17.67 57.12 -6.55
N ALA H 377 -18.91 56.85 -6.91
CA ALA H 377 -19.73 57.86 -7.56
C ALA H 377 -19.88 59.10 -6.70
N ILE H 378 -19.79 58.93 -5.37
CA ILE H 378 -19.72 60.08 -4.47
C ILE H 378 -18.54 60.98 -4.86
N LEU H 379 -17.37 60.37 -5.04
CA LEU H 379 -16.18 61.16 -5.30
C LEU H 379 -16.22 61.85 -6.65
N VAL H 380 -16.72 61.16 -7.68
CA VAL H 380 -16.74 61.76 -9.01
C VAL H 380 -17.70 62.94 -9.04
N GLY H 381 -18.80 62.85 -8.29
CA GLY H 381 -19.73 63.96 -8.22
C GLY H 381 -19.09 65.21 -7.66
N THR H 382 -18.34 65.07 -6.57
CA THR H 382 -17.70 66.23 -5.97
C THR H 382 -16.48 66.69 -6.74
N ALA H 383 -15.92 65.85 -7.62
CA ALA H 383 -14.85 66.31 -8.48
C ALA H 383 -15.40 67.06 -9.69
N SER H 384 -16.44 66.51 -10.33
CA SER H 384 -17.01 67.17 -11.49
C SER H 384 -17.70 68.47 -11.11
N SER H 385 -18.25 68.57 -9.90
CA SER H 385 -18.96 69.76 -9.50
C SER H 385 -18.00 70.91 -9.25
N ALA H 386 -16.99 70.69 -8.42
CA ALA H 386 -16.02 71.74 -8.14
C ALA H 386 -15.25 72.15 -9.39
N ALA H 387 -15.27 71.33 -10.43
CA ALA H 387 -14.68 71.74 -11.70
C ALA H 387 -15.55 72.75 -12.40
N CYS H 388 -16.82 72.41 -12.63
CA CYS H 388 -17.71 73.30 -13.37
C CYS H 388 -18.10 74.55 -12.61
N ILE H 389 -17.73 74.67 -11.33
CA ILE H 389 -17.91 75.97 -10.69
C ILE H 389 -16.76 76.90 -11.07
N ALA H 390 -15.56 76.34 -11.30
CA ALA H 390 -14.49 77.15 -11.86
C ALA H 390 -14.81 77.62 -13.27
N LYS H 391 -15.67 76.88 -13.97
CA LYS H 391 -16.18 77.33 -15.26
C LYS H 391 -16.75 78.73 -15.14
N ALA H 392 -17.65 78.94 -14.19
CA ALA H 392 -18.31 80.24 -14.06
C ALA H 392 -17.31 81.34 -13.78
N ARG H 393 -16.24 81.04 -13.07
CA ARG H 393 -15.25 82.06 -12.76
C ARG H 393 -14.51 82.53 -14.00
N ARG H 394 -14.27 81.62 -14.95
CA ARG H 394 -13.54 81.99 -16.15
C ARG H 394 -14.34 82.99 -16.98
N ASP H 395 -15.52 82.60 -17.40
CA ASP H 395 -16.32 83.40 -18.31
C ASP H 395 -16.99 84.58 -17.65
N CYS H 396 -16.78 84.80 -16.37
CA CYS H 396 -17.32 86.00 -15.76
C CYS H 396 -16.24 86.95 -15.27
N LEU H 397 -15.14 86.43 -14.74
CA LEU H 397 -14.06 87.33 -14.32
C LEU H 397 -13.44 88.04 -15.51
N THR H 398 -13.09 87.29 -16.56
CA THR H 398 -12.45 87.91 -17.71
C THR H 398 -13.28 89.02 -18.33
N PRO H 399 -14.60 88.89 -18.56
CA PRO H 399 -15.35 90.01 -19.14
C PRO H 399 -15.34 91.26 -18.28
N TYR H 400 -15.20 91.14 -16.96
CA TYR H 400 -15.16 92.34 -16.12
C TYR H 400 -14.07 93.30 -16.60
N ALA H 401 -12.83 92.86 -16.55
CA ALA H 401 -11.70 93.73 -16.85
C ALA H 401 -11.62 94.13 -18.31
N LEU H 402 -12.58 93.82 -19.14
CA LEU H 402 -12.52 94.25 -20.54
C LEU H 402 -12.75 95.73 -20.72
N ALA H 403 -12.75 96.49 -19.64
CA ALA H 403 -12.67 97.93 -19.74
C ALA H 403 -11.27 98.36 -19.30
N PRO H 404 -10.32 98.45 -20.22
CA PRO H 404 -8.99 98.97 -19.84
C PRO H 404 -9.05 100.47 -19.62
N ASN H 405 -8.37 100.90 -18.56
CA ASN H 405 -8.38 102.30 -18.11
C ASN H 405 -9.78 102.71 -17.66
N ALA H 406 -10.33 101.97 -16.70
CA ALA H 406 -11.66 102.23 -16.15
C ALA H 406 -11.70 101.79 -14.69
N THR H 407 -12.88 101.90 -14.10
CA THR H 407 -13.09 101.54 -12.69
C THR H 407 -14.42 100.82 -12.54
N VAL H 408 -14.49 99.92 -11.56
CA VAL H 408 -15.66 99.09 -11.32
C VAL H 408 -15.96 99.07 -9.83
N PRO H 409 -17.08 98.51 -9.38
CA PRO H 409 -17.26 98.28 -7.94
C PRO H 409 -16.11 97.46 -7.38
N THR H 410 -15.70 97.83 -6.17
CA THR H 410 -14.61 97.10 -5.52
C THR H 410 -14.98 95.65 -5.27
N ALA H 411 -16.24 95.40 -4.90
CA ALA H 411 -16.68 94.04 -4.62
C ALA H 411 -16.34 93.09 -5.75
N LEU H 412 -16.27 93.58 -6.98
CA LEU H 412 -15.80 92.80 -8.10
C LEU H 412 -14.36 93.16 -8.48
N ALA H 413 -13.90 94.35 -8.14
CA ALA H 413 -12.51 94.74 -8.37
C ALA H 413 -11.53 94.01 -7.48
N VAL H 414 -12.03 93.17 -6.57
CA VAL H 414 -11.16 92.35 -5.73
C VAL H 414 -10.88 90.97 -6.33
N LEU H 415 -11.70 90.51 -7.27
CA LEU H 415 -11.48 89.20 -7.87
C LEU H 415 -10.82 89.27 -9.24
N CYS H 416 -10.73 90.46 -9.84
CA CYS H 416 -10.11 90.55 -11.17
C CYS H 416 -8.59 90.48 -11.09
N CYS H 417 -8.00 90.84 -9.95
CA CYS H 417 -6.55 90.80 -9.83
C CYS H 417 -6.03 89.37 -9.80
N ILE H 418 -6.80 88.45 -9.23
CA ILE H 418 -6.40 87.05 -9.17
C ILE H 418 -7.12 86.25 -10.23
N GLN I 1 -6.90 -40.15 -18.46
CA GLN I 1 -5.87 -40.00 -19.47
C GLN I 1 -5.37 -41.35 -19.91
N LEU I 2 -4.94 -42.17 -18.95
CA LEU I 2 -4.58 -43.56 -19.21
C LEU I 2 -4.80 -44.36 -17.94
N HIS I 3 -5.05 -45.66 -18.09
CA HIS I 3 -5.48 -46.46 -16.95
C HIS I 3 -5.05 -47.91 -17.13
N TYR I 4 -4.17 -48.37 -16.24
CA TYR I 4 -3.76 -49.77 -16.19
C TYR I 4 -3.83 -50.26 -14.75
N THR I 5 -3.98 -51.57 -14.58
CA THR I 5 -4.19 -52.19 -13.28
C THR I 5 -3.15 -53.28 -13.06
N VAL I 6 -2.53 -53.29 -11.88
CA VAL I 6 -1.48 -54.25 -11.56
C VAL I 6 -1.96 -55.14 -10.42
N GLN I 7 -1.58 -56.41 -10.49
CA GLN I 7 -2.01 -57.38 -9.49
C GLN I 7 -1.06 -57.37 -8.30
N GLU I 8 -1.55 -57.91 -7.19
CA GLU I 8 -0.72 -58.02 -5.99
C GLU I 8 0.37 -59.06 -6.19
N GLU I 9 1.50 -58.88 -5.49
CA GLU I 9 2.60 -59.84 -5.46
C GLU I 9 3.20 -60.07 -6.84
N GLN I 10 3.83 -59.01 -7.35
CA GLN I 10 4.60 -59.11 -8.58
C GLN I 10 6.07 -59.37 -8.29
N GLU I 11 6.78 -59.82 -9.30
CA GLU I 11 8.10 -60.43 -9.15
C GLU I 11 9.13 -59.76 -10.03
N HIS I 12 9.26 -58.44 -9.93
CA HIS I 12 10.32 -57.69 -10.59
C HIS I 12 10.25 -57.83 -12.11
N GLY I 13 9.22 -57.21 -12.67
CA GLY I 13 9.19 -56.99 -14.10
C GLY I 13 8.42 -57.99 -14.94
N THR I 14 7.13 -58.17 -14.63
CA THR I 14 6.31 -59.05 -15.45
C THR I 14 5.78 -58.33 -16.69
N PHE I 15 4.82 -57.43 -16.50
CA PHE I 15 4.26 -56.61 -17.58
C PHE I 15 3.18 -55.69 -17.05
N VAL I 16 3.03 -54.51 -17.65
CA VAL I 16 1.94 -53.63 -17.25
C VAL I 16 1.14 -53.20 -18.47
N GLY I 17 1.79 -52.60 -19.44
CA GLY I 17 1.09 -52.13 -20.62
C GLY I 17 2.04 -51.83 -21.74
N ASN I 18 1.56 -51.05 -22.70
CA ASN I 18 2.37 -50.63 -23.85
C ASN I 18 1.98 -49.20 -24.20
N ILE I 19 2.73 -48.23 -23.67
CA ILE I 19 2.29 -46.84 -23.76
C ILE I 19 2.36 -46.34 -25.20
N ALA I 20 3.52 -46.45 -25.83
CA ALA I 20 3.67 -45.93 -27.18
C ALA I 20 2.70 -46.59 -28.16
N GLU I 21 2.33 -47.83 -27.92
CA GLU I 21 1.42 -48.51 -28.81
C GLU I 21 0.00 -47.97 -28.67
N ASP I 22 -0.44 -47.71 -27.45
CA ASP I 22 -1.80 -47.20 -27.26
C ASP I 22 -1.90 -45.73 -27.64
N LEU I 23 -0.82 -44.98 -27.53
CA LEU I 23 -0.84 -43.58 -27.87
C LEU I 23 -0.55 -43.33 -29.35
N GLY I 24 -0.20 -44.35 -30.11
CA GLY I 24 -0.12 -44.19 -31.54
C GLY I 24 1.21 -43.65 -32.02
N LEU I 25 1.88 -42.86 -31.19
CA LEU I 25 3.23 -42.44 -31.54
C LEU I 25 4.11 -43.65 -31.73
N ASP I 26 4.79 -43.71 -32.87
CA ASP I 26 5.32 -44.98 -33.36
C ASP I 26 6.73 -45.25 -32.87
N ILE I 27 7.11 -46.53 -32.94
CA ILE I 27 8.45 -46.97 -32.55
C ILE I 27 9.43 -46.53 -33.62
N THR I 28 10.73 -46.69 -33.34
CA THR I 28 11.82 -46.45 -34.28
C THR I 28 12.02 -44.96 -34.53
N LYS I 29 11.16 -44.12 -34.00
CA LYS I 29 11.34 -42.69 -34.09
C LYS I 29 11.46 -42.03 -32.73
N LEU I 30 10.86 -42.59 -31.69
CA LEU I 30 10.87 -41.95 -30.39
C LEU I 30 12.24 -42.00 -29.74
N SER I 31 13.16 -42.82 -30.24
CA SER I 31 14.50 -42.84 -29.66
C SER I 31 15.23 -41.52 -29.85
N ALA I 32 14.79 -40.69 -30.79
CA ALA I 32 15.41 -39.40 -31.04
C ALA I 32 14.57 -38.22 -30.57
N ARG I 33 13.26 -38.40 -30.39
CA ARG I 33 12.42 -37.29 -29.95
C ARG I 33 12.73 -36.87 -28.52
N GLY I 34 13.38 -37.72 -27.73
CA GLY I 34 13.75 -37.36 -26.38
C GLY I 34 12.88 -37.99 -25.31
N PHE I 35 12.59 -39.27 -25.46
CA PHE I 35 11.64 -39.93 -24.58
C PHE I 35 12.20 -40.03 -23.17
N GLN I 36 11.43 -39.56 -22.19
CA GLN I 36 11.97 -39.30 -20.87
C GLN I 36 10.88 -39.45 -19.81
N THR I 37 11.31 -39.69 -18.58
CA THR I 37 10.42 -39.65 -17.41
C THR I 37 10.59 -38.29 -16.74
N VAL I 38 9.50 -37.79 -16.15
CA VAL I 38 9.52 -36.47 -15.54
C VAL I 38 10.10 -36.59 -14.13
N PRO I 39 10.99 -35.69 -13.73
CA PRO I 39 11.53 -35.76 -12.36
C PRO I 39 10.50 -35.59 -11.26
N ASN I 40 9.34 -34.97 -11.52
CA ASN I 40 8.30 -34.85 -10.51
C ASN I 40 7.31 -36.02 -10.57
N SER I 41 7.84 -37.24 -10.52
CA SER I 41 7.05 -38.43 -10.83
C SER I 41 7.78 -39.64 -10.25
N ARG I 42 7.58 -40.79 -10.87
CA ARG I 42 8.45 -41.96 -10.72
C ARG I 42 8.43 -42.56 -9.32
N THR I 43 7.28 -43.10 -8.94
CA THR I 43 7.20 -44.00 -7.81
C THR I 43 8.34 -45.02 -7.87
N PRO I 44 8.85 -45.47 -6.73
CA PRO I 44 10.03 -46.36 -6.76
C PRO I 44 9.76 -47.73 -7.37
N TYR I 45 8.51 -48.10 -7.61
CA TYR I 45 8.17 -49.49 -7.91
C TYR I 45 8.20 -49.86 -9.38
N LEU I 46 8.21 -48.89 -10.30
CA LEU I 46 8.06 -49.18 -11.71
C LEU I 46 9.23 -48.60 -12.50
N ASP I 47 9.47 -49.15 -13.68
CA ASP I 47 10.59 -48.71 -14.49
C ASP I 47 10.23 -48.71 -15.96
N LEU I 48 10.86 -47.80 -16.68
CA LEU I 48 10.60 -47.60 -18.10
C LEU I 48 11.68 -48.28 -18.93
N ASN I 49 11.41 -48.36 -20.22
CA ASN I 49 12.28 -49.05 -21.17
C ASN I 49 12.23 -48.20 -22.43
N LEU I 50 13.16 -47.24 -22.53
CA LEU I 50 13.06 -46.17 -23.52
C LEU I 50 13.05 -46.67 -24.96
N GLU I 51 13.32 -47.95 -25.19
CA GLU I 51 13.40 -48.44 -26.56
C GLU I 51 12.09 -48.98 -27.09
N THR I 52 11.47 -49.91 -26.36
CA THR I 52 10.26 -50.56 -26.84
C THR I 52 9.01 -50.14 -26.09
N GLY I 53 9.09 -49.07 -25.29
CA GLY I 53 7.93 -48.49 -24.65
C GLY I 53 7.04 -49.45 -23.88
N VAL I 54 7.61 -50.20 -22.94
CA VAL I 54 6.85 -51.11 -22.09
C VAL I 54 7.15 -50.76 -20.64
N LEU I 55 6.24 -51.16 -19.75
CA LEU I 55 6.37 -50.85 -18.33
C LEU I 55 6.76 -52.09 -17.54
N TYR I 56 7.82 -51.95 -16.75
CA TYR I 56 8.32 -53.03 -15.90
C TYR I 56 7.50 -53.15 -14.62
N VAL I 57 8.05 -53.90 -13.66
CA VAL I 57 7.76 -53.76 -12.25
C VAL I 57 9.09 -53.89 -11.54
N ASN I 58 9.48 -52.89 -10.74
CA ASN I 58 10.84 -52.90 -10.21
C ASN I 58 10.97 -53.78 -8.96
N GLU I 59 10.33 -53.40 -7.86
CA GLU I 59 10.42 -54.21 -6.65
C GLU I 59 9.03 -54.68 -6.24
N LYS I 60 9.02 -55.77 -5.48
CA LYS I 60 7.78 -56.47 -5.18
C LYS I 60 6.77 -55.53 -4.53
N ILE I 61 5.52 -55.64 -4.95
CA ILE I 61 4.49 -54.71 -4.52
C ILE I 61 3.98 -55.11 -3.15
N ASP I 62 3.74 -54.11 -2.30
CA ASP I 62 3.31 -54.32 -0.92
C ASP I 62 2.15 -53.39 -0.63
N ARG I 63 0.94 -53.95 -0.58
CA ARG I 63 -0.25 -53.12 -0.40
C ARG I 63 -0.23 -52.35 0.90
N GLU I 64 0.36 -52.94 1.94
CA GLU I 64 0.36 -52.31 3.25
C GLU I 64 1.10 -50.98 3.22
N GLN I 65 2.28 -50.97 2.64
CA GLN I 65 3.06 -49.73 2.61
C GLN I 65 2.56 -48.77 1.54
N ILE I 66 2.03 -49.28 0.43
CA ILE I 66 1.79 -48.42 -0.72
C ILE I 66 0.60 -47.50 -0.47
N CYS I 67 -0.49 -48.02 0.11
CA CYS I 67 -1.61 -47.13 0.35
C CYS I 67 -1.91 -47.08 1.84
N LYS I 68 -0.85 -46.92 2.61
CA LYS I 68 -0.93 -46.37 3.95
C LYS I 68 -0.78 -44.85 3.94
N GLN I 69 -0.45 -44.24 2.81
CA GLN I 69 -0.36 -42.80 2.70
C GLN I 69 -1.37 -42.18 1.74
N SER I 70 -1.86 -42.92 0.75
CA SER I 70 -2.92 -42.44 -0.14
C SER I 70 -4.01 -43.49 -0.15
N PRO I 71 -5.04 -43.33 0.70
CA PRO I 71 -5.98 -44.43 0.92
C PRO I 71 -6.56 -45.04 -0.34
N SER I 72 -6.97 -44.22 -1.31
CA SER I 72 -7.30 -44.77 -2.61
C SER I 72 -6.02 -45.29 -3.24
N CYS I 73 -5.86 -46.61 -3.28
CA CYS I 73 -4.57 -47.20 -3.65
C CYS I 73 -4.33 -46.99 -5.14
N VAL I 74 -3.56 -45.95 -5.48
CA VAL I 74 -3.24 -45.59 -6.85
C VAL I 74 -1.78 -45.16 -6.94
N LEU I 75 -1.29 -45.02 -8.17
CA LEU I 75 0.10 -44.64 -8.43
C LEU I 75 0.16 -43.73 -9.65
N HIS I 76 1.02 -42.71 -9.59
CA HIS I 76 1.06 -41.66 -10.60
C HIS I 76 2.40 -41.66 -11.33
N LEU I 77 2.39 -41.18 -12.58
CA LEU I 77 3.54 -41.26 -13.46
C LEU I 77 3.30 -40.43 -14.71
N GLU I 78 4.34 -39.76 -15.21
CA GLU I 78 4.23 -38.93 -16.39
C GLU I 78 5.43 -39.12 -17.30
N VAL I 79 5.24 -38.82 -18.59
CA VAL I 79 6.29 -38.87 -19.60
C VAL I 79 6.16 -37.65 -20.50
N PHE I 80 7.26 -37.28 -21.15
CA PHE I 80 7.25 -36.15 -22.07
C PHE I 80 8.25 -36.35 -23.19
N LEU I 81 8.01 -35.67 -24.30
CA LEU I 81 8.83 -35.75 -25.51
C LEU I 81 9.11 -34.34 -26.02
N GLU I 82 10.03 -34.24 -26.97
CA GLU I 82 10.43 -32.96 -27.54
C GLU I 82 10.31 -33.00 -29.04
N ASN I 83 10.34 -31.80 -29.64
CA ASN I 83 10.27 -31.60 -31.09
C ASN I 83 9.01 -32.19 -31.72
N PRO I 84 7.81 -31.64 -31.44
CA PRO I 84 7.45 -30.61 -30.47
C PRO I 84 7.06 -31.20 -29.12
N LEU I 85 6.81 -30.36 -28.14
CA LEU I 85 6.73 -30.81 -26.75
C LEU I 85 5.35 -31.34 -26.41
N GLU I 86 5.32 -32.41 -25.62
CA GLU I 86 4.08 -33.06 -25.19
C GLU I 86 4.16 -33.42 -23.71
N LEU I 87 3.04 -33.89 -23.16
CA LEU I 87 2.98 -34.23 -21.74
C LEU I 87 1.79 -35.16 -21.48
N PHE I 88 2.06 -36.38 -21.06
CA PHE I 88 1.03 -37.40 -20.91
C PHE I 88 0.97 -37.90 -19.47
N GLN I 89 -0.14 -38.54 -19.11
CA GLN I 89 -0.37 -39.00 -17.74
C GLN I 89 -0.83 -40.45 -17.72
N VAL I 90 -0.37 -41.19 -16.72
CA VAL I 90 -0.68 -42.61 -16.56
C VAL I 90 -1.03 -42.86 -15.10
N GLU I 91 -2.03 -43.72 -14.86
CA GLU I 91 -2.36 -44.13 -13.50
C GLU I 91 -2.45 -45.65 -13.40
N ILE I 92 -1.97 -46.16 -12.27
CA ILE I 92 -1.91 -47.58 -11.99
C ILE I 92 -2.57 -47.83 -10.66
N GLU I 93 -3.28 -48.95 -10.54
CA GLU I 93 -4.03 -49.28 -9.36
C GLU I 93 -3.68 -50.69 -8.91
N VAL I 94 -3.62 -50.90 -7.60
CA VAL I 94 -3.24 -52.17 -7.02
C VAL I 94 -4.50 -52.91 -6.61
N LEU I 95 -4.68 -54.11 -7.13
CA LEU I 95 -5.89 -54.89 -6.87
C LEU I 95 -5.67 -55.83 -5.69
N ASP I 96 -6.59 -56.77 -5.52
CA ASP I 96 -6.51 -57.73 -4.44
C ASP I 96 -7.30 -58.99 -4.82
#